data_7WO5
#
_entry.id   7WO5
#
_cell.length_a   1.00
_cell.length_b   1.00
_cell.length_c   1.00
_cell.angle_alpha   90.00
_cell.angle_beta   90.00
_cell.angle_gamma   90.00
#
_symmetry.space_group_name_H-M   'P 1'
#
loop_
_entity.id
_entity.type
_entity.pdbx_description
1 polymer 'Spike glycoprotein'
2 polymer 'mAb15 VH'
3 polymer 'mAb15 VL'
4 non-polymer 2-acetamido-2-deoxy-beta-D-glucopyranose
#
loop_
_entity_poly.entity_id
_entity_poly.type
_entity_poly.pdbx_seq_one_letter_code
_entity_poly.pdbx_strand_id
1 'polypeptide(L)'
;MFVFLVLLPLVSSQCVNLTTRTQLPPAYTNSFTRGVYYPDKVFRSSVLHSTQDLFLPFFSNVTWFHAIHVSGTNGTKRFD
NPVLPFNDGVYFASTEKSNIIRGWIFGTTLDSKTQSLLIVNNATNVVIKVCEFQFCNDPFLGVYYHKNNKSWMESEFRVY
SSANNCTFEYVSQPFLMDLEGKQGNFKNLREFVFKNIDGYFKIYSKHTPINLVRDLPQGFSALEPLVDLPIGINITRFQT
LLALHRSYLTPGDSSSGWTAGAAAYYVGYLQPRTFLLKYNENGTITDAVDCALDPLSETKCTLKSFTVEKGIYQTSNFRV
QPTESIVRFPNITNLCPFGEVFNATRFASVYAWNRKRISNCVADYSVLYNSASFSTFKCYGVSPTKLNDLCFTNVYADSF
VIRGDEVRQIAPGQTGKIADYNYKLPDDFTGCVIAWNSNNLDSKVGGNYNYLYRLFRKSNLKPFERDISTEIYQAGSTPC
NGVEGFNCYFPLQSYGFQPTNGVGYQPYRVVVLSFELLHAPATVCGPKKSTNLVKNKCVNFNFNGLTGTGVLTESNKKFL
PFQQFGRDIADTTDAVRDPQTLEILDITPCSFGGVSVITPGTNTSNQVAVLYQGVNCTEVPVAIHADQLTPTWRVYSTGS
NVFQTRAGCLIGAEHVNNSYECDIPIGAGICASYQTQTNSPGSASSVASQSIIAYTMSLGAENSVAYSNNSIAIPTNFTI
SVTTEILPVSMTKTSVDCTMYICGDSTECSNLLLQYGSFCTQLNRALTGIAVEQDKNTQEVFAQVKQIYKTPPIKDFGGF
NFSQILPDPSKPSKRSFIEDLLFNKVTLADAGFIKQYGDCLGDIAARDLICAQKFNGLTVLPPLLTDEMIAQYTSALLAG
TITSGWTFGAGAALQIPFAMQMAYRFNGIGVTQNVLYENQKLIANQFNSAIGKIQDSLSSTASALGKLQDVVNQNAQALN
TLVKQLSSNFGAISSVLNDILSRLDPPEAEVQIDRLITGRLQSLQTYVTQQLIRAAEIRASANLAATKMSECVLGQSKRV
DFCGKGYHLMSFPQSAPHGVVFLHVTYVPAQEKNFTTAPAICHDGKAHFPREGVFVSNGTHWFVTQRNFYEPQIITTDNT
FVSGNCDVVIGIVNNTVYDPLQPELDSFKEELDKYFKNHTSPDVDLGDISGINASVVNIQKEIDRLNEVAKNLNESLIDL
QELGKYEQGSGYIPEAPRDGQAYVRKDGEWVFLSTFLSGLEVLFQGPGGWSHPQFEKGGGSGGGSGGSAWSHPQFEKGGS
HHHHHHHH
;
A,B,C
2 'polypeptide(L)'
;EVQLVQSGGGLVQPGGSLRLSCAASGFTFSSYWMSWVRQAPGKGLEWVANINQDGGEKYYVDSVKGRFTISRDNAKNSLF
LQMNSVRAEDTAVYFCARVWYYYGPRDYWGQGTLVTVSSASTKGPSVFPLAPSSKSTSGGTAALGCLVKDYFPEPVTVSW
NSGALTSGVHTFPAVLQSSGLYSLSSVVTVPSSSLGTQTYICNVNHKPSNTKVDKRVEPKSCDKT
;
D,F,H
3 'polypeptide(L)'
;DIVMTQPHSVSESPGKTVTISCTRSSGSIASNYVQWYQQRPGSSPTTVIYEDNQRPSGVPDRFSGSIDSSSNSASLTISG
LKTEDEADYYCQSYDGSNHNVVFGGGTELTVLSQPKAAPSVTLFPPSSEELQANKATLVCLISDFYPGAVTVAWKADSSP
VKAGVETTTPSKQSNNKYAASSYLSLTPEQWKSHRSYSCQVTHEGSTVEKTVAPTECS
;
E,G,I
#
loop_
_chem_comp.id
_chem_comp.type
_chem_comp.name
_chem_comp.formula
NAG D-saccharide, beta linking 2-acetamido-2-deoxy-beta-D-glucopyranose 'C8 H15 N O6'
#
# COMPACT_ATOMS: atom_id res chain seq x y z
N GLN A 14 48.12 11.28 44.88
CA GLN A 14 47.02 10.33 44.87
C GLN A 14 45.72 11.00 45.29
N CYS A 15 45.32 10.77 46.54
CA CYS A 15 44.11 11.34 47.10
C CYS A 15 44.38 12.55 47.98
N VAL A 16 45.48 13.27 47.74
CA VAL A 16 45.76 14.48 48.50
C VAL A 16 44.72 15.54 48.14
N ASN A 17 44.03 16.05 49.16
CA ASN A 17 42.93 16.99 48.95
C ASN A 17 43.41 18.42 49.04
N LEU A 18 42.48 19.37 48.99
CA LEU A 18 42.81 20.78 49.02
C LEU A 18 41.87 21.50 49.98
N THR A 19 42.36 22.58 50.58
CA THR A 19 41.60 23.34 51.55
C THR A 19 41.83 24.83 51.28
N THR A 20 41.41 25.67 52.23
CA THR A 20 41.56 27.12 52.15
C THR A 20 40.90 27.67 50.88
N ARG A 21 39.58 27.53 50.78
CA ARG A 21 38.85 28.02 49.62
C ARG A 21 37.58 28.70 50.12
N THR A 22 37.43 29.99 49.78
CA THR A 22 36.24 30.74 50.19
C THR A 22 35.09 30.44 49.24
N GLN A 23 33.92 30.19 49.80
CA GLN A 23 32.75 29.86 49.00
C GLN A 23 32.11 31.12 48.42
N LEU A 24 31.63 30.99 47.18
CA LEU A 24 31.00 32.10 46.47
C LEU A 24 30.11 31.57 45.36
N PRO A 25 28.83 31.94 45.34
CA PRO A 25 27.94 31.49 44.26
C PRO A 25 28.40 32.02 42.92
N PRO A 26 28.66 31.13 41.94
CA PRO A 26 29.13 31.60 40.63
C PRO A 26 28.06 32.35 39.86
N ALA A 27 28.44 33.48 39.25
CA ALA A 27 27.51 34.29 38.48
C ALA A 27 27.35 33.72 37.08
N TYR A 28 26.69 34.46 36.19
CA TYR A 28 26.45 34.01 34.83
C TYR A 28 26.85 35.10 33.85
N THR A 29 27.27 34.68 32.66
CA THR A 29 27.66 35.60 31.60
C THR A 29 26.85 35.29 30.35
N ASN A 30 26.79 36.25 29.45
CA ASN A 30 26.00 36.11 28.24
C ASN A 30 26.78 35.34 27.18
N SER A 31 26.05 34.85 26.18
CA SER A 31 26.64 34.03 25.12
C SER A 31 26.15 34.54 23.76
N PHE A 32 26.25 35.85 23.55
CA PHE A 32 25.75 36.46 22.33
C PHE A 32 26.47 35.93 21.09
N THR A 33 25.75 35.16 20.27
CA THR A 33 26.24 34.65 19.00
C THR A 33 27.59 33.96 19.14
N ARG A 34 27.64 32.87 19.90
CA ARG A 34 28.88 32.12 20.07
C ARG A 34 28.52 30.68 20.41
N GLY A 35 29.01 29.74 19.60
CA GLY A 35 28.74 28.33 19.83
C GLY A 35 28.43 27.57 18.56
N VAL A 36 28.39 28.28 17.43
CA VAL A 36 28.07 27.63 16.17
C VAL A 36 29.26 26.83 15.68
N TYR A 37 29.03 25.56 15.37
CA TYR A 37 30.06 24.66 14.85
C TYR A 37 29.58 24.02 13.56
N TYR A 38 30.52 23.48 12.80
CA TYR A 38 30.18 22.82 11.54
C TYR A 38 29.40 21.55 11.81
N PRO A 39 28.14 21.46 11.37
CA PRO A 39 27.33 20.27 11.68
C PRO A 39 27.63 19.07 10.80
N ASP A 40 28.38 19.24 9.71
CA ASP A 40 28.65 18.13 8.81
C ASP A 40 30.03 18.26 8.17
N LYS A 41 30.27 17.46 7.12
CA LYS A 41 31.56 17.46 6.44
C LYS A 41 31.42 17.80 4.96
N VAL A 42 30.41 18.61 4.61
CA VAL A 42 30.11 18.92 3.22
C VAL A 42 30.49 20.37 2.95
N PHE A 43 30.82 20.66 1.69
CA PHE A 43 31.21 21.99 1.26
C PHE A 43 30.01 22.71 0.66
N ARG A 44 29.75 23.92 1.14
CA ARG A 44 28.69 24.77 0.63
C ARG A 44 29.25 26.17 0.39
N SER A 45 29.00 26.71 -0.80
CA SER A 45 29.56 27.99 -1.21
C SER A 45 28.44 28.97 -1.55
N SER A 46 28.33 30.03 -0.77
CA SER A 46 27.40 31.12 -1.00
C SER A 46 25.97 30.60 -1.11
N VAL A 47 25.50 29.99 -0.02
CA VAL A 47 24.15 29.44 0.05
C VAL A 47 23.78 29.26 1.52
N LEU A 48 22.52 29.51 1.83
CA LEU A 48 21.98 29.30 3.17
C LEU A 48 21.55 27.84 3.32
N HIS A 49 21.51 27.40 4.58
CA HIS A 49 21.15 26.01 4.87
C HIS A 49 20.54 25.96 6.27
N SER A 50 19.29 25.49 6.34
CA SER A 50 18.59 25.37 7.62
C SER A 50 18.84 23.97 8.18
N THR A 51 19.64 23.89 9.24
CA THR A 51 19.98 22.64 9.89
C THR A 51 19.31 22.55 11.25
N GLN A 52 19.24 21.32 11.77
CA GLN A 52 18.63 21.05 13.06
C GLN A 52 19.51 20.07 13.80
N ASP A 53 20.24 20.56 14.80
CA ASP A 53 21.11 19.70 15.60
C ASP A 53 21.23 20.28 17.02
N LEU A 54 22.21 19.80 17.78
CA LEU A 54 22.43 20.22 19.16
C LEU A 54 23.38 21.42 19.15
N PHE A 55 22.81 22.62 19.13
CA PHE A 55 23.57 23.84 19.17
C PHE A 55 23.32 24.57 20.49
N LEU A 56 24.18 25.54 20.77
CA LEU A 56 24.02 26.34 21.98
C LEU A 56 22.95 27.42 21.75
N PRO A 57 21.92 27.50 22.59
CA PRO A 57 20.90 28.54 22.39
C PRO A 57 21.50 29.94 22.57
N PHE A 58 21.15 30.82 21.63
CA PHE A 58 21.65 32.19 21.70
C PHE A 58 21.03 32.93 22.88
N PHE A 59 21.82 33.83 23.47
CA PHE A 59 21.39 34.66 24.60
C PHE A 59 20.91 33.81 25.77
N SER A 60 21.55 32.66 25.96
CA SER A 60 21.29 31.78 27.09
C SER A 60 22.50 31.85 28.02
N ASN A 61 22.31 32.47 29.18
CA ASN A 61 23.42 32.70 30.10
C ASN A 61 24.03 31.38 30.58
N VAL A 62 25.35 31.31 30.54
CA VAL A 62 26.08 30.12 30.96
C VAL A 62 26.77 30.41 32.28
N THR A 63 27.19 29.35 32.95
CA THR A 63 27.85 29.47 34.25
C THR A 63 29.25 30.06 34.08
N TRP A 64 29.86 30.41 35.21
CA TRP A 64 31.20 31.01 35.20
C TRP A 64 31.94 30.50 36.45
N PHE A 65 32.78 29.50 36.26
CA PHE A 65 33.56 28.92 37.35
C PHE A 65 34.95 29.55 37.38
N HIS A 66 34.98 30.84 37.73
CA HIS A 66 36.22 31.57 37.83
C HIS A 66 37.06 31.04 38.99
N ALA A 67 38.38 31.04 38.79
CA ALA A 67 39.30 30.55 39.80
C ALA A 67 40.62 31.32 39.77
N ILE A 68 40.76 32.31 40.65
CA ILE A 68 41.98 33.11 40.73
C ILE A 68 42.56 32.99 42.13
N HIS A 69 43.67 33.68 42.38
CA HIS A 69 44.34 33.66 43.68
C HIS A 69 44.54 35.10 44.14
N VAL A 70 43.65 35.57 45.00
CA VAL A 70 43.78 36.89 45.61
C VAL A 70 43.66 36.75 47.11
N SER A 71 44.80 36.60 47.79
CA SER A 71 44.82 36.39 49.23
C SER A 71 45.42 37.60 49.95
N GLY A 72 45.57 37.50 51.25
CA GLY A 72 46.11 38.60 52.03
C GLY A 72 45.06 39.42 52.75
N THR A 73 44.70 40.57 52.19
CA THR A 73 43.72 41.45 52.81
C THR A 73 42.36 40.78 52.93
N ASN A 74 41.72 40.48 51.80
CA ASN A 74 40.39 39.87 51.83
C ASN A 74 40.49 38.35 51.78
N GLY A 75 41.14 37.82 50.75
CA GLY A 75 41.40 36.40 50.67
C GLY A 75 40.30 35.62 49.99
N THR A 76 40.50 35.23 48.74
CA THR A 76 39.53 34.42 48.03
C THR A 76 40.10 33.04 47.71
N LYS A 77 41.19 33.01 46.93
CA LYS A 77 41.90 31.78 46.58
C LYS A 77 40.94 30.68 46.14
N ARG A 78 40.24 30.89 45.03
CA ARG A 78 39.20 30.00 44.54
C ARG A 78 39.79 28.94 43.61
N PHE A 79 39.34 27.70 43.80
CA PHE A 79 39.82 26.56 43.04
C PHE A 79 38.63 25.69 42.61
N ASP A 80 37.61 26.32 42.03
CA ASP A 80 36.39 25.61 41.64
C ASP A 80 36.71 24.51 40.63
N ASN A 81 36.18 23.31 40.90
CA ASN A 81 36.32 22.17 39.99
C ASN A 81 35.24 21.14 40.31
N PRO A 82 33.98 21.43 40.03
CA PRO A 82 32.91 20.49 40.40
C PRO A 82 32.63 19.48 39.30
N VAL A 83 31.80 18.50 39.65
CA VAL A 83 31.40 17.45 38.69
C VAL A 83 30.08 17.91 38.08
N LEU A 84 30.18 18.48 36.89
CA LEU A 84 29.02 19.04 36.22
C LEU A 84 28.30 17.97 35.40
N PRO A 85 26.97 18.04 35.33
CA PRO A 85 26.22 17.03 34.56
C PRO A 85 26.43 17.15 33.06
N PHE A 86 26.67 16.02 32.39
CA PHE A 86 26.83 15.98 30.95
C PHE A 86 25.54 15.42 30.35
N ASN A 87 24.64 16.31 29.92
CA ASN A 87 23.35 15.89 29.40
C ASN A 87 23.44 15.47 27.94
N ASP A 88 23.87 16.37 27.07
CA ASP A 88 24.04 16.08 25.65
C ASP A 88 25.34 16.60 25.08
N GLY A 89 25.74 17.81 25.44
CA GLY A 89 26.96 18.42 24.94
C GLY A 89 27.35 19.63 25.75
N VAL A 90 28.63 19.74 26.10
CA VAL A 90 29.12 20.81 26.96
C VAL A 90 30.03 21.72 26.13
N TYR A 91 29.57 22.94 25.90
CA TYR A 91 30.42 23.96 25.28
C TYR A 91 31.40 24.48 26.33
N PHE A 92 32.68 24.14 26.17
CA PHE A 92 33.71 24.45 27.15
C PHE A 92 34.61 25.54 26.58
N ALA A 93 34.35 26.79 26.95
CA ALA A 93 35.18 27.92 26.59
C ALA A 93 36.01 28.33 27.80
N SER A 94 37.33 28.38 27.62
CA SER A 94 38.24 28.65 28.72
C SER A 94 39.25 29.70 28.29
N THR A 95 39.31 30.81 29.02
CA THR A 95 40.29 31.87 28.78
C THR A 95 41.36 31.81 29.86
N GLU A 96 42.59 31.51 29.45
CA GLU A 96 43.71 31.40 30.36
C GLU A 96 44.92 32.12 29.78
N LYS A 97 45.93 32.32 30.62
CA LYS A 97 47.13 33.04 30.22
C LYS A 97 48.42 32.36 30.67
N SER A 98 48.33 31.23 31.37
CA SER A 98 49.52 30.53 31.84
C SER A 98 49.41 29.03 31.64
N ASN A 99 48.51 28.61 30.76
CA ASN A 99 48.30 27.19 30.43
C ASN A 99 47.99 26.37 31.68
N ILE A 100 46.85 26.70 32.28
CA ILE A 100 46.40 26.05 33.50
C ILE A 100 45.47 24.87 33.21
N ILE A 101 44.38 25.11 32.48
CA ILE A 101 43.41 24.08 32.17
C ILE A 101 43.98 23.20 31.07
N ARG A 102 44.42 21.99 31.43
CA ARG A 102 45.09 21.10 30.49
C ARG A 102 44.17 20.02 29.94
N GLY A 103 43.60 19.21 30.83
CA GLY A 103 42.82 18.07 30.39
C GLY A 103 41.48 17.90 31.09
N TRP A 104 40.82 16.77 30.85
CA TRP A 104 39.52 16.47 31.43
C TRP A 104 39.50 15.01 31.87
N ILE A 105 38.49 14.67 32.68
CA ILE A 105 38.38 13.33 33.26
C ILE A 105 37.00 12.74 32.97
N PHE A 106 36.45 13.04 31.79
CA PHE A 106 35.15 12.52 31.38
C PHE A 106 34.94 11.06 31.79
N GLY A 107 33.77 10.76 32.32
CA GLY A 107 33.47 9.42 32.75
C GLY A 107 31.99 9.23 32.98
N THR A 108 31.63 8.02 33.41
CA THR A 108 30.24 7.69 33.69
C THR A 108 29.90 7.88 35.16
N THR A 109 30.61 7.19 36.04
CA THR A 109 30.37 7.28 37.48
C THR A 109 31.62 7.64 38.26
N LEU A 110 32.81 7.42 37.70
CA LEU A 110 34.09 7.78 38.32
C LEU A 110 34.25 7.08 39.67
N ASP A 111 34.08 5.76 39.62
CA ASP A 111 34.20 4.94 40.83
C ASP A 111 34.92 3.63 40.53
N SER A 112 35.75 3.63 39.48
CA SER A 112 36.51 2.48 39.02
C SER A 112 35.63 1.30 38.63
N LYS A 113 34.33 1.51 38.46
CA LYS A 113 33.40 0.48 38.04
C LYS A 113 32.99 0.62 36.58
N THR A 114 32.98 1.84 36.05
CA THR A 114 32.63 2.08 34.66
C THR A 114 33.82 2.74 33.97
N GLN A 115 33.95 2.49 32.67
CA GLN A 115 35.08 3.02 31.93
C GLN A 115 34.96 4.52 31.76
N SER A 116 36.09 5.21 31.91
CA SER A 116 36.14 6.66 31.83
C SER A 116 37.23 7.08 30.85
N LEU A 117 37.00 8.18 30.14
CA LEU A 117 37.95 8.71 29.18
C LEU A 117 38.84 9.75 29.84
N LEU A 118 40.14 9.65 29.60
CA LEU A 118 41.12 10.58 30.16
C LEU A 118 41.75 11.36 29.01
N ILE A 119 41.47 12.66 28.94
CA ILE A 119 41.99 13.52 27.89
C ILE A 119 43.05 14.45 28.49
N VAL A 120 43.71 13.98 29.55
CA VAL A 120 44.75 14.78 30.20
C VAL A 120 45.88 15.06 29.22
N ASN A 121 46.57 16.18 29.44
CA ASN A 121 47.66 16.61 28.56
C ASN A 121 48.71 17.32 29.41
N ASN A 122 49.79 16.62 29.73
CA ASN A 122 50.86 17.24 30.50
C ASN A 122 51.80 18.02 29.57
N ALA A 123 52.96 18.41 30.09
CA ALA A 123 53.87 19.29 29.36
C ALA A 123 54.59 18.62 28.21
N THR A 124 54.28 17.36 27.89
CA THR A 124 54.96 16.65 26.81
C THR A 124 54.01 16.26 25.67
N ASN A 125 52.91 15.58 25.98
CA ASN A 125 52.03 15.08 24.93
C ASN A 125 50.62 14.96 25.47
N VAL A 126 49.65 14.93 24.54
CA VAL A 126 48.24 14.81 24.89
C VAL A 126 47.92 13.35 25.18
N VAL A 127 47.81 12.99 26.45
CA VAL A 127 47.56 11.62 26.85
C VAL A 127 46.07 11.32 26.74
N ILE A 128 45.68 10.64 25.67
CA ILE A 128 44.29 10.24 25.43
C ILE A 128 44.22 8.73 25.56
N LYS A 129 43.71 8.26 26.70
CA LYS A 129 43.59 6.83 26.94
C LYS A 129 42.24 6.53 27.57
N VAL A 130 41.55 5.52 27.02
CA VAL A 130 40.28 5.08 27.57
C VAL A 130 40.55 3.94 28.54
N CYS A 131 40.81 4.27 29.80
CA CYS A 131 41.17 3.29 30.81
C CYS A 131 40.35 3.54 32.07
N GLU A 132 39.94 2.47 32.73
CA GLU A 132 39.18 2.58 33.97
C GLU A 132 40.09 2.96 35.13
N PHE A 133 39.83 4.12 35.73
CA PHE A 133 40.63 4.63 36.83
C PHE A 133 39.75 4.85 38.04
N GLN A 134 40.41 5.01 39.19
CA GLN A 134 39.75 5.34 40.46
C GLN A 134 40.15 6.77 40.81
N PHE A 135 39.34 7.73 40.41
CA PHE A 135 39.65 9.14 40.61
C PHE A 135 39.40 9.53 42.06
N CYS A 136 40.30 10.39 42.58
CA CYS A 136 40.16 10.88 43.94
C CYS A 136 39.26 12.11 43.97
N ASN A 137 39.22 12.81 45.09
CA ASN A 137 38.32 13.94 45.26
C ASN A 137 38.79 15.21 44.56
N ASP A 138 40.07 15.32 44.24
CA ASP A 138 40.61 16.54 43.61
C ASP A 138 41.88 16.18 42.85
N PRO A 139 41.76 15.83 41.58
CA PRO A 139 42.97 15.65 40.75
C PRO A 139 43.51 17.00 40.29
N PHE A 140 44.81 17.07 40.08
CA PHE A 140 45.45 18.32 39.67
C PHE A 140 46.84 18.05 39.12
N LEU A 141 47.24 18.87 38.14
CA LEU A 141 48.61 18.90 37.64
C LEU A 141 49.34 20.09 38.23
N GLY A 142 50.58 20.33 37.80
CA GLY A 142 51.30 21.51 38.27
C GLY A 142 52.81 21.41 38.26
N VAL A 143 53.46 22.56 38.07
CA VAL A 143 54.92 22.62 38.11
C VAL A 143 55.41 22.50 39.55
N TYR A 144 56.72 22.31 39.70
CA TYR A 144 57.31 22.11 41.02
C TYR A 144 58.34 23.19 41.30
N TYR A 145 57.89 24.25 41.97
CA TYR A 145 58.71 25.22 42.69
C TYR A 145 59.50 26.18 41.80
N HIS A 146 59.61 25.87 40.50
CA HIS A 146 60.03 26.78 39.44
C HIS A 146 61.01 27.87 39.86
N LYS A 147 62.08 27.53 40.57
CA LYS A 147 63.00 28.52 41.10
C LYS A 147 64.45 28.03 41.05
N ASN A 148 65.36 28.97 41.28
CA ASN A 148 66.80 28.77 41.37
C ASN A 148 67.43 28.52 40.00
N ASN A 149 66.60 28.35 38.97
CA ASN A 149 67.06 28.34 37.59
C ASN A 149 66.04 28.89 36.61
N LYS A 150 64.90 29.40 37.12
CA LYS A 150 63.80 29.87 36.29
C LYS A 150 63.32 28.77 35.34
N SER A 151 63.32 27.53 35.82
CA SER A 151 62.90 26.39 35.01
C SER A 151 61.65 25.75 35.65
N TRP A 152 60.61 25.56 34.85
CA TRP A 152 59.37 24.94 35.33
C TRP A 152 59.44 23.44 35.06
N MET A 153 59.62 22.68 36.13
CA MET A 153 59.73 21.23 36.06
C MET A 153 58.38 20.61 36.43
N GLU A 154 57.67 20.08 35.44
CA GLU A 154 56.39 19.43 35.68
C GLU A 154 56.61 17.96 36.01
N SER A 155 56.46 17.60 37.29
CA SER A 155 56.71 16.24 37.73
C SER A 155 55.46 15.60 38.34
N GLU A 156 54.77 16.34 39.21
CA GLU A 156 53.63 15.78 39.93
C GLU A 156 52.47 15.51 38.99
N PHE A 157 52.01 14.26 38.99
CA PHE A 157 50.85 13.82 38.20
C PHE A 157 49.90 13.08 39.13
N ARG A 158 49.04 13.84 39.81
CA ARG A 158 48.09 13.30 40.78
C ARG A 158 46.70 13.23 40.13
N VAL A 159 46.50 12.23 39.28
CA VAL A 159 45.22 12.08 38.59
C VAL A 159 44.55 10.77 39.00
N TYR A 160 45.20 9.65 38.70
CA TYR A 160 44.61 8.35 38.98
C TYR A 160 45.44 7.59 40.02
N SER A 161 44.88 6.46 40.46
CA SER A 161 45.52 5.65 41.49
C SER A 161 45.68 4.20 41.05
N SER A 162 44.71 3.69 40.30
CA SER A 162 44.72 2.30 39.87
C SER A 162 44.13 2.18 38.47
N ALA A 163 44.65 1.23 37.70
CA ALA A 163 44.17 0.97 36.35
C ALA A 163 43.71 -0.48 36.24
N ASN A 164 42.44 -0.68 35.93
CA ASN A 164 41.91 -2.03 35.77
C ASN A 164 42.36 -2.62 34.44
N ASN A 165 41.96 -2.00 33.34
CA ASN A 165 42.40 -2.38 32.01
C ASN A 165 42.08 -1.25 31.04
N CYS A 166 43.00 -0.99 30.12
CA CYS A 166 42.85 0.08 29.13
C CYS A 166 42.44 -0.55 27.81
N THR A 167 41.21 -0.26 27.38
CA THR A 167 40.72 -0.79 26.11
C THR A 167 41.27 -0.03 24.91
N PHE A 168 41.69 1.22 25.10
CA PHE A 168 42.21 2.02 24.00
C PHE A 168 43.10 3.12 24.57
N GLU A 169 44.32 3.23 24.03
CA GLU A 169 45.25 4.27 24.40
C GLU A 169 45.75 4.99 23.14
N TYR A 170 46.05 6.27 23.29
CA TYR A 170 46.53 7.07 22.17
C TYR A 170 47.50 8.15 22.64
N VAL A 171 48.79 7.89 22.49
CA VAL A 171 49.82 8.86 22.83
C VAL A 171 50.10 9.73 21.61
N SER A 172 49.84 11.02 21.72
CA SER A 172 50.01 11.95 20.61
C SER A 172 51.50 12.19 20.36
N GLN A 173 51.81 13.02 19.38
CA GLN A 173 53.20 13.31 19.06
C GLN A 173 53.85 14.08 20.20
N PRO A 174 55.07 13.74 20.60
CA PRO A 174 55.73 14.45 21.70
C PRO A 174 56.09 15.88 21.32
N PHE A 175 55.74 16.84 22.18
CA PHE A 175 56.07 18.24 21.95
C PHE A 175 56.52 18.83 23.29
N LEU A 176 56.70 20.15 23.31
CA LEU A 176 57.11 20.84 24.53
C LEU A 176 56.11 21.94 24.88
N MET A 177 56.27 22.54 26.06
CA MET A 177 55.38 23.59 26.52
C MET A 177 56.21 24.61 27.29
N ASP A 178 55.66 25.82 27.45
CA ASP A 178 56.34 26.90 28.12
C ASP A 178 56.17 26.90 29.64
N LEU A 179 54.98 26.62 30.13
CA LEU A 179 54.68 26.60 31.57
C LEU A 179 55.05 27.93 32.21
N GLU A 180 54.84 29.01 31.46
CA GLU A 180 55.21 30.35 31.93
C GLU A 180 54.11 30.96 32.77
N GLY A 181 54.26 32.24 33.12
CA GLY A 181 53.27 32.96 33.89
C GLY A 181 53.63 34.42 34.01
N LYS A 182 52.66 35.30 33.75
CA LYS A 182 52.92 36.74 33.76
C LYS A 182 51.68 37.52 34.16
N GLN A 183 51.69 38.83 33.91
CA GLN A 183 50.57 39.69 34.24
C GLN A 183 50.08 40.37 32.98
N GLY A 184 48.78 40.28 32.73
CA GLY A 184 48.21 40.88 31.54
C GLY A 184 46.84 40.29 31.25
N ASN A 185 46.20 40.86 30.23
CA ASN A 185 44.90 40.37 29.81
C ASN A 185 45.00 38.97 29.22
N PHE A 186 43.92 38.20 29.34
CA PHE A 186 43.91 36.84 28.82
C PHE A 186 43.99 36.86 27.30
N LYS A 187 44.81 35.96 26.75
CA LYS A 187 45.02 35.85 25.31
C LYS A 187 44.37 34.63 24.69
N ASN A 188 44.41 33.48 25.37
CA ASN A 188 43.84 32.27 24.80
C ASN A 188 42.32 32.31 24.83
N LEU A 189 41.71 31.74 23.79
CA LEU A 189 40.25 31.66 23.69
C LEU A 189 39.85 30.24 23.29
N ARG A 190 40.40 29.26 23.99
CA ARG A 190 40.14 27.86 23.68
C ARG A 190 38.66 27.54 23.88
N GLU A 191 37.98 27.19 22.78
CA GLU A 191 36.58 26.82 22.80
C GLU A 191 36.45 25.38 22.31
N PHE A 192 35.77 24.55 23.11
CA PHE A 192 35.60 23.14 22.79
C PHE A 192 34.12 22.76 22.90
N VAL A 193 33.69 21.85 22.04
CA VAL A 193 32.34 21.31 22.06
C VAL A 193 32.46 19.79 22.19
N PHE A 194 32.16 19.28 23.37
CA PHE A 194 32.25 17.84 23.66
C PHE A 194 30.88 17.21 23.46
N LYS A 195 30.72 16.47 22.37
CA LYS A 195 29.51 15.74 22.08
C LYS A 195 29.75 14.24 22.24
N ASN A 196 28.67 13.50 22.46
CA ASN A 196 28.76 12.05 22.65
C ASN A 196 27.49 11.43 22.07
N ILE A 197 27.55 10.99 20.82
CA ILE A 197 26.42 10.37 20.14
C ILE A 197 26.94 9.23 19.26
N ASP A 198 26.22 8.11 19.32
CA ASP A 198 26.52 6.93 18.51
C ASP A 198 27.95 6.43 18.77
N GLY A 199 28.39 6.59 20.01
CA GLY A 199 29.70 6.14 20.41
C GLY A 199 30.84 6.86 19.71
N TYR A 200 30.75 8.19 19.66
CA TYR A 200 31.80 9.00 19.03
C TYR A 200 31.94 10.29 19.80
N PHE A 201 33.07 10.45 20.50
CA PHE A 201 33.31 11.64 21.32
C PHE A 201 33.99 12.69 20.44
N LYS A 202 33.22 13.24 19.51
CA LYS A 202 33.71 14.26 18.60
C LYS A 202 34.02 15.54 19.36
N ILE A 203 35.27 16.01 19.27
CA ILE A 203 35.72 17.18 20.03
C ILE A 203 36.02 18.28 19.01
N TYR A 204 35.09 19.22 18.89
CA TYR A 204 35.33 20.40 18.07
C TYR A 204 36.22 21.38 18.83
N SER A 205 37.02 22.13 18.07
CA SER A 205 37.97 23.04 18.69
C SER A 205 38.24 24.22 17.75
N LYS A 206 38.68 25.32 18.35
CA LYS A 206 39.04 26.53 17.62
C LYS A 206 39.83 27.44 18.54
N HIS A 207 40.99 27.90 18.07
CA HIS A 207 41.87 28.76 18.84
C HIS A 207 42.06 30.08 18.11
N THR A 208 41.83 31.19 18.80
CA THR A 208 41.96 32.51 18.23
C THR A 208 42.39 33.50 19.32
N PRO A 209 43.25 34.45 18.99
CA PRO A 209 43.67 35.44 19.99
C PRO A 209 42.58 36.45 20.27
N ILE A 210 42.54 36.94 21.50
CA ILE A 210 41.55 37.90 21.96
C ILE A 210 42.12 38.63 23.17
N ASN A 211 41.66 39.87 23.37
CA ASN A 211 42.15 40.73 24.44
C ASN A 211 41.06 40.98 25.48
N LEU A 212 40.26 39.97 25.76
CA LEU A 212 39.22 40.07 26.78
C LEU A 212 39.74 39.56 28.12
N VAL A 213 39.30 40.22 29.19
CA VAL A 213 39.79 39.91 30.53
C VAL A 213 38.62 39.71 31.49
N ARG A 214 37.43 40.17 31.11
CA ARG A 214 36.29 40.16 32.02
C ARG A 214 35.28 39.14 31.53
N ASP A 215 34.79 39.23 30.29
CA ASP A 215 33.73 38.37 29.82
C ASP A 215 34.08 37.82 28.43
N LEU A 216 33.13 37.13 27.81
CA LEU A 216 33.32 36.57 26.48
C LEU A 216 33.34 37.68 25.42
N PRO A 217 34.19 37.56 24.42
CA PRO A 217 34.28 38.59 23.38
C PRO A 217 33.13 38.51 22.39
N GLN A 218 33.09 39.50 21.51
CA GLN A 218 32.09 39.57 20.45
C GLN A 218 32.58 38.74 19.26
N GLY A 219 31.89 38.83 18.13
CA GLY A 219 32.32 38.12 16.94
C GLY A 219 31.62 36.79 16.79
N PHE A 220 31.65 36.26 15.56
CA PHE A 220 31.03 34.97 15.27
C PHE A 220 32.09 33.89 15.24
N SER A 221 31.89 32.84 16.04
CA SER A 221 32.84 31.74 16.11
C SER A 221 32.40 30.60 15.18
N ALA A 222 33.38 29.75 14.83
CA ALA A 222 33.15 28.60 13.96
C ALA A 222 34.12 27.50 14.38
N LEU A 223 33.63 26.57 15.21
CA LEU A 223 34.45 25.48 15.73
C LEU A 223 34.51 24.37 14.69
N GLU A 224 35.73 23.85 14.44
CA GLU A 224 35.99 22.82 13.44
C GLU A 224 36.26 21.48 14.11
N PRO A 225 35.90 20.37 13.44
CA PRO A 225 36.14 19.05 14.03
C PRO A 225 37.63 18.76 14.12
N LEU A 226 38.12 18.55 15.33
CA LEU A 226 39.53 18.28 15.57
C LEU A 226 39.81 16.78 15.62
N VAL A 227 39.17 16.08 16.56
CA VAL A 227 39.40 14.65 16.74
C VAL A 227 38.06 13.93 16.85
N ASP A 228 38.05 12.64 16.54
CA ASP A 228 36.83 11.85 16.55
C ASP A 228 37.05 10.48 17.20
N LEU A 229 37.66 10.47 18.39
CA LEU A 229 37.98 9.20 19.05
C LEU A 229 36.69 8.42 19.34
N PRO A 230 36.57 7.20 18.82
CA PRO A 230 35.38 6.39 19.11
C PRO A 230 35.51 5.62 20.42
N ILE A 231 35.23 6.28 21.54
CA ILE A 231 35.34 5.66 22.85
C ILE A 231 34.33 4.53 23.00
N GLY A 232 33.05 4.84 22.77
CA GLY A 232 32.01 3.83 22.86
C GLY A 232 31.54 3.55 24.27
N ILE A 233 31.30 4.61 25.05
CA ILE A 233 30.82 4.48 26.41
C ILE A 233 29.66 5.44 26.63
N ASN A 234 29.15 5.50 27.87
CA ASN A 234 28.02 6.36 28.22
C ASN A 234 28.48 7.38 29.25
N ILE A 235 28.88 8.56 28.78
CA ILE A 235 29.36 9.61 29.67
C ILE A 235 28.19 10.50 30.07
N THR A 236 28.05 10.72 31.39
CA THR A 236 26.97 11.57 31.90
C THR A 236 27.47 12.57 32.93
N ARG A 237 28.72 12.43 33.39
CA ARG A 237 29.27 13.32 34.40
C ARG A 237 30.76 13.55 34.18
N PHE A 238 31.17 14.81 34.08
CA PHE A 238 32.55 15.17 33.82
C PHE A 238 33.05 16.16 34.85
N GLN A 239 34.36 16.39 34.84
CA GLN A 239 34.99 17.35 35.73
C GLN A 239 36.18 17.97 35.00
N THR A 240 36.53 19.19 35.41
CA THR A 240 37.57 19.98 34.76
C THR A 240 38.83 19.93 35.61
N LEU A 241 39.96 19.62 34.99
CA LEU A 241 41.23 19.60 35.69
C LEU A 241 41.83 21.01 35.75
N LEU A 242 42.79 21.18 36.66
CA LEU A 242 43.46 22.46 36.83
C LEU A 242 44.95 22.26 37.07
N ALA A 243 45.66 23.31 37.48
CA ALA A 243 47.09 23.29 37.74
C ALA A 243 47.33 23.48 39.23
N LEU A 244 48.60 23.48 39.65
CA LEU A 244 48.95 23.63 41.05
C LEU A 244 49.78 24.89 41.26
N HIS A 245 50.81 25.08 40.45
CA HIS A 245 51.78 26.17 40.62
C HIS A 245 52.38 26.15 42.02
N ARG A 246 52.67 24.96 42.52
CA ARG A 246 53.23 24.80 43.86
C ARG A 246 54.65 25.34 43.91
N SER A 247 54.83 26.53 44.48
CA SER A 247 56.15 27.14 44.57
C SER A 247 56.85 26.77 45.87
N TYR A 248 58.11 27.16 46.01
CA TYR A 248 58.86 26.92 47.24
C TYR A 248 59.31 28.18 47.94
N LEU A 249 59.31 29.34 47.28
CA LEU A 249 59.65 30.60 47.97
C LEU A 249 58.62 30.91 49.04
N THR A 250 57.36 30.58 48.80
CA THR A 250 56.31 30.74 49.79
C THR A 250 56.21 29.48 50.63
N PRO A 251 56.58 29.51 51.91
CA PRO A 251 56.54 28.27 52.71
C PRO A 251 55.13 27.79 53.00
N GLY A 252 55.01 26.69 53.73
CA GLY A 252 53.72 26.13 54.07
C GLY A 252 53.76 24.65 54.36
N ASP A 253 52.64 23.96 54.12
CA ASP A 253 52.54 22.53 54.35
C ASP A 253 52.07 21.87 53.07
N SER A 254 51.73 20.58 53.17
CA SER A 254 51.27 19.82 52.01
C SER A 254 50.05 20.48 51.38
N SER A 255 48.93 20.51 52.11
CA SER A 255 47.75 21.23 51.66
C SER A 255 47.70 22.63 52.25
N SER A 256 48.80 23.38 52.13
CA SER A 256 48.81 24.75 52.63
C SER A 256 49.59 25.71 51.74
N GLY A 257 50.12 25.27 50.60
CA GLY A 257 50.89 26.11 49.71
C GLY A 257 50.48 26.07 48.27
N TRP A 258 49.25 25.66 47.96
CA TRP A 258 48.81 25.58 46.57
C TRP A 258 48.50 26.96 46.03
N THR A 259 48.46 27.05 44.69
CA THR A 259 48.21 28.31 43.99
C THR A 259 47.19 28.04 42.90
N ALA A 260 46.58 29.12 42.40
CA ALA A 260 45.59 29.01 41.34
C ALA A 260 45.94 29.93 40.17
N GLY A 261 46.71 30.98 40.45
CA GLY A 261 47.09 31.90 39.40
C GLY A 261 45.89 32.66 38.87
N ALA A 262 45.60 32.47 37.59
CA ALA A 262 44.46 33.12 36.95
C ALA A 262 43.93 32.23 35.84
N ALA A 263 42.67 31.84 35.98
CA ALA A 263 41.99 30.97 35.01
C ALA A 263 40.49 31.15 35.18
N ALA A 264 39.77 31.04 34.07
CA ALA A 264 38.32 31.18 34.08
C ALA A 264 37.70 30.47 32.88
N TYR A 265 37.01 29.37 33.13
CA TYR A 265 36.39 28.57 32.08
C TYR A 265 34.87 28.69 32.19
N TYR A 266 34.20 28.79 31.05
CA TYR A 266 32.76 28.86 30.99
C TYR A 266 32.19 27.53 30.50
N VAL A 267 31.05 27.15 31.05
CA VAL A 267 30.41 25.87 30.75
C VAL A 267 28.99 26.14 30.29
N GLY A 268 28.64 25.63 29.10
CA GLY A 268 27.30 25.78 28.58
C GLY A 268 26.79 24.45 28.05
N TYR A 269 25.47 24.29 28.13
CA TYR A 269 24.80 23.07 27.72
C TYR A 269 24.08 23.27 26.40
N LEU A 270 24.10 22.24 25.56
CA LEU A 270 23.47 22.29 24.25
C LEU A 270 22.02 21.85 24.33
N GLN A 271 21.21 22.36 23.40
CA GLN A 271 19.80 22.01 23.33
C GLN A 271 19.43 21.87 21.86
N PRO A 272 18.51 20.96 21.54
CA PRO A 272 18.09 20.80 20.15
C PRO A 272 17.27 21.98 19.65
N ARG A 273 17.83 22.70 18.70
CA ARG A 273 17.18 23.87 18.13
C ARG A 273 17.40 23.86 16.62
N THR A 274 16.91 24.90 15.96
CA THR A 274 17.06 25.06 14.52
C THR A 274 17.85 26.33 14.22
N PHE A 275 18.79 26.21 13.27
CA PHE A 275 19.65 27.33 12.92
C PHE A 275 19.74 27.43 11.41
N LEU A 276 19.98 28.65 10.92
CA LEU A 276 20.16 28.93 9.50
C LEU A 276 21.58 29.45 9.30
N LEU A 277 22.44 28.61 8.75
CA LEU A 277 23.85 28.93 8.58
C LEU A 277 24.09 29.60 7.23
N LYS A 278 24.89 30.65 7.23
CA LYS A 278 25.25 31.38 6.02
C LYS A 278 26.69 31.04 5.65
N TYR A 279 26.86 30.34 4.53
CA TYR A 279 28.19 29.98 4.05
C TYR A 279 28.70 31.04 3.07
N ASN A 280 30.01 31.27 3.12
CA ASN A 280 30.65 32.27 2.28
C ASN A 280 31.09 31.61 0.97
N GLU A 281 31.84 32.32 0.15
CA GLU A 281 32.34 31.78 -1.11
C GLU A 281 33.63 30.98 -0.95
N ASN A 282 34.08 30.78 0.29
CA ASN A 282 35.27 29.97 0.56
C ASN A 282 34.95 28.64 1.21
N GLY A 283 33.87 28.55 1.98
CA GLY A 283 33.51 27.31 2.64
C GLY A 283 33.47 27.45 4.15
N THR A 284 33.46 28.67 4.65
CA THR A 284 33.44 28.96 6.07
C THR A 284 32.14 29.66 6.44
N ILE A 285 31.65 29.41 7.65
CA ILE A 285 30.42 30.03 8.11
C ILE A 285 30.71 31.45 8.57
N THR A 286 29.86 32.38 8.16
CA THR A 286 30.01 33.79 8.51
C THR A 286 29.02 34.28 9.56
N ASP A 287 27.74 33.97 9.40
CA ASP A 287 26.74 34.41 10.36
C ASP A 287 25.60 33.40 10.39
N ALA A 288 24.91 33.34 11.53
CA ALA A 288 23.80 32.43 11.71
C ALA A 288 22.69 33.13 12.47
N VAL A 289 21.45 32.73 12.20
CA VAL A 289 20.30 33.32 12.88
C VAL A 289 19.50 32.17 13.50
N ASP A 290 18.60 32.48 14.44
CA ASP A 290 17.79 31.45 15.08
C ASP A 290 16.51 31.17 14.34
N CYS A 291 15.69 30.30 14.92
CA CYS A 291 14.40 30.01 14.33
C CYS A 291 13.34 30.06 15.40
N ALA A 292 13.74 30.41 16.60
CA ALA A 292 12.79 30.45 17.71
C ALA A 292 13.14 31.53 18.71
N LEU A 293 14.15 32.35 18.42
CA LEU A 293 14.56 33.35 19.40
C LEU A 293 13.53 34.46 19.54
N ASP A 294 13.21 35.12 18.44
CA ASP A 294 12.29 36.25 18.44
C ASP A 294 11.45 36.19 17.18
N PRO A 295 10.29 36.87 17.15
CA PRO A 295 9.47 36.85 15.93
C PRO A 295 10.20 37.28 14.67
N LEU A 296 11.09 38.28 14.77
CA LEU A 296 11.88 38.66 13.60
C LEU A 296 12.83 37.54 13.20
N SER A 297 13.42 36.84 14.17
CA SER A 297 14.26 35.69 13.84
C SER A 297 13.46 34.57 13.21
N GLU A 298 12.23 34.33 13.68
CA GLU A 298 11.38 33.32 13.07
C GLU A 298 11.02 33.72 11.64
N THR A 299 10.78 35.00 11.40
CA THR A 299 10.47 35.47 10.05
C THR A 299 11.65 35.29 9.13
N LYS A 300 12.86 35.60 9.62
CA LYS A 300 14.06 35.40 8.80
C LYS A 300 14.29 33.92 8.54
N CYS A 301 13.97 33.07 9.51
CA CYS A 301 14.16 31.64 9.36
C CYS A 301 13.17 31.06 8.36
N THR A 302 11.95 31.58 8.35
CA THR A 302 10.92 31.07 7.43
C THR A 302 11.21 31.48 6.00
N LEU A 303 11.49 32.77 5.78
CA LEU A 303 11.73 33.29 4.44
C LEU A 303 13.07 32.87 3.86
N LYS A 304 13.93 32.21 4.65
CA LYS A 304 15.25 31.78 4.21
C LYS A 304 16.07 32.96 3.70
N SER A 305 16.18 34.00 4.52
CA SER A 305 16.93 35.19 4.18
C SER A 305 17.27 35.94 5.47
N PHE A 306 18.13 36.94 5.34
CA PHE A 306 18.55 37.76 6.48
C PHE A 306 18.03 39.18 6.40
N THR A 307 17.48 39.60 5.26
CA THR A 307 16.93 40.93 5.12
C THR A 307 15.52 40.83 4.54
N VAL A 308 14.55 41.31 5.30
CA VAL A 308 13.15 41.28 4.89
C VAL A 308 12.70 42.70 4.57
N GLU A 309 11.62 42.80 3.79
CA GLU A 309 11.05 44.08 3.41
C GLU A 309 9.79 44.36 4.21
N LYS A 310 9.22 45.54 4.01
CA LYS A 310 8.01 45.94 4.71
C LYS A 310 6.85 45.05 4.29
N GLY A 311 5.97 44.75 5.23
CA GLY A 311 4.82 43.93 4.95
C GLY A 311 4.49 43.04 6.14
N ILE A 312 3.48 42.20 5.94
CA ILE A 312 3.01 41.26 6.95
C ILE A 312 3.31 39.85 6.47
N TYR A 313 3.90 39.03 7.35
CA TYR A 313 4.29 37.67 7.01
C TYR A 313 3.78 36.73 8.09
N GLN A 314 3.11 35.65 7.67
CA GLN A 314 2.65 34.64 8.61
C GLN A 314 3.79 33.70 8.95
N THR A 315 3.99 33.45 10.24
CA THR A 315 5.09 32.64 10.73
C THR A 315 4.66 31.31 11.34
N SER A 316 3.67 31.32 12.23
CA SER A 316 3.25 30.09 12.90
C SER A 316 1.74 30.02 13.03
N ASN A 317 1.25 29.07 13.83
CA ASN A 317 -0.19 28.89 14.02
C ASN A 317 -0.45 28.71 15.50
N PHE A 318 -1.28 29.59 16.06
CA PHE A 318 -1.58 29.56 17.49
C PHE A 318 -2.73 28.60 17.76
N ARG A 319 -2.59 27.80 18.82
CA ARG A 319 -3.62 26.85 19.22
C ARG A 319 -3.47 26.56 20.70
N VAL A 320 -4.55 26.75 21.46
CA VAL A 320 -4.51 26.51 22.89
C VAL A 320 -4.85 25.05 23.18
N GLN A 321 -4.17 24.47 24.17
CA GLN A 321 -4.33 23.08 24.56
C GLN A 321 -5.25 22.97 25.78
N PRO A 322 -5.99 21.86 25.90
CA PRO A 322 -6.89 21.70 27.04
C PRO A 322 -6.10 21.55 28.35
N THR A 323 -6.73 21.97 29.44
CA THR A 323 -6.08 21.95 30.75
C THR A 323 -6.41 20.67 31.52
N GLU A 324 -7.70 20.44 31.78
CA GLU A 324 -8.13 19.30 32.57
C GLU A 324 -9.30 18.60 31.89
N SER A 325 -9.90 17.65 32.60
CA SER A 325 -11.02 16.87 32.09
C SER A 325 -12.15 16.86 33.12
N ILE A 326 -13.34 16.49 32.66
CA ILE A 326 -14.53 16.45 33.49
C ILE A 326 -15.42 15.31 33.01
N VAL A 327 -15.93 14.51 33.95
CA VAL A 327 -16.76 13.35 33.66
C VAL A 327 -18.03 13.47 34.48
N ARG A 328 -19.19 13.34 33.84
CA ARG A 328 -20.48 13.40 34.50
C ARG A 328 -21.31 12.16 34.17
N PHE A 329 -22.05 11.69 35.15
CA PHE A 329 -22.94 10.55 35.01
C PHE A 329 -24.22 10.80 35.80
N PRO A 330 -25.33 10.19 35.40
CA PRO A 330 -26.60 10.42 36.11
C PRO A 330 -26.55 9.90 37.54
N ASN A 331 -27.52 10.35 38.33
CA ASN A 331 -27.59 9.94 39.73
C ASN A 331 -27.95 8.46 39.85
N ILE A 332 -27.39 7.82 40.86
CA ILE A 332 -27.70 6.41 41.14
C ILE A 332 -28.91 6.37 42.06
N THR A 333 -30.08 6.08 41.50
CA THR A 333 -31.34 6.10 42.24
C THR A 333 -31.74 4.70 42.72
N ASN A 334 -31.84 3.75 41.80
CA ASN A 334 -32.30 2.40 42.12
C ASN A 334 -31.11 1.53 42.49
N LEU A 335 -31.20 0.87 43.65
CA LEU A 335 -30.18 -0.04 44.12
C LEU A 335 -30.75 -1.44 44.27
N CYS A 336 -29.88 -2.43 44.17
CA CYS A 336 -30.30 -3.82 44.30
C CYS A 336 -30.54 -4.15 45.77
N PRO A 337 -31.71 -4.67 46.13
CA PRO A 337 -31.99 -4.92 47.55
C PRO A 337 -31.24 -6.11 48.12
N PHE A 338 -29.93 -5.97 48.29
CA PHE A 338 -29.16 -7.03 48.94
C PHE A 338 -29.44 -7.08 50.43
N GLY A 339 -29.85 -5.96 51.02
CA GLY A 339 -30.18 -5.90 52.43
C GLY A 339 -31.33 -6.81 52.81
N GLU A 340 -32.34 -6.89 51.94
CA GLU A 340 -33.48 -7.76 52.18
C GLU A 340 -33.03 -9.22 52.26
N VAL A 341 -32.06 -9.59 51.42
CA VAL A 341 -31.56 -10.96 51.42
C VAL A 341 -30.69 -11.22 52.64
N PHE A 342 -29.81 -10.27 52.97
CA PHE A 342 -28.88 -10.45 54.08
C PHE A 342 -29.44 -10.02 55.43
N ASN A 343 -30.72 -9.59 55.48
CA ASN A 343 -31.33 -9.24 56.76
C ASN A 343 -32.76 -9.76 56.88
N ALA A 344 -33.04 -10.90 56.24
CA ALA A 344 -34.37 -11.49 56.33
C ALA A 344 -34.58 -12.14 57.70
N THR A 345 -35.78 -11.95 58.25
CA THR A 345 -36.11 -12.51 59.56
C THR A 345 -36.23 -14.02 59.49
N ARG A 346 -37.13 -14.52 58.65
CA ARG A 346 -37.33 -15.96 58.52
C ARG A 346 -36.56 -16.49 57.31
N PHE A 347 -35.76 -17.52 57.53
CA PHE A 347 -35.00 -18.16 56.47
C PHE A 347 -35.66 -19.47 56.04
N ALA A 348 -35.23 -19.97 54.89
CA ALA A 348 -35.79 -21.19 54.33
C ALA A 348 -35.15 -22.42 54.96
N SER A 349 -35.45 -23.59 54.40
CA SER A 349 -34.91 -24.85 54.89
C SER A 349 -33.78 -25.32 53.99
N VAL A 350 -33.20 -26.47 54.35
CA VAL A 350 -32.06 -27.00 53.61
C VAL A 350 -32.52 -27.59 52.28
N TYR A 351 -33.60 -28.36 52.30
CA TYR A 351 -34.07 -29.01 51.08
C TYR A 351 -34.73 -28.05 50.11
N ALA A 352 -35.24 -26.92 50.60
CA ALA A 352 -35.94 -25.93 49.77
C ALA A 352 -35.25 -24.58 49.94
N TRP A 353 -34.26 -24.32 49.11
CA TRP A 353 -33.53 -23.05 49.15
C TRP A 353 -34.24 -22.03 48.27
N ASN A 354 -34.64 -20.91 48.88
CA ASN A 354 -35.40 -19.90 48.16
C ASN A 354 -34.51 -19.11 47.22
N ARG A 355 -35.07 -18.67 46.10
CA ARG A 355 -34.37 -17.88 45.11
C ARG A 355 -34.74 -16.41 45.26
N LYS A 356 -33.80 -15.55 44.89
CA LYS A 356 -33.94 -14.09 45.01
C LYS A 356 -33.50 -13.41 43.73
N ARG A 357 -34.00 -13.89 42.58
CA ARG A 357 -33.69 -13.27 41.30
C ARG A 357 -34.04 -11.80 41.31
N ILE A 358 -33.03 -10.95 41.10
CA ILE A 358 -33.19 -9.51 41.13
C ILE A 358 -32.38 -8.91 39.98
N SER A 359 -32.96 -7.93 39.30
CA SER A 359 -32.30 -7.26 38.20
C SER A 359 -32.86 -5.84 38.09
N ASN A 360 -32.40 -5.11 37.08
CA ASN A 360 -32.82 -3.74 36.81
C ASN A 360 -32.53 -2.84 38.01
N CYS A 361 -31.29 -2.89 38.47
CA CYS A 361 -30.85 -2.10 39.62
C CYS A 361 -29.35 -1.89 39.52
N VAL A 362 -28.80 -1.19 40.51
CA VAL A 362 -27.37 -0.90 40.59
C VAL A 362 -26.83 -1.69 41.78
N ALA A 363 -26.00 -2.69 41.49
CA ALA A 363 -25.45 -3.56 42.52
C ALA A 363 -24.18 -2.93 43.08
N ASP A 364 -24.25 -2.44 44.32
CA ASP A 364 -23.11 -1.86 45.00
C ASP A 364 -22.46 -2.95 45.84
N TYR A 365 -21.42 -3.59 45.30
CA TYR A 365 -20.75 -4.68 45.99
C TYR A 365 -19.83 -4.22 47.11
N SER A 366 -19.65 -2.90 47.27
CA SER A 366 -18.76 -2.37 48.29
C SER A 366 -19.26 -2.59 49.70
N VAL A 367 -20.46 -3.16 49.88
CA VAL A 367 -20.99 -3.44 51.20
C VAL A 367 -20.77 -4.89 51.63
N LEU A 368 -20.33 -5.76 50.71
CA LEU A 368 -20.12 -7.16 51.03
C LEU A 368 -18.71 -7.42 51.57
N TYR A 369 -17.70 -7.09 50.77
CA TYR A 369 -16.32 -7.35 51.18
C TYR A 369 -15.76 -6.28 52.12
N ASN A 370 -16.56 -5.30 52.52
CA ASN A 370 -16.14 -4.28 53.47
C ASN A 370 -16.96 -4.31 54.75
N SER A 371 -17.60 -5.44 55.06
CA SER A 371 -18.40 -5.61 56.26
C SER A 371 -17.79 -6.73 57.10
N ALA A 372 -17.37 -6.40 58.32
CA ALA A 372 -16.75 -7.37 59.22
C ALA A 372 -17.84 -8.12 59.99
N SER A 373 -18.66 -8.85 59.22
CA SER A 373 -19.73 -9.64 59.84
C SER A 373 -19.88 -11.01 59.21
N PHE A 374 -19.00 -11.43 58.30
CA PHE A 374 -19.08 -12.72 57.64
C PHE A 374 -17.92 -13.61 58.07
N SER A 375 -18.02 -14.88 57.70
CA SER A 375 -17.00 -15.88 58.01
C SER A 375 -16.25 -16.36 56.78
N THR A 376 -16.94 -16.54 55.65
CA THR A 376 -16.33 -17.00 54.41
C THR A 376 -16.71 -16.06 53.28
N PHE A 377 -15.71 -15.67 52.49
CA PHE A 377 -15.92 -14.79 51.34
C PHE A 377 -15.16 -15.35 50.14
N LYS A 378 -15.31 -16.64 49.89
CA LYS A 378 -14.58 -17.34 48.84
C LYS A 378 -15.24 -17.07 47.50
N CYS A 379 -14.81 -16.00 46.84
CA CYS A 379 -15.21 -15.75 45.45
C CYS A 379 -14.29 -16.54 44.52
N TYR A 380 -14.88 -17.42 43.71
CA TYR A 380 -14.12 -18.34 42.88
C TYR A 380 -13.92 -17.74 41.49
N GLY A 381 -12.76 -17.13 41.28
CA GLY A 381 -12.36 -16.68 39.97
C GLY A 381 -13.21 -15.56 39.38
N VAL A 382 -13.59 -14.58 40.20
CA VAL A 382 -14.38 -13.45 39.70
C VAL A 382 -13.73 -12.15 40.10
N SER A 383 -12.57 -12.22 40.77
CA SER A 383 -11.83 -11.07 41.23
C SER A 383 -12.72 -10.16 42.07
N PRO A 384 -13.02 -10.52 43.32
CA PRO A 384 -13.99 -9.76 44.12
C PRO A 384 -13.65 -8.29 44.26
N THR A 385 -12.37 -7.94 44.16
CA THR A 385 -11.98 -6.54 44.20
C THR A 385 -12.36 -5.83 42.91
N LYS A 386 -12.26 -6.50 41.77
CA LYS A 386 -12.63 -5.92 40.47
C LYS A 386 -14.02 -6.36 40.06
N LEU A 387 -15.01 -5.93 40.83
CA LEU A 387 -16.41 -6.22 40.54
C LEU A 387 -17.25 -4.98 40.30
N ASN A 388 -16.74 -3.78 40.58
CA ASN A 388 -17.46 -2.54 40.36
C ASN A 388 -17.30 -2.00 38.95
N ASP A 389 -16.80 -2.81 38.02
CA ASP A 389 -16.62 -2.39 36.64
C ASP A 389 -17.31 -3.35 35.68
N LEU A 390 -17.37 -4.63 36.06
CA LEU A 390 -18.03 -5.62 35.24
C LEU A 390 -19.55 -5.55 35.41
N CYS A 391 -20.26 -5.77 34.32
CA CYS A 391 -21.71 -5.71 34.30
C CYS A 391 -22.28 -7.10 34.00
N PHE A 392 -23.32 -7.48 34.73
CA PHE A 392 -23.97 -8.77 34.59
C PHE A 392 -25.44 -8.57 34.20
N THR A 393 -26.17 -9.68 34.14
CA THR A 393 -27.58 -9.67 33.75
C THR A 393 -28.52 -9.96 34.91
N ASN A 394 -28.26 -11.03 35.67
CA ASN A 394 -29.10 -11.39 36.80
C ASN A 394 -28.25 -11.92 37.93
N VAL A 395 -28.69 -11.67 39.16
CA VAL A 395 -27.99 -12.09 40.36
C VAL A 395 -28.95 -12.94 41.19
N TYR A 396 -28.68 -14.24 41.27
CA TYR A 396 -29.51 -15.16 42.04
C TYR A 396 -28.92 -15.31 43.43
N ALA A 397 -29.74 -15.02 44.45
CA ALA A 397 -29.31 -15.11 45.85
C ALA A 397 -30.10 -16.24 46.53
N ASP A 398 -29.37 -17.19 47.11
CA ASP A 398 -29.97 -18.29 47.84
C ASP A 398 -29.88 -18.03 49.34
N SER A 399 -30.64 -18.82 50.10
CA SER A 399 -30.66 -18.66 51.55
C SER A 399 -31.16 -19.96 52.18
N PHE A 400 -30.31 -20.61 52.97
CA PHE A 400 -30.68 -21.80 53.70
C PHE A 400 -29.84 -21.88 54.96
N VAL A 401 -30.27 -22.71 55.91
CA VAL A 401 -29.66 -22.80 57.23
C VAL A 401 -28.96 -24.14 57.37
N ILE A 402 -27.67 -24.11 57.67
CA ILE A 402 -26.87 -25.30 57.93
C ILE A 402 -26.12 -25.10 59.24
N ARG A 403 -25.31 -26.09 59.60
CA ARG A 403 -24.52 -26.03 60.82
C ARG A 403 -23.07 -25.65 60.50
N GLY A 404 -22.25 -25.64 61.56
CA GLY A 404 -20.86 -25.24 61.38
C GLY A 404 -20.06 -26.22 60.54
N ASP A 405 -20.28 -27.51 60.75
CA ASP A 405 -19.56 -28.55 60.02
C ASP A 405 -20.08 -28.76 58.60
N GLU A 406 -20.96 -27.90 58.11
CA GLU A 406 -21.48 -28.00 56.76
C GLU A 406 -21.16 -26.80 55.88
N VAL A 407 -20.59 -25.73 56.45
CA VAL A 407 -20.26 -24.56 55.64
C VAL A 407 -19.10 -24.86 54.69
N ARG A 408 -18.11 -25.62 55.16
CA ARG A 408 -16.97 -25.98 54.33
C ARG A 408 -17.32 -27.01 53.26
N GLN A 409 -18.47 -27.67 53.36
CA GLN A 409 -18.86 -28.66 52.37
C GLN A 409 -19.55 -28.03 51.16
N ILE A 410 -20.10 -26.83 51.30
CA ILE A 410 -20.77 -26.14 50.18
C ILE A 410 -19.68 -25.34 49.48
N ALA A 411 -18.96 -26.02 48.59
CA ALA A 411 -17.86 -25.42 47.84
C ALA A 411 -17.46 -26.33 46.68
N PRO A 412 -17.03 -25.76 45.54
CA PRO A 412 -16.59 -26.60 44.42
C PRO A 412 -15.30 -27.34 44.73
N GLY A 413 -15.38 -28.65 44.89
CA GLY A 413 -14.22 -29.48 45.17
C GLY A 413 -14.22 -30.13 46.53
N GLN A 414 -15.26 -29.97 47.34
CA GLN A 414 -15.34 -30.59 48.67
C GLN A 414 -16.73 -31.16 48.86
N THR A 415 -16.81 -32.46 49.14
CA THR A 415 -18.07 -33.15 49.32
C THR A 415 -18.12 -33.75 50.72
N GLY A 416 -19.26 -34.38 51.03
CA GLY A 416 -19.45 -35.00 52.33
C GLY A 416 -20.85 -35.55 52.50
N LYS A 417 -21.46 -35.29 53.67
CA LYS A 417 -22.82 -35.75 53.91
C LYS A 417 -23.82 -34.97 53.07
N ILE A 418 -23.86 -33.66 53.25
CA ILE A 418 -24.75 -32.79 52.44
C ILE A 418 -23.94 -32.39 51.22
N ALA A 419 -23.94 -33.25 50.23
CA ALA A 419 -23.24 -33.01 48.97
C ALA A 419 -24.12 -33.26 47.75
N ASP A 420 -25.00 -34.26 47.79
CA ASP A 420 -25.86 -34.59 46.68
C ASP A 420 -27.29 -34.87 47.14
N TYR A 421 -27.70 -34.30 48.26
CA TYR A 421 -29.05 -34.50 48.79
C TYR A 421 -29.87 -33.22 48.79
N ASN A 422 -29.33 -32.13 49.33
CA ASN A 422 -30.05 -30.86 49.43
C ASN A 422 -29.62 -29.88 48.34
N TYR A 423 -28.33 -29.58 48.25
CA TYR A 423 -27.82 -28.61 47.30
C TYR A 423 -26.52 -29.12 46.69
N LYS A 424 -26.43 -29.04 45.37
CA LYS A 424 -25.24 -29.43 44.64
C LYS A 424 -24.85 -28.31 43.69
N LEU A 425 -23.61 -27.84 43.80
CA LEU A 425 -23.16 -26.72 42.98
C LEU A 425 -22.26 -27.21 41.86
N PRO A 426 -22.37 -26.61 40.67
CA PRO A 426 -21.46 -26.96 39.58
C PRO A 426 -20.05 -26.47 39.86
N ASP A 427 -19.10 -26.96 39.06
CA ASP A 427 -17.70 -26.59 39.24
C ASP A 427 -17.32 -25.38 38.40
N ASP A 428 -18.13 -24.33 38.47
CA ASP A 428 -17.76 -23.04 37.89
C ASP A 428 -17.92 -21.89 38.88
N PHE A 429 -19.01 -21.86 39.64
CA PHE A 429 -19.24 -20.94 40.75
C PHE A 429 -18.86 -19.49 40.38
N THR A 430 -19.62 -18.93 39.45
CA THR A 430 -19.42 -17.53 39.08
C THR A 430 -19.82 -16.55 40.18
N GLY A 431 -20.26 -16.99 41.36
CA GLY A 431 -20.67 -16.12 42.43
C GLY A 431 -19.70 -16.10 43.59
N CYS A 432 -20.21 -15.82 44.77
CA CYS A 432 -19.41 -15.76 45.99
C CYS A 432 -20.20 -16.44 47.12
N VAL A 433 -19.57 -17.38 47.81
CA VAL A 433 -20.20 -18.03 48.94
C VAL A 433 -20.00 -17.17 50.18
N ILE A 434 -21.09 -16.79 50.83
CA ILE A 434 -21.07 -15.93 52.00
C ILE A 434 -21.88 -16.59 53.11
N ALA A 435 -21.30 -16.64 54.31
CA ALA A 435 -21.97 -17.27 55.45
C ALA A 435 -21.56 -16.55 56.72
N TRP A 436 -22.41 -16.67 57.75
CA TRP A 436 -22.14 -16.07 59.04
C TRP A 436 -22.84 -16.90 60.12
N ASN A 437 -22.29 -16.83 61.33
CA ASN A 437 -22.80 -17.59 62.46
C ASN A 437 -23.91 -16.79 63.13
N SER A 438 -25.13 -17.34 63.10
CA SER A 438 -26.29 -16.71 63.73
C SER A 438 -26.76 -17.62 64.86
N ASN A 439 -26.17 -17.43 66.04
CA ASN A 439 -26.51 -18.21 67.23
C ASN A 439 -27.34 -17.41 68.22
N ASN A 440 -28.22 -16.53 67.73
CA ASN A 440 -29.06 -15.73 68.60
C ASN A 440 -30.51 -15.66 68.16
N LEU A 441 -30.88 -16.29 67.03
CA LEU A 441 -32.25 -16.24 66.55
C LEU A 441 -32.79 -17.66 66.32
N ASP A 442 -31.90 -18.61 66.08
CA ASP A 442 -32.26 -19.99 65.81
C ASP A 442 -31.63 -20.95 66.82
N SER A 443 -31.35 -20.46 68.03
CA SER A 443 -30.72 -21.24 69.08
C SER A 443 -31.49 -21.10 70.38
N LYS A 444 -32.81 -21.20 70.30
CA LYS A 444 -33.66 -21.12 71.48
C LYS A 444 -33.68 -22.45 72.23
N VAL A 445 -34.52 -22.52 73.26
CA VAL A 445 -34.68 -23.75 74.03
C VAL A 445 -35.34 -24.79 73.13
N GLY A 446 -34.61 -25.85 72.82
CA GLY A 446 -35.11 -26.87 71.90
C GLY A 446 -34.82 -26.55 70.45
N GLY A 447 -35.13 -25.34 70.02
CA GLY A 447 -34.85 -24.91 68.67
C GLY A 447 -36.00 -25.18 67.71
N ASN A 448 -35.97 -24.47 66.59
CA ASN A 448 -36.97 -24.65 65.54
C ASN A 448 -36.80 -26.02 64.88
N TYR A 449 -37.91 -26.72 64.70
CA TYR A 449 -37.91 -28.06 64.14
C TYR A 449 -38.31 -28.07 62.67
N ASN A 450 -38.29 -26.93 62.00
CA ASN A 450 -38.57 -26.86 60.57
C ASN A 450 -37.33 -27.02 59.71
N TYR A 451 -36.14 -26.90 60.29
CA TYR A 451 -34.89 -27.08 59.56
C TYR A 451 -34.67 -28.58 59.37
N LEU A 452 -35.05 -29.08 58.19
CA LEU A 452 -35.01 -30.50 57.88
C LEU A 452 -34.06 -30.73 56.72
N TYR A 453 -32.91 -31.33 57.00
CA TYR A 453 -31.96 -31.65 55.94
C TYR A 453 -32.31 -32.99 55.30
N ARG A 454 -32.07 -33.08 53.99
CA ARG A 454 -32.42 -34.28 53.24
C ARG A 454 -31.49 -35.42 53.61
N LEU A 455 -32.07 -36.58 53.91
CA LEU A 455 -31.31 -37.79 54.21
C LEU A 455 -30.95 -38.50 52.90
N PHE A 456 -30.49 -39.74 53.01
CA PHE A 456 -30.14 -40.53 51.84
C PHE A 456 -31.34 -40.67 50.91
N ARG A 457 -31.13 -40.36 49.63
CA ARG A 457 -32.17 -40.40 48.62
C ARG A 457 -31.80 -41.40 47.54
N LYS A 458 -32.83 -42.01 46.95
CA LYS A 458 -32.63 -43.03 45.90
C LYS A 458 -32.51 -42.39 44.52
N SER A 459 -31.62 -41.41 44.40
CA SER A 459 -31.40 -40.70 43.14
C SER A 459 -30.05 -39.98 43.23
N ASN A 460 -29.79 -39.12 42.26
CA ASN A 460 -28.59 -38.31 42.21
C ASN A 460 -29.00 -36.83 42.30
N LEU A 461 -28.01 -35.94 42.21
CA LEU A 461 -28.26 -34.51 42.29
C LEU A 461 -27.52 -33.81 41.15
N LYS A 462 -28.20 -32.86 40.52
CA LYS A 462 -27.66 -32.07 39.43
C LYS A 462 -27.38 -30.64 39.89
N PRO A 463 -26.51 -29.91 39.19
CA PRO A 463 -26.26 -28.51 39.55
C PRO A 463 -27.54 -27.68 39.48
N PHE A 464 -27.82 -26.97 40.57
CA PHE A 464 -29.02 -26.14 40.71
C PHE A 464 -30.28 -26.97 40.51
N GLU A 465 -30.45 -27.96 41.39
CA GLU A 465 -31.60 -28.86 41.35
C GLU A 465 -32.18 -28.98 42.75
N ARG A 466 -33.41 -28.53 42.94
CA ARG A 466 -34.12 -28.66 44.19
C ARG A 466 -35.13 -29.79 44.12
N ASP A 467 -35.39 -30.42 45.28
CA ASP A 467 -36.30 -31.56 45.34
C ASP A 467 -36.99 -31.53 46.70
N ILE A 468 -38.21 -31.01 46.73
CA ILE A 468 -39.02 -30.97 47.94
C ILE A 468 -40.00 -32.14 47.86
N SER A 469 -39.77 -33.16 48.68
CA SER A 469 -40.60 -34.35 48.68
C SER A 469 -40.47 -35.06 50.03
N THR A 470 -41.60 -35.51 50.56
CA THR A 470 -41.64 -36.24 51.82
C THR A 470 -41.80 -37.74 51.62
N GLU A 471 -41.39 -38.26 50.47
CA GLU A 471 -41.51 -39.69 50.19
C GLU A 471 -40.57 -40.49 51.07
N ILE A 472 -41.12 -41.51 51.74
CA ILE A 472 -40.32 -42.32 52.65
C ILE A 472 -39.31 -43.14 51.85
N TYR A 473 -38.08 -43.18 52.34
CA TYR A 473 -37.01 -43.89 51.65
C TYR A 473 -37.19 -45.40 51.81
N GLN A 474 -37.03 -46.13 50.71
CA GLN A 474 -37.11 -47.59 50.71
C GLN A 474 -35.75 -48.15 50.31
N ALA A 475 -35.18 -49.00 51.17
CA ALA A 475 -33.85 -49.54 50.93
C ALA A 475 -33.84 -50.68 49.92
N GLY A 476 -35.00 -51.13 49.45
CA GLY A 476 -35.06 -52.19 48.48
C GLY A 476 -36.16 -53.21 48.75
N SER A 477 -36.72 -53.17 49.96
CA SER A 477 -37.78 -54.09 50.35
C SER A 477 -39.12 -53.56 49.83
N THR A 478 -40.22 -54.15 50.30
CA THR A 478 -41.54 -53.70 49.89
C THR A 478 -41.79 -52.29 50.42
N PRO A 479 -42.37 -51.40 49.62
CA PRO A 479 -42.64 -50.04 50.10
C PRO A 479 -43.77 -50.02 51.12
N CYS A 480 -43.58 -49.24 52.18
CA CYS A 480 -44.60 -49.15 53.22
C CYS A 480 -45.81 -48.37 52.74
N ASN A 481 -45.59 -47.28 51.99
CA ASN A 481 -46.64 -46.39 51.52
C ASN A 481 -47.48 -45.84 52.67
N GLY A 482 -46.86 -45.69 53.84
CA GLY A 482 -47.54 -45.17 55.01
C GLY A 482 -46.64 -44.31 55.88
N VAL A 483 -46.63 -44.56 57.17
CA VAL A 483 -45.79 -43.83 58.12
C VAL A 483 -44.91 -44.86 58.82
N GLU A 484 -43.72 -45.07 58.26
CA GLU A 484 -42.74 -46.01 58.80
C GLU A 484 -43.35 -47.41 58.97
N GLY A 485 -43.97 -47.90 57.91
CA GLY A 485 -44.61 -49.19 57.94
C GLY A 485 -43.63 -50.35 58.01
N PHE A 486 -42.85 -50.54 56.93
CA PHE A 486 -41.89 -51.63 56.86
C PHE A 486 -40.64 -51.11 56.16
N ASN A 487 -39.55 -50.97 56.92
CA ASN A 487 -38.26 -50.53 56.37
C ASN A 487 -38.38 -49.18 55.68
N CYS A 488 -39.12 -48.25 56.30
CA CYS A 488 -39.30 -46.91 55.79
C CYS A 488 -38.65 -45.90 56.72
N TYR A 489 -38.09 -44.83 56.13
CA TYR A 489 -37.39 -43.82 56.88
C TYR A 489 -37.81 -42.44 56.37
N PHE A 490 -38.16 -41.55 57.28
CA PHE A 490 -38.54 -40.19 56.92
C PHE A 490 -37.28 -39.42 56.52
N PRO A 491 -37.17 -38.98 55.26
CA PRO A 491 -35.91 -38.34 54.82
C PRO A 491 -35.68 -36.95 55.38
N LEU A 492 -36.67 -36.35 56.04
CA LEU A 492 -36.51 -35.01 56.58
C LEU A 492 -36.18 -35.08 58.08
N GLN A 493 -34.91 -35.34 58.34
CA GLN A 493 -34.42 -35.41 59.72
C GLN A 493 -34.25 -34.00 60.29
N SER A 494 -34.71 -33.80 61.51
CA SER A 494 -34.64 -32.49 62.13
C SER A 494 -33.26 -32.22 62.71
N TYR A 495 -33.00 -30.94 63.01
CA TYR A 495 -31.76 -30.50 63.60
C TYR A 495 -31.95 -30.22 65.08
N GLY A 496 -30.94 -30.59 65.88
CA GLY A 496 -30.95 -30.25 67.29
C GLY A 496 -30.19 -28.97 67.56
N PHE A 497 -30.91 -27.86 67.69
CA PHE A 497 -30.31 -26.54 67.87
C PHE A 497 -30.63 -26.05 69.28
N GLN A 498 -29.65 -26.14 70.17
CA GLN A 498 -29.76 -25.66 71.53
C GLN A 498 -28.56 -24.79 71.86
N PRO A 499 -28.72 -23.80 72.74
CA PRO A 499 -27.59 -22.91 73.07
C PRO A 499 -26.62 -23.54 74.05
N THR A 500 -26.32 -24.83 73.86
CA THR A 500 -25.36 -25.53 74.71
C THR A 500 -24.42 -26.43 73.92
N ASN A 501 -24.48 -26.43 72.59
CA ASN A 501 -23.64 -27.30 71.77
C ASN A 501 -22.34 -26.59 71.43
N GLY A 502 -21.45 -27.31 70.73
CA GLY A 502 -20.18 -26.75 70.32
C GLY A 502 -20.31 -25.86 69.10
N VAL A 503 -19.15 -25.34 68.66
CA VAL A 503 -19.13 -24.47 67.49
C VAL A 503 -19.50 -25.22 66.23
N GLY A 504 -19.13 -26.51 66.15
CA GLY A 504 -19.43 -27.30 64.98
C GLY A 504 -20.88 -27.70 64.79
N TYR A 505 -21.78 -27.25 65.67
CA TYR A 505 -23.18 -27.59 65.55
C TYR A 505 -24.07 -26.37 65.82
N GLN A 506 -23.59 -25.17 65.48
CA GLN A 506 -24.40 -23.97 65.66
C GLN A 506 -25.12 -23.60 64.37
N PRO A 507 -26.33 -23.04 64.48
CA PRO A 507 -27.07 -22.67 63.26
C PRO A 507 -26.39 -21.57 62.47
N TYR A 508 -25.94 -21.90 61.26
CA TYR A 508 -25.34 -20.94 60.35
C TYR A 508 -26.33 -20.55 59.26
N ARG A 509 -26.07 -19.39 58.66
CA ARG A 509 -26.88 -18.88 57.56
C ARG A 509 -25.95 -18.51 56.42
N VAL A 510 -26.08 -19.21 55.30
CA VAL A 510 -25.18 -19.06 54.16
C VAL A 510 -25.97 -18.53 52.97
N VAL A 511 -25.44 -17.49 52.33
CA VAL A 511 -26.02 -16.91 51.12
C VAL A 511 -24.99 -17.05 50.00
N VAL A 512 -25.39 -17.72 48.91
CA VAL A 512 -24.51 -17.99 47.79
C VAL A 512 -25.08 -17.27 46.57
N LEU A 513 -24.33 -16.31 46.05
CA LEU A 513 -24.74 -15.59 44.86
C LEU A 513 -24.40 -16.39 43.60
N SER A 514 -25.07 -16.07 42.51
CA SER A 514 -24.88 -16.77 41.23
C SER A 514 -24.99 -15.74 40.11
N PHE A 515 -23.85 -15.25 39.64
CA PHE A 515 -23.83 -14.33 38.52
C PHE A 515 -23.89 -15.09 37.20
N GLU A 516 -24.31 -14.39 36.15
CA GLU A 516 -24.43 -15.00 34.83
C GLU A 516 -24.31 -13.91 33.77
N LEU A 517 -24.20 -14.35 32.52
CA LEU A 517 -24.11 -13.45 31.36
C LEU A 517 -24.89 -14.11 30.23
N LEU A 518 -26.17 -13.74 30.10
CA LEU A 518 -27.02 -14.30 29.07
C LEU A 518 -26.97 -13.44 27.81
N HIS A 519 -27.75 -13.83 26.80
CA HIS A 519 -27.81 -13.10 25.53
C HIS A 519 -28.85 -11.97 25.66
N ALA A 520 -28.51 -11.00 26.50
CA ALA A 520 -29.39 -9.86 26.76
C ALA A 520 -28.53 -8.71 27.26
N PRO A 521 -28.95 -7.46 27.04
CA PRO A 521 -28.17 -6.33 27.53
C PRO A 521 -28.07 -6.33 29.04
N ALA A 522 -26.88 -5.99 29.54
CA ALA A 522 -26.64 -5.95 30.97
C ALA A 522 -27.47 -4.86 31.64
N THR A 523 -28.41 -5.26 32.50
CA THR A 523 -29.30 -4.31 33.17
C THR A 523 -28.88 -4.01 34.61
N VAL A 524 -27.97 -4.80 35.18
CA VAL A 524 -27.50 -4.60 36.54
C VAL A 524 -25.98 -4.50 36.51
N CYS A 525 -25.44 -3.46 37.14
CA CYS A 525 -24.00 -3.25 37.17
C CYS A 525 -23.66 -2.41 38.40
N GLY A 526 -22.39 -2.02 38.51
CA GLY A 526 -21.94 -1.25 39.63
C GLY A 526 -22.03 0.25 39.40
N PRO A 527 -21.93 1.03 40.47
CA PRO A 527 -22.02 2.48 40.35
C PRO A 527 -20.79 3.06 39.66
N LYS A 528 -20.91 4.32 39.26
CA LYS A 528 -19.87 5.07 38.60
C LYS A 528 -19.49 6.29 39.45
N LYS A 529 -18.62 7.15 38.93
CA LYS A 529 -18.17 8.34 39.65
C LYS A 529 -18.58 9.56 38.84
N SER A 530 -18.17 10.74 39.30
CA SER A 530 -18.49 11.98 38.63
C SER A 530 -17.38 12.99 38.91
N THR A 531 -17.48 14.15 38.25
CA THR A 531 -16.50 15.22 38.40
C THR A 531 -17.26 16.53 38.34
N ASN A 532 -16.92 17.46 39.25
CA ASN A 532 -17.59 18.76 39.33
C ASN A 532 -17.50 19.50 38.00
N LEU A 533 -18.60 20.08 37.56
CA LEU A 533 -18.64 20.80 36.29
C LEU A 533 -17.83 22.08 36.36
N VAL A 534 -17.11 22.36 35.27
CA VAL A 534 -16.29 23.56 35.18
C VAL A 534 -16.48 24.18 33.79
N LYS A 535 -17.23 25.28 33.73
CA LYS A 535 -17.51 25.93 32.46
C LYS A 535 -16.52 27.07 32.21
N ASN A 536 -16.66 27.69 31.05
CA ASN A 536 -15.82 28.81 30.62
C ASN A 536 -14.33 28.41 30.59
N LYS A 537 -14.11 27.22 30.03
CA LYS A 537 -12.76 26.68 29.92
C LYS A 537 -12.74 25.52 28.92
N CYS A 538 -11.71 25.45 28.09
CA CYS A 538 -11.60 24.40 27.08
C CYS A 538 -11.08 23.13 27.76
N VAL A 539 -12.00 22.32 28.27
CA VAL A 539 -11.67 21.10 28.96
C VAL A 539 -12.12 19.91 28.12
N ASN A 540 -11.66 18.72 28.51
CA ASN A 540 -12.00 17.48 27.84
C ASN A 540 -13.17 16.83 28.59
N PHE A 541 -14.39 17.08 28.09
CA PHE A 541 -15.59 16.56 28.70
C PHE A 541 -15.81 15.10 28.30
N ASN A 542 -16.39 14.33 29.22
CA ASN A 542 -16.67 12.92 29.00
C ASN A 542 -18.06 12.62 29.56
N PHE A 543 -19.07 12.75 28.70
CA PHE A 543 -20.43 12.42 29.07
C PHE A 543 -20.68 10.92 28.88
N ASN A 544 -21.94 10.51 28.97
CA ASN A 544 -22.32 9.10 28.87
C ASN A 544 -21.85 8.49 27.56
N GLY A 545 -22.34 9.02 26.44
CA GLY A 545 -22.00 8.45 25.15
C GLY A 545 -20.96 9.24 24.37
N LEU A 546 -21.07 10.57 24.38
CA LEU A 546 -20.20 11.39 23.56
C LEU A 546 -19.03 11.93 24.36
N THR A 547 -17.94 12.22 23.67
CA THR A 547 -16.74 12.82 24.25
C THR A 547 -16.28 13.98 23.37
N GLY A 548 -15.23 14.65 23.80
CA GLY A 548 -14.68 15.75 23.02
C GLY A 548 -14.04 16.78 23.93
N THR A 549 -13.48 17.79 23.28
CA THR A 549 -12.82 18.90 23.96
C THR A 549 -13.38 20.21 23.45
N GLY A 550 -13.77 21.08 24.38
CA GLY A 550 -14.33 22.36 24.00
C GLY A 550 -14.65 23.19 25.22
N VAL A 551 -15.08 24.42 24.97
CA VAL A 551 -15.43 25.36 26.01
C VAL A 551 -16.92 25.20 26.34
N LEU A 552 -17.21 24.80 27.56
CA LEU A 552 -18.60 24.62 27.98
C LEU A 552 -19.19 25.96 28.43
N THR A 553 -20.36 26.29 27.89
CA THR A 553 -21.04 27.52 28.22
C THR A 553 -22.53 27.23 28.39
N GLU A 554 -23.16 27.92 29.34
CA GLU A 554 -24.58 27.74 29.61
C GLU A 554 -25.38 28.45 28.52
N SER A 555 -25.99 27.67 27.64
CA SER A 555 -26.79 28.22 26.55
C SER A 555 -28.25 28.36 27.01
N ASN A 556 -29.16 28.66 26.10
CA ASN A 556 -30.57 28.82 26.44
C ASN A 556 -31.53 28.10 25.51
N LYS A 557 -31.06 27.30 24.55
CA LYS A 557 -31.96 26.58 23.66
C LYS A 557 -32.73 25.50 24.41
N LYS A 558 -34.05 25.51 24.27
CA LYS A 558 -34.88 24.53 24.96
C LYS A 558 -34.87 23.19 24.23
N PHE A 559 -34.81 22.11 25.00
CA PHE A 559 -34.83 20.77 24.47
C PHE A 559 -36.16 20.09 24.75
N LEU A 560 -36.40 19.00 24.03
CA LEU A 560 -37.57 18.18 24.27
C LEU A 560 -37.35 17.31 25.51
N PRO A 561 -38.43 16.88 26.17
CA PRO A 561 -38.27 16.10 27.41
C PRO A 561 -37.50 14.80 27.24
N PHE A 562 -37.41 14.27 26.03
CA PHE A 562 -36.73 13.00 25.81
C PHE A 562 -35.36 13.16 25.16
N GLN A 563 -35.11 14.26 24.46
CA GLN A 563 -33.83 14.47 23.79
C GLN A 563 -32.73 14.72 24.81
N GLN A 564 -31.50 14.37 24.43
CA GLN A 564 -30.35 14.47 25.31
C GLN A 564 -29.28 15.43 24.81
N PHE A 565 -28.92 15.37 23.53
CA PHE A 565 -27.87 16.23 22.98
C PHE A 565 -28.27 16.62 21.56
N GLY A 566 -27.95 17.84 21.17
CA GLY A 566 -28.29 18.29 19.83
C GLY A 566 -27.09 18.41 18.93
N ARG A 567 -27.37 18.61 17.64
CA ARG A 567 -26.32 18.77 16.64
C ARG A 567 -26.57 19.98 15.76
N ASP A 568 -25.78 20.14 14.71
CA ASP A 568 -25.91 21.26 13.79
C ASP A 568 -26.13 20.71 12.39
N ILE A 569 -26.14 21.61 11.41
CA ILE A 569 -26.33 21.20 10.01
C ILE A 569 -25.14 20.39 9.53
N ALA A 570 -23.94 20.69 10.04
CA ALA A 570 -22.73 19.97 9.66
C ALA A 570 -22.54 18.70 10.47
N ASP A 571 -23.55 18.27 11.23
CA ASP A 571 -23.48 17.05 12.05
C ASP A 571 -22.31 17.10 13.03
N THR A 572 -22.32 18.08 13.92
CA THR A 572 -21.28 18.23 14.93
C THR A 572 -21.94 18.47 16.28
N THR A 573 -21.30 18.01 17.35
CA THR A 573 -21.83 18.17 18.70
C THR A 573 -21.83 19.64 19.10
N ASP A 574 -23.01 20.19 19.38
CA ASP A 574 -23.13 21.59 19.75
C ASP A 574 -23.62 21.79 21.17
N ALA A 575 -24.71 21.11 21.54
CA ALA A 575 -25.31 21.28 22.85
C ALA A 575 -25.60 19.91 23.47
N VAL A 576 -25.24 19.77 24.75
CA VAL A 576 -25.43 18.54 25.50
C VAL A 576 -26.04 18.87 26.85
N ARG A 577 -27.06 18.10 27.22
CA ARG A 577 -27.75 18.24 28.50
C ARG A 577 -26.94 17.53 29.56
N ASP A 578 -26.78 18.16 30.72
CA ASP A 578 -26.05 17.55 31.82
C ASP A 578 -26.84 16.35 32.35
N PRO A 579 -26.18 15.24 32.68
CA PRO A 579 -26.93 14.07 33.18
C PRO A 579 -27.59 14.29 34.53
N GLN A 580 -26.93 14.99 35.45
CA GLN A 580 -27.47 15.16 36.79
C GLN A 580 -28.54 16.24 36.82
N THR A 581 -28.17 17.47 36.48
CA THR A 581 -29.14 18.56 36.47
C THR A 581 -29.68 18.77 35.06
N LEU A 582 -30.97 19.08 34.96
CA LEU A 582 -31.64 19.27 33.68
C LEU A 582 -31.34 20.67 33.15
N GLU A 583 -30.09 20.87 32.74
CA GLU A 583 -29.63 22.13 32.19
C GLU A 583 -29.01 21.88 30.81
N ILE A 584 -29.20 22.85 29.92
CA ILE A 584 -28.70 22.76 28.55
C ILE A 584 -27.40 23.55 28.48
N LEU A 585 -26.33 22.86 28.10
CA LEU A 585 -25.01 23.47 27.94
C LEU A 585 -24.66 23.60 26.47
N ASP A 586 -23.64 24.40 26.20
CA ASP A 586 -23.16 24.61 24.83
C ASP A 586 -21.69 24.22 24.75
N ILE A 587 -21.29 23.68 23.60
CA ILE A 587 -19.93 23.21 23.37
C ILE A 587 -19.35 23.99 22.20
N THR A 588 -18.36 24.82 22.49
CA THR A 588 -17.68 25.63 21.48
C THR A 588 -16.18 25.41 21.55
N PRO A 589 -15.53 25.10 20.43
CA PRO A 589 -14.07 24.94 20.46
C PRO A 589 -13.38 26.25 20.81
N CYS A 590 -12.25 26.14 21.52
CA CYS A 590 -11.51 27.32 21.93
C CYS A 590 -10.82 27.97 20.74
N SER A 591 -10.23 29.13 20.99
CA SER A 591 -9.64 29.96 19.93
C SER A 591 -8.49 29.26 19.22
N PHE A 592 -8.38 29.48 17.92
CA PHE A 592 -7.29 28.92 17.12
C PHE A 592 -7.12 29.79 15.88
N GLY A 593 -5.86 29.99 15.50
CA GLY A 593 -5.57 30.81 14.34
C GLY A 593 -4.07 30.85 14.09
N GLY A 594 -3.69 31.76 13.18
CA GLY A 594 -2.31 31.94 12.81
C GLY A 594 -1.72 33.20 13.41
N VAL A 595 -0.38 33.25 13.41
CA VAL A 595 0.38 34.38 13.93
C VAL A 595 1.11 35.03 12.76
N SER A 596 0.92 36.34 12.60
CA SER A 596 1.54 37.08 11.51
C SER A 596 2.25 38.30 12.07
N VAL A 597 3.50 38.49 11.68
CA VAL A 597 4.29 39.60 12.15
C VAL A 597 4.10 40.80 11.23
N ILE A 598 4.48 41.97 11.73
CA ILE A 598 4.41 43.22 10.96
C ILE A 598 5.80 43.83 11.03
N THR A 599 6.61 43.61 9.98
CA THR A 599 7.97 44.10 9.96
C THR A 599 8.09 45.36 9.10
N PRO A 600 8.67 46.42 9.65
CA PRO A 600 8.89 47.65 8.86
C PRO A 600 10.14 47.62 7.99
N GLY A 601 10.85 46.50 7.92
CA GLY A 601 12.06 46.41 7.12
C GLY A 601 13.32 46.37 7.97
N THR A 602 14.20 45.40 7.71
CA THR A 602 15.44 45.28 8.47
C THR A 602 16.36 46.47 8.25
N ASN A 603 16.28 47.12 7.09
CA ASN A 603 17.12 48.29 6.84
C ASN A 603 16.64 49.49 7.63
N THR A 604 15.33 49.57 7.90
CA THR A 604 14.79 50.71 8.62
C THR A 604 14.97 50.55 10.13
N SER A 605 14.39 49.51 10.70
CA SER A 605 14.45 49.28 12.13
C SER A 605 14.39 47.78 12.39
N ASN A 606 14.17 47.40 13.66
CA ASN A 606 14.09 46.00 14.04
C ASN A 606 12.89 45.69 14.93
N GLN A 607 12.17 46.68 15.43
CA GLN A 607 11.02 46.43 16.29
C GLN A 607 9.84 45.97 15.44
N VAL A 608 9.22 44.86 15.85
CA VAL A 608 8.11 44.27 15.12
C VAL A 608 6.97 43.99 16.08
N ALA A 609 5.79 43.77 15.51
CA ALA A 609 4.58 43.43 16.26
C ALA A 609 4.01 42.12 15.74
N VAL A 610 3.08 41.56 16.51
CA VAL A 610 2.42 40.31 16.16
C VAL A 610 0.93 40.56 15.99
N LEU A 611 0.27 39.60 15.34
CA LEU A 611 -1.18 39.70 15.06
C LEU A 611 -1.77 38.30 15.14
N TYR A 612 -2.46 38.02 16.26
CA TYR A 612 -3.14 36.74 16.42
C TYR A 612 -4.48 36.81 15.71
N GLN A 613 -4.55 36.17 14.53
CA GLN A 613 -5.75 36.26 13.71
C GLN A 613 -6.91 35.50 14.35
N GLY A 614 -8.05 36.18 14.45
CA GLY A 614 -9.29 35.59 14.98
C GLY A 614 -9.13 35.07 16.40
N VAL A 615 -8.35 35.78 17.21
CA VAL A 615 -8.13 35.40 18.61
C VAL A 615 -8.63 36.54 19.50
N ASN A 616 -9.36 36.16 20.54
CA ASN A 616 -9.87 37.12 21.51
C ASN A 616 -8.72 37.74 22.29
N CYS A 617 -8.95 38.97 22.76
CA CYS A 617 -7.91 39.69 23.49
C CYS A 617 -7.68 39.10 24.88
N THR A 618 -8.71 38.57 25.51
CA THR A 618 -8.61 38.00 26.85
C THR A 618 -8.24 36.52 26.85
N GLU A 619 -7.78 35.99 25.71
CA GLU A 619 -7.40 34.59 25.62
C GLU A 619 -5.90 34.38 25.44
N VAL A 620 -5.23 35.20 24.65
CA VAL A 620 -3.80 35.07 24.43
C VAL A 620 -3.03 35.68 25.60
N ASN A 641 -0.36 48.72 24.15
CA ASN A 641 0.21 47.65 23.36
C ASN A 641 -0.88 46.74 22.80
N VAL A 642 -1.60 46.07 23.70
CA VAL A 642 -2.65 45.14 23.32
C VAL A 642 -3.83 45.92 22.75
N PHE A 643 -4.10 45.75 21.46
CA PHE A 643 -5.22 46.39 20.78
C PHE A 643 -6.05 45.35 20.08
N GLN A 644 -7.37 45.51 20.17
CA GLN A 644 -8.33 44.54 19.64
C GLN A 644 -8.96 45.10 18.37
N THR A 645 -8.53 44.60 17.22
CA THR A 645 -9.11 44.99 15.95
C THR A 645 -10.27 44.05 15.61
N ARG A 646 -10.82 44.23 14.41
CA ARG A 646 -11.88 43.35 13.91
C ARG A 646 -11.34 42.12 13.21
N ALA A 647 -10.01 42.01 13.07
CA ALA A 647 -9.39 40.87 12.42
C ALA A 647 -8.52 40.06 13.38
N GLY A 648 -8.66 40.28 14.70
CA GLY A 648 -7.86 39.57 15.67
C GLY A 648 -7.36 40.45 16.79
N CYS A 649 -6.16 40.16 17.29
CA CYS A 649 -5.55 40.92 18.37
C CYS A 649 -4.17 41.39 17.91
N LEU A 650 -3.97 42.71 17.93
CA LEU A 650 -2.73 43.32 17.48
C LEU A 650 -1.90 43.68 18.71
N ILE A 651 -0.92 42.84 19.05
CA ILE A 651 -0.08 43.06 20.21
C ILE A 651 1.27 43.62 19.76
N GLY A 652 1.56 44.86 20.10
CA GLY A 652 2.83 45.46 19.76
C GLY A 652 2.72 46.85 19.15
N ALA A 653 1.52 47.22 18.74
CA ALA A 653 1.27 48.51 18.10
C ALA A 653 0.34 49.35 18.97
N GLU A 654 0.39 50.65 18.76
CA GLU A 654 -0.44 51.60 19.50
C GLU A 654 -1.46 52.24 18.57
N HIS A 655 -2.63 52.55 19.13
CA HIS A 655 -3.69 53.16 18.35
C HIS A 655 -3.53 54.67 18.28
N VAL A 656 -4.14 55.26 17.26
CA VAL A 656 -4.10 56.71 17.06
C VAL A 656 -5.35 57.13 16.31
N ASN A 657 -5.91 58.27 16.71
CA ASN A 657 -7.15 58.78 16.12
C ASN A 657 -6.86 59.69 14.93
N ASN A 658 -6.06 59.21 13.98
CA ASN A 658 -5.70 59.92 12.76
C ASN A 658 -6.12 59.09 11.56
N SER A 659 -5.77 59.53 10.35
CA SER A 659 -6.11 58.81 9.13
C SER A 659 -5.10 59.10 8.03
N TYR A 660 -4.18 58.18 7.78
CA TYR A 660 -3.19 58.31 6.74
C TYR A 660 -3.44 57.25 5.66
N GLU A 661 -2.54 57.18 4.69
CA GLU A 661 -2.62 56.17 3.65
C GLU A 661 -2.23 54.80 4.22
N CYS A 662 -2.68 53.75 3.55
CA CYS A 662 -2.42 52.38 3.99
C CYS A 662 -1.06 51.94 3.48
N ASP A 663 -0.11 51.79 4.39
CA ASP A 663 1.24 51.35 4.03
C ASP A 663 1.36 49.84 4.20
N ILE A 664 1.01 49.34 5.38
CA ILE A 664 1.03 47.92 5.69
C ILE A 664 -0.41 47.50 6.00
N PRO A 665 -1.10 46.81 5.09
CA PRO A 665 -2.49 46.44 5.37
C PRO A 665 -2.59 45.36 6.43
N ILE A 666 -3.62 45.47 7.27
CA ILE A 666 -3.89 44.53 8.35
C ILE A 666 -5.19 43.79 8.13
N GLY A 667 -6.26 44.52 7.87
CA GLY A 667 -7.57 43.93 7.62
C GLY A 667 -8.67 44.75 8.26
N ALA A 668 -9.88 44.61 7.71
CA ALA A 668 -11.08 45.29 8.19
C ALA A 668 -10.93 46.80 8.20
N GLY A 669 -10.09 47.36 7.33
CA GLY A 669 -9.86 48.78 7.23
C GLY A 669 -8.67 49.28 8.03
N ILE A 670 -8.24 48.51 9.02
CA ILE A 670 -7.12 48.90 9.87
C ILE A 670 -5.83 48.74 9.09
N CYS A 671 -4.98 49.76 9.13
CA CYS A 671 -3.68 49.76 8.48
C CYS A 671 -2.60 50.18 9.47
N ALA A 672 -1.38 49.73 9.23
CA ALA A 672 -0.24 50.01 10.09
C ALA A 672 0.86 50.67 9.29
N SER A 673 1.77 51.33 10.00
CA SER A 673 2.89 52.03 9.37
C SER A 673 3.97 52.26 10.42
N TYR A 674 5.12 52.73 9.96
CA TYR A 674 6.27 53.02 10.81
C TYR A 674 6.54 54.52 10.74
N GLN A 675 6.06 55.26 11.73
CA GLN A 675 6.25 56.69 11.77
C GLN A 675 6.67 57.10 13.19
N THR A 676 7.20 58.32 13.30
CA THR A 676 7.63 58.84 14.59
C THR A 676 6.46 59.10 15.51
N SER A 689 9.48 57.99 20.32
CA SER A 689 9.72 58.50 18.97
C SER A 689 9.20 57.52 17.92
N GLN A 690 10.14 56.81 17.28
CA GLN A 690 9.76 55.84 16.26
C GLN A 690 9.11 54.62 16.88
N SER A 691 7.96 54.22 16.35
CA SER A 691 7.23 53.07 16.84
C SER A 691 6.29 52.57 15.75
N ILE A 692 5.56 51.51 16.06
CA ILE A 692 4.59 50.91 15.16
C ILE A 692 3.20 51.39 15.58
N ILE A 693 2.52 52.08 14.66
CA ILE A 693 1.19 52.63 14.93
C ILE A 693 0.16 51.84 14.13
N ALA A 694 -1.11 52.01 14.51
CA ALA A 694 -2.23 51.38 13.82
C ALA A 694 -3.36 52.39 13.72
N TYR A 695 -3.79 52.67 12.49
CA TYR A 695 -4.79 53.70 12.24
C TYR A 695 -5.76 53.22 11.16
N THR A 696 -6.90 53.92 11.09
CA THR A 696 -7.87 53.65 10.04
C THR A 696 -7.45 54.37 8.76
N MET A 697 -7.39 53.61 7.66
CA MET A 697 -6.93 54.18 6.40
C MET A 697 -7.90 55.23 5.88
N SER A 698 -7.33 56.23 5.22
CA SER A 698 -8.12 57.32 4.62
C SER A 698 -8.24 57.07 3.12
N LEU A 699 -9.46 57.19 2.60
CA LEU A 699 -9.69 56.95 1.18
C LEU A 699 -9.13 58.07 0.31
N GLY A 700 -9.13 59.30 0.82
CA GLY A 700 -8.61 60.41 0.06
C GLY A 700 -8.90 61.72 0.77
N ALA A 701 -8.46 62.80 0.13
CA ALA A 701 -8.64 64.14 0.66
C ALA A 701 -9.97 64.71 0.18
N GLU A 702 -10.74 65.31 1.10
CA GLU A 702 -12.02 65.88 0.75
C GLU A 702 -11.84 67.09 -0.16
N ASN A 703 -12.50 67.05 -1.33
CA ASN A 703 -12.39 68.12 -2.33
C ASN A 703 -13.79 68.39 -2.88
N SER A 704 -14.47 69.35 -2.28
CA SER A 704 -15.80 69.74 -2.74
C SER A 704 -15.70 70.56 -4.02
N VAL A 705 -16.65 70.35 -4.92
CA VAL A 705 -16.70 71.06 -6.19
C VAL A 705 -17.68 72.22 -6.07
N ALA A 706 -17.28 73.38 -6.59
CA ALA A 706 -18.09 74.59 -6.52
C ALA A 706 -19.05 74.63 -7.71
N TYR A 707 -20.12 73.84 -7.57
CA TYR A 707 -21.13 73.78 -8.62
C TYR A 707 -22.13 74.90 -8.48
N SER A 708 -22.62 75.41 -9.61
CA SER A 708 -23.66 76.42 -9.63
C SER A 708 -24.38 76.36 -10.97
N ASN A 709 -25.35 77.25 -11.15
CA ASN A 709 -26.14 77.25 -12.37
C ASN A 709 -25.38 77.83 -13.55
N ASN A 710 -24.45 78.76 -13.32
CA ASN A 710 -23.66 79.38 -14.39
C ASN A 710 -22.21 79.55 -13.92
N SER A 711 -21.40 78.53 -14.20
CA SER A 711 -19.97 78.56 -13.86
C SER A 711 -19.27 77.45 -14.62
N ILE A 712 -18.16 77.79 -15.27
CA ILE A 712 -17.36 76.82 -16.02
C ILE A 712 -15.88 77.15 -15.81
N ALA A 713 -15.07 76.10 -15.73
CA ALA A 713 -13.64 76.23 -15.51
C ALA A 713 -12.91 75.66 -16.72
N ILE A 714 -12.25 76.52 -17.47
CA ILE A 714 -11.51 76.13 -18.68
C ILE A 714 -10.02 76.30 -18.40
N PRO A 715 -9.20 75.28 -18.65
CA PRO A 715 -7.75 75.43 -18.42
C PRO A 715 -7.12 76.38 -19.41
N THR A 716 -5.90 76.82 -19.07
CA THR A 716 -5.16 77.75 -19.91
C THR A 716 -3.80 77.25 -20.34
N ASN A 717 -3.29 76.16 -19.78
CA ASN A 717 -1.98 75.63 -20.12
C ASN A 717 -2.09 74.12 -20.29
N PHE A 718 -0.95 73.47 -20.45
CA PHE A 718 -0.89 72.01 -20.60
C PHE A 718 0.48 71.51 -20.17
N THR A 719 0.52 70.25 -19.75
CA THR A 719 1.76 69.64 -19.28
C THR A 719 1.84 68.23 -19.86
N ILE A 720 2.88 67.96 -20.65
CA ILE A 720 3.09 66.62 -21.18
C ILE A 720 3.70 65.74 -20.10
N SER A 721 3.22 64.49 -20.02
CA SER A 721 3.67 63.57 -18.98
C SER A 721 3.79 62.18 -19.60
N VAL A 722 4.99 61.60 -19.50
CA VAL A 722 5.23 60.25 -20.01
C VAL A 722 5.18 59.27 -18.85
N THR A 723 4.49 58.15 -19.05
CA THR A 723 4.34 57.15 -18.00
C THR A 723 4.99 55.83 -18.41
N THR A 724 4.81 54.79 -17.59
CA THR A 724 5.43 53.50 -17.84
C THR A 724 4.48 52.40 -17.38
N GLU A 725 4.28 51.39 -18.24
CA GLU A 725 3.43 50.25 -17.93
C GLU A 725 4.14 48.99 -18.38
N ILE A 726 4.25 48.01 -17.48
CA ILE A 726 4.97 46.77 -17.74
C ILE A 726 3.97 45.62 -17.70
N LEU A 727 4.11 44.69 -18.67
CA LEU A 727 3.22 43.54 -18.74
C LEU A 727 4.01 42.28 -19.09
N PRO A 728 3.82 41.20 -18.33
CA PRO A 728 4.50 39.95 -18.68
C PRO A 728 3.98 39.40 -20.00
N VAL A 729 4.83 38.65 -20.70
CA VAL A 729 4.53 38.11 -22.01
C VAL A 729 4.63 36.59 -22.03
N SER A 730 5.82 36.05 -21.73
CA SER A 730 6.07 34.63 -21.83
C SER A 730 6.78 34.13 -20.58
N MET A 731 7.04 32.82 -20.55
CA MET A 731 7.73 32.18 -19.45
C MET A 731 8.93 31.38 -19.94
N THR A 732 9.53 30.58 -19.07
CA THR A 732 10.63 29.69 -19.42
C THR A 732 10.07 28.36 -19.92
N LYS A 733 10.67 27.84 -20.97
CA LYS A 733 10.24 26.57 -21.56
C LYS A 733 10.97 25.42 -20.88
N THR A 734 10.20 24.54 -20.23
CA THR A 734 10.76 23.41 -19.51
C THR A 734 10.14 22.11 -20.03
N SER A 735 10.82 21.01 -19.72
CA SER A 735 10.35 19.67 -20.10
C SER A 735 11.02 18.66 -19.18
N VAL A 736 10.21 17.90 -18.44
CA VAL A 736 10.70 16.94 -17.46
C VAL A 736 10.42 15.53 -17.95
N ASP A 737 11.45 14.69 -17.92
CA ASP A 737 11.29 13.28 -18.28
C ASP A 737 10.67 12.53 -17.10
N CYS A 738 9.50 11.91 -17.34
CA CYS A 738 8.78 11.25 -16.26
C CYS A 738 9.52 10.02 -15.77
N THR A 739 10.03 9.20 -16.69
CA THR A 739 10.69 7.96 -16.31
C THR A 739 11.97 8.22 -15.53
N MET A 740 12.80 9.15 -16.03
CA MET A 740 14.05 9.46 -15.34
C MET A 740 13.79 10.15 -14.01
N TYR A 741 12.70 10.89 -13.90
CA TYR A 741 12.35 11.55 -12.64
C TYR A 741 11.92 10.52 -11.59
N ILE A 742 10.91 9.71 -11.92
CA ILE A 742 10.38 8.74 -10.98
C ILE A 742 11.41 7.65 -10.72
N CYS A 743 11.94 7.05 -11.79
CA CYS A 743 12.91 5.97 -11.67
C CYS A 743 14.31 6.53 -11.93
N GLY A 744 15.19 6.33 -10.95
CA GLY A 744 16.56 6.77 -11.10
C GLY A 744 17.40 5.78 -11.89
N ASP A 745 17.02 5.53 -13.14
CA ASP A 745 17.68 4.58 -14.01
C ASP A 745 17.71 3.19 -13.38
N SER A 746 16.50 2.64 -13.18
CA SER A 746 16.33 1.33 -12.57
C SER A 746 15.42 0.49 -13.47
N THR A 747 15.75 -0.78 -13.62
CA THR A 747 14.95 -1.65 -14.48
C THR A 747 13.67 -2.12 -13.78
N GLU A 748 13.79 -2.51 -12.51
CA GLU A 748 12.61 -2.97 -11.77
C GLU A 748 11.61 -1.84 -11.58
N CYS A 749 12.12 -0.62 -11.33
CA CYS A 749 11.23 0.53 -11.20
C CYS A 749 10.49 0.80 -12.49
N SER A 750 11.18 0.70 -13.63
CA SER A 750 10.52 0.90 -14.91
C SER A 750 9.48 -0.18 -15.18
N ASN A 751 9.80 -1.43 -14.83
CA ASN A 751 8.85 -2.52 -15.02
C ASN A 751 7.60 -2.32 -14.16
N LEU A 752 7.79 -1.81 -12.95
CA LEU A 752 6.63 -1.52 -12.09
C LEU A 752 5.84 -0.33 -12.62
N LEU A 753 6.52 0.67 -13.17
CA LEU A 753 5.82 1.85 -13.67
C LEU A 753 5.04 1.54 -14.95
N LEU A 754 5.50 0.54 -15.72
CA LEU A 754 4.82 0.19 -16.95
C LEU A 754 3.39 -0.29 -16.71
N GLN A 755 3.08 -0.73 -15.48
CA GLN A 755 1.74 -1.21 -15.17
C GLN A 755 0.76 -0.09 -14.82
N TYR A 756 1.18 1.16 -14.88
CA TYR A 756 0.31 2.29 -14.56
C TYR A 756 -0.36 2.90 -15.78
N GLY A 757 -0.18 2.31 -16.97
CA GLY A 757 -0.81 2.83 -18.16
C GLY A 757 -0.09 4.04 -18.74
N SER A 758 -0.85 4.95 -19.36
CA SER A 758 -0.26 6.14 -19.98
C SER A 758 -0.39 7.33 -19.05
N PHE A 759 0.52 7.37 -18.07
CA PHE A 759 0.63 8.47 -17.12
C PHE A 759 1.93 9.24 -17.31
N CYS A 760 2.51 9.15 -18.49
CA CYS A 760 3.76 9.85 -18.79
C CYS A 760 3.63 10.64 -20.09
N THR A 761 2.69 10.25 -20.95
CA THR A 761 2.51 10.95 -22.21
C THR A 761 1.71 12.24 -22.03
N GLN A 762 0.73 12.23 -21.12
CA GLN A 762 -0.08 13.42 -20.90
C GLN A 762 0.76 14.57 -20.37
N LEU A 763 1.71 14.27 -19.47
CA LEU A 763 2.56 15.31 -18.91
C LEU A 763 3.44 15.95 -19.98
N ASN A 764 4.06 15.13 -20.83
CA ASN A 764 4.87 15.65 -21.92
C ASN A 764 4.04 16.43 -22.93
N ARG A 765 2.81 15.97 -23.24
CA ARG A 765 1.94 16.73 -24.12
C ARG A 765 1.59 18.08 -23.53
N ALA A 766 1.30 18.12 -22.23
CA ALA A 766 0.98 19.39 -21.57
C ALA A 766 2.18 20.33 -21.59
N LEU A 767 3.38 19.80 -21.33
CA LEU A 767 4.57 20.65 -21.36
C LEU A 767 4.86 21.17 -22.76
N THR A 768 4.68 20.33 -23.79
CA THR A 768 4.89 20.79 -25.16
C THR A 768 3.86 21.85 -25.55
N GLY A 769 2.61 21.68 -25.12
CA GLY A 769 1.61 22.70 -25.37
C GLY A 769 1.94 24.01 -24.68
N ILE A 770 2.42 23.94 -23.43
CA ILE A 770 2.83 25.15 -22.72
C ILE A 770 3.97 25.84 -23.46
N ALA A 771 4.95 25.06 -23.94
CA ALA A 771 6.08 25.65 -24.63
C ALA A 771 5.65 26.32 -25.94
N VAL A 772 4.83 25.64 -26.74
CA VAL A 772 4.40 26.24 -28.00
C VAL A 772 3.51 27.45 -27.75
N GLU A 773 2.74 27.45 -26.66
CA GLU A 773 1.93 28.62 -26.33
C GLU A 773 2.79 29.80 -25.90
N GLN A 774 3.84 29.54 -25.11
CA GLN A 774 4.74 30.62 -24.73
C GLN A 774 5.48 31.18 -25.93
N ASP A 775 5.77 30.33 -26.92
CA ASP A 775 6.38 30.84 -28.15
C ASP A 775 5.39 31.69 -28.95
N LYS A 776 4.15 31.19 -29.10
CA LYS A 776 3.13 31.93 -29.83
C LYS A 776 2.81 33.27 -29.16
N ASN A 777 2.93 33.34 -27.84
CA ASN A 777 2.70 34.61 -27.15
C ASN A 777 3.62 35.70 -27.68
N THR A 778 4.93 35.46 -27.65
CA THR A 778 5.87 36.45 -28.19
C THR A 778 5.70 36.63 -29.69
N GLN A 779 5.42 35.55 -30.42
CA GLN A 779 5.25 35.66 -31.86
C GLN A 779 4.08 36.58 -32.22
N GLU A 780 3.04 36.60 -31.38
CA GLU A 780 1.89 37.46 -31.65
C GLU A 780 2.05 38.85 -31.05
N VAL A 781 2.82 39.00 -29.98
CA VAL A 781 3.00 40.28 -29.33
C VAL A 781 4.00 41.16 -30.07
N PHE A 782 5.19 40.62 -30.37
CA PHE A 782 6.26 41.45 -30.94
C PHE A 782 6.29 41.44 -32.46
N ALA A 783 5.99 40.31 -33.11
CA ALA A 783 6.04 40.21 -34.56
C ALA A 783 4.71 40.69 -35.15
N GLN A 784 4.55 42.01 -35.15
CA GLN A 784 3.37 42.66 -35.70
C GLN A 784 3.69 43.54 -36.91
N VAL A 785 4.95 43.58 -37.33
CA VAL A 785 5.37 44.40 -38.46
C VAL A 785 5.96 43.48 -39.53
N LYS A 786 5.86 43.93 -40.79
CA LYS A 786 6.35 43.16 -41.92
C LYS A 786 7.75 43.60 -42.34
N GLN A 787 7.93 44.90 -42.62
CA GLN A 787 9.21 45.43 -43.06
C GLN A 787 9.94 46.06 -41.88
N ILE A 788 11.25 45.82 -41.82
CA ILE A 788 12.08 46.38 -40.75
C ILE A 788 12.52 47.79 -41.14
N TYR A 789 11.78 48.79 -40.67
CA TYR A 789 12.10 50.17 -40.99
C TYR A 789 13.33 50.62 -40.20
N LYS A 790 14.03 51.62 -40.74
CA LYS A 790 15.22 52.18 -40.11
C LYS A 790 15.12 53.70 -40.06
N THR A 791 15.80 54.29 -39.10
CA THR A 791 15.80 55.73 -38.92
C THR A 791 16.73 56.40 -39.92
N PRO A 792 16.43 57.64 -40.33
CA PRO A 792 17.32 58.35 -41.23
C PRO A 792 18.61 58.73 -40.51
N PRO A 793 19.69 58.96 -41.26
CA PRO A 793 20.96 59.34 -40.62
C PRO A 793 20.87 60.64 -39.84
N ILE A 794 20.35 61.68 -40.47
CA ILE A 794 20.22 62.99 -39.85
C ILE A 794 18.99 63.00 -38.97
N LYS A 795 19.14 63.54 -37.76
CA LYS A 795 18.05 63.62 -36.78
C LYS A 795 17.49 65.03 -36.79
N ASP A 796 16.33 65.21 -37.41
CA ASP A 796 15.67 66.51 -37.51
C ASP A 796 14.19 66.36 -37.17
N PHE A 797 13.91 65.68 -36.04
CA PHE A 797 12.54 65.36 -35.64
C PHE A 797 11.88 66.56 -34.96
N GLY A 798 11.92 67.70 -35.65
CA GLY A 798 11.27 68.91 -35.17
C GLY A 798 11.68 69.36 -33.79
N GLY A 799 12.90 69.03 -33.36
CA GLY A 799 13.37 69.39 -32.04
C GLY A 799 13.10 68.35 -30.97
N PHE A 800 12.39 67.27 -31.29
CA PHE A 800 12.12 66.20 -30.34
C PHE A 800 13.33 65.26 -30.34
N ASN A 801 14.32 65.57 -29.52
CA ASN A 801 15.56 64.80 -29.47
C ASN A 801 15.38 63.65 -28.48
N PHE A 802 15.25 62.42 -28.99
CA PHE A 802 15.12 61.27 -28.13
C PHE A 802 16.48 60.82 -27.62
N SER A 803 17.33 60.35 -28.54
CA SER A 803 18.71 59.97 -28.26
C SER A 803 18.84 58.96 -27.12
N GLN A 804 17.73 58.36 -26.70
CA GLN A 804 17.74 57.37 -25.63
C GLN A 804 16.95 56.11 -25.92
N ILE A 805 16.00 56.15 -26.86
CA ILE A 805 15.26 54.95 -27.24
C ILE A 805 15.71 54.38 -28.57
N LEU A 806 16.43 55.14 -29.39
CA LEU A 806 16.95 54.63 -30.65
C LEU A 806 18.20 53.78 -30.42
N PRO A 807 18.44 52.79 -31.28
CA PRO A 807 19.62 51.93 -31.09
C PRO A 807 20.91 52.72 -31.30
N ASP A 808 21.96 52.29 -30.61
CA ASP A 808 23.28 52.89 -30.72
C ASP A 808 24.29 51.83 -31.16
N PRO A 809 25.15 52.13 -32.14
CA PRO A 809 26.10 51.12 -32.62
C PRO A 809 27.34 51.01 -31.75
N SER A 810 27.30 51.58 -30.55
CA SER A 810 28.44 51.55 -29.65
C SER A 810 28.70 50.13 -29.15
N LYS A 811 27.73 49.55 -28.47
CA LYS A 811 27.89 48.19 -27.96
C LYS A 811 27.55 47.18 -29.06
N PRO A 812 28.12 45.97 -29.01
CA PRO A 812 27.82 44.97 -30.03
C PRO A 812 26.36 44.58 -30.06
N SER A 813 25.80 44.20 -28.91
CA SER A 813 24.38 43.88 -28.80
C SER A 813 23.61 45.19 -28.79
N LYS A 814 23.17 45.59 -29.99
CA LYS A 814 22.54 46.90 -30.17
C LYS A 814 21.22 47.00 -29.44
N ARG A 815 21.21 47.73 -28.32
CA ARG A 815 20.01 48.01 -27.55
C ARG A 815 20.10 49.41 -26.98
N SER A 816 18.94 50.05 -26.81
CA SER A 816 18.91 51.41 -26.31
C SER A 816 19.30 51.46 -24.83
N PHE A 817 19.47 52.68 -24.32
CA PHE A 817 19.87 52.86 -22.92
C PHE A 817 18.78 52.36 -21.99
N ILE A 818 17.51 52.66 -22.30
CA ILE A 818 16.41 52.19 -21.48
C ILE A 818 16.32 50.67 -21.52
N GLU A 819 16.52 50.07 -22.69
CA GLU A 819 16.53 48.62 -22.78
C GLU A 819 17.68 48.02 -22.00
N ASP A 820 18.85 48.67 -22.01
CA ASP A 820 19.98 48.19 -21.21
C ASP A 820 19.65 48.24 -19.72
N LEU A 821 19.02 49.33 -19.26
CA LEU A 821 18.61 49.42 -17.87
C LEU A 821 17.62 48.32 -17.52
N LEU A 822 16.65 48.08 -18.41
CA LEU A 822 15.64 47.06 -18.15
C LEU A 822 16.27 45.67 -18.07
N PHE A 823 17.21 45.36 -18.97
CA PHE A 823 17.88 44.07 -18.95
C PHE A 823 18.84 43.93 -17.78
N ASN A 824 19.37 45.04 -17.25
CA ASN A 824 20.26 44.97 -16.10
C ASN A 824 19.52 44.92 -14.76
N LYS A 825 18.30 45.45 -14.69
CA LYS A 825 17.56 45.41 -13.43
C LYS A 825 17.02 44.00 -13.15
N VAL A 826 16.47 43.34 -14.17
CA VAL A 826 15.93 41.99 -13.99
C VAL A 826 17.04 40.97 -14.16
N THR A 827 17.65 40.56 -13.04
CA THR A 827 18.71 39.57 -13.06
C THR A 827 18.44 38.45 -12.06
N LYS A 854 19.68 21.21 -14.92
CA LYS A 854 19.71 19.96 -15.68
C LYS A 854 20.32 18.83 -14.86
N PHE A 855 19.68 18.48 -13.75
CA PHE A 855 20.20 17.45 -12.86
C PHE A 855 19.28 16.24 -12.83
N ASN A 856 18.02 16.45 -12.45
CA ASN A 856 17.07 15.36 -12.28
C ASN A 856 16.19 15.17 -13.50
N GLY A 857 16.80 14.83 -14.64
CA GLY A 857 16.04 14.55 -15.85
C GLY A 857 15.15 15.67 -16.34
N LEU A 858 15.54 16.92 -16.09
CA LEU A 858 14.76 18.08 -16.53
C LEU A 858 15.69 19.04 -17.26
N THR A 859 15.20 19.61 -18.36
CA THR A 859 15.97 20.54 -19.16
C THR A 859 15.12 21.77 -19.50
N VAL A 860 15.80 22.90 -19.72
CA VAL A 860 15.15 24.15 -20.05
C VAL A 860 15.37 24.41 -21.53
N LEU A 861 14.29 24.42 -22.31
CA LEU A 861 14.38 24.66 -23.73
C LEU A 861 14.66 26.14 -24.02
N PRO A 862 15.51 26.43 -24.99
CA PRO A 862 15.79 27.84 -25.33
C PRO A 862 14.65 28.45 -26.11
N PRO A 863 14.45 29.75 -26.01
CA PRO A 863 13.36 30.40 -26.74
C PRO A 863 13.64 30.45 -28.24
N LEU A 864 12.57 30.57 -29.01
CA LEU A 864 12.70 30.60 -30.47
C LEU A 864 13.29 31.93 -30.95
N LEU A 865 12.81 33.04 -30.40
CA LEU A 865 13.27 34.37 -30.77
C LEU A 865 14.22 34.88 -29.68
N THR A 866 15.47 35.11 -30.05
CA THR A 866 16.44 35.63 -29.10
C THR A 866 16.14 37.08 -28.76
N ASP A 867 16.89 37.62 -27.79
CA ASP A 867 16.69 39.00 -27.37
C ASP A 867 17.05 39.99 -28.47
N GLU A 868 18.02 39.65 -29.33
CA GLU A 868 18.40 40.54 -30.42
C GLU A 868 17.27 40.74 -31.43
N MET A 869 16.55 39.68 -31.78
CA MET A 869 15.41 39.81 -32.68
C MET A 869 14.28 40.62 -32.08
N ILE A 870 14.01 40.47 -30.78
CA ILE A 870 12.99 41.29 -30.13
C ILE A 870 13.41 42.75 -30.10
N ALA A 871 14.69 43.00 -29.82
CA ALA A 871 15.19 44.37 -29.85
C ALA A 871 15.09 44.98 -31.24
N GLN A 872 15.38 44.20 -32.28
CA GLN A 872 15.26 44.70 -33.65
C GLN A 872 13.80 44.96 -34.02
N TYR A 873 12.89 44.10 -33.57
CA TYR A 873 11.47 44.34 -33.80
C TYR A 873 11.02 45.65 -33.15
N THR A 874 11.41 45.85 -31.89
CA THR A 874 11.06 47.09 -31.20
C THR A 874 11.68 48.31 -31.88
N SER A 875 12.92 48.18 -32.35
CA SER A 875 13.56 49.29 -33.05
C SER A 875 12.84 49.61 -34.36
N ALA A 876 12.42 48.59 -35.09
CA ALA A 876 11.67 48.81 -36.33
C ALA A 876 10.33 49.47 -36.05
N LEU A 877 9.64 49.02 -35.01
CA LEU A 877 8.36 49.65 -34.66
C LEU A 877 8.56 51.11 -34.26
N LEU A 878 9.61 51.39 -33.49
CA LEU A 878 9.88 52.78 -33.09
C LEU A 878 10.23 53.64 -34.29
N ALA A 879 11.06 53.13 -35.20
CA ALA A 879 11.42 53.90 -36.39
C ALA A 879 10.19 54.16 -37.26
N GLY A 880 9.34 53.16 -37.46
CA GLY A 880 8.10 53.38 -38.19
C GLY A 880 7.16 54.36 -37.55
N THR A 881 7.03 54.32 -36.22
CA THR A 881 6.16 55.27 -35.53
C THR A 881 6.72 56.70 -35.63
N ILE A 882 8.05 56.83 -35.61
CA ILE A 882 8.66 58.16 -35.69
C ILE A 882 8.53 58.72 -37.10
N THR A 883 8.77 57.89 -38.12
CA THR A 883 8.76 58.38 -39.49
C THR A 883 7.34 58.51 -40.04
N SER A 884 6.62 57.39 -40.11
CA SER A 884 5.29 57.36 -40.71
C SER A 884 4.19 57.81 -39.76
N GLY A 885 4.28 57.46 -38.48
CA GLY A 885 3.25 57.81 -37.53
C GLY A 885 2.27 56.69 -37.27
N TRP A 886 1.09 56.77 -37.87
CA TRP A 886 0.07 55.73 -37.72
C TRP A 886 -0.35 55.14 -39.06
N THR A 887 0.39 55.42 -40.14
CA THR A 887 0.06 54.91 -41.45
C THR A 887 0.83 53.65 -41.81
N PHE A 888 1.77 53.22 -40.97
CA PHE A 888 2.56 52.02 -41.25
C PHE A 888 1.91 50.75 -40.74
N GLY A 889 0.73 50.84 -40.14
CA GLY A 889 0.05 49.66 -39.63
C GLY A 889 -1.20 49.31 -40.41
N ALA A 890 -1.55 50.15 -41.39
CA ALA A 890 -2.72 49.89 -42.22
C ALA A 890 -2.31 49.62 -43.65
N GLY A 891 -1.56 50.53 -44.26
CA GLY A 891 -1.11 50.36 -45.63
C GLY A 891 0.40 50.29 -45.75
N ALA A 892 0.99 51.36 -46.29
CA ALA A 892 2.43 51.45 -46.47
C ALA A 892 2.98 52.63 -45.71
N ALA A 893 4.31 52.68 -45.61
CA ALA A 893 4.97 53.76 -44.90
C ALA A 893 4.84 55.07 -45.66
N LEU A 894 4.28 56.08 -45.00
CA LEU A 894 4.09 57.40 -45.57
C LEU A 894 4.86 58.41 -44.74
N GLN A 895 5.94 58.97 -45.31
CA GLN A 895 6.75 59.93 -44.59
C GLN A 895 5.96 61.20 -44.30
N ILE A 896 6.22 61.80 -43.15
CA ILE A 896 5.50 62.99 -42.70
C ILE A 896 6.33 63.68 -41.62
N PRO A 897 6.45 65.00 -41.64
CA PRO A 897 7.20 65.69 -40.59
C PRO A 897 6.61 65.42 -39.21
N PHE A 898 7.48 65.39 -38.20
CA PHE A 898 7.04 65.06 -36.85
C PHE A 898 6.17 66.17 -36.26
N ALA A 899 6.42 67.41 -36.67
CA ALA A 899 5.60 68.52 -36.17
C ALA A 899 4.16 68.40 -36.64
N MET A 900 3.95 68.12 -37.92
CA MET A 900 2.60 67.92 -38.42
C MET A 900 1.95 66.67 -37.84
N GLN A 901 2.74 65.64 -37.57
CA GLN A 901 2.22 64.44 -36.93
C GLN A 901 1.70 64.77 -35.53
N MET A 902 2.48 65.51 -34.75
CA MET A 902 2.03 65.93 -33.43
C MET A 902 0.84 66.87 -33.49
N ALA A 903 0.78 67.72 -34.52
CA ALA A 903 -0.41 68.56 -34.70
C ALA A 903 -1.65 67.73 -34.97
N TYR A 904 -1.53 66.69 -35.81
CA TYR A 904 -2.67 65.81 -36.05
C TYR A 904 -3.04 65.01 -34.81
N ARG A 905 -2.05 64.65 -33.99
CA ARG A 905 -2.35 64.00 -32.71
C ARG A 905 -3.12 64.93 -31.78
N PHE A 906 -2.71 66.20 -31.70
CA PHE A 906 -3.43 67.16 -30.87
C PHE A 906 -4.83 67.41 -31.40
N ASN A 907 -5.01 67.39 -32.72
CA ASN A 907 -6.31 67.62 -33.33
C ASN A 907 -7.33 66.54 -32.99
N GLY A 908 -6.90 65.42 -32.44
CA GLY A 908 -7.81 64.34 -32.11
C GLY A 908 -8.47 64.50 -30.75
N ILE A 909 -7.76 65.14 -29.81
CA ILE A 909 -8.29 65.33 -28.46
C ILE A 909 -9.05 66.63 -28.29
N GLY A 910 -9.21 67.42 -29.36
CA GLY A 910 -9.96 68.66 -29.27
C GLY A 910 -9.13 69.90 -29.53
N VAL A 911 -7.88 69.89 -29.07
CA VAL A 911 -7.01 71.04 -29.26
C VAL A 911 -6.69 71.22 -30.75
N THR A 912 -6.72 72.46 -31.20
CA THR A 912 -6.47 72.78 -32.61
C THR A 912 -4.96 72.74 -32.88
N GLN A 913 -4.58 73.10 -34.11
CA GLN A 913 -3.18 73.07 -34.51
C GLN A 913 -2.44 74.36 -34.18
N ASN A 914 -3.15 75.47 -34.02
CA ASN A 914 -2.54 76.75 -33.71
C ASN A 914 -1.92 76.78 -32.32
N VAL A 915 -2.20 75.79 -31.47
CA VAL A 915 -1.55 75.70 -30.16
C VAL A 915 -0.18 75.04 -30.28
N LEU A 916 -0.11 73.92 -30.99
CA LEU A 916 1.17 73.23 -31.18
C LEU A 916 2.09 74.06 -32.06
N TYR A 917 1.56 74.64 -33.14
CA TYR A 917 2.39 75.42 -34.04
C TYR A 917 2.91 76.70 -33.38
N GLU A 918 2.54 76.94 -32.12
CA GLU A 918 3.08 78.08 -31.39
C GLU A 918 3.91 77.63 -30.18
N ASN A 919 3.56 76.49 -29.60
CA ASN A 919 4.25 75.99 -28.41
C ASN A 919 5.04 74.72 -28.69
N GLN A 920 5.49 74.54 -29.93
CA GLN A 920 6.33 73.40 -30.27
C GLN A 920 7.58 73.33 -29.39
N LYS A 921 8.23 74.47 -29.14
CA LYS A 921 9.43 74.46 -28.32
C LYS A 921 9.13 74.04 -26.88
N LEU A 922 8.05 74.57 -26.30
CA LEU A 922 7.67 74.19 -24.94
C LEU A 922 7.32 72.71 -24.88
N ILE A 923 6.62 72.20 -25.90
CA ILE A 923 6.25 70.78 -25.90
C ILE A 923 7.48 69.90 -26.00
N ALA A 924 8.44 70.29 -26.85
CA ALA A 924 9.67 69.52 -26.99
C ALA A 924 10.47 69.54 -25.68
N ASN A 925 10.54 70.70 -25.02
CA ASN A 925 11.27 70.77 -23.75
C ASN A 925 10.60 69.90 -22.69
N GLN A 926 9.26 69.94 -22.61
CA GLN A 926 8.56 69.12 -21.63
C GLN A 926 8.74 67.64 -21.93
N PHE A 927 8.72 67.26 -23.21
CA PHE A 927 8.93 65.86 -23.56
C PHE A 927 10.34 65.39 -23.19
N ASN A 928 11.35 66.23 -23.46
CA ASN A 928 12.71 65.87 -23.10
C ASN A 928 12.86 65.76 -21.59
N SER A 929 12.24 66.67 -20.84
CA SER A 929 12.32 66.60 -19.38
C SER A 929 11.63 65.34 -18.86
N ALA A 930 10.49 64.98 -19.46
CA ALA A 930 9.79 63.77 -19.03
C ALA A 930 10.60 62.52 -19.34
N ILE A 931 11.25 62.47 -20.51
CA ILE A 931 12.10 61.33 -20.83
C ILE A 931 13.27 61.24 -19.86
N GLY A 932 13.88 62.38 -19.54
CA GLY A 932 14.97 62.38 -18.58
C GLY A 932 14.53 61.90 -17.20
N LYS A 933 13.36 62.34 -16.76
CA LYS A 933 12.85 61.90 -15.46
C LYS A 933 12.51 60.42 -15.48
N ILE A 934 12.01 59.90 -16.60
CA ILE A 934 11.74 58.46 -16.69
C ILE A 934 13.05 57.67 -16.61
N GLN A 935 14.09 58.16 -17.30
CA GLN A 935 15.40 57.52 -17.23
C GLN A 935 15.92 57.52 -15.79
N ASP A 936 15.81 58.66 -15.11
CA ASP A 936 16.30 58.75 -13.73
C ASP A 936 15.51 57.83 -12.80
N SER A 937 14.21 57.72 -13.01
CA SER A 937 13.39 56.84 -12.18
C SER A 937 13.75 55.38 -12.42
N LEU A 938 14.00 55.00 -13.68
CA LEU A 938 14.37 53.63 -13.97
C LEU A 938 15.76 53.30 -13.46
N SER A 939 16.64 54.30 -13.42
CA SER A 939 18.01 54.04 -12.97
C SER A 939 18.14 54.12 -11.45
N SER A 940 17.20 54.79 -10.79
CA SER A 940 17.28 54.98 -9.34
C SER A 940 16.79 53.75 -8.58
N THR A 941 15.53 53.38 -8.77
CA THR A 941 14.94 52.26 -8.04
C THR A 941 14.97 51.02 -8.91
N ALA A 942 15.27 49.88 -8.31
CA ALA A 942 15.33 48.59 -8.99
C ALA A 942 14.23 47.64 -8.53
N SER A 943 13.15 48.19 -7.98
CA SER A 943 12.04 47.39 -7.47
C SER A 943 10.74 47.64 -8.23
N ALA A 944 10.78 48.37 -9.34
CA ALA A 944 9.59 48.64 -10.12
C ALA A 944 9.21 47.48 -11.04
N LEU A 945 10.18 46.67 -11.45
CA LEU A 945 9.93 45.53 -12.33
C LEU A 945 9.72 44.28 -11.47
N GLY A 946 8.60 44.27 -10.75
CA GLY A 946 8.27 43.15 -9.89
C GLY A 946 7.37 42.13 -10.56
N LYS A 947 6.52 42.60 -11.47
CA LYS A 947 5.62 41.69 -12.17
C LYS A 947 6.40 40.73 -13.07
N LEU A 948 7.55 41.16 -13.58
CA LEU A 948 8.38 40.27 -14.40
C LEU A 948 9.18 39.33 -13.52
N GLN A 949 9.55 39.77 -12.33
CA GLN A 949 10.37 38.94 -11.44
C GLN A 949 9.53 37.88 -10.73
N ASP A 950 8.23 38.15 -10.53
CA ASP A 950 7.38 37.21 -9.82
C ASP A 950 7.25 35.89 -10.58
N VAL A 951 7.19 35.95 -11.92
CA VAL A 951 7.08 34.73 -12.71
C VAL A 951 8.31 33.86 -12.52
N VAL A 952 9.49 34.49 -12.60
CA VAL A 952 10.74 33.74 -12.43
C VAL A 952 10.82 33.16 -11.01
N ASN A 953 10.39 33.95 -10.02
CA ASN A 953 10.41 33.47 -8.64
C ASN A 953 9.49 32.27 -8.46
N GLN A 954 8.28 32.32 -9.05
CA GLN A 954 7.36 31.21 -8.94
C GLN A 954 7.89 29.96 -9.63
N ASN A 955 8.51 30.15 -10.81
CA ASN A 955 9.10 29.00 -11.52
C ASN A 955 10.22 28.37 -10.70
N ALA A 956 11.09 29.20 -10.12
CA ALA A 956 12.18 28.68 -9.30
C ALA A 956 11.65 27.97 -8.07
N GLN A 957 10.61 28.53 -7.44
CA GLN A 957 10.02 27.88 -6.27
C GLN A 957 9.42 26.54 -6.62
N ALA A 958 8.73 26.47 -7.77
CA ALA A 958 8.14 25.19 -8.19
C ALA A 958 9.21 24.15 -8.47
N LEU A 959 10.28 24.55 -9.17
CA LEU A 959 11.37 23.61 -9.44
C LEU A 959 12.04 23.13 -8.15
N ASN A 960 12.28 24.05 -7.22
CA ASN A 960 12.89 23.66 -5.95
C ASN A 960 11.98 22.74 -5.15
N THR A 961 10.66 23.01 -5.16
CA THR A 961 9.72 22.14 -4.47
C THR A 961 9.71 20.74 -5.08
N LEU A 962 9.76 20.66 -6.41
CA LEU A 962 9.82 19.36 -7.08
C LEU A 962 11.09 18.61 -6.70
N VAL A 963 12.23 19.30 -6.72
CA VAL A 963 13.50 18.67 -6.38
C VAL A 963 13.49 18.17 -4.94
N LYS A 964 12.93 18.97 -4.02
CA LYS A 964 12.84 18.55 -2.63
C LYS A 964 11.86 17.38 -2.43
N GLN A 965 10.78 17.34 -3.20
CA GLN A 965 9.87 16.20 -3.18
C GLN A 965 10.48 14.95 -3.77
N LEU A 966 11.52 15.09 -4.61
CA LEU A 966 12.25 13.93 -5.08
C LEU A 966 13.07 13.26 -4.00
N SER A 967 13.12 13.82 -2.79
CA SER A 967 13.90 13.24 -1.71
C SER A 967 13.02 12.94 -0.51
N SER A 968 11.83 12.39 -0.75
CA SER A 968 10.90 12.04 0.31
C SER A 968 10.74 10.53 0.36
N ASN A 969 9.90 10.07 1.29
CA ASN A 969 9.68 8.64 1.49
C ASN A 969 8.24 8.22 1.18
N PHE A 970 7.26 9.03 1.59
CA PHE A 970 5.84 8.72 1.43
C PHE A 970 5.48 7.40 2.11
N GLY A 971 6.34 6.94 3.02
CA GLY A 971 6.18 5.66 3.67
C GLY A 971 7.07 4.60 3.05
N ALA A 972 8.22 4.35 3.66
CA ALA A 972 9.21 3.42 3.13
C ALA A 972 10.28 3.11 4.16
N ILE A 973 11.34 2.43 3.75
CA ILE A 973 12.48 2.13 4.62
C ILE A 973 13.56 3.17 4.39
N SER A 974 13.61 3.73 3.18
CA SER A 974 14.61 4.73 2.84
C SER A 974 14.12 5.52 1.63
N SER A 975 14.79 6.65 1.38
CA SER A 975 14.41 7.50 0.26
C SER A 975 14.95 6.96 -1.06
N VAL A 976 16.25 6.67 -1.10
CA VAL A 976 16.88 6.17 -2.32
C VAL A 976 16.34 4.77 -2.63
N LEU A 977 16.17 4.48 -3.92
CA LEU A 977 15.52 3.25 -4.34
C LEU A 977 16.45 2.05 -4.42
N ASN A 978 17.74 2.26 -4.71
CA ASN A 978 18.66 1.12 -4.80
C ASN A 978 18.94 0.51 -3.43
N ASP A 979 19.02 1.33 -2.39
CA ASP A 979 19.19 0.79 -1.04
C ASP A 979 17.95 0.03 -0.58
N ILE A 980 16.79 0.35 -1.15
CA ILE A 980 15.57 -0.40 -0.82
C ILE A 980 15.69 -1.83 -1.32
N LEU A 981 16.08 -2.00 -2.58
CA LEU A 981 16.21 -3.35 -3.15
C LEU A 981 17.50 -4.04 -2.75
N SER A 982 18.45 -3.31 -2.16
CA SER A 982 19.72 -3.93 -1.78
C SER A 982 19.55 -4.85 -0.57
N ARG A 983 19.13 -4.30 0.57
CA ARG A 983 18.93 -5.08 1.78
C ARG A 983 17.47 -5.42 2.04
N LEU A 984 16.80 -6.10 1.12
CA LEU A 984 15.40 -6.45 1.31
C LEU A 984 15.02 -7.51 0.28
N ASP A 985 13.96 -8.27 0.61
CA ASP A 985 13.44 -9.29 -0.28
C ASP A 985 12.74 -8.64 -1.47
N PRO A 986 12.63 -9.37 -2.59
CA PRO A 986 12.04 -8.78 -3.81
C PRO A 986 10.64 -8.23 -3.59
N PRO A 987 9.72 -8.95 -2.94
CA PRO A 987 8.34 -8.41 -2.84
C PRO A 987 8.25 -7.12 -2.03
N GLU A 988 8.87 -7.07 -0.84
CA GLU A 988 8.81 -5.87 -0.04
C GLU A 988 9.54 -4.72 -0.72
N ALA A 989 10.65 -5.01 -1.39
CA ALA A 989 11.36 -3.97 -2.13
C ALA A 989 10.48 -3.41 -3.25
N GLU A 990 9.76 -4.28 -3.96
CA GLU A 990 8.86 -3.81 -5.01
C GLU A 990 7.72 -2.98 -4.44
N VAL A 991 7.21 -3.36 -3.26
CA VAL A 991 6.15 -2.58 -2.62
C VAL A 991 6.66 -1.19 -2.25
N GLN A 992 7.86 -1.13 -1.65
CA GLN A 992 8.42 0.16 -1.26
C GLN A 992 8.74 1.01 -2.49
N ILE A 993 9.09 0.37 -3.61
CA ILE A 993 9.32 1.12 -4.85
C ILE A 993 8.00 1.65 -5.40
N ASP A 994 6.94 0.85 -5.31
CA ASP A 994 5.62 1.29 -5.76
C ASP A 994 5.12 2.48 -4.93
N ARG A 995 5.42 2.49 -3.63
CA ARG A 995 5.06 3.63 -2.80
C ARG A 995 5.69 4.92 -3.32
N LEU A 996 7.00 4.87 -3.58
CA LEU A 996 7.70 6.04 -4.11
C LEU A 996 7.18 6.41 -5.48
N ILE A 997 6.82 5.42 -6.30
CA ILE A 997 6.29 5.69 -7.62
C ILE A 997 4.98 6.47 -7.53
N THR A 998 4.09 6.02 -6.64
CA THR A 998 2.82 6.73 -6.46
C THR A 998 3.05 8.14 -5.93
N GLY A 999 3.95 8.30 -4.96
CA GLY A 999 4.23 9.62 -4.43
C GLY A 999 4.77 10.57 -5.48
N ARG A 1000 5.74 10.12 -6.28
CA ARG A 1000 6.32 10.97 -7.31
C ARG A 1000 5.33 11.24 -8.44
N LEU A 1001 4.45 10.28 -8.75
CA LEU A 1001 3.39 10.54 -9.71
C LEU A 1001 2.46 11.63 -9.23
N GLN A 1002 2.04 11.58 -7.96
CA GLN A 1002 1.20 12.63 -7.42
C GLN A 1002 1.90 13.98 -7.45
N SER A 1003 3.18 14.01 -7.07
CA SER A 1003 3.93 15.26 -7.08
C SER A 1003 4.02 15.85 -8.49
N LEU A 1004 4.33 15.00 -9.48
CA LEU A 1004 4.47 15.49 -10.85
C LEU A 1004 3.14 15.95 -11.41
N GLN A 1005 2.05 15.26 -11.06
CA GLN A 1005 0.73 15.68 -11.52
C GLN A 1005 0.36 17.04 -10.93
N THR A 1006 0.65 17.24 -9.63
CA THR A 1006 0.37 18.54 -9.02
C THR A 1006 1.22 19.64 -9.67
N TYR A 1007 2.48 19.33 -9.99
CA TYR A 1007 3.34 20.29 -10.66
C TYR A 1007 2.79 20.67 -12.03
N VAL A 1008 2.34 19.68 -12.80
CA VAL A 1008 1.80 19.95 -14.13
C VAL A 1008 0.52 20.78 -14.03
N THR A 1009 -0.32 20.47 -13.04
CA THR A 1009 -1.54 21.23 -12.85
C THR A 1009 -1.25 22.69 -12.52
N GLN A 1010 -0.29 22.92 -11.61
CA GLN A 1010 0.09 24.29 -11.27
C GLN A 1010 0.70 25.01 -12.48
N GLN A 1011 1.50 24.30 -13.28
CA GLN A 1011 2.08 24.92 -14.47
C GLN A 1011 0.99 25.32 -15.47
N LEU A 1012 -0.02 24.47 -15.66
CA LEU A 1012 -1.12 24.83 -16.56
C LEU A 1012 -1.90 26.03 -16.02
N ILE A 1013 -2.19 26.04 -14.71
CA ILE A 1013 -2.92 27.17 -14.13
C ILE A 1013 -2.14 28.47 -14.31
N ARG A 1014 -0.82 28.42 -14.14
CA ARG A 1014 -0.02 29.62 -14.30
C ARG A 1014 0.07 30.03 -15.77
N ALA A 1015 0.19 29.06 -16.68
CA ALA A 1015 0.29 29.37 -18.10
C ALA A 1015 -1.01 29.98 -18.62
N ALA A 1016 -2.15 29.61 -18.05
CA ALA A 1016 -3.40 30.27 -18.45
C ALA A 1016 -3.36 31.76 -18.16
N GLU A 1017 -2.96 32.15 -16.94
CA GLU A 1017 -2.87 33.57 -16.59
C GLU A 1017 -1.80 34.27 -17.42
N ILE A 1018 -0.68 33.59 -17.69
CA ILE A 1018 0.36 34.19 -18.52
C ILE A 1018 -0.13 34.43 -19.94
N ARG A 1019 -0.91 33.51 -20.51
CA ARG A 1019 -1.48 33.71 -21.83
C ARG A 1019 -2.51 34.82 -21.84
N ALA A 1020 -3.32 34.94 -20.80
CA ALA A 1020 -4.25 36.06 -20.70
C ALA A 1020 -3.49 37.39 -20.67
N SER A 1021 -2.43 37.47 -19.87
CA SER A 1021 -1.62 38.67 -19.81
C SER A 1021 -0.93 38.97 -21.14
N ALA A 1022 -0.50 37.93 -21.85
CA ALA A 1022 0.10 38.12 -23.17
C ALA A 1022 -0.90 38.63 -24.19
N ASN A 1023 -2.14 38.13 -24.17
CA ASN A 1023 -3.17 38.68 -25.04
C ASN A 1023 -3.49 40.12 -24.72
N LEU A 1024 -3.57 40.46 -23.42
CA LEU A 1024 -3.76 41.85 -23.03
C LEU A 1024 -2.61 42.73 -23.52
N ALA A 1025 -1.37 42.25 -23.40
CA ALA A 1025 -0.22 43.02 -23.86
C ALA A 1025 -0.21 43.17 -25.37
N ALA A 1026 -0.65 42.15 -26.11
CA ALA A 1026 -0.76 42.28 -27.56
C ALA A 1026 -1.82 43.29 -27.96
N THR A 1027 -2.97 43.30 -27.28
CA THR A 1027 -3.99 44.30 -27.57
C THR A 1027 -3.50 45.70 -27.23
N LYS A 1028 -2.81 45.86 -26.11
CA LYS A 1028 -2.28 47.14 -25.69
C LYS A 1028 -1.10 47.61 -26.53
N MET A 1029 -0.42 46.68 -27.21
CA MET A 1029 0.58 47.02 -28.20
C MET A 1029 -0.03 47.42 -29.53
N SER A 1030 -1.11 46.76 -29.95
CA SER A 1030 -1.82 47.13 -31.16
C SER A 1030 -2.43 48.53 -31.04
N GLU A 1031 -3.30 48.74 -30.05
CA GLU A 1031 -4.01 50.01 -29.93
C GLU A 1031 -3.31 50.98 -28.99
N CYS A 1032 -1.99 51.18 -29.15
CA CYS A 1032 -1.27 52.22 -28.44
C CYS A 1032 -0.37 53.00 -29.39
N VAL A 1033 0.25 52.29 -30.34
CA VAL A 1033 1.32 52.85 -31.14
C VAL A 1033 0.92 52.97 -32.60
N LEU A 1034 0.16 52.00 -33.11
CA LEU A 1034 -0.31 52.01 -34.49
C LEU A 1034 -1.54 52.90 -34.67
N GLY A 1035 -1.82 53.75 -33.71
CA GLY A 1035 -2.97 54.64 -33.80
C GLY A 1035 -3.23 55.29 -32.46
N GLN A 1036 -4.13 56.28 -32.49
CA GLN A 1036 -4.51 57.03 -31.30
C GLN A 1036 -5.83 56.49 -30.78
N SER A 1037 -5.82 56.02 -29.54
CA SER A 1037 -6.99 55.41 -28.92
C SER A 1037 -7.82 56.46 -28.18
N LYS A 1038 -9.13 56.22 -28.10
CA LYS A 1038 -10.04 57.09 -27.39
C LYS A 1038 -10.59 56.44 -26.12
N ARG A 1039 -10.08 55.27 -25.75
CA ARG A 1039 -10.54 54.58 -24.56
C ARG A 1039 -9.95 55.24 -23.32
N VAL A 1040 -10.82 55.56 -22.35
CA VAL A 1040 -10.38 56.30 -21.18
C VAL A 1040 -9.51 55.43 -20.29
N ASP A 1041 -8.33 55.94 -19.93
CA ASP A 1041 -7.43 55.28 -18.99
C ASP A 1041 -6.97 53.91 -19.48
N PHE A 1042 -6.98 53.70 -20.79
CA PHE A 1042 -6.49 52.44 -21.34
C PHE A 1042 -5.02 52.53 -21.74
N CYS A 1043 -4.70 53.40 -22.70
CA CYS A 1043 -3.31 53.62 -23.10
C CYS A 1043 -2.77 54.90 -22.48
N GLY A 1044 -2.66 54.94 -21.16
CA GLY A 1044 -2.15 56.09 -20.46
C GLY A 1044 -3.22 56.82 -19.68
N LYS A 1045 -2.78 57.52 -18.63
CA LYS A 1045 -3.70 58.29 -17.80
C LYS A 1045 -3.88 59.68 -18.39
N GLY A 1046 -5.05 59.94 -18.94
CA GLY A 1046 -5.35 61.20 -19.59
C GLY A 1046 -5.53 61.03 -21.09
N TYR A 1047 -5.52 62.17 -21.78
CA TYR A 1047 -5.67 62.18 -23.22
C TYR A 1047 -4.43 61.58 -23.89
N HIS A 1048 -4.64 60.53 -24.67
CA HIS A 1048 -3.55 59.78 -25.27
C HIS A 1048 -3.05 60.46 -26.53
N LEU A 1049 -1.72 60.51 -26.68
CA LEU A 1049 -1.08 61.09 -27.85
C LEU A 1049 -0.30 60.05 -28.64
N MET A 1050 0.61 59.33 -27.99
CA MET A 1050 1.43 58.33 -28.67
C MET A 1050 2.10 57.46 -27.61
N SER A 1051 2.73 56.38 -28.08
CA SER A 1051 3.41 55.45 -27.20
C SER A 1051 4.62 54.88 -27.93
N PHE A 1052 5.59 54.40 -27.14
CA PHE A 1052 6.81 53.82 -27.66
C PHE A 1052 7.11 52.51 -26.95
N PRO A 1053 7.24 51.41 -27.69
CA PRO A 1053 7.54 50.12 -27.06
C PRO A 1053 9.01 49.96 -26.73
N GLN A 1054 9.26 49.18 -25.68
CA GLN A 1054 10.61 48.88 -25.23
C GLN A 1054 10.70 47.43 -24.84
N SER A 1055 11.80 46.78 -25.24
CA SER A 1055 12.00 45.37 -24.95
C SER A 1055 12.42 45.17 -23.50
N ALA A 1056 12.01 44.03 -22.94
CA ALA A 1056 12.33 43.67 -21.56
C ALA A 1056 12.42 42.16 -21.44
N PRO A 1057 13.19 41.64 -20.46
CA PRO A 1057 13.29 40.18 -20.30
C PRO A 1057 11.95 39.56 -19.94
N HIS A 1058 11.40 38.75 -20.85
CA HIS A 1058 10.11 38.08 -20.66
C HIS A 1058 9.00 39.09 -20.37
N GLY A 1059 8.95 40.14 -21.18
CA GLY A 1059 7.95 41.16 -20.99
C GLY A 1059 8.13 42.29 -22.00
N VAL A 1060 7.34 43.33 -21.81
CA VAL A 1060 7.37 44.51 -22.67
C VAL A 1060 7.03 45.73 -21.83
N VAL A 1061 7.68 46.85 -22.12
CA VAL A 1061 7.51 48.09 -21.37
C VAL A 1061 7.03 49.17 -22.34
N PHE A 1062 5.90 49.78 -22.02
CA PHE A 1062 5.34 50.85 -22.83
C PHE A 1062 5.63 52.20 -22.21
N LEU A 1063 5.76 53.22 -23.05
CA LEU A 1063 5.96 54.60 -22.63
C LEU A 1063 4.82 55.44 -23.19
N HIS A 1064 3.80 55.65 -22.37
CA HIS A 1064 2.59 56.37 -22.79
C HIS A 1064 2.80 57.86 -22.67
N VAL A 1065 2.79 58.56 -23.80
CA VAL A 1065 2.85 60.02 -23.81
C VAL A 1065 1.43 60.56 -23.82
N THR A 1066 1.03 61.19 -22.72
CA THR A 1066 -0.34 61.64 -22.52
C THR A 1066 -0.41 63.16 -22.57
N TYR A 1067 -1.63 63.67 -22.43
CA TYR A 1067 -1.89 65.11 -22.44
C TYR A 1067 -2.72 65.44 -21.21
N VAL A 1068 -2.12 66.15 -20.26
CA VAL A 1068 -2.75 66.47 -18.98
C VAL A 1068 -3.07 67.96 -18.97
N PRO A 1069 -4.27 68.37 -18.57
CA PRO A 1069 -4.57 69.79 -18.46
C PRO A 1069 -3.76 70.46 -17.35
N ALA A 1070 -4.00 71.75 -17.16
CA ALA A 1070 -3.23 72.54 -16.21
C ALA A 1070 -4.11 73.49 -15.43
N GLN A 1071 -3.49 74.49 -14.79
CA GLN A 1071 -4.19 75.47 -13.96
C GLN A 1071 -5.45 75.99 -14.64
N GLU A 1072 -6.53 76.06 -13.87
CA GLU A 1072 -7.83 76.44 -14.38
C GLU A 1072 -8.07 77.95 -14.22
N LYS A 1073 -9.25 78.38 -14.63
CA LYS A 1073 -9.66 79.78 -14.49
C LYS A 1073 -11.18 79.83 -14.56
N ASN A 1074 -11.82 80.37 -13.54
CA ASN A 1074 -13.28 80.37 -13.47
C ASN A 1074 -13.86 81.43 -14.39
N PHE A 1075 -15.03 81.14 -14.95
CA PHE A 1075 -15.74 82.06 -15.83
C PHE A 1075 -17.23 81.91 -15.58
N THR A 1076 -18.03 82.53 -16.46
CA THR A 1076 -19.48 82.44 -16.41
C THR A 1076 -19.99 82.06 -17.79
N THR A 1077 -20.80 81.00 -17.85
CA THR A 1077 -21.29 80.45 -19.11
C THR A 1077 -22.79 80.66 -19.23
N ALA A 1078 -23.28 80.52 -20.45
CA ALA A 1078 -24.70 80.67 -20.76
C ALA A 1078 -25.06 79.68 -21.85
N PRO A 1079 -26.29 79.13 -21.84
CA PRO A 1079 -26.68 78.18 -22.88
C PRO A 1079 -26.63 78.76 -24.29
N ALA A 1080 -27.33 79.86 -24.51
CA ALA A 1080 -27.41 80.47 -25.84
C ALA A 1080 -27.30 81.98 -25.70
N ILE A 1081 -27.49 82.68 -26.82
CA ILE A 1081 -27.40 84.13 -26.86
C ILE A 1081 -28.51 84.66 -27.76
N CYS A 1082 -29.29 85.61 -27.27
CA CYS A 1082 -30.39 86.20 -28.01
C CYS A 1082 -29.98 87.56 -28.57
N HIS A 1083 -30.12 87.71 -29.88
CA HIS A 1083 -29.75 88.96 -30.55
C HIS A 1083 -30.98 89.67 -31.12
N ASP A 1084 -31.73 88.98 -31.97
CA ASP A 1084 -32.92 89.52 -32.62
C ASP A 1084 -34.11 88.59 -32.45
N GLY A 1085 -34.33 88.10 -31.23
CA GLY A 1085 -35.39 87.15 -30.99
C GLY A 1085 -35.09 85.73 -31.42
N LYS A 1086 -33.86 85.46 -31.86
CA LYS A 1086 -33.45 84.13 -32.29
C LYS A 1086 -32.33 83.63 -31.40
N ALA A 1087 -32.41 82.36 -31.01
CA ALA A 1087 -31.43 81.75 -30.12
C ALA A 1087 -30.20 81.35 -30.91
N HIS A 1088 -29.03 81.82 -30.48
CA HIS A 1088 -27.76 81.49 -31.10
C HIS A 1088 -27.02 80.50 -30.24
N PHE A 1089 -26.78 79.31 -30.77
CA PHE A 1089 -26.06 78.26 -30.06
C PHE A 1089 -24.64 78.14 -30.60
N PRO A 1090 -23.67 77.87 -29.73
CA PRO A 1090 -22.28 77.77 -30.19
C PRO A 1090 -22.06 76.55 -31.07
N ARG A 1091 -21.33 76.76 -32.16
CA ARG A 1091 -21.03 75.67 -33.08
C ARG A 1091 -20.10 74.65 -32.45
N GLU A 1092 -18.90 75.08 -32.06
CA GLU A 1092 -17.92 74.23 -31.38
C GLU A 1092 -17.19 75.08 -30.34
N GLY A 1093 -17.71 75.06 -29.12
CA GLY A 1093 -17.11 75.84 -28.06
C GLY A 1093 -18.15 76.23 -27.03
N VAL A 1094 -17.71 77.09 -26.10
CA VAL A 1094 -18.55 77.56 -25.01
C VAL A 1094 -18.64 79.08 -25.08
N PHE A 1095 -19.79 79.61 -24.67
CA PHE A 1095 -20.00 81.04 -24.53
C PHE A 1095 -19.42 81.49 -23.19
N VAL A 1096 -18.24 82.10 -23.23
CA VAL A 1096 -17.49 82.45 -22.02
C VAL A 1096 -17.50 83.97 -21.87
N SER A 1097 -17.84 84.42 -20.67
CA SER A 1097 -17.81 85.84 -20.33
C SER A 1097 -16.82 86.09 -19.21
N ASN A 1098 -16.03 87.16 -19.35
CA ASN A 1098 -15.03 87.52 -18.36
C ASN A 1098 -15.53 88.58 -17.39
N GLY A 1099 -16.86 88.73 -17.28
CA GLY A 1099 -17.43 89.71 -16.37
C GLY A 1099 -18.10 90.87 -17.08
N THR A 1100 -17.52 91.34 -18.17
CA THR A 1100 -18.04 92.47 -18.92
C THR A 1100 -18.51 92.05 -20.31
N HIS A 1101 -17.65 91.41 -21.09
CA HIS A 1101 -17.99 91.02 -22.45
C HIS A 1101 -18.06 89.50 -22.58
N TRP A 1102 -18.65 89.04 -23.67
CA TRP A 1102 -18.81 87.62 -23.96
C TRP A 1102 -17.89 87.22 -25.10
N PHE A 1103 -17.44 85.96 -25.06
CA PHE A 1103 -16.55 85.41 -26.08
C PHE A 1103 -16.93 83.95 -26.33
N VAL A 1104 -16.20 83.31 -27.22
CA VAL A 1104 -16.41 81.90 -27.55
C VAL A 1104 -15.04 81.23 -27.70
N THR A 1105 -14.81 80.16 -26.97
CA THR A 1105 -13.54 79.44 -26.99
C THR A 1105 -13.80 77.94 -26.91
N GLN A 1106 -12.79 77.17 -27.32
CA GLN A 1106 -12.92 75.71 -27.28
C GLN A 1106 -12.91 75.21 -25.85
N ARG A 1107 -13.30 73.94 -25.68
CA ARG A 1107 -13.49 73.37 -24.35
C ARG A 1107 -12.20 72.87 -23.71
N ASN A 1108 -11.10 72.84 -24.45
CA ASN A 1108 -9.83 72.32 -23.93
C ASN A 1108 -8.73 73.36 -23.86
N PHE A 1109 -9.00 74.59 -24.30
CA PHE A 1109 -8.00 75.65 -24.26
C PHE A 1109 -8.67 77.02 -24.33
N TYR A 1110 -8.18 77.97 -23.55
CA TYR A 1110 -8.78 79.30 -23.50
C TYR A 1110 -8.28 80.14 -24.66
N GLU A 1111 -9.08 80.24 -25.72
CA GLU A 1111 -8.80 81.11 -26.85
C GLU A 1111 -10.05 81.92 -27.16
N PRO A 1112 -10.25 83.04 -26.47
CA PRO A 1112 -11.47 83.84 -26.66
C PRO A 1112 -11.50 84.47 -28.04
N GLN A 1113 -12.61 84.24 -28.76
CA GLN A 1113 -12.80 84.80 -30.09
C GLN A 1113 -14.03 85.70 -30.08
N ILE A 1114 -14.09 86.59 -31.07
CA ILE A 1114 -15.21 87.51 -31.20
C ILE A 1114 -16.43 86.74 -31.67
N ILE A 1115 -17.53 86.85 -30.92
CA ILE A 1115 -18.76 86.13 -31.24
C ILE A 1115 -19.36 86.71 -32.51
N THR A 1116 -19.32 85.94 -33.59
CA THR A 1116 -19.84 86.35 -34.89
C THR A 1116 -20.78 85.28 -35.43
N THR A 1117 -21.30 85.53 -36.63
CA THR A 1117 -22.20 84.59 -37.28
C THR A 1117 -21.46 83.39 -37.90
N ASP A 1118 -20.14 83.35 -37.80
CA ASP A 1118 -19.34 82.25 -38.32
C ASP A 1118 -18.99 81.24 -37.24
N ASN A 1119 -19.41 81.47 -36.00
CA ASN A 1119 -19.15 80.55 -34.89
C ASN A 1119 -20.42 80.06 -34.21
N THR A 1120 -21.59 80.47 -34.68
CA THR A 1120 -22.86 80.06 -34.09
C THR A 1120 -23.88 79.81 -35.19
N PHE A 1121 -24.91 79.04 -34.85
CA PHE A 1121 -25.99 78.71 -35.78
C PHE A 1121 -27.33 79.06 -35.14
N VAL A 1122 -28.25 79.54 -35.96
CA VAL A 1122 -29.57 79.97 -35.51
C VAL A 1122 -30.53 78.78 -35.58
N SER A 1123 -31.23 78.52 -34.47
CA SER A 1123 -32.20 77.42 -34.44
C SER A 1123 -33.23 77.74 -33.36
N GLY A 1124 -34.41 78.20 -33.79
CA GLY A 1124 -35.51 78.48 -32.89
C GLY A 1124 -35.57 79.94 -32.50
N ASN A 1125 -36.22 80.20 -31.37
CA ASN A 1125 -36.37 81.56 -30.85
C ASN A 1125 -36.11 81.56 -29.35
N CYS A 1126 -36.02 82.75 -28.78
CA CYS A 1126 -35.66 82.91 -27.37
C CYS A 1126 -36.89 82.84 -26.47
N ASP A 1127 -37.55 81.68 -26.42
CA ASP A 1127 -38.72 81.52 -25.56
C ASP A 1127 -38.69 80.19 -24.82
N VAL A 1128 -37.83 79.27 -25.27
CA VAL A 1128 -37.77 77.92 -24.71
C VAL A 1128 -36.48 77.68 -23.94
N VAL A 1129 -35.38 78.28 -24.38
CA VAL A 1129 -34.08 78.05 -23.73
C VAL A 1129 -34.12 78.67 -22.34
N ILE A 1130 -33.92 77.82 -21.32
CA ILE A 1130 -33.92 78.28 -19.93
C ILE A 1130 -32.52 78.79 -19.63
N GLY A 1131 -32.38 80.11 -19.54
CA GLY A 1131 -31.09 80.72 -19.27
C GLY A 1131 -30.56 81.52 -20.44
N ILE A 1132 -31.47 81.94 -21.33
CA ILE A 1132 -31.07 82.69 -22.52
C ILE A 1132 -30.57 84.07 -22.09
N VAL A 1133 -29.42 84.47 -22.63
CA VAL A 1133 -28.83 85.75 -22.28
C VAL A 1133 -28.91 86.68 -23.49
N ASN A 1134 -28.81 87.98 -23.23
CA ASN A 1134 -28.88 89.00 -24.27
C ASN A 1134 -27.49 89.50 -24.60
N ASN A 1135 -27.19 89.56 -25.90
CA ASN A 1135 -25.91 90.08 -26.38
C ASN A 1135 -26.11 90.51 -27.84
N THR A 1136 -25.00 90.82 -28.51
CA THR A 1136 -25.03 91.28 -29.90
C THR A 1136 -24.08 90.42 -30.72
N VAL A 1137 -24.61 89.77 -31.75
CA VAL A 1137 -23.80 88.94 -32.64
C VAL A 1137 -23.28 89.82 -33.78
N TYR A 1138 -21.98 89.77 -34.02
CA TYR A 1138 -21.35 90.59 -35.04
C TYR A 1138 -21.50 89.94 -36.41
N ASP A 1139 -21.84 90.75 -37.41
CA ASP A 1139 -21.97 90.27 -38.78
C ASP A 1139 -20.89 90.91 -39.63
N PRO A 1140 -19.97 90.14 -40.22
CA PRO A 1140 -18.88 90.75 -40.99
C PRO A 1140 -19.35 91.43 -42.26
N LEU A 1141 -20.54 91.10 -42.78
CA LEU A 1141 -20.99 91.68 -44.03
C LEU A 1141 -21.45 93.13 -43.84
N GLN A 1142 -21.94 93.47 -42.66
CA GLN A 1142 -22.47 94.81 -42.42
C GLN A 1142 -21.44 95.93 -42.56
N PRO A 1143 -20.24 95.84 -41.96
CA PRO A 1143 -19.29 96.95 -42.16
C PRO A 1143 -18.80 97.08 -43.59
N GLU A 1144 -18.63 95.95 -44.29
CA GLU A 1144 -18.17 96.01 -45.68
C GLU A 1144 -19.27 96.54 -46.60
N LEU A 1145 -20.52 96.29 -46.25
CA LEU A 1145 -21.66 96.77 -47.04
C LEU A 1145 -22.06 98.19 -46.67
N ASP A 1146 -21.61 98.70 -45.53
CA ASP A 1146 -21.93 100.06 -45.11
C ASP A 1146 -21.08 101.11 -45.80
N SER A 1147 -20.06 100.70 -46.56
CA SER A 1147 -19.21 101.65 -47.26
C SER A 1147 -19.92 102.28 -48.44
N GLN B 14 -59.40 -20.14 32.88
CA GLN B 14 -60.03 -21.11 31.98
C GLN B 14 -60.20 -20.54 30.58
N CYS B 15 -59.95 -21.37 29.57
CA CYS B 15 -60.06 -20.99 28.17
C CYS B 15 -61.50 -21.29 27.72
N VAL B 16 -62.29 -20.25 27.53
CA VAL B 16 -63.67 -20.37 27.07
C VAL B 16 -63.78 -19.56 25.78
N ASN B 17 -64.19 -20.22 24.71
CA ASN B 17 -64.32 -19.54 23.42
C ASN B 17 -65.69 -18.89 23.31
N LEU B 18 -65.73 -17.71 22.69
CA LEU B 18 -66.99 -17.01 22.49
C LEU B 18 -67.73 -17.57 21.28
N THR B 19 -68.97 -17.98 21.50
CA THR B 19 -69.80 -18.54 20.43
C THR B 19 -70.67 -17.41 19.85
N THR B 20 -71.54 -17.76 18.90
CA THR B 20 -72.43 -16.81 18.23
C THR B 20 -71.64 -15.65 17.63
N ARG B 21 -70.78 -16.00 16.68
CA ARG B 21 -69.94 -15.01 15.99
C ARG B 21 -69.86 -15.38 14.53
N THR B 22 -70.34 -14.50 13.65
CA THR B 22 -70.32 -14.74 12.22
C THR B 22 -68.98 -14.30 11.64
N GLN B 23 -68.89 -14.28 10.31
CA GLN B 23 -67.68 -13.88 9.61
C GLN B 23 -67.92 -12.59 8.83
N LEU B 24 -66.83 -11.99 8.35
CA LEU B 24 -66.88 -10.74 7.61
C LEU B 24 -65.59 -10.57 6.83
N PRO B 25 -65.65 -10.08 5.59
CA PRO B 25 -64.42 -9.89 4.82
C PRO B 25 -63.56 -8.81 5.44
N PRO B 26 -62.23 -8.96 5.37
CA PRO B 26 -61.34 -7.97 5.98
C PRO B 26 -61.24 -6.69 5.18
N ALA B 27 -62.15 -5.75 5.42
CA ALA B 27 -62.11 -4.47 4.73
C ALA B 27 -60.83 -3.71 5.12
N TYR B 28 -60.32 -2.94 4.17
CA TYR B 28 -59.07 -2.20 4.34
C TYR B 28 -59.37 -0.71 4.51
N THR B 29 -58.34 0.04 4.89
CA THR B 29 -58.43 1.48 5.07
C THR B 29 -57.19 2.13 4.48
N ASN B 30 -56.98 3.40 4.78
CA ASN B 30 -55.83 4.15 4.27
C ASN B 30 -55.40 5.16 5.31
N SER B 31 -54.11 5.17 5.62
CA SER B 31 -53.54 6.12 6.59
C SER B 31 -52.99 7.31 5.80
N PHE B 32 -53.52 8.49 6.08
CA PHE B 32 -53.13 9.69 5.35
C PHE B 32 -51.96 10.37 6.05
N THR B 33 -50.74 10.03 5.64
CA THR B 33 -49.51 10.64 6.13
C THR B 33 -49.42 10.56 7.65
N ARG B 34 -49.37 9.33 8.16
CA ARG B 34 -49.22 9.06 9.58
C ARG B 34 -48.15 8.00 9.78
N GLY B 35 -47.58 7.96 10.98
CA GLY B 35 -46.55 6.99 11.30
C GLY B 35 -45.15 7.57 11.27
N VAL B 36 -45.01 8.79 11.80
CA VAL B 36 -43.72 9.48 11.83
C VAL B 36 -43.32 9.64 13.29
N TYR B 37 -42.21 9.00 13.67
CA TYR B 37 -41.70 9.05 15.03
C TYR B 37 -40.28 9.62 15.04
N TYR B 38 -39.87 10.13 16.18
CA TYR B 38 -38.53 10.66 16.34
C TYR B 38 -37.51 9.52 16.26
N PRO B 39 -36.62 9.51 15.27
CA PRO B 39 -35.66 8.39 15.16
C PRO B 39 -34.67 8.33 16.32
N ASP B 40 -34.18 9.47 16.78
CA ASP B 40 -33.19 9.50 17.84
C ASP B 40 -33.44 10.65 18.80
N LYS B 41 -32.47 10.93 19.68
CA LYS B 41 -32.58 11.99 20.68
C LYS B 41 -31.72 13.19 20.33
N VAL B 42 -31.62 13.51 19.03
CA VAL B 42 -30.81 14.63 18.56
C VAL B 42 -31.70 15.84 18.38
N PHE B 43 -31.27 16.98 18.93
CA PHE B 43 -32.01 18.24 18.80
C PHE B 43 -31.54 18.96 17.55
N ARG B 44 -32.31 18.81 16.49
CA ARG B 44 -32.05 19.48 15.22
C ARG B 44 -33.02 20.65 15.08
N SER B 45 -32.50 21.86 14.89
CA SER B 45 -33.30 23.06 14.84
C SER B 45 -33.16 23.75 13.49
N SER B 46 -34.31 23.97 12.84
CA SER B 46 -34.38 24.70 11.57
C SER B 46 -33.48 24.10 10.50
N VAL B 47 -33.42 22.78 10.42
CA VAL B 47 -32.63 22.12 9.39
C VAL B 47 -33.50 21.09 8.67
N LEU B 48 -32.93 20.43 7.65
CA LEU B 48 -33.65 19.41 6.87
C LEU B 48 -32.77 18.17 6.85
N HIS B 49 -32.93 17.32 7.86
CA HIS B 49 -32.12 16.12 7.97
C HIS B 49 -32.70 15.00 7.13
N SER B 50 -31.81 14.17 6.57
CA SER B 50 -32.19 13.04 5.74
C SER B 50 -31.67 11.77 6.37
N THR B 51 -32.57 10.91 6.82
CA THR B 51 -32.22 9.66 7.48
C THR B 51 -33.00 8.51 6.85
N GLN B 52 -32.41 7.31 6.90
CA GLN B 52 -33.04 6.11 6.38
C GLN B 52 -33.25 5.14 7.53
N ASP B 53 -34.49 4.85 7.85
CA ASP B 53 -34.83 3.95 8.96
C ASP B 53 -36.14 3.26 8.62
N LEU B 54 -36.76 2.62 9.61
CA LEU B 54 -38.00 1.88 9.44
C LEU B 54 -39.16 2.81 9.73
N PHE B 55 -39.78 3.36 8.68
CA PHE B 55 -40.94 4.23 8.82
C PHE B 55 -42.12 3.64 8.06
N LEU B 56 -43.31 4.14 8.37
CA LEU B 56 -44.51 3.73 7.67
C LEU B 56 -44.68 4.56 6.40
N PRO B 57 -44.76 3.94 5.22
CA PRO B 57 -44.91 4.73 3.99
C PRO B 57 -46.25 5.46 3.96
N PHE B 58 -46.23 6.67 3.41
CA PHE B 58 -47.45 7.46 3.32
C PHE B 58 -48.40 6.84 2.30
N PHE B 59 -49.69 6.95 2.59
CA PHE B 59 -50.76 6.40 1.74
C PHE B 59 -50.53 4.91 1.50
N SER B 60 -50.47 4.18 2.62
CA SER B 60 -50.24 2.75 2.61
C SER B 60 -51.57 2.00 2.72
N ASN B 61 -51.48 0.68 2.80
CA ASN B 61 -52.66 -0.19 2.88
C ASN B 61 -52.72 -0.73 4.31
N VAL B 62 -53.67 -0.22 5.09
CA VAL B 62 -53.84 -0.56 6.49
C VAL B 62 -55.08 -1.42 6.63
N THR B 63 -54.93 -2.60 7.22
CA THR B 63 -56.06 -3.49 7.43
C THR B 63 -56.91 -3.03 8.61
N TRP B 64 -58.22 -3.08 8.46
CA TRP B 64 -59.16 -2.60 9.47
C TRP B 64 -59.75 -3.76 10.25
N PHE B 65 -59.83 -3.58 11.57
CA PHE B 65 -60.47 -4.55 12.46
C PHE B 65 -61.33 -3.79 13.45
N HIS B 66 -62.62 -4.13 13.51
CA HIS B 66 -63.57 -3.46 14.37
C HIS B 66 -64.39 -4.49 15.14
N ALA B 67 -65.15 -4.00 16.13
CA ALA B 67 -66.01 -4.85 16.94
C ALA B 67 -67.26 -4.10 17.36
N ILE B 68 -68.35 -4.26 16.60
CA ILE B 68 -69.60 -3.55 16.84
C ILE B 68 -70.73 -4.56 16.90
N HIS B 69 -71.60 -4.42 17.90
CA HIS B 69 -72.76 -5.29 18.09
C HIS B 69 -73.98 -4.40 18.36
N VAL B 70 -74.71 -4.07 17.30
CA VAL B 70 -75.90 -3.23 17.42
C VAL B 70 -77.12 -4.01 16.93
N SER B 71 -78.29 -3.39 17.00
CA SER B 71 -79.52 -4.03 16.55
C SER B 71 -79.53 -4.34 15.07
N GLY B 72 -78.80 -3.56 14.25
CA GLY B 72 -78.72 -3.86 12.84
C GLY B 72 -77.82 -5.04 12.54
N THR B 73 -76.87 -5.31 13.44
CA THR B 73 -75.92 -6.42 13.30
C THR B 73 -76.22 -7.55 14.26
N ASN B 74 -77.50 -7.84 14.50
CA ASN B 74 -77.88 -8.91 15.42
C ASN B 74 -77.49 -10.26 14.83
N GLY B 75 -76.95 -11.13 15.68
CA GLY B 75 -76.51 -12.44 15.24
C GLY B 75 -75.04 -12.47 14.90
N THR B 76 -74.51 -11.33 14.47
CA THR B 76 -73.09 -11.27 14.10
C THR B 76 -72.20 -11.20 15.33
N LYS B 77 -72.42 -10.21 16.19
CA LYS B 77 -71.61 -10.00 17.39
C LYS B 77 -70.12 -9.90 17.02
N ARG B 78 -69.80 -8.86 16.26
CA ARG B 78 -68.45 -8.69 15.73
C ARG B 78 -67.45 -8.53 16.87
N PHE B 79 -66.43 -9.40 16.86
CA PHE B 79 -65.38 -9.37 17.87
C PHE B 79 -64.06 -9.85 17.27
N ASP B 80 -63.24 -8.91 16.80
CA ASP B 80 -62.03 -9.28 16.07
C ASP B 80 -60.81 -9.27 16.99
N ASN B 81 -60.04 -10.35 16.95
CA ASN B 81 -58.76 -10.44 17.64
C ASN B 81 -57.88 -11.50 16.99
N PRO B 82 -57.47 -11.32 15.74
CA PRO B 82 -56.66 -12.35 15.07
C PRO B 82 -55.22 -12.32 15.55
N VAL B 83 -54.48 -13.35 15.15
CA VAL B 83 -53.06 -13.47 15.47
C VAL B 83 -52.30 -12.97 14.24
N LEU B 84 -51.96 -11.68 14.24
CA LEU B 84 -51.29 -11.06 13.11
C LEU B 84 -49.78 -11.20 13.25
N PRO B 85 -49.08 -11.41 12.13
CA PRO B 85 -47.63 -11.56 12.17
C PRO B 85 -46.91 -10.27 12.51
N PHE B 86 -45.89 -10.36 13.38
CA PHE B 86 -45.05 -9.22 13.74
C PHE B 86 -43.72 -9.40 13.03
N ASN B 87 -43.62 -8.88 11.81
CA ASN B 87 -42.44 -9.08 11.00
C ASN B 87 -41.33 -8.09 11.36
N ASP B 88 -41.58 -6.80 11.13
CA ASP B 88 -40.59 -5.78 11.46
C ASP B 88 -41.14 -4.77 12.46
N GLY B 89 -42.33 -4.24 12.18
CA GLY B 89 -42.96 -3.26 13.04
C GLY B 89 -44.44 -3.12 12.75
N VAL B 90 -45.24 -2.87 13.77
CA VAL B 90 -46.70 -2.78 13.64
C VAL B 90 -47.15 -1.41 14.11
N TYR B 91 -47.87 -0.70 13.24
CA TYR B 91 -48.47 0.58 13.57
C TYR B 91 -49.89 0.33 14.06
N PHE B 92 -50.08 0.39 15.37
CA PHE B 92 -51.36 0.09 16.01
C PHE B 92 -52.05 1.40 16.38
N ALA B 93 -53.13 1.71 15.68
CA ALA B 93 -53.95 2.89 15.96
C ALA B 93 -55.37 2.44 16.24
N SER B 94 -55.87 2.79 17.42
CA SER B 94 -57.19 2.32 17.88
C SER B 94 -58.00 3.51 18.36
N THR B 95 -59.23 3.62 17.86
CA THR B 95 -60.18 4.63 18.32
C THR B 95 -61.21 3.98 19.22
N GLU B 96 -61.52 4.66 20.32
CA GLU B 96 -62.46 4.15 21.31
C GLU B 96 -63.00 5.31 22.13
N LYS B 97 -63.99 5.02 22.96
CA LYS B 97 -64.60 6.02 23.82
C LYS B 97 -64.77 5.58 25.27
N SER B 98 -64.69 4.29 25.58
CA SER B 98 -64.87 3.79 26.93
C SER B 98 -63.75 2.81 27.27
N ASN B 99 -62.57 3.03 26.68
CA ASN B 99 -61.38 2.22 26.93
C ASN B 99 -61.64 0.74 26.68
N ILE B 100 -61.95 0.38 25.45
CA ILE B 100 -62.20 -1.01 25.08
C ILE B 100 -60.90 -1.77 24.86
N ILE B 101 -60.00 -1.23 24.05
CA ILE B 101 -58.72 -1.88 23.79
C ILE B 101 -57.84 -1.75 25.03
N ARG B 102 -57.37 -2.89 25.55
CA ARG B 102 -56.59 -2.90 26.77
C ARG B 102 -55.09 -2.99 26.49
N GLY B 103 -54.67 -4.04 25.80
CA GLY B 103 -53.27 -4.23 25.53
C GLY B 103 -52.96 -5.18 24.37
N TRP B 104 -51.76 -5.73 24.37
CA TRP B 104 -51.31 -6.62 23.30
C TRP B 104 -50.59 -7.82 23.90
N ILE B 105 -50.53 -8.90 23.14
CA ILE B 105 -49.86 -10.12 23.55
C ILE B 105 -48.89 -10.50 22.44
N PHE B 106 -47.61 -10.20 22.64
CA PHE B 106 -46.58 -10.52 21.66
C PHE B 106 -46.08 -11.95 21.91
N GLY B 107 -45.00 -12.33 21.23
CA GLY B 107 -44.41 -13.65 21.40
C GLY B 107 -43.96 -14.22 20.08
N THR B 108 -43.32 -15.39 20.16
CA THR B 108 -42.82 -16.09 18.97
C THR B 108 -43.84 -17.13 18.50
N THR B 109 -44.18 -18.07 19.38
CA THR B 109 -45.12 -19.13 19.04
C THR B 109 -46.34 -19.18 19.95
N LEU B 110 -46.22 -18.72 21.20
CA LEU B 110 -47.31 -18.71 22.16
C LEU B 110 -47.88 -20.12 22.36
N ASP B 111 -47.01 -21.03 22.80
CA ASP B 111 -47.40 -22.41 23.02
C ASP B 111 -46.80 -22.91 24.34
N SER B 112 -46.58 -22.00 25.29
CA SER B 112 -46.01 -22.34 26.60
C SER B 112 -44.68 -23.05 26.45
N LYS B 113 -43.91 -22.67 25.43
CA LYS B 113 -42.58 -23.22 25.19
C LYS B 113 -41.49 -22.18 25.38
N THR B 114 -41.59 -21.04 24.72
CA THR B 114 -40.65 -19.95 24.87
C THR B 114 -41.28 -18.84 25.70
N GLN B 115 -40.57 -17.74 25.85
CA GLN B 115 -41.05 -16.58 26.61
C GLN B 115 -41.68 -15.55 25.68
N SER B 116 -42.67 -14.85 26.20
CA SER B 116 -43.44 -13.89 25.42
C SER B 116 -43.76 -12.67 26.26
N LEU B 117 -43.90 -11.53 25.60
CA LEU B 117 -44.23 -10.29 26.26
C LEU B 117 -45.74 -10.21 26.51
N LEU B 118 -46.11 -9.47 27.56
CA LEU B 118 -47.51 -9.33 27.92
C LEU B 118 -47.81 -7.93 28.44
N ILE B 119 -48.36 -7.07 27.60
CA ILE B 119 -48.75 -5.73 28.01
C ILE B 119 -50.26 -5.68 28.14
N VAL B 120 -50.75 -5.41 29.34
CA VAL B 120 -52.19 -5.39 29.60
C VAL B 120 -52.46 -4.53 30.82
N ASN B 121 -53.47 -3.66 30.70
CA ASN B 121 -53.92 -2.83 31.81
C ASN B 121 -55.36 -3.23 32.16
N ASN B 122 -55.52 -3.87 33.33
CA ASN B 122 -56.82 -4.44 33.66
C ASN B 122 -57.78 -3.39 34.22
N ALA B 123 -57.50 -2.87 35.42
CA ALA B 123 -58.30 -1.80 35.98
C ALA B 123 -57.49 -0.70 36.67
N THR B 124 -56.27 -1.00 37.11
CA THR B 124 -55.51 -0.02 37.90
C THR B 124 -54.06 0.17 37.46
N ASN B 125 -53.42 -0.81 36.86
CA ASN B 125 -52.01 -0.73 36.53
C ASN B 125 -51.74 -1.43 35.21
N VAL B 126 -50.56 -1.19 34.64
CA VAL B 126 -50.16 -1.79 33.38
C VAL B 126 -49.06 -2.81 33.64
N VAL B 127 -49.44 -4.08 33.79
CA VAL B 127 -48.47 -5.12 34.10
C VAL B 127 -47.77 -5.56 32.81
N ILE B 128 -46.44 -5.60 32.86
CA ILE B 128 -45.64 -6.00 31.71
C ILE B 128 -44.72 -7.14 32.11
N LYS B 129 -45.10 -8.36 31.73
CA LYS B 129 -44.30 -9.54 32.07
C LYS B 129 -43.74 -10.20 30.83
N VAL B 130 -42.58 -10.82 30.98
CA VAL B 130 -41.92 -11.54 29.90
C VAL B 130 -41.80 -13.00 30.29
N CYS B 131 -42.76 -13.48 31.08
CA CYS B 131 -42.80 -14.85 31.54
C CYS B 131 -43.23 -15.77 30.40
N GLU B 132 -43.30 -17.07 30.68
CA GLU B 132 -43.74 -18.07 29.71
C GLU B 132 -45.17 -18.47 30.08
N PHE B 133 -46.13 -17.81 29.45
CA PHE B 133 -47.54 -18.05 29.73
C PHE B 133 -48.10 -19.14 28.81
N GLN B 134 -49.34 -19.54 29.09
CA GLN B 134 -50.10 -20.45 28.23
C GLN B 134 -51.42 -19.76 27.91
N PHE B 135 -51.47 -19.03 26.80
CA PHE B 135 -52.64 -18.26 26.45
C PHE B 135 -53.72 -19.19 25.89
N CYS B 136 -54.88 -18.62 25.56
CA CYS B 136 -55.99 -19.34 24.96
C CYS B 136 -56.06 -19.01 23.47
N ASN B 137 -57.07 -19.52 22.78
CA ASN B 137 -57.28 -19.19 21.38
C ASN B 137 -58.10 -17.93 21.16
N ASP B 138 -58.69 -17.37 22.22
CA ASP B 138 -59.44 -16.12 22.13
C ASP B 138 -59.38 -15.44 23.50
N PRO B 139 -58.26 -14.80 23.82
CA PRO B 139 -58.14 -14.11 25.11
C PRO B 139 -59.05 -12.89 25.17
N PHE B 140 -59.71 -12.71 26.31
CA PHE B 140 -60.66 -11.62 26.47
C PHE B 140 -60.82 -11.31 27.95
N LEU B 141 -61.18 -10.06 28.23
CA LEU B 141 -61.47 -9.60 29.58
C LEU B 141 -62.99 -9.49 29.75
N GLY B 142 -63.51 -8.99 30.85
CA GLY B 142 -64.96 -8.88 31.02
C GLY B 142 -65.35 -7.89 32.10
N VAL B 143 -66.30 -7.01 31.78
CA VAL B 143 -66.75 -5.97 32.70
C VAL B 143 -68.22 -6.23 33.00
N TYR B 144 -68.51 -6.63 34.24
CA TYR B 144 -69.88 -6.86 34.67
C TYR B 144 -70.54 -5.53 35.05
N TYR B 145 -71.87 -5.53 35.01
CA TYR B 145 -72.63 -4.31 35.27
C TYR B 145 -73.85 -4.64 36.11
N HIS B 146 -74.07 -3.87 37.17
CA HIS B 146 -75.25 -4.00 38.02
C HIS B 146 -76.31 -3.06 37.50
N LYS B 147 -77.50 -3.61 37.22
CA LYS B 147 -78.56 -2.80 36.61
C LYS B 147 -79.11 -1.76 37.59
N ASN B 148 -79.08 -2.08 38.89
CA ASN B 148 -79.65 -1.17 39.88
C ASN B 148 -78.84 0.12 39.98
N ASN B 149 -77.58 0.01 40.34
CA ASN B 149 -76.69 1.17 40.50
C ASN B 149 -75.53 1.04 39.52
N LYS B 150 -75.07 2.18 39.00
CA LYS B 150 -74.00 2.18 38.01
C LYS B 150 -72.67 1.79 38.66
N SER B 151 -72.28 0.53 38.48
CA SER B 151 -71.07 0.02 39.12
C SER B 151 -70.25 -0.83 38.16
N TRP B 152 -70.03 -0.34 36.94
CA TRP B 152 -69.22 -1.03 35.95
C TRP B 152 -67.87 -1.42 36.52
N MET B 153 -67.58 -2.72 36.59
CA MET B 153 -66.34 -3.23 37.14
C MET B 153 -65.90 -4.48 36.38
N GLU B 154 -64.59 -4.65 36.26
CA GLU B 154 -64.04 -5.80 35.54
C GLU B 154 -64.10 -7.04 36.42
N SER B 155 -64.44 -8.18 35.80
CA SER B 155 -64.59 -9.42 36.53
C SER B 155 -63.61 -10.49 36.06
N GLU B 156 -63.56 -10.74 34.76
CA GLU B 156 -62.77 -11.84 34.23
C GLU B 156 -61.36 -11.38 33.86
N PHE B 157 -60.39 -12.28 34.07
CA PHE B 157 -59.01 -12.05 33.70
C PHE B 157 -58.46 -13.28 32.98
N ARG B 158 -59.19 -13.77 31.98
CA ARG B 158 -58.92 -15.05 31.35
C ARG B 158 -57.85 -14.94 30.27
N VAL B 159 -56.97 -13.95 30.37
CA VAL B 159 -55.89 -13.79 29.40
C VAL B 159 -55.06 -15.06 29.30
N TYR B 160 -54.61 -15.58 30.43
CA TYR B 160 -53.79 -16.79 30.46
C TYR B 160 -54.30 -17.69 31.59
N SER B 161 -53.65 -18.84 31.74
CA SER B 161 -54.06 -19.81 32.77
C SER B 161 -52.92 -20.36 33.62
N SER B 162 -51.68 -20.34 33.15
CA SER B 162 -50.55 -20.86 33.91
C SER B 162 -49.44 -19.82 33.86
N ALA B 163 -48.27 -20.19 34.37
CA ALA B 163 -47.13 -19.29 34.42
C ALA B 163 -45.84 -20.11 34.50
N ASN B 164 -44.70 -19.41 34.51
CA ASN B 164 -43.39 -20.03 34.57
C ASN B 164 -42.41 -19.05 35.20
N ASN B 165 -41.11 -19.28 35.02
CA ASN B 165 -40.10 -18.35 35.50
C ASN B 165 -40.08 -17.12 34.60
N CYS B 166 -39.99 -15.94 35.20
CA CYS B 166 -39.97 -14.69 34.48
C CYS B 166 -38.53 -14.24 34.22
N THR B 167 -38.40 -13.23 33.36
CA THR B 167 -37.12 -12.57 33.11
C THR B 167 -37.18 -11.07 33.26
N PHE B 168 -38.37 -10.48 33.34
CA PHE B 168 -38.55 -9.04 33.54
C PHE B 168 -39.99 -8.79 33.96
N GLU B 169 -40.15 -7.89 34.91
CA GLU B 169 -41.48 -7.58 35.45
C GLU B 169 -41.55 -6.10 35.78
N TYR B 170 -42.72 -5.52 35.55
CA TYR B 170 -42.93 -4.10 35.82
C TYR B 170 -44.41 -3.85 36.05
N VAL B 171 -44.73 -3.21 37.18
CA VAL B 171 -46.10 -2.85 37.52
C VAL B 171 -46.12 -1.37 37.85
N SER B 172 -46.88 -0.59 37.08
CA SER B 172 -46.97 0.84 37.30
C SER B 172 -47.79 1.13 38.57
N GLN B 173 -47.78 2.40 38.96
CA GLN B 173 -48.54 2.82 40.13
C GLN B 173 -50.04 2.63 39.89
N PRO B 174 -50.79 2.21 40.91
CA PRO B 174 -52.22 1.96 40.72
C PRO B 174 -52.99 3.26 40.59
N PHE B 175 -53.83 3.35 39.56
CA PHE B 175 -54.72 4.49 39.37
C PHE B 175 -56.16 4.03 39.31
N LEU B 176 -57.08 4.94 39.02
CA LEU B 176 -58.51 4.63 38.97
C LEU B 176 -59.03 4.97 37.58
N MET B 177 -59.07 3.96 36.71
CA MET B 177 -59.60 4.14 35.37
C MET B 177 -61.11 4.37 35.43
N ASP B 178 -61.63 5.12 34.45
CA ASP B 178 -63.05 5.42 34.41
C ASP B 178 -63.89 4.16 34.28
N LEU B 179 -63.73 3.45 33.16
CA LEU B 179 -64.45 2.21 32.89
C LEU B 179 -65.96 2.41 33.00
N GLU B 180 -66.49 3.26 32.12
CA GLU B 180 -67.91 3.55 32.06
C GLU B 180 -68.35 3.56 30.61
N GLY B 181 -69.42 2.83 30.31
CA GLY B 181 -69.92 2.77 28.94
C GLY B 181 -70.45 4.11 28.49
N LYS B 182 -69.75 4.74 27.55
CA LYS B 182 -70.16 6.03 27.02
C LYS B 182 -71.06 5.83 25.81
N GLN B 183 -71.36 6.92 25.10
CA GLN B 183 -72.20 6.87 23.91
C GLN B 183 -71.72 7.95 22.95
N GLY B 184 -72.26 7.93 21.73
CA GLY B 184 -71.87 8.89 20.73
C GLY B 184 -70.70 8.42 19.89
N ASN B 185 -69.92 9.39 19.42
CA ASN B 185 -68.77 9.12 18.56
C ASN B 185 -67.50 9.02 19.39
N PHE B 186 -66.41 8.63 18.71
CA PHE B 186 -65.13 8.47 19.38
C PHE B 186 -64.57 9.82 19.81
N LYS B 187 -63.92 9.84 20.96
CA LYS B 187 -63.40 11.07 21.55
C LYS B 187 -61.92 10.99 21.90
N ASN B 188 -61.22 9.94 21.48
CA ASN B 188 -59.81 9.81 21.77
C ASN B 188 -59.16 8.91 20.73
N LEU B 189 -57.92 9.22 20.37
CA LEU B 189 -57.16 8.45 19.39
C LEU B 189 -55.80 8.09 20.00
N ARG B 190 -55.49 6.80 20.01
CA ARG B 190 -54.24 6.29 20.55
C ARG B 190 -53.53 5.48 19.48
N GLU B 191 -52.29 5.86 19.18
CA GLU B 191 -51.48 5.20 18.18
C GLU B 191 -50.14 4.78 18.77
N PHE B 192 -49.65 3.62 18.33
CA PHE B 192 -48.39 3.08 18.82
C PHE B 192 -47.60 2.51 17.66
N VAL B 193 -46.28 2.59 17.76
CA VAL B 193 -45.36 2.08 16.75
C VAL B 193 -44.38 1.16 17.47
N PHE B 194 -44.59 -0.15 17.35
CA PHE B 194 -43.71 -1.12 17.98
C PHE B 194 -42.55 -1.46 17.05
N LYS B 195 -41.37 -1.61 17.64
CA LYS B 195 -40.16 -1.92 16.87
C LYS B 195 -39.14 -2.55 17.79
N ASN B 196 -38.63 -3.72 17.39
CA ASN B 196 -37.63 -4.46 18.15
C ASN B 196 -36.32 -4.44 17.39
N ILE B 197 -35.30 -3.82 17.98
CA ILE B 197 -33.99 -3.68 17.34
C ILE B 197 -32.93 -4.12 18.34
N ASP B 198 -32.34 -5.30 18.09
CA ASP B 198 -31.22 -5.81 18.87
C ASP B 198 -31.54 -5.88 20.36
N GLY B 199 -32.56 -6.65 20.73
CA GLY B 199 -32.88 -6.81 22.14
C GLY B 199 -33.44 -5.58 22.82
N TYR B 200 -34.16 -4.74 22.09
CA TYR B 200 -34.78 -3.54 22.67
C TYR B 200 -36.15 -3.35 22.02
N PHE B 201 -37.19 -3.40 22.84
CA PHE B 201 -38.57 -3.27 22.37
C PHE B 201 -39.00 -1.81 22.50
N LYS B 202 -38.78 -1.03 21.44
CA LYS B 202 -39.12 0.39 21.45
C LYS B 202 -40.63 0.54 21.37
N ILE B 203 -41.18 1.39 22.22
CA ILE B 203 -42.62 1.66 22.26
C ILE B 203 -42.83 3.16 22.15
N TYR B 204 -43.49 3.59 21.07
CA TYR B 204 -43.85 4.99 20.85
C TYR B 204 -45.34 5.18 21.10
N SER B 205 -45.70 6.35 21.58
CA SER B 205 -47.07 6.63 21.95
C SER B 205 -47.43 8.07 21.58
N LYS B 206 -48.72 8.27 21.29
CA LYS B 206 -49.23 9.60 20.98
C LYS B 206 -50.74 9.59 21.21
N HIS B 207 -51.22 10.57 21.96
CA HIS B 207 -52.64 10.71 22.28
C HIS B 207 -53.14 12.04 21.74
N THR B 208 -54.16 11.98 20.88
CA THR B 208 -54.73 13.16 20.27
C THR B 208 -56.26 13.06 20.25
N PRO B 209 -56.96 14.16 20.50
CA PRO B 209 -58.43 14.11 20.48
C PRO B 209 -58.94 13.93 19.05
N ILE B 210 -60.01 13.14 18.92
CA ILE B 210 -60.62 12.84 17.64
C ILE B 210 -62.12 13.11 17.75
N ASN B 211 -62.70 13.57 16.64
CA ASN B 211 -64.14 13.80 16.57
C ASN B 211 -64.72 13.15 15.32
N LEU B 212 -64.18 11.99 14.94
CA LEU B 212 -64.64 11.24 13.78
C LEU B 212 -65.32 9.95 14.27
N VAL B 213 -66.11 9.35 13.38
CA VAL B 213 -66.89 8.17 13.75
C VAL B 213 -66.70 7.07 12.70
N ARG B 214 -66.07 7.41 11.57
CA ARG B 214 -65.98 6.46 10.47
C ARG B 214 -64.58 5.94 10.23
N ASP B 215 -63.61 6.83 10.05
CA ASP B 215 -62.26 6.45 9.66
C ASP B 215 -61.22 7.17 10.53
N LEU B 216 -59.96 7.01 10.15
CA LEU B 216 -58.86 7.65 10.86
C LEU B 216 -58.75 9.10 10.40
N PRO B 217 -58.56 10.06 11.32
CA PRO B 217 -58.50 11.46 10.91
C PRO B 217 -57.19 11.78 10.20
N GLN B 218 -57.26 12.74 9.28
CA GLN B 218 -56.08 13.18 8.55
C GLN B 218 -55.32 14.24 9.33
N GLY B 219 -54.02 14.29 9.11
CA GLY B 219 -53.18 15.26 9.77
C GLY B 219 -51.73 14.77 9.79
N PHE B 220 -51.01 15.14 10.85
CA PHE B 220 -49.62 14.75 11.00
C PHE B 220 -49.27 14.80 12.48
N SER B 221 -48.87 13.67 13.04
CA SER B 221 -48.49 13.59 14.44
C SER B 221 -47.00 13.28 14.57
N ALA B 222 -46.51 13.20 15.80
CA ALA B 222 -45.11 12.90 16.05
C ALA B 222 -44.96 12.08 17.33
N LEU B 223 -44.88 10.76 17.19
CA LEU B 223 -44.81 9.90 18.36
C LEU B 223 -43.44 9.99 19.03
N GLU B 224 -43.44 10.27 20.34
CA GLU B 224 -42.22 10.36 21.13
C GLU B 224 -41.89 9.03 21.78
N PRO B 225 -40.62 8.73 21.98
CA PRO B 225 -40.25 7.48 22.67
C PRO B 225 -40.76 7.47 24.10
N LEU B 226 -41.47 6.39 24.45
CA LEU B 226 -42.07 6.27 25.78
C LEU B 226 -41.23 5.40 26.69
N VAL B 227 -41.01 4.13 26.33
CA VAL B 227 -40.23 3.20 27.15
C VAL B 227 -39.33 2.38 26.25
N ASP B 228 -38.47 1.55 26.87
CA ASP B 228 -37.56 0.68 26.12
C ASP B 228 -37.27 -0.52 27.00
N LEU B 229 -37.91 -1.64 26.71
CA LEU B 229 -37.76 -2.83 27.54
C LEU B 229 -36.47 -3.57 27.19
N PRO B 230 -35.61 -3.83 28.18
CA PRO B 230 -34.35 -4.58 27.93
C PRO B 230 -34.56 -6.09 27.99
N ILE B 231 -35.05 -6.65 26.89
CA ILE B 231 -35.33 -8.08 26.79
C ILE B 231 -34.51 -8.69 25.67
N GLY B 232 -34.67 -9.99 25.45
CA GLY B 232 -33.94 -10.67 24.40
C GLY B 232 -34.78 -11.67 23.63
N ILE B 233 -36.09 -11.44 23.60
CA ILE B 233 -37.02 -12.36 22.92
C ILE B 233 -37.02 -12.06 21.43
N ASN B 234 -37.57 -12.98 20.64
CA ASN B 234 -37.67 -12.83 19.19
C ASN B 234 -39.16 -12.88 18.81
N ILE B 235 -39.80 -11.71 18.79
CA ILE B 235 -41.23 -11.64 18.52
C ILE B 235 -41.48 -11.84 17.03
N THR B 236 -42.49 -12.67 16.71
CA THR B 236 -42.85 -12.89 15.32
C THR B 236 -44.36 -12.80 15.09
N ARG B 237 -45.17 -12.98 16.14
CA ARG B 237 -46.62 -12.91 16.03
C ARG B 237 -47.16 -12.25 17.28
N PHE B 238 -48.33 -11.61 17.13
CA PHE B 238 -48.93 -10.90 18.25
C PHE B 238 -50.44 -10.91 18.10
N GLN B 239 -51.11 -10.55 19.19
CA GLN B 239 -52.57 -10.47 19.21
C GLN B 239 -53.02 -9.15 19.82
N THR B 240 -54.32 -9.00 20.06
CA THR B 240 -54.83 -7.75 20.63
C THR B 240 -55.91 -8.10 21.64
N LEU B 241 -55.80 -7.55 22.85
CA LEU B 241 -56.78 -7.81 23.89
C LEU B 241 -57.94 -6.82 23.79
N LEU B 242 -59.14 -7.30 24.13
CA LEU B 242 -60.33 -6.47 24.14
C LEU B 242 -61.12 -6.78 25.40
N ALA B 243 -62.11 -5.92 25.68
CA ALA B 243 -62.97 -6.06 26.85
C ALA B 243 -64.41 -6.00 26.42
N LEU B 244 -65.21 -6.98 26.85
CA LEU B 244 -66.62 -7.05 26.52
C LEU B 244 -67.47 -6.61 27.72
N HIS B 245 -68.77 -6.52 27.48
CA HIS B 245 -69.73 -6.05 28.49
C HIS B 245 -70.79 -7.15 28.70
N ARG B 246 -70.60 -7.97 29.74
CA ARG B 246 -71.57 -8.98 30.11
C ARG B 246 -72.53 -8.41 31.16
N SER B 247 -73.42 -7.54 30.66
CA SER B 247 -74.35 -6.84 31.53
C SER B 247 -75.35 -7.82 32.13
N TYR B 248 -76.07 -7.34 33.16
CA TYR B 248 -77.05 -8.17 33.84
C TYR B 248 -78.25 -8.45 32.96
N LEU B 249 -78.58 -7.52 32.05
CA LEU B 249 -79.72 -7.67 31.17
C LEU B 249 -79.54 -8.83 30.20
N THR B 250 -78.40 -8.88 29.53
CA THR B 250 -78.16 -9.94 28.55
C THR B 250 -78.03 -11.28 29.27
N PRO B 251 -78.90 -12.25 28.99
CA PRO B 251 -78.79 -13.56 29.65
C PRO B 251 -77.96 -14.55 28.84
N GLY B 252 -77.69 -15.71 29.41
CA GLY B 252 -76.93 -16.74 28.74
C GLY B 252 -75.95 -17.39 29.70
N ASP B 253 -74.87 -17.90 29.14
CA ASP B 253 -73.80 -18.58 29.86
C ASP B 253 -72.50 -17.80 29.68
N SER B 254 -71.39 -18.35 30.15
CA SER B 254 -70.08 -17.71 30.04
C SER B 254 -69.57 -17.65 28.61
N SER B 255 -70.29 -18.22 27.65
CA SER B 255 -69.88 -18.20 26.25
C SER B 255 -70.99 -17.78 25.29
N SER B 256 -72.24 -17.71 25.72
CA SER B 256 -73.35 -17.37 24.82
C SER B 256 -73.65 -15.87 24.89
N GLY B 257 -73.98 -15.38 26.09
CA GLY B 257 -74.34 -13.98 26.25
C GLY B 257 -73.15 -13.07 26.49
N TRP B 258 -72.83 -12.24 25.50
CA TRP B 258 -71.73 -11.28 25.63
C TRP B 258 -71.92 -10.20 24.57
N THR B 259 -71.85 -8.94 24.99
CA THR B 259 -71.97 -7.81 24.10
C THR B 259 -70.58 -7.34 23.69
N ALA B 260 -70.47 -6.60 22.59
CA ALA B 260 -69.18 -6.13 22.11
C ALA B 260 -69.01 -4.63 22.33
N GLY B 261 -69.96 -3.84 21.84
CA GLY B 261 -69.89 -2.40 21.98
C GLY B 261 -69.61 -1.69 20.68
N ALA B 262 -68.63 -0.78 20.69
CA ALA B 262 -68.25 -0.02 19.51
C ALA B 262 -66.78 0.38 19.65
N ALA B 263 -65.91 -0.31 18.92
CA ALA B 263 -64.48 0.00 18.95
C ALA B 263 -63.84 -0.56 17.69
N ALA B 264 -62.62 -0.12 17.43
CA ALA B 264 -61.88 -0.57 16.26
C ALA B 264 -60.40 -0.25 16.45
N TYR B 265 -59.57 -0.90 15.65
CA TYR B 265 -58.13 -0.66 15.67
C TYR B 265 -57.55 -0.95 14.30
N TYR B 266 -56.52 -0.19 13.93
CA TYR B 266 -55.87 -0.31 12.64
C TYR B 266 -54.47 -0.89 12.82
N VAL B 267 -54.05 -1.72 11.86
CA VAL B 267 -52.77 -2.40 11.91
C VAL B 267 -52.04 -2.16 10.60
N GLY B 268 -50.83 -1.62 10.69
CA GLY B 268 -50.00 -1.39 9.52
C GLY B 268 -48.58 -1.82 9.78
N TYR B 269 -47.95 -2.37 8.74
CA TYR B 269 -46.61 -2.91 8.83
C TYR B 269 -45.57 -1.89 8.36
N LEU B 270 -44.40 -1.95 8.97
CA LEU B 270 -43.30 -1.05 8.65
C LEU B 270 -42.36 -1.71 7.63
N GLN B 271 -41.55 -0.86 6.99
CA GLN B 271 -40.56 -1.31 6.02
C GLN B 271 -39.55 -0.20 5.80
N PRO B 272 -38.29 -0.53 5.51
CA PRO B 272 -37.27 0.52 5.39
C PRO B 272 -37.51 1.43 4.21
N ARG B 273 -37.37 2.73 4.46
CA ARG B 273 -37.57 3.76 3.43
C ARG B 273 -37.02 5.07 3.97
N THR B 274 -36.48 5.88 3.06
CA THR B 274 -35.84 7.14 3.42
C THR B 274 -36.87 8.26 3.53
N PHE B 275 -36.66 9.14 4.51
CA PHE B 275 -37.56 10.25 4.77
C PHE B 275 -36.74 11.52 5.01
N LEU B 276 -37.27 12.67 4.56
CA LEU B 276 -36.63 13.96 4.78
C LEU B 276 -37.44 14.73 5.82
N LEU B 277 -37.01 14.62 7.07
CA LEU B 277 -37.71 15.26 8.18
C LEU B 277 -37.48 16.77 8.16
N LYS B 278 -38.49 17.52 8.59
CA LYS B 278 -38.42 18.97 8.70
C LYS B 278 -38.65 19.37 10.15
N TYR B 279 -37.68 20.08 10.72
CA TYR B 279 -37.73 20.49 12.12
C TYR B 279 -38.02 21.98 12.23
N ASN B 280 -38.70 22.35 13.30
CA ASN B 280 -38.96 23.76 13.59
C ASN B 280 -37.87 24.33 14.49
N GLU B 281 -38.09 25.53 15.02
CA GLU B 281 -37.14 26.17 15.92
C GLU B 281 -37.25 25.67 17.35
N ASN B 282 -38.01 24.60 17.58
CA ASN B 282 -38.12 23.99 18.90
C ASN B 282 -37.74 22.51 18.90
N GLY B 283 -37.29 21.98 17.77
CA GLY B 283 -36.91 20.58 17.68
C GLY B 283 -38.04 19.62 17.39
N THR B 284 -39.28 20.07 17.38
CA THR B 284 -40.41 19.19 17.12
C THR B 284 -40.58 18.97 15.62
N ILE B 285 -40.94 17.75 15.24
CA ILE B 285 -41.15 17.44 13.84
C ILE B 285 -42.51 17.94 13.40
N THR B 286 -42.56 18.59 12.23
CA THR B 286 -43.79 19.15 11.69
C THR B 286 -44.14 18.65 10.30
N ASP B 287 -43.15 18.44 9.42
CA ASP B 287 -43.41 17.98 8.07
C ASP B 287 -42.37 16.94 7.69
N ALA B 288 -42.76 15.96 6.88
CA ALA B 288 -41.84 14.92 6.44
C ALA B 288 -42.20 14.53 5.03
N VAL B 289 -41.22 14.09 4.26
CA VAL B 289 -41.51 13.62 2.91
C VAL B 289 -40.70 12.36 2.57
N ASP B 290 -41.38 11.33 2.10
CA ASP B 290 -40.65 10.13 1.67
C ASP B 290 -40.09 10.36 0.29
N CYS B 291 -39.21 9.48 -0.13
CA CYS B 291 -38.61 9.65 -1.43
C CYS B 291 -38.75 8.44 -2.31
N ALA B 292 -39.98 7.96 -2.45
CA ALA B 292 -40.22 6.81 -3.29
C ALA B 292 -41.58 6.85 -3.97
N LEU B 293 -42.47 7.74 -3.53
CA LEU B 293 -43.82 7.74 -4.10
C LEU B 293 -43.84 8.35 -5.49
N ASP B 294 -43.51 9.64 -5.59
CA ASP B 294 -43.64 10.34 -6.86
C ASP B 294 -42.33 11.06 -7.20
N PRO B 295 -42.10 11.34 -8.48
CA PRO B 295 -40.88 12.07 -8.86
C PRO B 295 -40.78 13.45 -8.25
N LEU B 296 -41.92 14.09 -7.94
CA LEU B 296 -41.88 15.39 -7.27
C LEU B 296 -41.23 15.27 -5.89
N SER B 297 -41.60 14.23 -5.13
CA SER B 297 -40.97 14.01 -3.83
C SER B 297 -39.50 13.68 -3.98
N GLU B 298 -39.14 12.99 -5.06
CA GLU B 298 -37.73 12.69 -5.32
C GLU B 298 -36.95 13.97 -5.57
N THR B 299 -37.51 14.88 -6.36
CA THR B 299 -36.85 16.17 -6.60
C THR B 299 -36.78 16.98 -5.32
N LYS B 300 -37.81 16.88 -4.47
CA LYS B 300 -37.80 17.60 -3.20
C LYS B 300 -36.69 17.11 -2.28
N CYS B 301 -36.64 15.80 -2.02
CA CYS B 301 -35.63 15.27 -1.10
C CYS B 301 -34.25 15.13 -1.74
N THR B 302 -34.13 15.37 -3.05
CA THR B 302 -32.82 15.37 -3.68
C THR B 302 -32.15 16.73 -3.54
N LEU B 303 -32.91 17.81 -3.70
CA LEU B 303 -32.41 19.16 -3.55
C LEU B 303 -32.42 19.63 -2.10
N LYS B 304 -32.88 18.79 -1.17
CA LYS B 304 -32.93 19.11 0.26
C LYS B 304 -33.78 20.35 0.51
N SER B 305 -35.02 20.29 0.04
CA SER B 305 -35.95 21.39 0.20
C SER B 305 -37.37 20.89 -0.03
N PHE B 306 -38.34 21.68 0.40
CA PHE B 306 -39.76 21.36 0.23
C PHE B 306 -40.42 22.20 -0.86
N THR B 307 -39.78 23.28 -1.32
CA THR B 307 -40.32 24.15 -2.35
C THR B 307 -39.25 24.33 -3.43
N VAL B 308 -39.41 23.62 -4.54
CA VAL B 308 -38.47 23.72 -5.65
C VAL B 308 -38.92 24.84 -6.58
N GLU B 309 -37.99 25.31 -7.40
CA GLU B 309 -38.24 26.39 -8.34
C GLU B 309 -38.51 25.82 -9.73
N LYS B 310 -38.79 26.71 -10.68
CA LYS B 310 -39.09 26.29 -12.04
C LYS B 310 -37.80 25.94 -12.77
N GLY B 311 -37.86 24.85 -13.54
CA GLY B 311 -36.74 24.38 -14.33
C GLY B 311 -36.70 22.87 -14.37
N ILE B 312 -35.59 22.34 -14.86
CA ILE B 312 -35.37 20.91 -15.00
C ILE B 312 -34.28 20.49 -14.02
N TYR B 313 -34.54 19.44 -13.26
CA TYR B 313 -33.60 18.95 -12.25
C TYR B 313 -33.44 17.44 -12.43
N GLN B 314 -32.22 17.01 -12.73
CA GLN B 314 -31.94 15.57 -12.83
C GLN B 314 -32.00 14.94 -11.46
N THR B 315 -32.82 13.89 -11.33
CA THR B 315 -33.07 13.26 -10.04
C THR B 315 -32.23 12.00 -9.82
N SER B 316 -32.33 11.02 -10.73
CA SER B 316 -31.63 9.76 -10.54
C SER B 316 -31.07 9.22 -11.85
N ASN B 317 -30.64 7.96 -11.84
CA ASN B 317 -30.06 7.32 -13.02
C ASN B 317 -30.61 5.92 -13.11
N PHE B 318 -31.33 5.62 -14.18
CA PHE B 318 -31.98 4.33 -14.37
C PHE B 318 -31.02 3.36 -15.06
N ARG B 319 -31.32 2.07 -14.92
CA ARG B 319 -30.51 1.03 -15.54
C ARG B 319 -31.35 -0.24 -15.63
N VAL B 320 -31.51 -0.77 -16.84
CA VAL B 320 -32.25 -2.01 -17.04
C VAL B 320 -31.33 -3.18 -16.73
N GLN B 321 -31.79 -4.07 -15.86
CA GLN B 321 -30.96 -5.20 -15.43
C GLN B 321 -31.16 -6.39 -16.39
N PRO B 322 -30.13 -7.20 -16.60
CA PRO B 322 -30.28 -8.38 -17.45
C PRO B 322 -31.18 -9.42 -16.80
N THR B 323 -31.88 -10.18 -17.63
CA THR B 323 -32.85 -11.16 -17.15
C THR B 323 -32.41 -12.58 -17.49
N GLU B 324 -32.14 -12.88 -18.76
CA GLU B 324 -31.84 -14.24 -19.18
C GLU B 324 -30.32 -14.46 -19.21
N SER B 325 -29.91 -15.63 -19.68
CA SER B 325 -28.50 -15.98 -19.79
C SER B 325 -28.35 -16.96 -20.94
N ILE B 326 -27.44 -16.67 -21.87
CA ILE B 326 -27.24 -17.47 -23.07
C ILE B 326 -25.81 -17.99 -23.09
N VAL B 327 -25.67 -19.28 -23.38
CA VAL B 327 -24.36 -19.93 -23.49
C VAL B 327 -24.36 -20.75 -24.77
N ARG B 328 -23.40 -20.47 -25.66
CA ARG B 328 -23.32 -21.11 -26.98
C ARG B 328 -21.94 -21.74 -27.13
N PHE B 329 -21.90 -23.06 -27.20
CA PHE B 329 -20.68 -23.83 -27.42
C PHE B 329 -20.74 -24.57 -28.74
N PRO B 330 -19.59 -24.87 -29.34
CA PRO B 330 -19.58 -25.55 -30.64
C PRO B 330 -20.15 -26.96 -30.53
N ASN B 331 -20.42 -27.55 -31.70
CA ASN B 331 -20.98 -28.89 -31.76
C ASN B 331 -19.94 -29.92 -31.31
N ILE B 332 -20.44 -31.02 -30.73
CA ILE B 332 -19.56 -32.14 -30.40
C ILE B 332 -19.42 -33.04 -31.61
N THR B 333 -18.34 -32.87 -32.37
CA THR B 333 -18.15 -33.57 -33.62
C THR B 333 -17.35 -34.83 -33.36
N ASN B 334 -16.15 -34.75 -32.80
CA ASN B 334 -15.29 -35.91 -32.62
C ASN B 334 -15.64 -36.61 -31.31
N LEU B 335 -16.45 -37.66 -31.39
CA LEU B 335 -16.77 -38.45 -30.22
C LEU B 335 -15.71 -39.51 -30.01
N CYS B 336 -15.33 -39.74 -28.75
CA CYS B 336 -14.27 -40.68 -28.45
C CYS B 336 -14.75 -42.11 -28.70
N PRO B 337 -14.00 -42.90 -29.47
CA PRO B 337 -14.38 -44.30 -29.76
C PRO B 337 -14.16 -45.22 -28.56
N PHE B 338 -15.08 -45.16 -27.60
CA PHE B 338 -15.02 -46.06 -26.45
C PHE B 338 -15.53 -47.45 -26.76
N GLY B 339 -16.22 -47.64 -27.89
CA GLY B 339 -16.71 -48.96 -28.24
C GLY B 339 -15.61 -49.91 -28.64
N GLU B 340 -14.45 -49.39 -29.03
CA GLU B 340 -13.34 -50.22 -29.44
C GLU B 340 -12.68 -50.94 -28.27
N VAL B 341 -12.96 -50.52 -27.04
CA VAL B 341 -12.38 -51.12 -25.85
C VAL B 341 -13.36 -52.03 -25.12
N PHE B 342 -14.66 -51.81 -25.31
CA PHE B 342 -15.68 -52.61 -24.63
C PHE B 342 -16.33 -53.59 -25.59
N ASN B 343 -16.77 -53.11 -26.75
CA ASN B 343 -17.44 -53.95 -27.74
C ASN B 343 -16.46 -54.58 -28.73
N ALA B 344 -15.20 -54.74 -28.34
CA ALA B 344 -14.22 -55.37 -29.23
C ALA B 344 -14.50 -56.87 -29.32
N THR B 345 -14.18 -57.43 -30.49
CA THR B 345 -14.40 -58.85 -30.74
C THR B 345 -13.26 -59.73 -30.24
N ARG B 346 -12.08 -59.17 -30.01
CA ARG B 346 -10.94 -59.92 -29.52
C ARG B 346 -10.36 -59.23 -28.29
N PHE B 347 -10.03 -60.03 -27.28
CA PHE B 347 -9.45 -59.52 -26.04
C PHE B 347 -8.05 -60.08 -25.86
N ALA B 348 -7.30 -59.46 -24.95
CA ALA B 348 -5.92 -59.84 -24.68
C ALA B 348 -5.87 -60.85 -23.55
N SER B 349 -4.65 -61.25 -23.18
CA SER B 349 -4.42 -62.21 -22.12
C SER B 349 -4.07 -61.48 -20.83
N VAL B 350 -3.93 -62.25 -19.75
CA VAL B 350 -3.63 -61.66 -18.45
C VAL B 350 -2.19 -61.17 -18.37
N TYR B 351 -1.26 -61.84 -19.03
CA TYR B 351 0.14 -61.44 -19.03
C TYR B 351 0.51 -60.59 -20.24
N ALA B 352 -0.42 -60.36 -21.15
CA ALA B 352 -0.19 -59.56 -22.36
C ALA B 352 -1.27 -58.52 -22.52
N TRP B 353 -1.59 -57.81 -21.43
CA TRP B 353 -2.60 -56.76 -21.45
C TRP B 353 -2.20 -55.63 -22.38
N ASN B 354 -2.94 -55.45 -23.47
CA ASN B 354 -2.65 -54.43 -24.47
C ASN B 354 -3.31 -53.12 -24.06
N ARG B 355 -2.51 -52.05 -24.02
CA ARG B 355 -3.03 -50.74 -23.67
C ARG B 355 -3.69 -50.09 -24.88
N LYS B 356 -4.55 -49.11 -24.60
CA LYS B 356 -5.34 -48.42 -25.61
C LYS B 356 -5.28 -46.90 -25.41
N ARG B 357 -4.06 -46.39 -25.24
CA ARG B 357 -3.85 -44.95 -25.09
C ARG B 357 -4.53 -44.18 -26.22
N ILE B 358 -5.48 -43.33 -25.86
CA ILE B 358 -6.25 -42.55 -26.82
C ILE B 358 -6.38 -41.12 -26.29
N SER B 359 -6.23 -40.15 -27.19
CA SER B 359 -6.34 -38.74 -26.83
C SER B 359 -6.93 -37.99 -28.02
N ASN B 360 -7.07 -36.67 -27.84
CA ASN B 360 -7.63 -35.79 -28.86
C ASN B 360 -9.03 -36.24 -29.27
N CYS B 361 -9.94 -36.22 -28.31
CA CYS B 361 -11.31 -36.64 -28.51
C CYS B 361 -12.20 -35.94 -27.49
N VAL B 362 -13.49 -36.24 -27.56
CA VAL B 362 -14.47 -35.75 -26.58
C VAL B 362 -15.06 -36.97 -25.88
N ALA B 363 -14.60 -37.24 -24.67
CA ALA B 363 -15.03 -38.42 -23.93
C ALA B 363 -16.40 -38.17 -23.33
N ASP B 364 -17.38 -38.98 -23.75
CA ASP B 364 -18.76 -38.89 -23.23
C ASP B 364 -18.95 -40.05 -22.27
N TYR B 365 -18.74 -39.78 -20.98
CA TYR B 365 -18.85 -40.81 -19.95
C TYR B 365 -20.29 -41.15 -19.59
N SER B 366 -21.27 -40.43 -20.13
CA SER B 366 -22.67 -40.66 -19.80
C SER B 366 -23.23 -41.93 -20.44
N VAL B 367 -22.39 -42.72 -21.12
CA VAL B 367 -22.85 -43.97 -21.73
C VAL B 367 -22.38 -45.20 -20.96
N LEU B 368 -21.44 -45.05 -20.02
CA LEU B 368 -20.93 -46.20 -19.28
C LEU B 368 -21.86 -46.56 -18.12
N TYR B 369 -22.08 -45.64 -17.19
CA TYR B 369 -22.89 -45.94 -16.02
C TYR B 369 -24.37 -45.91 -16.31
N ASN B 370 -24.77 -45.38 -17.47
CA ASN B 370 -26.18 -45.39 -17.86
C ASN B 370 -26.51 -46.64 -18.65
N SER B 371 -25.68 -47.67 -18.52
CA SER B 371 -25.89 -48.94 -19.20
C SER B 371 -26.36 -49.99 -18.21
N ALA B 372 -26.80 -51.12 -18.74
CA ALA B 372 -27.29 -52.25 -17.95
C ALA B 372 -26.67 -53.54 -18.44
N SER B 373 -25.35 -53.54 -18.67
CA SER B 373 -24.66 -54.71 -19.16
C SER B 373 -23.33 -54.96 -18.45
N PHE B 374 -23.05 -54.27 -17.36
CA PHE B 374 -21.83 -54.45 -16.59
C PHE B 374 -22.15 -55.10 -15.25
N SER B 375 -21.12 -55.35 -14.45
CA SER B 375 -21.30 -55.98 -13.15
C SER B 375 -20.57 -55.20 -12.06
N THR B 376 -19.51 -54.49 -12.43
CA THR B 376 -18.72 -53.72 -11.47
C THR B 376 -18.43 -52.34 -12.05
N PHE B 377 -18.71 -51.30 -11.27
CA PHE B 377 -18.44 -49.93 -11.64
C PHE B 377 -17.83 -49.18 -10.46
N LYS B 378 -16.87 -49.82 -9.78
CA LYS B 378 -16.29 -49.27 -8.55
C LYS B 378 -15.15 -48.31 -8.91
N CYS B 379 -15.54 -47.08 -9.26
CA CYS B 379 -14.56 -46.03 -9.50
C CYS B 379 -13.89 -45.63 -8.20
N TYR B 380 -12.64 -45.18 -8.30
CA TYR B 380 -11.84 -44.82 -7.13
C TYR B 380 -11.53 -43.34 -7.17
N GLY B 381 -12.34 -42.55 -6.46
CA GLY B 381 -12.08 -41.14 -6.28
C GLY B 381 -12.10 -40.30 -7.54
N VAL B 382 -13.06 -40.55 -8.43
CA VAL B 382 -13.19 -39.77 -9.66
C VAL B 382 -14.55 -39.11 -9.80
N SER B 383 -15.53 -39.44 -8.94
CA SER B 383 -16.88 -38.88 -9.02
C SER B 383 -17.47 -39.09 -10.40
N PRO B 384 -17.90 -40.32 -10.74
CA PRO B 384 -18.37 -40.61 -12.10
C PRO B 384 -19.40 -39.64 -12.64
N THR B 385 -20.26 -39.12 -11.76
CA THR B 385 -21.25 -38.13 -12.20
C THR B 385 -20.63 -36.76 -12.43
N LYS B 386 -19.37 -36.56 -12.05
CA LYS B 386 -18.69 -35.29 -12.23
C LYS B 386 -17.61 -35.34 -13.29
N LEU B 387 -17.48 -36.46 -14.01
CA LEU B 387 -16.45 -36.58 -15.04
C LEU B 387 -16.72 -35.68 -16.24
N ASN B 388 -17.94 -35.14 -16.37
CA ASN B 388 -18.28 -34.27 -17.49
C ASN B 388 -17.76 -32.86 -17.32
N ASP B 389 -16.98 -32.58 -16.27
CA ASP B 389 -16.42 -31.25 -16.07
C ASP B 389 -14.96 -31.32 -15.63
N LEU B 390 -14.26 -32.38 -16.02
CA LEU B 390 -12.84 -32.56 -15.71
C LEU B 390 -12.10 -32.93 -16.99
N CYS B 391 -11.03 -32.20 -17.28
CA CYS B 391 -10.24 -32.42 -18.48
C CYS B 391 -8.95 -33.16 -18.14
N PHE B 392 -8.56 -34.06 -19.04
CA PHE B 392 -7.37 -34.88 -18.87
C PHE B 392 -6.50 -34.78 -20.11
N THR B 393 -5.30 -35.37 -20.03
CA THR B 393 -4.35 -35.41 -21.13
C THR B 393 -4.39 -36.72 -21.90
N ASN B 394 -4.20 -37.84 -21.20
CA ASN B 394 -4.24 -39.16 -21.82
C ASN B 394 -5.13 -40.07 -21.00
N VAL B 395 -5.87 -40.94 -21.68
CA VAL B 395 -6.78 -41.88 -21.04
C VAL B 395 -6.31 -43.28 -21.39
N TYR B 396 -5.70 -43.97 -20.44
CA TYR B 396 -5.24 -45.33 -20.67
C TYR B 396 -6.39 -46.31 -20.50
N ALA B 397 -6.35 -47.39 -21.28
CA ALA B 397 -7.42 -48.40 -21.29
C ALA B 397 -6.77 -49.78 -21.34
N ASP B 398 -6.53 -50.38 -20.18
CA ASP B 398 -6.03 -51.73 -20.09
C ASP B 398 -7.19 -52.71 -20.02
N SER B 399 -6.97 -53.91 -20.56
CA SER B 399 -8.04 -54.90 -20.63
C SER B 399 -7.44 -56.30 -20.67
N PHE B 400 -7.98 -57.20 -19.86
CA PHE B 400 -7.58 -58.60 -19.85
C PHE B 400 -8.76 -59.42 -19.37
N VAL B 401 -8.62 -60.75 -19.45
CA VAL B 401 -9.69 -61.68 -19.14
C VAL B 401 -9.24 -62.57 -17.99
N ILE B 402 -9.95 -62.50 -16.86
CA ILE B 402 -9.69 -63.35 -15.71
C ILE B 402 -10.97 -64.12 -15.37
N ARG B 403 -10.88 -64.99 -14.37
CA ARG B 403 -12.04 -65.76 -13.96
C ARG B 403 -12.87 -65.00 -12.94
N GLY B 404 -13.87 -65.68 -12.38
CA GLY B 404 -14.80 -65.00 -11.48
C GLY B 404 -14.19 -64.72 -10.12
N ASP B 405 -13.49 -65.69 -9.55
CA ASP B 405 -12.97 -65.58 -8.20
C ASP B 405 -11.72 -64.71 -8.10
N GLU B 406 -11.34 -64.00 -9.17
CA GLU B 406 -10.17 -63.15 -9.15
C GLU B 406 -10.49 -61.70 -9.51
N VAL B 407 -11.77 -61.37 -9.70
CA VAL B 407 -12.12 -59.99 -10.05
C VAL B 407 -11.90 -59.07 -8.86
N ARG B 408 -12.10 -59.57 -7.64
CA ARG B 408 -11.92 -58.75 -6.44
C ARG B 408 -10.47 -58.37 -6.20
N GLN B 409 -9.52 -59.07 -6.83
CA GLN B 409 -8.11 -58.76 -6.65
C GLN B 409 -7.66 -57.54 -7.44
N ILE B 410 -8.49 -57.02 -8.34
CA ILE B 410 -8.15 -55.82 -9.11
C ILE B 410 -8.60 -54.64 -8.27
N ALA B 411 -7.74 -54.23 -7.35
CA ALA B 411 -8.03 -53.13 -6.43
C ALA B 411 -6.72 -52.50 -6.00
N PRO B 412 -6.70 -51.20 -5.74
CA PRO B 412 -5.46 -50.53 -5.33
C PRO B 412 -5.02 -50.93 -3.92
N GLY B 413 -4.47 -52.12 -3.77
CA GLY B 413 -3.98 -52.57 -2.48
C GLY B 413 -4.23 -54.03 -2.20
N GLN B 414 -5.01 -54.69 -3.06
CA GLN B 414 -5.31 -56.10 -2.88
C GLN B 414 -4.14 -56.96 -3.36
N THR B 415 -3.83 -58.00 -2.59
CA THR B 415 -2.72 -58.90 -2.89
C THR B 415 -3.27 -60.28 -3.18
N GLY B 416 -2.90 -60.83 -4.33
CA GLY B 416 -3.34 -62.14 -4.71
C GLY B 416 -2.42 -62.77 -5.73
N LYS B 417 -2.85 -63.92 -6.26
CA LYS B 417 -2.04 -64.61 -7.26
C LYS B 417 -2.07 -63.90 -8.60
N ILE B 418 -3.19 -63.26 -8.92
CA ILE B 418 -3.33 -62.54 -10.19
C ILE B 418 -3.17 -61.03 -9.98
N ALA B 419 -2.51 -60.61 -8.90
CA ALA B 419 -2.32 -59.20 -8.59
C ALA B 419 -0.86 -58.80 -8.59
N ASP B 420 0.02 -59.58 -7.96
CA ASP B 420 1.43 -59.21 -7.84
C ASP B 420 2.27 -59.71 -9.00
N TYR B 421 1.74 -60.61 -9.83
CA TYR B 421 2.50 -61.20 -10.93
C TYR B 421 1.94 -60.83 -12.30
N ASN B 422 0.62 -60.97 -12.50
CA ASN B 422 0.03 -60.73 -13.80
C ASN B 422 -0.14 -59.24 -14.08
N TYR B 423 -0.91 -58.55 -13.24
CA TYR B 423 -1.18 -57.14 -13.45
C TYR B 423 -1.32 -56.47 -12.09
N LYS B 424 -0.46 -55.48 -11.82
CA LYS B 424 -0.42 -54.79 -10.54
C LYS B 424 -0.96 -53.37 -10.70
N LEU B 425 -1.75 -52.93 -9.69
CA LEU B 425 -2.33 -51.60 -9.63
C LEU B 425 -1.52 -50.69 -8.70
N PRO B 426 -1.44 -49.40 -9.01
CA PRO B 426 -0.71 -48.48 -8.13
C PRO B 426 -1.47 -48.18 -6.85
N ASP B 427 -0.93 -47.27 -6.04
CA ASP B 427 -1.56 -46.90 -4.78
C ASP B 427 -2.61 -45.82 -4.94
N ASP B 428 -2.67 -45.15 -6.09
CA ASP B 428 -3.64 -44.08 -6.33
C ASP B 428 -4.76 -44.53 -7.25
N PHE B 429 -4.43 -44.97 -8.46
CA PHE B 429 -5.37 -45.52 -9.43
C PHE B 429 -6.62 -44.64 -9.58
N THR B 430 -6.38 -43.43 -10.08
CA THR B 430 -7.47 -42.50 -10.37
C THR B 430 -8.15 -42.93 -11.66
N GLY B 431 -9.03 -43.93 -11.54
CA GLY B 431 -9.74 -44.45 -12.68
C GLY B 431 -10.94 -45.26 -12.26
N CYS B 432 -11.56 -45.91 -13.24
CA CYS B 432 -12.74 -46.74 -13.04
C CYS B 432 -12.44 -48.14 -13.54
N VAL B 433 -12.62 -49.14 -12.68
CA VAL B 433 -12.49 -50.54 -13.08
C VAL B 433 -13.87 -51.07 -13.46
N ILE B 434 -14.00 -51.53 -14.70
CA ILE B 434 -15.27 -52.01 -15.22
C ILE B 434 -15.09 -53.45 -15.68
N ALA B 435 -16.04 -54.30 -15.31
CA ALA B 435 -16.01 -55.70 -15.69
C ALA B 435 -17.44 -56.22 -15.80
N TRP B 436 -17.61 -57.26 -16.60
CA TRP B 436 -18.93 -57.86 -16.81
C TRP B 436 -18.75 -59.34 -17.13
N ASN B 437 -19.65 -60.16 -16.59
CA ASN B 437 -19.61 -61.60 -16.83
C ASN B 437 -20.31 -61.91 -18.14
N SER B 438 -19.55 -62.44 -19.10
CA SER B 438 -20.08 -62.81 -20.43
C SER B 438 -19.62 -64.24 -20.71
N ASN B 439 -20.41 -65.21 -20.25
CA ASN B 439 -20.13 -66.62 -20.48
C ASN B 439 -20.82 -67.13 -21.74
N ASN B 440 -20.62 -66.41 -22.85
CA ASN B 440 -21.18 -66.81 -24.14
C ASN B 440 -20.26 -66.56 -25.32
N LEU B 441 -19.11 -65.93 -25.12
CA LEU B 441 -18.15 -65.71 -26.20
C LEU B 441 -16.84 -66.46 -25.95
N ASP B 442 -16.24 -66.30 -24.78
CA ASP B 442 -14.99 -66.98 -24.45
C ASP B 442 -15.26 -68.29 -23.70
N SER B 443 -16.06 -69.16 -24.31
CA SER B 443 -16.42 -70.46 -23.73
C SER B 443 -15.97 -71.55 -24.71
N LYS B 444 -14.73 -71.99 -24.56
CA LYS B 444 -14.18 -73.04 -25.40
C LYS B 444 -14.39 -74.38 -24.70
N VAL B 445 -15.20 -75.25 -25.31
CA VAL B 445 -15.50 -76.55 -24.72
C VAL B 445 -14.25 -77.42 -24.77
N GLY B 446 -13.81 -77.89 -23.62
CA GLY B 446 -12.63 -78.73 -23.54
C GLY B 446 -11.35 -78.04 -23.09
N GLY B 447 -11.46 -76.87 -22.47
CA GLY B 447 -10.28 -76.16 -22.00
C GLY B 447 -9.84 -75.05 -22.93
N ASN B 448 -10.05 -73.80 -22.52
CA ASN B 448 -9.65 -72.66 -23.33
C ASN B 448 -8.12 -72.56 -23.35
N TYR B 449 -7.52 -72.81 -24.51
CA TYR B 449 -6.07 -72.82 -24.64
C TYR B 449 -5.49 -71.48 -25.08
N ASN B 450 -6.33 -70.54 -25.55
CA ASN B 450 -5.82 -69.25 -26.01
C ASN B 450 -5.47 -68.32 -24.85
N TYR B 451 -6.21 -68.40 -23.75
CA TYR B 451 -5.95 -67.54 -22.59
C TYR B 451 -5.07 -68.26 -21.58
N LEU B 452 -4.02 -67.56 -21.15
CA LEU B 452 -3.07 -68.09 -20.16
C LEU B 452 -2.85 -67.04 -19.09
N TYR B 453 -2.03 -67.39 -18.10
CA TYR B 453 -1.71 -66.47 -17.01
C TYR B 453 -0.41 -66.92 -16.37
N ARG B 454 0.15 -66.05 -15.54
CA ARG B 454 1.39 -66.33 -14.82
C ARG B 454 1.05 -66.83 -13.43
N LEU B 455 1.45 -68.07 -13.13
CA LEU B 455 1.15 -68.67 -11.83
C LEU B 455 2.14 -68.20 -10.78
N PHE B 456 3.43 -68.44 -11.00
CA PHE B 456 4.47 -68.09 -10.04
C PHE B 456 5.60 -67.37 -10.76
N ARG B 457 6.22 -66.43 -10.07
CA ARG B 457 7.32 -65.64 -10.64
C ARG B 457 8.30 -65.30 -9.52
N LYS B 458 9.54 -65.05 -9.90
CA LYS B 458 10.59 -64.70 -8.96
C LYS B 458 10.71 -63.21 -8.72
N SER B 459 9.95 -62.39 -9.44
CA SER B 459 10.03 -60.93 -9.32
C SER B 459 8.62 -60.38 -9.12
N ASN B 460 8.48 -59.45 -8.18
CA ASN B 460 7.21 -58.79 -7.92
C ASN B 460 7.02 -57.68 -8.94
N LEU B 461 5.97 -57.80 -9.77
CA LEU B 461 5.74 -56.81 -10.82
C LEU B 461 5.30 -55.49 -10.22
N LYS B 462 6.00 -54.42 -10.60
CA LYS B 462 5.65 -53.09 -10.15
C LYS B 462 4.38 -52.60 -10.85
N PRO B 463 3.70 -51.62 -10.27
CA PRO B 463 2.52 -51.03 -10.93
C PRO B 463 2.82 -50.63 -12.38
N PHE B 464 1.93 -51.05 -13.28
CA PHE B 464 2.05 -50.77 -14.71
C PHE B 464 3.38 -51.29 -15.26
N GLU B 465 3.55 -52.61 -15.17
CA GLU B 465 4.72 -53.28 -15.72
C GLU B 465 4.33 -54.67 -16.18
N ARG B 466 4.61 -54.97 -17.44
CA ARG B 466 4.32 -56.26 -18.03
C ARG B 466 5.60 -57.04 -18.27
N ASP B 467 5.45 -58.36 -18.45
CA ASP B 467 6.59 -59.25 -18.67
C ASP B 467 6.12 -60.38 -19.58
N ILE B 468 6.56 -60.34 -20.84
CA ILE B 468 6.18 -61.37 -21.81
C ILE B 468 7.20 -62.50 -21.87
N SER B 469 8.30 -62.40 -21.14
CA SER B 469 9.32 -63.44 -21.15
C SER B 469 8.77 -64.73 -20.56
N THR B 470 9.15 -65.85 -21.17
CA THR B 470 8.71 -67.18 -20.75
C THR B 470 9.88 -68.01 -20.22
N GLU B 471 10.77 -67.37 -19.45
CA GLU B 471 11.91 -68.07 -18.89
C GLU B 471 11.44 -69.07 -17.83
N ILE B 472 11.99 -70.28 -17.89
CA ILE B 472 11.57 -71.36 -17.01
C ILE B 472 11.95 -71.00 -15.58
N TYR B 473 10.96 -70.97 -14.69
CA TYR B 473 11.19 -70.62 -13.29
C TYR B 473 11.93 -71.76 -12.59
N GLN B 474 12.97 -71.40 -11.83
CA GLN B 474 13.74 -72.38 -11.06
C GLN B 474 13.27 -72.34 -9.62
N ALA B 475 12.79 -73.48 -9.11
CA ALA B 475 12.22 -73.56 -7.77
C ALA B 475 13.35 -73.79 -6.75
N GLY B 476 14.30 -72.85 -6.75
CA GLY B 476 15.41 -72.88 -5.81
C GLY B 476 16.28 -74.11 -5.93
N SER B 477 16.89 -74.30 -7.09
CA SER B 477 17.77 -75.43 -7.33
C SER B 477 18.73 -75.07 -8.46
N THR B 478 19.43 -76.06 -8.97
CA THR B 478 20.37 -75.83 -10.06
C THR B 478 19.60 -75.57 -11.36
N PRO B 479 20.08 -74.66 -12.21
CA PRO B 479 19.37 -74.37 -13.47
C PRO B 479 19.30 -75.60 -14.36
N CYS B 480 18.07 -76.01 -14.66
CA CYS B 480 17.82 -77.18 -15.50
C CYS B 480 17.83 -76.86 -16.99
N ASN B 481 18.21 -75.64 -17.36
CA ASN B 481 18.24 -75.19 -18.75
C ASN B 481 16.89 -75.26 -19.44
N GLY B 482 15.81 -75.22 -18.66
CA GLY B 482 14.46 -75.24 -19.22
C GLY B 482 14.07 -76.56 -19.84
N VAL B 483 14.09 -77.63 -19.04
CA VAL B 483 13.71 -78.96 -19.50
C VAL B 483 12.50 -79.51 -18.77
N GLU B 484 11.90 -78.73 -17.88
CA GLU B 484 10.74 -79.16 -17.09
C GLU B 484 11.06 -80.44 -16.31
N GLY B 485 12.21 -80.43 -15.65
CA GLY B 485 12.68 -81.60 -14.94
C GLY B 485 12.80 -81.43 -13.45
N PHE B 486 14.05 -81.36 -12.96
CA PHE B 486 14.33 -81.34 -11.53
C PHE B 486 14.00 -79.97 -10.96
N ASN B 487 12.81 -79.85 -10.37
CA ASN B 487 12.39 -78.64 -9.65
C ASN B 487 12.45 -77.40 -10.53
N CYS B 488 12.05 -77.55 -11.79
CA CYS B 488 11.92 -76.43 -12.71
C CYS B 488 10.65 -76.59 -13.52
N TYR B 489 9.81 -75.57 -13.53
CA TYR B 489 8.50 -75.63 -14.17
C TYR B 489 8.33 -74.44 -15.12
N PHE B 490 7.32 -74.54 -15.97
CA PHE B 490 7.01 -73.45 -16.88
C PHE B 490 6.35 -72.30 -16.12
N PRO B 491 6.72 -71.06 -16.41
CA PRO B 491 6.14 -69.94 -15.64
C PRO B 491 4.66 -69.74 -15.88
N LEU B 492 4.21 -69.88 -17.12
CA LEU B 492 2.81 -69.67 -17.44
C LEU B 492 1.99 -70.91 -17.09
N GLN B 493 0.67 -70.77 -17.21
CA GLN B 493 -0.25 -71.86 -16.92
C GLN B 493 -1.55 -71.62 -17.67
N SER B 494 -2.12 -72.68 -18.23
CA SER B 494 -3.32 -72.57 -19.02
C SER B 494 -4.57 -72.75 -18.16
N TYR B 495 -5.61 -72.00 -18.51
CA TYR B 495 -6.91 -72.09 -17.87
C TYR B 495 -7.86 -72.92 -18.75
N GLY B 496 -9.12 -72.97 -18.35
CA GLY B 496 -10.15 -73.53 -19.20
C GLY B 496 -11.52 -73.00 -18.86
N PHE B 497 -12.19 -72.40 -19.83
CA PHE B 497 -13.52 -71.81 -19.63
C PHE B 497 -14.59 -72.78 -20.12
N GLN B 498 -14.67 -73.92 -19.45
CA GLN B 498 -15.68 -74.92 -19.78
C GLN B 498 -17.05 -74.39 -19.39
N PRO B 499 -18.05 -74.45 -20.29
CA PRO B 499 -19.38 -73.92 -20.00
C PRO B 499 -20.23 -74.82 -19.11
N THR B 500 -19.63 -75.29 -18.01
CA THR B 500 -20.34 -76.09 -17.04
C THR B 500 -19.96 -75.75 -15.60
N ASN B 501 -19.02 -74.84 -15.39
CA ASN B 501 -18.56 -74.51 -14.05
C ASN B 501 -19.58 -73.62 -13.34
N GLY B 502 -19.21 -73.15 -12.15
CA GLY B 502 -20.07 -72.30 -11.37
C GLY B 502 -20.03 -70.86 -11.87
N VAL B 503 -20.43 -69.96 -10.98
CA VAL B 503 -20.47 -68.53 -11.28
C VAL B 503 -19.17 -67.88 -10.84
N GLY B 504 -18.20 -68.69 -10.41
CA GLY B 504 -16.93 -68.18 -9.97
C GLY B 504 -15.76 -68.64 -10.83
N TYR B 505 -16.07 -69.33 -11.93
CA TYR B 505 -15.07 -69.85 -12.85
C TYR B 505 -15.47 -69.54 -14.29
N GLN B 506 -15.90 -68.29 -14.53
CA GLN B 506 -16.35 -67.83 -15.83
C GLN B 506 -15.52 -66.63 -16.26
N PRO B 507 -15.45 -66.36 -17.57
CA PRO B 507 -14.68 -65.20 -18.03
C PRO B 507 -15.29 -63.89 -17.55
N TYR B 508 -14.41 -62.97 -17.15
CA TYR B 508 -14.79 -61.64 -16.67
C TYR B 508 -13.90 -60.62 -17.38
N ARG B 509 -14.36 -60.12 -18.52
CA ARG B 509 -13.61 -59.10 -19.25
C ARG B 509 -13.58 -57.81 -18.46
N VAL B 510 -12.42 -57.47 -17.90
CA VAL B 510 -12.27 -56.33 -17.00
C VAL B 510 -11.49 -55.23 -17.72
N VAL B 511 -11.97 -54.00 -17.57
CA VAL B 511 -11.32 -52.82 -18.14
C VAL B 511 -10.71 -52.02 -16.98
N VAL B 512 -9.53 -51.47 -17.22
CA VAL B 512 -8.74 -50.83 -16.16
C VAL B 512 -8.53 -49.36 -16.49
N LEU B 513 -9.54 -48.74 -17.10
CA LEU B 513 -9.51 -47.32 -17.45
C LEU B 513 -8.94 -46.47 -16.33
N SER B 514 -7.89 -45.70 -16.65
CA SER B 514 -7.23 -44.84 -15.69
C SER B 514 -7.10 -43.44 -16.26
N PHE B 515 -6.83 -42.49 -15.38
CA PHE B 515 -6.69 -41.08 -15.75
C PHE B 515 -5.45 -40.49 -15.10
N GLU B 516 -4.77 -39.61 -15.83
CA GLU B 516 -3.57 -38.97 -15.32
C GLU B 516 -3.38 -37.64 -16.03
N LEU B 517 -2.66 -36.73 -15.38
CA LEU B 517 -2.45 -35.38 -15.88
C LEU B 517 -0.96 -35.16 -16.13
N LEU B 518 -0.61 -34.84 -17.37
CA LEU B 518 0.76 -34.52 -17.74
C LEU B 518 0.94 -33.01 -17.77
N HIS B 519 2.10 -32.56 -18.25
CA HIS B 519 2.37 -31.14 -18.38
C HIS B 519 1.89 -30.54 -19.70
N ALA B 520 1.52 -31.39 -20.67
CA ALA B 520 1.01 -30.89 -21.93
C ALA B 520 -0.43 -30.38 -21.76
N PRO B 521 -0.85 -29.45 -22.61
CA PRO B 521 -2.25 -28.98 -22.52
C PRO B 521 -3.23 -30.11 -22.76
N ALA B 522 -4.34 -30.05 -22.03
CA ALA B 522 -5.36 -31.09 -22.13
C ALA B 522 -6.03 -31.06 -23.50
N THR B 523 -6.19 -32.22 -24.11
CA THR B 523 -6.81 -32.35 -25.41
C THR B 523 -8.06 -33.23 -25.42
N VAL B 524 -8.32 -33.99 -24.36
CA VAL B 524 -9.48 -34.84 -24.25
C VAL B 524 -10.24 -34.42 -22.99
N CYS B 525 -11.51 -34.07 -23.15
CA CYS B 525 -12.33 -33.63 -22.04
C CYS B 525 -13.79 -34.01 -22.32
N GLY B 526 -14.67 -33.66 -21.38
CA GLY B 526 -16.06 -33.98 -21.49
C GLY B 526 -16.80 -33.04 -22.41
N PRO B 527 -18.07 -33.35 -22.65
CA PRO B 527 -18.89 -32.52 -23.54
C PRO B 527 -19.32 -31.24 -22.86
N LYS B 528 -19.92 -30.35 -23.66
CA LYS B 528 -20.42 -29.07 -23.18
C LYS B 528 -21.86 -28.87 -23.66
N LYS B 529 -22.60 -28.08 -22.90
CA LYS B 529 -24.00 -27.80 -23.21
C LYS B 529 -24.13 -26.44 -23.88
N SER B 530 -25.30 -26.20 -24.45
CA SER B 530 -25.58 -24.95 -25.15
C SER B 530 -27.05 -24.59 -24.98
N THR B 531 -27.32 -23.29 -24.87
CA THR B 531 -28.66 -22.78 -24.71
C THR B 531 -29.16 -22.24 -26.05
N ASN B 532 -30.34 -21.61 -26.04
CA ASN B 532 -30.93 -21.04 -27.24
C ASN B 532 -30.35 -19.66 -27.53
N LEU B 533 -30.56 -19.20 -28.75
CA LEU B 533 -30.06 -17.90 -29.21
C LEU B 533 -31.17 -16.88 -29.01
N VAL B 534 -31.17 -16.24 -27.85
CA VAL B 534 -32.17 -15.22 -27.51
C VAL B 534 -31.55 -13.87 -27.81
N LYS B 535 -31.91 -13.28 -28.94
CA LYS B 535 -31.37 -12.00 -29.36
C LYS B 535 -32.36 -10.88 -29.08
N ASN B 536 -31.92 -9.64 -29.33
CA ASN B 536 -32.72 -8.44 -29.11
C ASN B 536 -33.21 -8.35 -27.67
N LYS B 537 -32.27 -8.56 -26.74
CA LYS B 537 -32.56 -8.52 -25.32
C LYS B 537 -31.25 -8.41 -24.56
N CYS B 538 -31.23 -7.52 -23.56
CA CYS B 538 -30.02 -7.29 -22.76
C CYS B 538 -29.83 -8.46 -21.81
N VAL B 539 -29.04 -9.45 -22.23
CA VAL B 539 -28.81 -10.66 -21.44
C VAL B 539 -27.33 -10.84 -21.21
N ASN B 540 -26.96 -11.91 -20.49
CA ASN B 540 -25.58 -12.25 -20.22
C ASN B 540 -25.17 -13.38 -21.15
N PHE B 541 -24.05 -13.21 -21.83
CA PHE B 541 -23.59 -14.17 -22.83
C PHE B 541 -22.18 -14.65 -22.51
N ASN B 542 -21.93 -15.92 -22.83
CA ASN B 542 -20.60 -16.51 -22.68
C ASN B 542 -20.39 -17.58 -23.74
N PHE B 543 -19.77 -17.21 -24.86
CA PHE B 543 -19.63 -18.13 -25.99
C PHE B 543 -18.45 -19.08 -25.80
N ASN B 544 -17.24 -18.55 -25.73
CA ASN B 544 -16.04 -19.36 -25.65
C ASN B 544 -15.05 -18.91 -24.58
N GLY B 545 -15.47 -18.06 -23.65
CA GLY B 545 -14.57 -17.61 -22.60
C GLY B 545 -14.74 -16.14 -22.26
N LEU B 546 -15.33 -15.38 -23.17
CA LEU B 546 -15.57 -13.96 -22.93
C LEU B 546 -16.95 -13.75 -22.34
N THR B 547 -17.08 -12.72 -21.50
CA THR B 547 -18.34 -12.38 -20.87
C THR B 547 -18.81 -11.01 -21.37
N GLY B 548 -19.92 -10.53 -20.82
CA GLY B 548 -20.45 -9.25 -21.21
C GLY B 548 -21.94 -9.19 -20.97
N THR B 549 -22.48 -8.00 -21.22
CA THR B 549 -23.91 -7.75 -21.05
C THR B 549 -24.36 -6.77 -22.12
N GLY B 550 -25.44 -7.13 -22.82
CA GLY B 550 -25.97 -6.29 -23.87
C GLY B 550 -26.78 -7.06 -24.90
N VAL B 551 -27.49 -6.35 -25.76
CA VAL B 551 -28.28 -6.98 -26.80
C VAL B 551 -27.36 -7.53 -27.88
N LEU B 552 -27.82 -8.56 -28.57
CA LEU B 552 -27.04 -9.24 -29.61
C LEU B 552 -27.79 -9.09 -30.93
N THR B 553 -27.49 -8.02 -31.66
CA THR B 553 -28.11 -7.79 -32.94
C THR B 553 -27.38 -8.56 -34.04
N GLU B 554 -27.97 -8.55 -35.24
CA GLU B 554 -27.42 -9.24 -36.40
C GLU B 554 -26.91 -8.19 -37.38
N SER B 555 -25.64 -7.82 -37.25
CA SER B 555 -25.04 -6.81 -38.12
C SER B 555 -24.51 -7.43 -39.39
N ASN B 556 -23.78 -6.64 -40.19
CA ASN B 556 -23.23 -7.13 -41.44
C ASN B 556 -21.71 -7.11 -41.48
N LYS B 557 -21.02 -7.00 -40.35
CA LYS B 557 -19.57 -7.01 -40.32
C LYS B 557 -19.03 -8.37 -40.74
N LYS B 558 -18.34 -8.42 -41.87
CA LYS B 558 -17.81 -9.69 -42.39
C LYS B 558 -16.44 -9.94 -41.80
N PHE B 559 -16.30 -11.03 -41.05
CA PHE B 559 -15.02 -11.41 -40.48
C PHE B 559 -14.22 -12.27 -41.45
N LEU B 560 -12.98 -12.55 -41.08
CA LEU B 560 -12.14 -13.45 -41.84
C LEU B 560 -12.46 -14.90 -41.48
N PRO B 561 -12.14 -15.85 -42.37
CA PRO B 561 -12.47 -17.26 -42.09
C PRO B 561 -11.87 -17.79 -40.81
N PHE B 562 -10.75 -17.21 -40.35
CA PHE B 562 -10.09 -17.65 -39.14
C PHE B 562 -10.34 -16.76 -37.94
N GLN B 563 -10.75 -15.51 -38.15
CA GLN B 563 -11.00 -14.61 -37.04
C GLN B 563 -12.29 -14.98 -36.33
N GLN B 564 -12.28 -14.86 -34.99
CA GLN B 564 -13.43 -15.22 -34.17
C GLN B 564 -14.04 -14.05 -33.43
N PHE B 565 -13.23 -13.14 -32.90
CA PHE B 565 -13.71 -12.01 -32.12
C PHE B 565 -13.74 -10.75 -32.98
N GLY B 566 -14.09 -9.62 -32.37
CA GLY B 566 -14.14 -8.35 -33.06
C GLY B 566 -14.09 -7.16 -32.13
N ARG B 567 -13.26 -6.17 -32.47
CA ARG B 567 -13.13 -4.97 -31.63
C ARG B 567 -13.25 -3.71 -32.47
N ASP B 568 -12.97 -2.56 -31.86
CA ASP B 568 -13.04 -1.27 -32.53
C ASP B 568 -11.81 -0.44 -32.21
N ILE B 569 -11.85 0.86 -32.55
CA ILE B 569 -10.72 1.74 -32.25
C ILE B 569 -10.52 1.96 -30.75
N ALA B 570 -11.51 1.61 -29.93
CA ALA B 570 -11.41 1.76 -28.48
C ALA B 570 -10.95 0.49 -27.79
N ASP B 571 -10.64 -0.57 -28.55
CA ASP B 571 -10.18 -1.85 -28.00
C ASP B 571 -11.20 -2.41 -27.01
N THR B 572 -12.42 -2.63 -27.49
CA THR B 572 -13.49 -3.20 -26.68
C THR B 572 -14.26 -4.22 -27.51
N THR B 573 -14.84 -5.20 -26.82
CA THR B 573 -15.61 -6.24 -27.51
C THR B 573 -16.84 -5.66 -28.16
N ASP B 574 -16.98 -5.87 -29.46
CA ASP B 574 -18.11 -5.32 -30.21
C ASP B 574 -18.87 -6.35 -31.04
N ALA B 575 -18.25 -7.41 -31.55
CA ALA B 575 -18.94 -8.38 -32.39
C ALA B 575 -18.28 -9.73 -32.21
N VAL B 576 -19.06 -10.72 -31.78
CA VAL B 576 -18.57 -12.08 -31.58
C VAL B 576 -19.35 -13.02 -32.48
N ARG B 577 -18.63 -13.92 -33.14
CA ARG B 577 -19.22 -14.90 -34.04
C ARG B 577 -19.80 -16.06 -33.23
N ASP B 578 -20.99 -16.51 -33.60
CA ASP B 578 -21.61 -17.64 -32.91
C ASP B 578 -20.85 -18.92 -33.21
N PRO B 579 -20.58 -19.76 -32.21
CA PRO B 579 -19.81 -20.98 -32.49
C PRO B 579 -20.55 -21.99 -33.35
N GLN B 580 -21.83 -22.26 -33.03
CA GLN B 580 -22.59 -23.26 -33.76
C GLN B 580 -22.79 -22.87 -35.22
N THR B 581 -23.49 -21.76 -35.47
CA THR B 581 -23.73 -21.28 -36.81
C THR B 581 -22.84 -20.08 -37.10
N LEU B 582 -22.25 -20.05 -38.30
CA LEU B 582 -21.33 -18.99 -38.70
C LEU B 582 -22.14 -17.75 -39.04
N GLU B 583 -22.58 -17.05 -38.00
CA GLU B 583 -23.34 -15.81 -38.14
C GLU B 583 -22.73 -14.76 -37.23
N ILE B 584 -22.20 -13.70 -37.82
CA ILE B 584 -21.55 -12.65 -37.05
C ILE B 584 -22.62 -11.80 -36.37
N LEU B 585 -22.58 -11.75 -35.04
CA LEU B 585 -23.51 -10.93 -34.28
C LEU B 585 -22.88 -9.57 -33.99
N ASP B 586 -23.54 -8.78 -33.16
CA ASP B 586 -23.04 -7.46 -32.79
C ASP B 586 -23.45 -7.17 -31.35
N ILE B 587 -22.50 -6.70 -30.56
CA ILE B 587 -22.73 -6.43 -29.15
C ILE B 587 -22.83 -4.93 -28.93
N THR B 588 -23.96 -4.49 -28.34
CA THR B 588 -24.20 -3.09 -28.02
C THR B 588 -24.93 -3.05 -26.69
N PRO B 589 -24.46 -2.26 -25.73
CA PRO B 589 -25.17 -2.16 -24.45
C PRO B 589 -26.57 -1.59 -24.62
N CYS B 590 -27.46 -2.00 -23.74
CA CYS B 590 -28.86 -1.57 -23.80
C CYS B 590 -29.02 -0.17 -23.21
N SER B 591 -30.27 0.23 -23.02
CA SER B 591 -30.60 1.58 -22.56
C SER B 591 -29.98 1.91 -21.21
N PHE B 592 -29.37 3.09 -21.11
CA PHE B 592 -28.83 3.56 -19.85
C PHE B 592 -28.69 5.08 -19.93
N GLY B 593 -29.01 5.75 -18.83
CA GLY B 593 -28.93 7.20 -18.80
C GLY B 593 -29.53 7.75 -17.54
N GLY B 594 -29.81 9.06 -17.56
CA GLY B 594 -30.36 9.76 -16.43
C GLY B 594 -31.84 10.06 -16.63
N VAL B 595 -32.52 10.29 -15.50
CA VAL B 595 -33.94 10.61 -15.50
C VAL B 595 -34.10 12.01 -14.94
N SER B 596 -34.68 12.90 -15.75
CA SER B 596 -34.90 14.29 -15.36
C SER B 596 -36.39 14.55 -15.24
N VAL B 597 -36.73 15.61 -14.50
CA VAL B 597 -38.11 16.02 -14.28
C VAL B 597 -38.26 17.47 -14.72
N ILE B 598 -39.45 17.83 -15.16
CA ILE B 598 -39.75 19.20 -15.56
C ILE B 598 -40.80 19.72 -14.58
N THR B 599 -40.32 20.49 -13.59
CA THR B 599 -41.22 21.00 -12.57
C THR B 599 -41.64 22.43 -12.89
N PRO B 600 -42.94 22.71 -12.97
CA PRO B 600 -43.39 24.09 -13.20
C PRO B 600 -43.37 24.96 -11.96
N GLY B 601 -42.91 24.44 -10.83
CA GLY B 601 -42.91 25.20 -9.59
C GLY B 601 -43.98 24.73 -8.63
N THR B 602 -43.58 24.41 -7.39
CA THR B 602 -44.55 23.93 -6.41
C THR B 602 -45.57 25.02 -6.06
N ASN B 603 -45.19 26.29 -6.24
CA ASN B 603 -46.12 27.38 -5.98
C ASN B 603 -47.29 27.36 -6.95
N THR B 604 -47.01 27.12 -8.23
CA THR B 604 -48.05 27.09 -9.25
C THR B 604 -48.92 25.85 -9.11
N SER B 605 -48.32 24.67 -9.23
CA SER B 605 -49.06 23.41 -9.16
C SER B 605 -48.07 22.30 -8.78
N ASN B 606 -48.50 21.05 -8.92
CA ASN B 606 -47.67 19.90 -8.60
C ASN B 606 -47.62 18.88 -9.73
N GLN B 607 -48.09 19.23 -10.92
CA GLN B 607 -48.08 18.30 -12.06
C GLN B 607 -46.67 18.26 -12.63
N VAL B 608 -45.91 17.25 -12.24
CA VAL B 608 -44.52 17.09 -12.65
C VAL B 608 -44.43 15.99 -13.69
N ALA B 609 -43.71 16.26 -14.78
CA ALA B 609 -43.44 15.28 -15.82
C ALA B 609 -42.04 14.73 -15.66
N VAL B 610 -41.75 13.67 -16.43
CA VAL B 610 -40.45 13.01 -16.39
C VAL B 610 -39.88 12.94 -17.79
N LEU B 611 -38.56 12.86 -17.86
CA LEU B 611 -37.83 12.82 -19.13
C LEU B 611 -36.74 11.77 -19.03
N TYR B 612 -36.93 10.65 -19.71
CA TYR B 612 -35.93 9.59 -19.76
C TYR B 612 -34.92 9.90 -20.85
N GLN B 613 -33.74 10.37 -20.47
CA GLN B 613 -32.74 10.76 -21.44
C GLN B 613 -32.15 9.55 -22.14
N GLY B 614 -31.89 9.70 -23.44
CA GLY B 614 -31.25 8.68 -24.29
C GLY B 614 -32.05 7.39 -24.36
N VAL B 615 -33.37 7.45 -24.20
CA VAL B 615 -34.21 6.25 -24.28
C VAL B 615 -35.07 6.35 -25.53
N ASN B 616 -35.33 5.19 -26.16
CA ASN B 616 -36.13 5.12 -27.38
C ASN B 616 -37.63 5.10 -27.10
N CYS B 617 -38.04 5.47 -25.89
CA CYS B 617 -39.44 5.53 -25.50
C CYS B 617 -40.13 4.18 -25.65
N THR B 618 -39.35 3.11 -25.62
CA THR B 618 -39.91 1.76 -25.71
C THR B 618 -39.29 0.78 -24.71
N GLU B 619 -38.19 1.11 -24.05
CA GLU B 619 -37.58 0.23 -23.06
C GLU B 619 -37.99 0.57 -21.63
N VAL B 620 -38.77 1.63 -21.43
CA VAL B 620 -39.20 2.01 -20.09
C VAL B 620 -40.27 1.06 -19.57
N ASN B 641 -49.07 11.36 -23.99
CA ASN B 641 -48.15 10.72 -23.05
C ASN B 641 -46.79 10.47 -23.70
N VAL B 642 -46.68 9.34 -24.38
CA VAL B 642 -45.43 8.95 -25.05
C VAL B 642 -45.17 9.91 -26.21
N PHE B 643 -43.97 10.49 -26.24
CA PHE B 643 -43.57 11.42 -27.30
C PHE B 643 -42.06 11.36 -27.44
N GLN B 644 -41.58 10.79 -28.53
CA GLN B 644 -40.15 10.66 -28.78
C GLN B 644 -39.57 12.00 -29.18
N THR B 645 -38.58 12.47 -28.40
CA THR B 645 -37.90 13.72 -28.66
C THR B 645 -36.54 13.42 -29.32
N ARG B 646 -35.75 14.47 -29.53
CA ARG B 646 -34.40 14.33 -30.05
C ARG B 646 -33.36 14.28 -28.94
N ALA B 647 -33.79 14.37 -27.68
CA ALA B 647 -32.88 14.31 -26.54
C ALA B 647 -33.24 13.23 -25.53
N GLY B 648 -34.38 12.56 -25.69
CA GLY B 648 -34.77 11.52 -24.76
C GLY B 648 -36.22 11.13 -24.99
N CYS B 649 -36.79 10.49 -23.97
CA CYS B 649 -38.17 10.02 -23.99
C CYS B 649 -38.99 10.79 -22.97
N LEU B 650 -39.87 11.66 -23.46
CA LEU B 650 -40.67 12.55 -22.62
C LEU B 650 -42.07 11.97 -22.50
N ILE B 651 -42.42 11.52 -21.30
CA ILE B 651 -43.75 10.97 -21.03
C ILE B 651 -44.42 11.77 -19.93
N GLY B 652 -45.50 12.48 -20.28
CA GLY B 652 -46.22 13.27 -19.31
C GLY B 652 -46.64 14.62 -19.85
N ALA B 653 -46.24 14.93 -21.08
CA ALA B 653 -46.57 16.20 -21.71
C ALA B 653 -47.13 15.94 -23.10
N GLU B 654 -47.89 16.91 -23.61
CA GLU B 654 -48.48 16.83 -24.92
C GLU B 654 -47.69 17.66 -25.91
N HIS B 655 -47.63 17.20 -27.16
CA HIS B 655 -46.87 17.87 -28.22
C HIS B 655 -47.80 18.81 -28.97
N VAL B 656 -47.79 20.09 -28.58
CA VAL B 656 -48.58 21.10 -29.27
C VAL B 656 -47.78 21.62 -30.46
N ASN B 657 -48.47 22.01 -31.53
CA ASN B 657 -47.81 22.47 -32.75
C ASN B 657 -47.50 23.96 -32.75
N ASN B 658 -47.74 24.67 -31.66
CA ASN B 658 -47.45 26.09 -31.58
C ASN B 658 -45.97 26.31 -31.29
N SER B 659 -45.58 27.58 -31.20
CA SER B 659 -44.18 27.93 -30.94
C SER B 659 -44.16 29.19 -30.06
N TYR B 660 -44.01 28.99 -28.76
CA TYR B 660 -43.90 30.08 -27.81
C TYR B 660 -42.44 30.27 -27.43
N GLU B 661 -42.19 31.16 -26.47
CA GLU B 661 -40.83 31.34 -25.95
C GLU B 661 -40.46 30.17 -25.05
N CYS B 662 -39.17 29.85 -25.05
CA CYS B 662 -38.68 28.70 -24.29
C CYS B 662 -38.69 29.02 -22.79
N ASP B 663 -39.60 28.39 -22.06
CA ASP B 663 -39.65 28.57 -20.61
C ASP B 663 -38.67 27.64 -19.92
N ILE B 664 -38.82 26.34 -20.15
CA ILE B 664 -37.94 25.32 -19.58
C ILE B 664 -37.27 24.57 -20.72
N PRO B 665 -35.96 24.66 -20.87
CA PRO B 665 -35.29 23.96 -21.97
C PRO B 665 -35.23 22.47 -21.72
N ILE B 666 -35.26 21.72 -22.82
CA ILE B 666 -35.20 20.26 -22.76
C ILE B 666 -34.00 19.78 -23.57
N GLY B 667 -33.87 20.25 -24.80
CA GLY B 667 -32.76 19.88 -25.65
C GLY B 667 -33.13 19.77 -27.12
N ALA B 668 -32.20 20.18 -27.98
CA ALA B 668 -32.39 20.10 -29.43
C ALA B 668 -33.60 20.91 -29.89
N GLY B 669 -33.91 21.99 -29.19
CA GLY B 669 -35.00 22.85 -29.59
C GLY B 669 -36.29 22.63 -28.82
N ILE B 670 -36.40 21.47 -28.17
CA ILE B 670 -37.61 21.15 -27.42
C ILE B 670 -37.69 22.01 -26.16
N CYS B 671 -38.88 22.56 -25.90
CA CYS B 671 -39.10 23.39 -24.73
C CYS B 671 -40.49 23.10 -24.19
N ALA B 672 -40.60 23.05 -22.86
CA ALA B 672 -41.84 22.74 -22.18
C ALA B 672 -42.35 23.95 -21.41
N SER B 673 -43.64 23.94 -21.09
CA SER B 673 -44.27 25.03 -20.34
C SER B 673 -45.59 24.57 -19.74
N TYR B 674 -46.05 25.29 -18.71
CA TYR B 674 -47.30 24.98 -18.02
C TYR B 674 -48.33 26.04 -18.38
N GLN B 675 -49.16 25.75 -19.39
CA GLN B 675 -50.19 26.67 -19.84
C GLN B 675 -51.50 25.92 -19.98
N THR B 676 -52.54 26.63 -20.38
CA THR B 676 -53.86 26.04 -20.57
C THR B 676 -53.92 25.26 -21.87
N SER B 689 -57.33 21.85 -15.86
CA SER B 689 -57.51 22.93 -16.81
C SER B 689 -56.21 23.18 -17.60
N GLN B 690 -55.09 23.18 -16.89
CA GLN B 690 -53.78 23.42 -17.48
C GLN B 690 -52.92 22.17 -17.33
N SER B 691 -52.05 21.94 -18.32
CA SER B 691 -51.20 20.76 -18.32
C SER B 691 -49.87 21.11 -18.98
N ILE B 692 -48.85 20.30 -18.69
CA ILE B 692 -47.54 20.52 -19.28
C ILE B 692 -47.58 20.22 -20.77
N ILE B 693 -47.05 21.13 -21.57
CA ILE B 693 -47.01 20.97 -23.02
C ILE B 693 -45.57 20.81 -23.46
N ALA B 694 -45.37 20.38 -24.72
CA ALA B 694 -44.04 20.16 -25.28
C ALA B 694 -44.03 20.75 -26.70
N TYR B 695 -43.55 21.98 -26.81
CA TYR B 695 -43.52 22.67 -28.09
C TYR B 695 -42.09 22.87 -28.57
N THR B 696 -41.95 23.56 -29.69
CA THR B 696 -40.65 23.93 -30.24
C THR B 696 -40.45 25.44 -30.11
N MET B 697 -39.29 25.83 -29.58
CA MET B 697 -39.02 27.23 -29.31
C MET B 697 -38.87 28.01 -30.61
N SER B 698 -39.37 29.24 -30.59
CA SER B 698 -39.28 30.16 -31.72
C SER B 698 -38.16 31.16 -31.47
N LEU B 699 -37.38 31.44 -32.51
CA LEU B 699 -36.25 32.35 -32.39
C LEU B 699 -36.68 33.80 -32.18
N GLY B 700 -37.93 34.13 -32.42
CA GLY B 700 -38.42 35.49 -32.22
C GLY B 700 -39.57 35.77 -33.18
N ALA B 701 -39.73 37.05 -33.49
CA ALA B 701 -40.78 37.49 -34.40
C ALA B 701 -40.29 37.37 -35.85
N GLU B 702 -41.06 37.90 -36.78
CA GLU B 702 -40.71 37.88 -38.20
C GLU B 702 -40.91 39.28 -38.76
N ASN B 703 -39.82 40.02 -38.90
CA ASN B 703 -39.86 41.38 -39.42
C ASN B 703 -39.26 41.43 -40.82
N SER B 704 -39.81 42.33 -41.64
CA SER B 704 -39.35 42.49 -43.02
C SER B 704 -39.32 43.99 -43.31
N VAL B 705 -38.13 44.58 -43.17
CA VAL B 705 -37.98 46.01 -43.43
C VAL B 705 -38.13 46.28 -44.91
N ALA B 706 -38.99 47.24 -45.25
CA ALA B 706 -39.20 47.61 -46.65
C ALA B 706 -38.00 48.36 -47.20
N TYR B 707 -37.09 47.65 -47.85
CA TYR B 707 -35.85 48.23 -48.34
C TYR B 707 -36.04 48.70 -49.78
N SER B 708 -35.96 50.01 -49.99
CA SER B 708 -35.95 50.61 -51.31
C SER B 708 -34.63 51.39 -51.47
N ASN B 709 -34.38 51.85 -52.70
CA ASN B 709 -33.18 52.61 -53.00
C ASN B 709 -33.42 54.12 -52.94
N ASN B 710 -34.64 54.51 -52.56
CA ASN B 710 -34.96 55.92 -52.38
C ASN B 710 -35.81 56.12 -51.13
N SER B 711 -35.46 55.44 -50.04
CA SER B 711 -36.23 55.51 -48.81
C SER B 711 -35.30 55.71 -47.63
N ILE B 712 -35.70 56.59 -46.72
CA ILE B 712 -34.94 56.89 -45.51
C ILE B 712 -35.92 57.11 -44.37
N ALA B 713 -35.68 56.44 -43.24
CA ALA B 713 -36.52 56.54 -42.06
C ALA B 713 -35.75 57.27 -40.97
N ILE B 714 -36.25 58.43 -40.57
CA ILE B 714 -35.62 59.25 -39.54
C ILE B 714 -36.57 59.33 -38.34
N PRO B 715 -36.10 59.07 -37.12
CA PRO B 715 -36.97 59.20 -35.96
C PRO B 715 -37.38 60.64 -35.71
N THR B 716 -38.55 60.80 -35.07
CA THR B 716 -39.06 62.12 -34.73
C THR B 716 -39.17 62.36 -33.23
N ASN B 717 -38.82 61.39 -32.40
CA ASN B 717 -38.91 61.53 -30.96
C ASN B 717 -37.84 60.65 -30.32
N PHE B 718 -37.75 60.72 -29.00
CA PHE B 718 -36.75 59.94 -28.27
C PHE B 718 -37.26 59.63 -26.87
N THR B 719 -36.75 58.54 -26.31
CA THR B 719 -37.11 58.11 -24.96
C THR B 719 -35.85 57.68 -24.23
N ILE B 720 -35.66 58.17 -23.01
CA ILE B 720 -34.51 57.84 -22.20
C ILE B 720 -34.80 56.54 -21.45
N SER B 721 -33.80 55.65 -21.41
CA SER B 721 -33.95 54.37 -20.74
C SER B 721 -32.74 54.11 -19.87
N VAL B 722 -32.97 53.48 -18.72
CA VAL B 722 -31.93 53.14 -17.77
C VAL B 722 -31.94 51.63 -17.57
N THR B 723 -30.84 50.97 -17.93
CA THR B 723 -30.70 49.53 -17.81
C THR B 723 -29.97 49.20 -16.52
N THR B 724 -29.63 47.93 -16.33
CA THR B 724 -28.94 47.48 -15.13
C THR B 724 -28.09 46.27 -15.47
N GLU B 725 -26.82 46.30 -15.06
CA GLU B 725 -25.88 45.21 -15.30
C GLU B 725 -25.12 44.93 -14.02
N ILE B 726 -25.26 43.72 -13.50
CA ILE B 726 -24.63 43.35 -12.24
C ILE B 726 -23.48 42.39 -12.53
N LEU B 727 -22.31 42.69 -11.95
CA LEU B 727 -21.12 41.89 -12.17
C LEU B 727 -20.44 41.63 -10.82
N PRO B 728 -20.00 40.40 -10.54
CA PRO B 728 -19.26 40.15 -9.31
C PRO B 728 -17.86 40.73 -9.37
N VAL B 729 -17.28 40.98 -8.20
CA VAL B 729 -15.97 41.60 -8.11
C VAL B 729 -14.99 40.69 -7.39
N SER B 730 -15.32 40.32 -6.15
CA SER B 730 -14.43 39.54 -5.32
C SER B 730 -15.17 38.36 -4.69
N MET B 731 -14.41 37.34 -4.33
CA MET B 731 -14.91 36.13 -3.69
C MET B 731 -14.61 36.20 -2.19
N THR B 732 -14.91 35.12 -1.47
CA THR B 732 -14.69 35.05 -0.04
C THR B 732 -13.27 34.55 0.25
N LYS B 733 -12.64 35.14 1.26
CA LYS B 733 -11.29 34.78 1.67
C LYS B 733 -11.39 33.73 2.77
N THR B 734 -10.87 32.54 2.51
CA THR B 734 -10.95 31.42 3.45
C THR B 734 -9.66 30.62 3.40
N SER B 735 -8.97 30.54 4.54
CA SER B 735 -7.76 29.74 4.68
C SER B 735 -8.04 28.57 5.63
N VAL B 736 -7.30 27.48 5.41
CA VAL B 736 -7.47 26.28 6.21
C VAL B 736 -6.19 25.95 6.96
N ASP B 737 -6.27 25.02 7.91
CA ASP B 737 -5.13 24.56 8.69
C ASP B 737 -4.89 23.10 8.32
N CYS B 738 -3.79 22.85 7.61
CA CYS B 738 -3.46 21.53 7.08
C CYS B 738 -3.44 20.45 8.16
N THR B 739 -2.58 20.64 9.16
CA THR B 739 -2.40 19.66 10.22
C THR B 739 -3.67 19.47 11.03
N MET B 740 -4.32 20.58 11.41
CA MET B 740 -5.55 20.47 12.19
C MET B 740 -6.66 19.82 11.39
N TYR B 741 -6.69 20.02 10.08
CA TYR B 741 -7.69 19.36 9.24
C TYR B 741 -7.44 17.86 9.15
N ILE B 742 -6.24 17.48 8.70
CA ILE B 742 -5.92 16.08 8.49
C ILE B 742 -5.76 15.38 9.82
N CYS B 743 -4.81 15.82 10.63
CA CYS B 743 -4.52 15.20 11.93
C CYS B 743 -5.11 16.03 13.06
N GLY B 744 -6.39 15.81 13.34
CA GLY B 744 -7.05 16.52 14.41
C GLY B 744 -6.64 16.04 15.79
N ASP B 745 -5.83 16.85 16.48
CA ASP B 745 -5.37 16.56 17.84
C ASP B 745 -4.74 15.16 17.92
N SER B 746 -3.63 14.99 17.21
CA SER B 746 -2.93 13.70 17.18
C SER B 746 -1.46 13.96 16.88
N THR B 747 -0.58 13.34 17.66
CA THR B 747 0.85 13.52 17.45
C THR B 747 1.43 12.46 16.51
N GLU B 748 1.00 11.20 16.67
CA GLU B 748 1.49 10.15 15.79
C GLU B 748 1.04 10.38 14.35
N CYS B 749 -0.17 10.90 14.18
CA CYS B 749 -0.65 11.25 12.85
C CYS B 749 0.23 12.33 12.22
N SER B 750 0.64 13.32 13.01
CA SER B 750 1.52 14.36 12.50
C SER B 750 2.89 13.81 12.16
N ASN B 751 3.42 12.91 12.99
CA ASN B 751 4.71 12.29 12.70
C ASN B 751 4.64 11.47 11.43
N LEU B 752 3.50 10.83 11.17
CA LEU B 752 3.33 10.09 9.92
C LEU B 752 3.23 11.05 8.72
N LEU B 753 2.49 12.16 8.90
CA LEU B 753 2.31 13.11 7.81
C LEU B 753 3.61 13.81 7.46
N LEU B 754 4.52 13.96 8.42
CA LEU B 754 5.80 14.62 8.14
C LEU B 754 6.63 13.85 7.12
N GLN B 755 6.27 12.59 6.84
CA GLN B 755 7.05 11.80 5.89
C GLN B 755 6.66 12.10 4.45
N TYR B 756 5.48 12.70 4.23
CA TYR B 756 5.02 12.94 2.87
C TYR B 756 5.76 14.06 2.17
N GLY B 757 6.01 15.17 2.86
CA GLY B 757 6.73 16.27 2.24
C GLY B 757 6.04 17.61 2.38
N SER B 758 6.39 18.55 1.49
CA SER B 758 5.89 19.92 1.57
C SER B 758 4.72 20.11 0.61
N PHE B 759 3.56 19.61 1.02
CA PHE B 759 2.31 19.87 0.31
C PHE B 759 1.47 20.90 1.04
N CYS B 760 1.48 20.88 2.37
CA CYS B 760 0.75 21.87 3.15
C CYS B 760 1.23 23.28 2.87
N THR B 761 2.54 23.47 2.77
CA THR B 761 3.08 24.79 2.45
C THR B 761 2.63 25.25 1.07
N GLN B 762 2.60 24.32 0.11
CA GLN B 762 2.16 24.66 -1.24
C GLN B 762 0.70 25.10 -1.27
N LEU B 763 -0.18 24.32 -0.63
CA LEU B 763 -1.59 24.69 -0.62
C LEU B 763 -1.83 25.97 0.17
N ASN B 764 -1.07 26.20 1.24
CA ASN B 764 -1.18 27.46 1.98
C ASN B 764 -0.73 28.65 1.16
N ARG B 765 0.36 28.53 0.40
CA ARG B 765 0.77 29.61 -0.50
C ARG B 765 -0.28 29.85 -1.58
N ALA B 766 -0.89 28.80 -2.10
CA ALA B 766 -1.95 28.96 -3.09
C ALA B 766 -3.14 29.72 -2.49
N LEU B 767 -3.56 29.34 -1.29
CA LEU B 767 -4.67 30.03 -0.64
C LEU B 767 -4.33 31.47 -0.31
N THR B 768 -3.08 31.73 0.07
CA THR B 768 -2.66 33.11 0.35
C THR B 768 -2.68 33.95 -0.92
N GLY B 769 -2.22 33.38 -2.03
CA GLY B 769 -2.31 34.09 -3.30
C GLY B 769 -3.75 34.39 -3.69
N ILE B 770 -4.63 33.41 -3.50
CA ILE B 770 -6.06 33.65 -3.78
C ILE B 770 -6.60 34.77 -2.91
N ALA B 771 -6.24 34.76 -1.61
CA ALA B 771 -6.76 35.76 -0.69
C ALA B 771 -6.25 37.16 -1.03
N VAL B 772 -4.99 37.27 -1.45
CA VAL B 772 -4.47 38.60 -1.77
C VAL B 772 -5.02 39.08 -3.11
N GLU B 773 -5.26 38.16 -4.06
CA GLU B 773 -5.89 38.56 -5.31
C GLU B 773 -7.33 39.01 -5.10
N GLN B 774 -8.04 38.40 -4.15
CA GLN B 774 -9.42 38.81 -3.87
C GLN B 774 -9.50 40.25 -3.38
N ASP B 775 -8.46 40.75 -2.71
CA ASP B 775 -8.42 42.14 -2.30
C ASP B 775 -7.87 43.05 -3.39
N LYS B 776 -6.89 42.57 -4.16
CA LYS B 776 -6.39 43.34 -5.29
C LYS B 776 -7.49 43.63 -6.29
N ASN B 777 -8.40 42.68 -6.50
CA ASN B 777 -9.49 42.88 -7.44
C ASN B 777 -10.35 44.08 -7.07
N THR B 778 -10.83 44.12 -5.82
CA THR B 778 -11.68 45.23 -5.41
C THR B 778 -10.90 46.53 -5.30
N GLN B 779 -9.64 46.48 -4.84
CA GLN B 779 -8.81 47.67 -4.75
C GLN B 779 -8.48 48.26 -6.11
N GLU B 780 -8.50 47.44 -7.17
CA GLU B 780 -8.37 47.94 -8.53
C GLU B 780 -9.69 48.37 -9.16
N VAL B 781 -10.80 47.72 -8.84
CA VAL B 781 -12.08 48.09 -9.42
C VAL B 781 -12.62 49.38 -8.83
N PHE B 782 -12.66 49.50 -7.50
CA PHE B 782 -13.31 50.65 -6.87
C PHE B 782 -12.37 51.83 -6.66
N ALA B 783 -11.13 51.60 -6.24
CA ALA B 783 -10.20 52.69 -5.95
C ALA B 783 -9.55 53.16 -7.26
N GLN B 784 -10.29 54.02 -7.97
CA GLN B 784 -9.81 54.62 -9.21
C GLN B 784 -9.83 56.14 -9.17
N VAL B 785 -10.19 56.73 -8.03
CA VAL B 785 -10.23 58.18 -7.87
C VAL B 785 -9.29 58.56 -6.73
N LYS B 786 -8.64 59.72 -6.88
CA LYS B 786 -7.68 60.18 -5.88
C LYS B 786 -8.33 60.95 -4.75
N GLN B 787 -9.14 61.96 -5.06
CA GLN B 787 -9.79 62.78 -4.06
C GLN B 787 -11.26 62.40 -3.93
N ILE B 788 -11.75 62.44 -2.70
CA ILE B 788 -13.13 62.08 -2.39
C ILE B 788 -13.98 63.33 -2.56
N TYR B 789 -14.68 63.42 -3.69
CA TYR B 789 -15.56 64.55 -3.95
C TYR B 789 -16.83 64.44 -3.12
N LYS B 790 -17.26 65.58 -2.57
CA LYS B 790 -18.45 65.63 -1.72
C LYS B 790 -19.61 66.25 -2.50
N THR B 791 -20.81 65.85 -2.12
CA THR B 791 -22.00 66.40 -2.77
C THR B 791 -22.20 67.86 -2.35
N PRO B 792 -22.62 68.73 -3.27
CA PRO B 792 -22.82 70.14 -2.93
C PRO B 792 -24.06 70.33 -2.09
N PRO B 793 -24.35 71.57 -1.66
CA PRO B 793 -25.64 71.84 -0.99
C PRO B 793 -26.81 71.69 -1.94
N ILE B 794 -28.02 72.07 -1.47
CA ILE B 794 -29.26 71.88 -2.21
C ILE B 794 -29.06 72.25 -3.68
N LYS B 795 -29.43 71.33 -4.57
CA LYS B 795 -28.93 71.37 -5.94
C LYS B 795 -30.05 71.51 -6.97
N ASP B 796 -29.90 72.48 -7.87
CA ASP B 796 -30.79 72.64 -9.01
C ASP B 796 -30.10 72.08 -10.25
N PHE B 797 -30.15 70.76 -10.39
CA PHE B 797 -29.49 70.08 -11.51
C PHE B 797 -30.35 70.12 -12.78
N GLY B 798 -30.84 71.30 -13.12
CA GLY B 798 -31.63 71.43 -14.35
C GLY B 798 -33.05 70.95 -14.29
N GLY B 799 -33.33 69.97 -13.43
CA GLY B 799 -34.65 69.37 -13.35
C GLY B 799 -34.59 67.88 -13.07
N PHE B 800 -33.39 67.31 -13.17
CA PHE B 800 -33.21 65.90 -12.87
C PHE B 800 -33.20 65.69 -11.36
N ASN B 801 -33.84 64.61 -10.91
CA ASN B 801 -33.98 64.32 -9.50
C ASN B 801 -33.03 63.18 -9.13
N PHE B 802 -31.85 63.54 -8.64
CA PHE B 802 -30.86 62.57 -8.18
C PHE B 802 -31.03 62.33 -6.68
N SER B 803 -32.24 61.91 -6.32
CA SER B 803 -32.57 61.64 -4.93
C SER B 803 -32.59 60.16 -4.57
N GLN B 804 -32.39 59.27 -5.54
CA GLN B 804 -32.43 57.84 -5.31
C GLN B 804 -31.07 57.18 -5.39
N ILE B 805 -30.03 57.91 -5.80
CA ILE B 805 -28.70 57.35 -5.90
C ILE B 805 -27.67 58.07 -5.03
N LEU B 806 -27.96 59.28 -4.55
CA LEU B 806 -27.03 59.95 -3.66
C LEU B 806 -27.08 59.33 -2.27
N PRO B 807 -25.99 59.37 -1.50
CA PRO B 807 -25.97 58.75 -0.18
C PRO B 807 -27.00 59.34 0.78
N ASP B 808 -27.79 58.47 1.40
CA ASP B 808 -28.82 58.91 2.34
C ASP B 808 -28.18 59.28 3.69
N PRO B 809 -28.31 60.53 4.12
CA PRO B 809 -27.69 60.95 5.38
C PRO B 809 -28.53 60.63 6.60
N SER B 810 -29.72 60.07 6.39
CA SER B 810 -30.61 59.75 7.49
C SER B 810 -30.03 58.64 8.36
N LYS B 811 -29.78 57.48 7.78
CA LYS B 811 -29.16 56.38 8.51
C LYS B 811 -27.66 56.61 8.63
N PRO B 812 -27.00 56.04 9.63
CA PRO B 812 -25.54 56.22 9.74
C PRO B 812 -24.78 55.64 8.55
N SER B 813 -25.35 54.62 7.92
CA SER B 813 -24.76 54.03 6.73
C SER B 813 -24.79 55.03 5.58
N LYS B 814 -23.71 55.07 4.80
CA LYS B 814 -23.61 56.02 3.69
C LYS B 814 -24.18 55.42 2.40
N ARG B 815 -24.97 54.36 2.53
CA ARG B 815 -25.58 53.70 1.39
C ARG B 815 -26.90 54.38 1.02
N SER B 816 -27.19 54.41 -0.27
CA SER B 816 -28.42 55.03 -0.76
C SER B 816 -29.56 54.02 -0.65
N PHE B 817 -30.73 54.39 -1.19
CA PHE B 817 -31.90 53.53 -1.13
C PHE B 817 -31.71 52.29 -2.01
N ILE B 818 -31.18 52.49 -3.21
CA ILE B 818 -30.93 51.36 -4.12
C ILE B 818 -29.90 50.42 -3.50
N GLU B 819 -28.87 50.98 -2.88
CA GLU B 819 -27.87 50.15 -2.21
C GLU B 819 -28.48 49.39 -1.04
N ASP B 820 -29.38 50.02 -0.30
CA ASP B 820 -30.06 49.33 0.79
C ASP B 820 -30.89 48.16 0.26
N LEU B 821 -31.60 48.38 -0.85
CA LEU B 821 -32.38 47.31 -1.45
C LEU B 821 -31.49 46.17 -1.90
N LEU B 822 -30.37 46.49 -2.55
CA LEU B 822 -29.44 45.47 -3.02
C LEU B 822 -28.80 44.70 -1.87
N PHE B 823 -28.54 45.36 -0.75
CA PHE B 823 -27.98 44.66 0.41
C PHE B 823 -29.02 43.83 1.14
N ASN B 824 -30.28 44.25 1.13
CA ASN B 824 -31.33 43.49 1.80
C ASN B 824 -31.83 42.31 0.96
N LYS B 825 -31.72 42.39 -0.36
CA LYS B 825 -32.16 41.28 -1.21
C LYS B 825 -31.20 40.10 -1.12
N VAL B 826 -29.90 40.35 -1.32
CA VAL B 826 -28.90 39.30 -1.26
C VAL B 826 -28.73 38.86 0.19
N THR B 827 -29.17 37.65 0.50
CA THR B 827 -29.05 37.12 1.85
C THR B 827 -28.30 35.79 1.84
N LYS B 854 -15.08 27.92 11.98
CA LYS B 854 -14.45 27.70 13.28
C LYS B 854 -14.76 26.30 13.80
N PHE B 855 -14.70 25.30 12.92
CA PHE B 855 -15.02 23.93 13.30
C PHE B 855 -13.81 23.02 13.26
N ASN B 856 -13.13 22.97 12.12
CA ASN B 856 -12.00 22.07 11.96
C ASN B 856 -10.82 22.73 11.24
N GLY B 857 -10.50 23.96 11.63
CA GLY B 857 -9.37 24.66 11.06
C GLY B 857 -9.67 25.59 9.91
N LEU B 858 -10.94 25.86 9.62
CA LEU B 858 -11.34 26.76 8.55
C LEU B 858 -11.53 28.16 9.13
N THR B 859 -10.85 29.15 8.54
CA THR B 859 -10.91 30.52 9.00
C THR B 859 -11.33 31.42 7.84
N VAL B 860 -12.29 32.30 8.10
CA VAL B 860 -12.79 33.25 7.11
C VAL B 860 -12.11 34.58 7.36
N LEU B 861 -11.14 34.92 6.50
CA LEU B 861 -10.44 36.18 6.66
C LEU B 861 -11.32 37.35 6.25
N PRO B 862 -11.30 38.44 7.01
CA PRO B 862 -12.14 39.59 6.67
C PRO B 862 -11.55 40.38 5.52
N PRO B 863 -12.39 41.06 4.73
CA PRO B 863 -11.87 41.85 3.61
C PRO B 863 -11.14 43.09 4.10
N LEU B 864 -10.33 43.65 3.22
CA LEU B 864 -9.54 44.84 3.57
C LEU B 864 -10.40 46.10 3.59
N LEU B 865 -11.27 46.28 2.60
CA LEU B 865 -12.13 47.44 2.50
C LEU B 865 -13.53 47.06 2.97
N THR B 866 -14.04 47.80 3.94
CA THR B 866 -15.39 47.55 4.45
C THR B 866 -16.44 48.05 3.47
N ASP B 867 -17.70 47.81 3.81
CA ASP B 867 -18.80 48.26 2.96
C ASP B 867 -18.91 49.78 2.94
N GLU B 868 -18.59 50.43 4.05
CA GLU B 868 -18.65 51.89 4.11
C GLU B 868 -17.63 52.55 3.20
N MET B 869 -16.42 52.00 3.09
CA MET B 869 -15.45 52.55 2.16
C MET B 869 -15.87 52.37 0.71
N ILE B 870 -16.48 51.23 0.38
CA ILE B 870 -17.01 51.04 -0.97
C ILE B 870 -18.12 52.04 -1.25
N ALA B 871 -19.00 52.26 -0.27
CA ALA B 871 -20.06 53.25 -0.44
C ALA B 871 -19.50 54.66 -0.62
N GLN B 872 -18.48 55.04 0.15
CA GLN B 872 -17.86 56.34 -0.03
C GLN B 872 -17.19 56.47 -1.39
N TYR B 873 -16.52 55.42 -1.87
CA TYR B 873 -15.93 55.45 -3.20
C TYR B 873 -16.99 55.64 -4.28
N THR B 874 -18.10 54.89 -4.17
CA THR B 874 -19.17 55.04 -5.15
C THR B 874 -19.80 56.42 -5.10
N SER B 875 -19.98 56.97 -3.90
CA SER B 875 -20.53 58.33 -3.79
C SER B 875 -19.58 59.36 -4.38
N ALA B 876 -18.27 59.20 -4.16
CA ALA B 876 -17.31 60.12 -4.74
C ALA B 876 -17.32 60.04 -6.26
N LEU B 877 -17.37 58.83 -6.81
CA LEU B 877 -17.44 58.67 -8.26
C LEU B 877 -18.71 59.29 -8.82
N LEU B 878 -19.84 59.10 -8.14
CA LEU B 878 -21.10 59.67 -8.61
C LEU B 878 -21.05 61.19 -8.58
N ALA B 879 -20.52 61.77 -7.49
CA ALA B 879 -20.42 63.22 -7.40
C ALA B 879 -19.48 63.77 -8.49
N GLY B 880 -18.39 63.06 -8.77
CA GLY B 880 -17.48 63.51 -9.81
C GLY B 880 -18.10 63.45 -11.19
N THR B 881 -18.89 62.39 -11.45
CA THR B 881 -19.54 62.27 -12.75
C THR B 881 -20.66 63.29 -12.91
N ILE B 882 -21.31 63.67 -11.80
CA ILE B 882 -22.43 64.61 -11.89
C ILE B 882 -21.91 66.04 -12.01
N THR B 883 -21.05 66.46 -11.09
CA THR B 883 -20.60 67.85 -11.05
C THR B 883 -19.61 68.14 -12.17
N SER B 884 -18.48 67.45 -12.17
CA SER B 884 -17.43 67.69 -13.15
C SER B 884 -17.78 67.11 -14.51
N GLY B 885 -18.07 65.81 -14.55
CA GLY B 885 -18.41 65.15 -15.79
C GLY B 885 -17.43 64.07 -16.17
N TRP B 886 -16.71 64.26 -17.28
CA TRP B 886 -15.69 63.33 -17.71
C TRP B 886 -14.28 63.93 -17.66
N THR B 887 -14.11 65.03 -16.92
CA THR B 887 -12.81 65.70 -16.83
C THR B 887 -12.07 65.36 -15.55
N PHE B 888 -12.69 64.65 -14.62
CA PHE B 888 -12.05 64.29 -13.35
C PHE B 888 -11.29 62.97 -13.44
N GLY B 889 -11.18 62.39 -14.63
CA GLY B 889 -10.45 61.16 -14.80
C GLY B 889 -9.14 61.35 -15.54
N ALA B 890 -8.92 62.56 -16.05
CA ALA B 890 -7.70 62.91 -16.75
C ALA B 890 -6.88 63.98 -16.03
N GLY B 891 -7.52 65.00 -15.48
CA GLY B 891 -6.82 66.04 -14.76
C GLY B 891 -7.53 66.47 -13.49
N ALA B 892 -7.76 67.77 -13.34
CA ALA B 892 -8.44 68.31 -12.17
C ALA B 892 -9.92 68.47 -12.48
N ALA B 893 -10.73 68.46 -11.42
CA ALA B 893 -12.18 68.60 -11.59
C ALA B 893 -12.53 70.00 -12.09
N LEU B 894 -13.35 70.05 -13.14
CA LEU B 894 -13.79 71.32 -13.73
C LEU B 894 -15.31 71.37 -13.64
N GLN B 895 -15.83 72.30 -12.85
CA GLN B 895 -17.27 72.41 -12.68
C GLN B 895 -17.93 72.88 -13.96
N ILE B 896 -19.16 72.44 -14.18
CA ILE B 896 -19.93 72.77 -15.38
C ILE B 896 -21.39 72.47 -15.10
N PRO B 897 -22.32 73.30 -15.57
CA PRO B 897 -23.74 73.00 -15.36
C PRO B 897 -24.13 71.65 -15.97
N PHE B 898 -25.04 70.95 -15.28
CA PHE B 898 -25.43 69.62 -15.73
C PHE B 898 -26.15 69.68 -17.07
N ALA B 899 -26.89 70.76 -17.32
CA ALA B 899 -27.56 70.93 -18.60
C ALA B 899 -26.57 70.99 -19.76
N MET B 900 -25.49 71.76 -19.60
CA MET B 900 -24.48 71.83 -20.65
C MET B 900 -23.73 70.51 -20.79
N GLN B 901 -23.55 69.78 -19.68
CA GLN B 901 -22.94 68.45 -19.77
C GLN B 901 -23.79 67.51 -20.59
N MET B 902 -25.10 67.49 -20.33
CA MET B 902 -26.00 66.66 -21.13
C MET B 902 -26.06 67.13 -22.57
N ALA B 903 -25.97 68.43 -22.81
CA ALA B 903 -25.92 68.94 -24.18
C ALA B 903 -24.67 68.44 -24.90
N TYR B 904 -23.53 68.40 -24.21
CA TYR B 904 -22.31 67.88 -24.81
C TYR B 904 -22.38 66.38 -25.05
N ARG B 905 -23.05 65.65 -24.15
CA ARG B 905 -23.30 64.23 -24.40
C ARG B 905 -24.14 64.02 -25.64
N PHE B 906 -25.22 64.79 -25.79
CA PHE B 906 -26.06 64.70 -26.98
C PHE B 906 -25.29 65.10 -28.23
N ASN B 907 -24.41 66.10 -28.13
CA ASN B 907 -23.53 66.45 -29.25
C ASN B 907 -22.53 65.35 -29.56
N GLY B 908 -22.29 64.43 -28.63
CA GLY B 908 -21.39 63.32 -28.88
C GLY B 908 -22.11 62.13 -29.48
N ILE B 909 -23.38 61.94 -29.13
CA ILE B 909 -24.16 60.83 -29.67
C ILE B 909 -24.70 61.13 -31.06
N GLY B 910 -24.52 62.35 -31.57
CA GLY B 910 -24.92 62.66 -32.93
C GLY B 910 -25.85 63.84 -33.08
N VAL B 911 -26.81 63.98 -32.16
CA VAL B 911 -27.78 65.07 -32.26
C VAL B 911 -27.14 66.38 -31.83
N THR B 912 -27.83 67.48 -32.11
CA THR B 912 -27.31 68.80 -31.78
C THR B 912 -27.70 69.18 -30.34
N GLN B 913 -27.35 70.41 -29.97
CA GLN B 913 -27.61 70.88 -28.61
C GLN B 913 -29.02 71.44 -28.46
N ASN B 914 -29.60 71.94 -29.55
CA ASN B 914 -30.94 72.51 -29.48
C ASN B 914 -31.97 71.46 -29.12
N VAL B 915 -31.76 70.21 -29.56
CA VAL B 915 -32.69 69.13 -29.25
C VAL B 915 -32.83 68.97 -27.75
N LEU B 916 -31.75 69.16 -27.01
CA LEU B 916 -31.80 69.06 -25.56
C LEU B 916 -32.25 70.38 -24.92
N TYR B 917 -31.80 71.50 -25.47
CA TYR B 917 -32.15 72.80 -24.89
C TYR B 917 -33.63 73.09 -25.04
N GLU B 918 -34.31 72.37 -25.94
CA GLU B 918 -35.75 72.54 -26.12
C GLU B 918 -36.56 71.39 -25.53
N ASN B 919 -35.91 70.35 -25.00
CA ASN B 919 -36.63 69.20 -24.46
C ASN B 919 -36.09 68.75 -23.11
N GLN B 920 -35.34 69.61 -22.41
CA GLN B 920 -34.80 69.27 -21.11
C GLN B 920 -35.89 68.81 -20.14
N LYS B 921 -37.07 69.44 -20.20
CA LYS B 921 -38.16 69.06 -19.30
C LYS B 921 -38.60 67.62 -19.54
N LEU B 922 -38.84 67.27 -20.79
CA LEU B 922 -39.25 65.91 -21.13
C LEU B 922 -38.14 64.92 -20.78
N ILE B 923 -36.89 65.32 -20.98
CA ILE B 923 -35.76 64.43 -20.68
C ILE B 923 -35.70 64.16 -19.18
N ALA B 924 -35.86 65.19 -18.37
CA ALA B 924 -35.84 65.00 -16.92
C ALA B 924 -37.02 64.16 -16.46
N ASN B 925 -38.20 64.38 -17.05
CA ASN B 925 -39.36 63.56 -16.70
C ASN B 925 -39.13 62.09 -17.03
N GLN B 926 -38.58 61.81 -18.22
CA GLN B 926 -38.31 60.43 -18.60
C GLN B 926 -37.24 59.82 -17.71
N PHE B 927 -36.24 60.61 -17.32
CA PHE B 927 -35.20 60.10 -16.43
C PHE B 927 -35.78 59.74 -15.06
N ASN B 928 -36.62 60.60 -14.51
CA ASN B 928 -37.25 60.31 -13.23
C ASN B 928 -38.15 59.08 -13.32
N SER B 929 -38.91 58.96 -14.42
CA SER B 929 -39.75 57.79 -14.59
C SER B 929 -38.92 56.52 -14.70
N ALA B 930 -37.80 56.57 -15.41
CA ALA B 930 -36.93 55.40 -15.52
C ALA B 930 -36.32 55.02 -14.18
N ILE B 931 -35.91 56.01 -13.40
CA ILE B 931 -35.36 55.72 -12.06
C ILE B 931 -36.44 55.08 -11.19
N GLY B 932 -37.66 55.60 -11.24
CA GLY B 932 -38.74 55.01 -10.46
C GLY B 932 -39.04 53.57 -10.89
N LYS B 933 -39.05 53.33 -12.20
CA LYS B 933 -39.29 51.97 -12.69
C LYS B 933 -38.17 51.02 -12.28
N ILE B 934 -36.92 51.49 -12.30
CA ILE B 934 -35.81 50.67 -11.87
C ILE B 934 -35.94 50.33 -10.39
N GLN B 935 -36.29 51.32 -9.57
CA GLN B 935 -36.49 51.08 -8.14
C GLN B 935 -37.60 50.07 -7.90
N ASP B 936 -38.71 50.21 -8.64
CA ASP B 936 -39.83 49.29 -8.48
C ASP B 936 -39.44 47.88 -8.89
N SER B 937 -38.68 47.75 -9.98
CA SER B 937 -38.26 46.43 -10.45
C SER B 937 -37.30 45.79 -9.46
N LEU B 938 -36.42 46.59 -8.85
CA LEU B 938 -35.47 46.04 -7.89
C LEU B 938 -36.17 45.66 -6.58
N SER B 939 -37.20 46.41 -6.20
CA SER B 939 -37.92 46.11 -4.96
C SER B 939 -38.93 44.98 -5.14
N SER B 940 -39.36 44.71 -6.37
CA SER B 940 -40.34 43.66 -6.62
C SER B 940 -39.70 42.29 -6.72
N THR B 941 -38.76 42.12 -7.66
CA THR B 941 -38.08 40.86 -7.88
C THR B 941 -36.58 41.08 -7.87
N ALA B 942 -35.83 40.04 -7.54
CA ALA B 942 -34.37 40.08 -7.49
C ALA B 942 -33.75 39.00 -8.38
N SER B 943 -34.28 38.83 -9.58
CA SER B 943 -33.79 37.81 -10.50
C SER B 943 -32.46 38.20 -11.15
N ALA B 944 -32.06 39.46 -11.09
CA ALA B 944 -30.79 39.89 -11.66
C ALA B 944 -29.61 39.68 -10.73
N LEU B 945 -29.86 39.32 -9.47
CA LEU B 945 -28.80 39.09 -8.50
C LEU B 945 -28.41 37.62 -8.48
N GLY B 946 -28.53 36.94 -9.63
CA GLY B 946 -28.26 35.52 -9.68
C GLY B 946 -26.82 35.15 -9.44
N LYS B 947 -25.88 35.87 -10.05
CA LYS B 947 -24.46 35.50 -9.93
C LYS B 947 -23.94 35.73 -8.52
N LEU B 948 -24.33 36.84 -7.90
CA LEU B 948 -23.86 37.15 -6.56
C LEU B 948 -24.31 36.11 -5.55
N GLN B 949 -25.52 35.56 -5.74
CA GLN B 949 -26.00 34.51 -4.85
C GLN B 949 -25.39 33.16 -5.22
N ASP B 950 -25.16 32.91 -6.51
CA ASP B 950 -24.63 31.63 -6.94
C ASP B 950 -23.19 31.45 -6.46
N VAL B 951 -22.42 32.54 -6.42
CA VAL B 951 -21.04 32.45 -5.92
C VAL B 951 -21.03 31.98 -4.47
N VAL B 952 -21.87 32.62 -3.64
CA VAL B 952 -21.93 32.28 -2.23
C VAL B 952 -22.45 30.85 -2.05
N ASN B 953 -23.44 30.47 -2.86
CA ASN B 953 -23.98 29.12 -2.76
C ASN B 953 -22.93 28.08 -3.13
N GLN B 954 -22.12 28.35 -4.16
CA GLN B 954 -21.09 27.41 -4.57
C GLN B 954 -20.00 27.31 -3.52
N ASN B 955 -19.61 28.44 -2.92
CA ASN B 955 -18.61 28.40 -1.85
C ASN B 955 -19.12 27.61 -0.65
N ALA B 956 -20.38 27.83 -0.28
CA ALA B 956 -20.96 27.08 0.84
C ALA B 956 -21.06 25.60 0.52
N GLN B 957 -21.40 25.24 -0.73
CA GLN B 957 -21.46 23.84 -1.11
C GLN B 957 -20.08 23.20 -1.04
N ALA B 958 -19.04 23.92 -1.47
CA ALA B 958 -17.68 23.39 -1.38
C ALA B 958 -17.27 23.18 0.08
N LEU B 959 -17.57 24.15 0.95
CA LEU B 959 -17.24 24.00 2.36
C LEU B 959 -17.99 22.84 3.00
N ASN B 960 -19.28 22.69 2.70
CA ASN B 960 -20.06 21.60 3.26
C ASN B 960 -19.56 20.24 2.75
N THR B 961 -19.16 20.19 1.47
CA THR B 961 -18.61 18.95 0.94
C THR B 961 -17.30 18.60 1.60
N LEU B 962 -16.46 19.59 1.88
CA LEU B 962 -15.21 19.35 2.60
C LEU B 962 -15.49 18.82 4.00
N VAL B 963 -16.44 19.44 4.70
CA VAL B 963 -16.78 19.01 6.05
C VAL B 963 -17.32 17.58 6.05
N LYS B 964 -18.13 17.24 5.03
CA LYS B 964 -18.66 15.89 4.94
C LYS B 964 -17.58 14.86 4.61
N GLN B 965 -16.67 15.19 3.69
CA GLN B 965 -15.54 14.32 3.40
C GLN B 965 -14.60 14.15 4.58
N LEU B 966 -14.58 15.12 5.50
CA LEU B 966 -13.81 14.96 6.73
C LEU B 966 -14.28 13.79 7.59
N SER B 967 -15.48 13.28 7.37
CA SER B 967 -16.02 12.21 8.20
C SER B 967 -16.30 10.96 7.38
N SER B 968 -15.36 10.58 6.51
CA SER B 968 -15.49 9.37 5.70
C SER B 968 -14.46 8.35 6.15
N ASN B 969 -14.69 7.09 5.77
CA ASN B 969 -13.81 6.00 6.19
C ASN B 969 -12.60 5.87 5.27
N PHE B 970 -12.79 6.11 3.97
CA PHE B 970 -11.74 5.96 2.96
C PHE B 970 -11.11 4.57 2.96
N GLY B 971 -11.88 3.55 3.30
CA GLY B 971 -11.37 2.20 3.35
C GLY B 971 -10.69 1.88 4.67
N ALA B 972 -11.40 2.13 5.78
CA ALA B 972 -10.85 1.90 7.11
C ALA B 972 -11.95 1.31 7.99
N ILE B 973 -11.55 0.94 9.21
CA ILE B 973 -12.51 0.38 10.16
C ILE B 973 -13.46 1.45 10.66
N SER B 974 -12.92 2.63 10.98
CA SER B 974 -13.74 3.74 11.46
C SER B 974 -13.07 5.05 11.07
N SER B 975 -13.90 6.09 10.95
CA SER B 975 -13.40 7.41 10.59
C SER B 975 -12.68 8.06 11.78
N VAL B 976 -13.19 7.84 12.99
CA VAL B 976 -12.55 8.38 14.18
C VAL B 976 -11.20 7.70 14.39
N LEU B 977 -10.16 8.50 14.54
CA LEU B 977 -8.80 7.97 14.60
C LEU B 977 -8.38 7.53 16.00
N ASN B 978 -8.90 8.20 17.05
CA ASN B 978 -8.54 7.80 18.41
C ASN B 978 -9.08 6.42 18.72
N ASP B 979 -10.31 6.11 18.28
CA ASP B 979 -10.84 4.77 18.44
C ASP B 979 -10.00 3.74 17.69
N ILE B 980 -9.48 4.12 16.51
CA ILE B 980 -8.65 3.21 15.73
C ILE B 980 -7.36 2.91 16.48
N LEU B 981 -6.70 3.95 16.99
CA LEU B 981 -5.44 3.74 17.71
C LEU B 981 -5.63 3.15 19.09
N SER B 982 -6.85 3.17 19.65
CA SER B 982 -7.11 2.58 20.95
C SER B 982 -7.65 1.15 20.86
N ARG B 983 -8.19 0.74 19.71
CA ARG B 983 -8.72 -0.60 19.55
C ARG B 983 -7.80 -1.54 18.79
N LEU B 984 -6.77 -1.03 18.12
CA LEU B 984 -5.89 -1.87 17.33
C LEU B 984 -4.46 -1.67 17.80
N ASP B 985 -3.54 -2.40 17.18
CA ASP B 985 -2.13 -2.36 17.47
C ASP B 985 -1.46 -1.24 16.66
N PRO B 986 -0.30 -0.77 17.10
CA PRO B 986 0.42 0.29 16.37
C PRO B 986 0.68 -0.06 14.92
N PRO B 987 1.07 -1.32 14.59
CA PRO B 987 1.29 -1.62 13.16
C PRO B 987 0.09 -1.35 12.26
N GLU B 988 -1.08 -1.88 12.61
CA GLU B 988 -2.26 -1.65 11.79
C GLU B 988 -2.74 -0.21 11.91
N ALA B 989 -2.52 0.41 13.09
CA ALA B 989 -2.90 1.81 13.28
C ALA B 989 -2.14 2.71 12.32
N GLU B 990 -0.86 2.41 12.07
CA GLU B 990 -0.08 3.18 11.12
C GLU B 990 -0.70 3.12 9.72
N VAL B 991 -1.11 1.93 9.29
CA VAL B 991 -1.70 1.77 7.96
C VAL B 991 -3.02 2.51 7.88
N GLN B 992 -3.84 2.41 8.92
CA GLN B 992 -5.14 3.09 8.91
C GLN B 992 -4.96 4.60 8.87
N ILE B 993 -4.04 5.14 9.67
CA ILE B 993 -3.77 6.57 9.66
C ILE B 993 -3.22 7.00 8.31
N ASP B 994 -2.40 6.15 7.68
CA ASP B 994 -1.87 6.48 6.36
C ASP B 994 -2.98 6.56 5.33
N ARG B 995 -3.92 5.61 5.37
CA ARG B 995 -5.04 5.64 4.44
C ARG B 995 -5.89 6.89 4.65
N LEU B 996 -6.18 7.22 5.91
CA LEU B 996 -6.96 8.41 6.20
C LEU B 996 -6.25 9.68 5.73
N ILE B 997 -4.92 9.72 5.93
CA ILE B 997 -4.15 10.89 5.52
C ILE B 997 -4.17 11.04 4.00
N THR B 998 -4.02 9.92 3.28
CA THR B 998 -4.08 9.97 1.82
C THR B 998 -5.44 10.46 1.34
N GLY B 999 -6.52 9.93 1.92
CA GLY B 999 -7.85 10.37 1.51
C GLY B 999 -8.08 11.85 1.77
N ARG B 1000 -7.76 12.32 2.98
CA ARG B 1000 -7.94 13.72 3.30
C ARG B 1000 -7.04 14.64 2.49
N LEU B 1001 -5.82 14.20 2.17
CA LEU B 1001 -4.95 15.02 1.33
C LEU B 1001 -5.49 15.12 -0.09
N GLN B 1002 -6.02 14.02 -0.63
CA GLN B 1002 -6.66 14.09 -1.95
C GLN B 1002 -7.85 15.05 -1.93
N SER B 1003 -8.69 14.96 -0.90
CA SER B 1003 -9.83 15.87 -0.80
C SER B 1003 -9.38 17.32 -0.73
N LEU B 1004 -8.35 17.61 0.08
CA LEU B 1004 -7.86 18.97 0.22
C LEU B 1004 -7.26 19.48 -1.08
N GLN B 1005 -6.55 18.62 -1.82
CA GLN B 1005 -5.99 19.05 -3.09
C GLN B 1005 -7.08 19.35 -4.11
N THR B 1006 -8.12 18.52 -4.15
CA THR B 1006 -9.25 18.81 -5.04
C THR B 1006 -9.91 20.13 -4.68
N TYR B 1007 -10.08 20.38 -3.38
CA TYR B 1007 -10.66 21.65 -2.94
C TYR B 1007 -9.80 22.83 -3.36
N VAL B 1008 -8.48 22.70 -3.21
CA VAL B 1008 -7.57 23.79 -3.58
C VAL B 1008 -7.62 24.05 -5.07
N THR B 1009 -7.70 22.98 -5.88
CA THR B 1009 -7.77 23.16 -7.33
C THR B 1009 -9.06 23.86 -7.73
N GLN B 1010 -10.19 23.44 -7.13
CA GLN B 1010 -11.46 24.10 -7.41
C GLN B 1010 -11.43 25.57 -7.01
N GLN B 1011 -10.83 25.87 -5.86
CA GLN B 1011 -10.71 27.25 -5.42
C GLN B 1011 -9.83 28.08 -6.35
N LEU B 1012 -8.75 27.49 -6.86
CA LEU B 1012 -7.91 28.19 -7.83
C LEU B 1012 -8.66 28.51 -9.11
N ILE B 1013 -9.44 27.54 -9.62
CA ILE B 1013 -10.21 27.80 -10.83
C ILE B 1013 -11.25 28.89 -10.60
N ARG B 1014 -11.96 28.82 -9.47
CA ARG B 1014 -12.96 29.85 -9.17
C ARG B 1014 -12.33 31.21 -8.97
N ALA B 1015 -11.13 31.26 -8.36
CA ALA B 1015 -10.43 32.54 -8.20
C ALA B 1015 -9.98 33.11 -9.53
N ALA B 1016 -9.55 32.26 -10.47
CA ALA B 1016 -9.23 32.75 -11.80
C ALA B 1016 -10.46 33.32 -12.49
N GLU B 1017 -11.60 32.63 -12.38
CA GLU B 1017 -12.83 33.15 -12.98
C GLU B 1017 -13.23 34.48 -12.36
N ILE B 1018 -13.14 34.59 -11.03
CA ILE B 1018 -13.46 35.85 -10.36
C ILE B 1018 -12.50 36.96 -10.73
N ARG B 1019 -11.21 36.66 -10.91
CA ARG B 1019 -10.26 37.68 -11.35
C ARG B 1019 -10.57 38.16 -12.76
N ALA B 1020 -10.96 37.25 -13.66
CA ALA B 1020 -11.37 37.68 -15.00
C ALA B 1020 -12.60 38.57 -14.94
N SER B 1021 -13.61 38.17 -14.16
CA SER B 1021 -14.80 39.01 -14.01
C SER B 1021 -14.47 40.38 -13.40
N ALA B 1022 -13.55 40.43 -12.43
CA ALA B 1022 -13.17 41.70 -11.83
C ALA B 1022 -12.40 42.58 -12.80
N ASN B 1023 -11.54 42.00 -13.64
CA ASN B 1023 -10.88 42.78 -14.68
C ASN B 1023 -11.89 43.35 -15.66
N LEU B 1024 -12.88 42.54 -16.06
CA LEU B 1024 -13.93 43.06 -16.95
C LEU B 1024 -14.70 44.20 -16.27
N ALA B 1025 -15.03 44.05 -14.99
CA ALA B 1025 -15.76 45.10 -14.29
C ALA B 1025 -14.94 46.37 -14.16
N ALA B 1026 -13.63 46.24 -13.91
CA ALA B 1026 -12.77 47.41 -13.82
C ALA B 1026 -12.67 48.11 -15.17
N THR B 1027 -12.56 47.35 -16.26
CA THR B 1027 -12.53 47.95 -17.58
C THR B 1027 -13.83 48.70 -17.88
N LYS B 1028 -14.97 48.08 -17.56
CA LYS B 1028 -16.27 48.70 -17.76
C LYS B 1028 -16.45 49.95 -16.90
N MET B 1029 -15.93 49.97 -15.69
CA MET B 1029 -15.94 51.14 -14.83
C MET B 1029 -15.04 52.26 -15.32
N SER B 1030 -13.85 51.94 -15.84
CA SER B 1030 -12.91 52.96 -16.27
C SER B 1030 -13.25 53.54 -17.65
N GLU B 1031 -13.88 52.76 -18.52
CA GLU B 1031 -14.13 53.22 -19.89
C GLU B 1031 -15.55 53.71 -20.12
N CYS B 1032 -16.44 53.59 -19.13
CA CYS B 1032 -17.82 54.01 -19.33
C CYS B 1032 -18.26 55.06 -18.32
N VAL B 1033 -17.85 54.90 -17.06
CA VAL B 1033 -18.28 55.83 -16.01
C VAL B 1033 -17.50 57.12 -16.09
N LEU B 1034 -16.20 57.04 -16.35
CA LEU B 1034 -15.35 58.22 -16.37
C LEU B 1034 -15.22 58.78 -17.78
N GLY B 1035 -16.23 58.58 -18.61
CA GLY B 1035 -16.19 59.08 -19.96
C GLY B 1035 -17.42 58.68 -20.74
N GLN B 1036 -17.27 58.66 -22.06
CA GLN B 1036 -18.35 58.26 -22.97
C GLN B 1036 -17.77 57.33 -24.02
N SER B 1037 -18.14 56.06 -23.96
CA SER B 1037 -17.60 55.06 -24.87
C SER B 1037 -18.38 55.03 -26.17
N LYS B 1038 -17.68 54.78 -27.27
CA LYS B 1038 -18.27 54.64 -28.59
C LYS B 1038 -18.40 53.17 -29.01
N ARG B 1039 -18.34 52.26 -28.04
CA ARG B 1039 -18.42 50.83 -28.31
C ARG B 1039 -19.88 50.41 -28.25
N VAL B 1040 -20.36 49.77 -29.32
CA VAL B 1040 -21.78 49.42 -29.42
C VAL B 1040 -22.07 48.22 -28.52
N ASP B 1041 -23.17 48.31 -27.77
CA ASP B 1041 -23.64 47.24 -26.89
C ASP B 1041 -22.59 46.85 -25.85
N PHE B 1042 -21.75 47.80 -25.45
CA PHE B 1042 -20.77 47.56 -24.40
C PHE B 1042 -21.27 48.06 -23.05
N CYS B 1043 -21.76 49.30 -23.02
CA CYS B 1043 -22.28 49.92 -21.80
C CYS B 1043 -23.70 50.40 -22.07
N GLY B 1044 -24.66 49.51 -21.90
CA GLY B 1044 -26.06 49.83 -22.16
C GLY B 1044 -26.49 49.41 -23.56
N LYS B 1045 -27.80 49.39 -23.77
CA LYS B 1045 -28.39 49.00 -25.04
C LYS B 1045 -28.80 50.27 -25.79
N GLY B 1046 -27.97 50.70 -26.73
CA GLY B 1046 -28.25 51.89 -27.50
C GLY B 1046 -27.11 52.87 -27.52
N TYR B 1047 -27.41 54.16 -27.58
CA TYR B 1047 -26.40 55.21 -27.56
C TYR B 1047 -26.13 55.63 -26.12
N HIS B 1048 -24.87 55.48 -25.71
CA HIS B 1048 -24.51 55.71 -24.32
C HIS B 1048 -24.48 57.21 -23.99
N LEU B 1049 -24.99 57.55 -22.81
CA LEU B 1049 -24.96 58.93 -22.33
C LEU B 1049 -24.13 59.05 -21.06
N MET B 1050 -24.44 58.24 -20.05
CA MET B 1050 -23.74 58.29 -18.77
C MET B 1050 -24.13 57.07 -17.96
N SER B 1051 -23.27 56.72 -17.00
CA SER B 1051 -23.49 55.57 -16.13
C SER B 1051 -23.34 55.99 -14.68
N PHE B 1052 -24.07 55.31 -13.80
CA PHE B 1052 -24.06 55.60 -12.37
C PHE B 1052 -23.65 54.34 -11.62
N PRO B 1053 -22.48 54.31 -11.00
CA PRO B 1053 -22.05 53.11 -10.28
C PRO B 1053 -22.72 52.98 -8.92
N GLN B 1054 -23.02 51.74 -8.55
CA GLN B 1054 -23.63 51.44 -7.26
C GLN B 1054 -22.86 50.29 -6.60
N SER B 1055 -23.10 50.12 -5.31
CA SER B 1055 -22.44 49.09 -4.52
C SER B 1055 -23.36 47.89 -4.34
N ALA B 1056 -22.73 46.73 -4.14
CA ALA B 1056 -23.46 45.48 -3.95
C ALA B 1056 -22.57 44.52 -3.18
N PRO B 1057 -23.16 43.58 -2.44
CA PRO B 1057 -22.34 42.61 -1.70
C PRO B 1057 -21.53 41.74 -2.66
N HIS B 1058 -20.21 41.91 -2.62
CA HIS B 1058 -19.29 41.18 -3.49
C HIS B 1058 -19.65 41.37 -4.95
N GLY B 1059 -19.86 42.61 -5.34
CA GLY B 1059 -20.20 42.92 -6.72
C GLY B 1059 -20.46 44.40 -6.89
N VAL B 1060 -20.65 44.78 -8.15
CA VAL B 1060 -20.91 46.16 -8.52
C VAL B 1060 -22.10 46.19 -9.49
N VAL B 1061 -22.96 47.20 -9.32
CA VAL B 1061 -24.16 47.36 -10.13
C VAL B 1061 -24.07 48.69 -10.86
N PHE B 1062 -24.28 48.65 -12.18
CA PHE B 1062 -24.23 49.84 -13.02
C PHE B 1062 -25.64 50.19 -13.49
N LEU B 1063 -25.90 51.48 -13.64
CA LEU B 1063 -27.17 51.99 -14.16
C LEU B 1063 -26.85 52.78 -15.43
N HIS B 1064 -26.91 52.10 -16.57
CA HIS B 1064 -26.55 52.71 -17.84
C HIS B 1064 -27.70 53.54 -18.37
N VAL B 1065 -27.46 54.85 -18.53
CA VAL B 1065 -28.42 55.76 -19.13
C VAL B 1065 -28.12 55.86 -20.61
N THR B 1066 -29.06 55.43 -21.44
CA THR B 1066 -28.86 55.34 -22.88
C THR B 1066 -29.83 56.28 -23.59
N TYR B 1067 -29.73 56.32 -24.92
CA TYR B 1067 -30.56 57.16 -25.77
C TYR B 1067 -31.22 56.27 -26.81
N VAL B 1068 -32.51 56.02 -26.64
CA VAL B 1068 -33.28 55.13 -27.51
C VAL B 1068 -34.19 55.98 -28.39
N PRO B 1069 -34.19 55.76 -29.70
CA PRO B 1069 -35.10 56.53 -30.56
C PRO B 1069 -36.55 56.13 -30.35
N ALA B 1070 -37.43 56.73 -31.15
CA ALA B 1070 -38.87 56.53 -31.02
C ALA B 1070 -39.53 56.43 -32.39
N GLN B 1071 -40.85 56.60 -32.43
CA GLN B 1071 -41.68 56.51 -33.63
C GLN B 1071 -41.01 57.15 -34.83
N GLU B 1072 -40.99 56.42 -35.96
CA GLU B 1072 -40.29 56.84 -37.16
C GLU B 1072 -41.26 57.32 -38.23
N LYS B 1073 -40.68 57.87 -39.31
CA LYS B 1073 -41.46 58.32 -40.45
C LYS B 1073 -40.65 58.06 -41.71
N ASN B 1074 -41.32 57.61 -42.77
CA ASN B 1074 -40.63 57.30 -44.01
C ASN B 1074 -40.52 58.54 -44.88
N PHE B 1075 -39.41 58.65 -45.61
CA PHE B 1075 -39.15 59.78 -46.49
C PHE B 1075 -38.43 59.28 -47.74
N THR B 1076 -38.14 60.21 -48.65
CA THR B 1076 -37.41 59.93 -49.87
C THR B 1076 -36.08 60.67 -49.86
N THR B 1077 -35.03 59.97 -50.28
CA THR B 1077 -33.67 60.51 -50.24
C THR B 1077 -33.12 60.65 -51.66
N ALA B 1078 -31.96 61.29 -51.74
CA ALA B 1078 -31.25 61.49 -53.00
C ALA B 1078 -29.77 61.62 -52.68
N PRO B 1079 -28.89 61.02 -53.50
CA PRO B 1079 -27.45 61.11 -53.20
C PRO B 1079 -26.91 62.53 -53.27
N ALA B 1080 -27.33 63.31 -54.25
CA ALA B 1080 -26.83 64.67 -54.42
C ALA B 1080 -27.96 65.54 -55.00
N ILE B 1081 -27.64 66.81 -55.22
CA ILE B 1081 -28.60 67.77 -55.77
C ILE B 1081 -27.88 68.60 -56.82
N CYS B 1082 -28.46 68.68 -58.01
CA CYS B 1082 -27.88 69.44 -59.11
C CYS B 1082 -28.63 70.76 -59.27
N HIS B 1083 -27.91 71.87 -59.19
CA HIS B 1083 -28.53 73.18 -59.31
C HIS B 1083 -28.06 73.89 -60.58
N ASP B 1084 -26.74 74.05 -60.73
CA ASP B 1084 -26.16 74.70 -61.89
C ASP B 1084 -25.12 73.81 -62.58
N GLY B 1085 -25.40 72.53 -62.70
CA GLY B 1085 -24.45 71.61 -63.28
C GLY B 1085 -23.32 71.22 -62.35
N LYS B 1086 -23.55 71.30 -61.04
CA LYS B 1086 -22.53 70.97 -60.05
C LYS B 1086 -23.17 70.11 -58.97
N ALA B 1087 -22.52 68.99 -58.64
CA ALA B 1087 -23.03 68.07 -57.63
C ALA B 1087 -22.88 68.70 -56.25
N HIS B 1088 -23.99 68.89 -55.55
CA HIS B 1088 -24.01 69.48 -54.21
C HIS B 1088 -24.16 68.35 -53.20
N PHE B 1089 -23.06 68.02 -52.51
CA PHE B 1089 -23.13 67.01 -51.47
C PHE B 1089 -23.28 67.67 -50.10
N PRO B 1090 -24.12 67.12 -49.23
CA PRO B 1090 -24.34 67.76 -47.92
C PRO B 1090 -23.14 67.59 -47.01
N ARG B 1091 -22.90 68.60 -46.17
CA ARG B 1091 -21.78 68.54 -45.23
C ARG B 1091 -22.05 67.54 -44.12
N GLU B 1092 -23.12 67.76 -43.36
CA GLU B 1092 -23.51 66.86 -42.26
C GLU B 1092 -25.03 66.83 -42.22
N GLY B 1093 -25.61 65.77 -42.73
CA GLY B 1093 -27.05 65.60 -42.79
C GLY B 1093 -27.43 64.79 -44.00
N VAL B 1094 -28.74 64.69 -44.22
CA VAL B 1094 -29.30 63.92 -45.33
C VAL B 1094 -30.30 64.79 -46.08
N PHE B 1095 -30.57 64.42 -47.32
CA PHE B 1095 -31.58 65.12 -48.12
C PHE B 1095 -32.93 64.40 -47.99
N VAL B 1096 -33.91 65.11 -47.44
CA VAL B 1096 -35.23 64.54 -47.17
C VAL B 1096 -36.27 65.37 -47.90
N SER B 1097 -37.15 64.69 -48.64
CA SER B 1097 -38.24 65.32 -49.37
C SER B 1097 -39.56 64.82 -48.81
N ASN B 1098 -40.45 65.75 -48.45
CA ASN B 1098 -41.76 65.40 -47.92
C ASN B 1098 -42.81 65.24 -49.01
N GLY B 1099 -42.40 65.07 -50.27
CA GLY B 1099 -43.33 64.90 -51.36
C GLY B 1099 -43.31 66.03 -52.36
N THR B 1100 -43.17 67.27 -51.88
CA THR B 1100 -43.17 68.43 -52.74
C THR B 1100 -41.90 69.28 -52.63
N HIS B 1101 -41.33 69.41 -51.44
CA HIS B 1101 -40.13 70.22 -51.23
C HIS B 1101 -39.03 69.35 -50.63
N TRP B 1102 -37.80 69.82 -50.76
CA TRP B 1102 -36.62 69.13 -50.26
C TRP B 1102 -36.02 69.89 -49.10
N PHE B 1103 -35.53 69.16 -48.11
CA PHE B 1103 -34.91 69.74 -46.92
C PHE B 1103 -33.67 68.94 -46.56
N VAL B 1104 -32.85 69.53 -45.68
CA VAL B 1104 -31.64 68.89 -45.18
C VAL B 1104 -31.76 68.80 -43.66
N THR B 1105 -31.56 67.60 -43.12
CA THR B 1105 -31.71 67.35 -41.70
C THR B 1105 -30.70 66.31 -41.23
N GLN B 1106 -30.33 66.40 -39.96
CA GLN B 1106 -29.46 65.40 -39.36
C GLN B 1106 -30.20 64.07 -39.26
N ARG B 1107 -29.46 62.98 -39.49
CA ARG B 1107 -30.08 61.67 -39.54
C ARG B 1107 -30.18 61.02 -38.16
N ASN B 1108 -30.67 61.77 -37.18
CA ASN B 1108 -31.02 61.21 -35.88
C ASN B 1108 -32.27 61.87 -35.33
N PHE B 1109 -32.82 62.83 -36.07
CA PHE B 1109 -33.96 63.60 -35.61
C PHE B 1109 -34.49 64.41 -36.79
N TYR B 1110 -35.82 64.49 -36.90
CA TYR B 1110 -36.45 65.21 -38.01
C TYR B 1110 -36.42 66.70 -37.71
N GLU B 1111 -35.41 67.37 -38.26
CA GLU B 1111 -35.22 68.82 -38.13
C GLU B 1111 -35.05 69.40 -39.53
N PRO B 1112 -36.15 69.64 -40.25
CA PRO B 1112 -36.03 70.11 -41.64
C PRO B 1112 -35.48 71.52 -41.70
N GLN B 1113 -34.46 71.71 -42.53
CA GLN B 1113 -33.84 73.02 -42.74
C GLN B 1113 -33.84 73.34 -44.23
N ILE B 1114 -33.83 74.64 -44.53
CA ILE B 1114 -33.81 75.07 -45.92
C ILE B 1114 -32.44 74.79 -46.52
N ILE B 1115 -32.44 74.17 -47.70
CA ILE B 1115 -31.20 73.80 -48.37
C ILE B 1115 -30.56 75.05 -48.96
N THR B 1116 -29.31 75.32 -48.55
CA THR B 1116 -28.57 76.48 -49.03
C THR B 1116 -27.13 76.06 -49.29
N THR B 1117 -26.33 76.98 -49.80
CA THR B 1117 -24.93 76.71 -50.09
C THR B 1117 -24.06 76.64 -48.85
N ASP B 1118 -24.58 77.07 -47.70
CA ASP B 1118 -23.85 76.98 -46.44
C ASP B 1118 -23.97 75.60 -45.80
N ASN B 1119 -24.74 74.70 -46.40
CA ASN B 1119 -24.87 73.34 -45.90
C ASN B 1119 -24.36 72.28 -46.86
N THR B 1120 -23.85 72.67 -48.03
CA THR B 1120 -23.37 71.73 -49.03
C THR B 1120 -22.12 72.28 -49.70
N PHE B 1121 -21.43 71.40 -50.43
CA PHE B 1121 -20.20 71.75 -51.13
C PHE B 1121 -20.20 71.09 -52.50
N VAL B 1122 -19.56 71.74 -53.47
CA VAL B 1122 -19.49 71.20 -54.83
C VAL B 1122 -18.27 70.31 -54.97
N SER B 1123 -18.46 69.21 -55.70
CA SER B 1123 -17.37 68.26 -55.94
C SER B 1123 -17.37 67.75 -57.38
N GLY B 1124 -17.65 68.63 -58.34
CA GLY B 1124 -17.66 68.25 -59.73
C GLY B 1124 -18.92 68.61 -60.48
N ASN B 1125 -19.30 67.80 -61.45
CA ASN B 1125 -20.48 68.02 -62.27
C ASN B 1125 -21.50 66.90 -62.04
N CYS B 1126 -22.67 67.06 -62.66
CA CYS B 1126 -23.77 66.14 -62.46
C CYS B 1126 -23.84 65.08 -63.56
N ASP B 1127 -22.82 64.22 -63.64
CA ASP B 1127 -22.78 63.18 -64.66
C ASP B 1127 -22.41 61.80 -64.14
N VAL B 1128 -21.77 61.68 -62.97
CA VAL B 1128 -21.31 60.39 -62.49
C VAL B 1128 -22.25 59.90 -61.38
N VAL B 1129 -22.71 60.82 -60.53
CA VAL B 1129 -23.57 60.47 -59.41
C VAL B 1129 -24.87 59.86 -59.91
N ILE B 1130 -25.22 58.68 -59.40
CA ILE B 1130 -26.40 57.95 -59.83
C ILE B 1130 -27.60 58.38 -59.00
N GLY B 1131 -28.50 59.17 -59.59
CA GLY B 1131 -29.72 59.55 -58.93
C GLY B 1131 -29.70 60.96 -58.38
N ILE B 1132 -28.83 61.81 -58.93
CA ILE B 1132 -28.71 63.19 -58.48
C ILE B 1132 -29.89 63.96 -59.05
N VAL B 1133 -30.80 64.39 -58.19
CA VAL B 1133 -32.01 65.09 -58.61
C VAL B 1133 -31.72 66.59 -58.70
N ASN B 1134 -32.58 67.31 -59.42
CA ASN B 1134 -32.45 68.74 -59.60
C ASN B 1134 -33.35 69.47 -58.60
N ASN B 1135 -32.79 70.50 -57.97
CA ASN B 1135 -33.53 71.31 -57.00
C ASN B 1135 -32.99 72.74 -57.07
N THR B 1136 -33.36 73.55 -56.08
CA THR B 1136 -32.94 74.94 -56.00
C THR B 1136 -32.17 75.14 -54.70
N VAL B 1137 -30.94 75.64 -54.82
CA VAL B 1137 -30.08 75.86 -53.65
C VAL B 1137 -30.18 77.34 -53.29
N TYR B 1138 -30.56 77.62 -52.05
CA TYR B 1138 -30.64 79.00 -51.56
C TYR B 1138 -29.24 79.58 -51.43
N ASP B 1139 -29.18 80.91 -51.44
CA ASP B 1139 -27.92 81.64 -51.42
C ASP B 1139 -28.01 82.83 -50.48
N PRO B 1140 -27.08 82.97 -49.53
CA PRO B 1140 -27.06 84.19 -48.70
C PRO B 1140 -26.49 85.40 -49.41
N LEU B 1141 -26.40 85.37 -50.74
CA LEU B 1141 -25.75 86.41 -51.52
C LEU B 1141 -26.65 87.64 -51.65
N GLN B 1142 -26.32 88.52 -52.61
CA GLN B 1142 -26.91 89.83 -52.87
C GLN B 1142 -28.41 89.93 -52.57
N PRO B 1143 -29.23 88.89 -52.89
CA PRO B 1143 -30.61 88.88 -52.40
C PRO B 1143 -30.76 89.34 -50.96
N GLU B 1144 -29.81 88.98 -50.10
CA GLU B 1144 -29.82 89.49 -48.72
C GLU B 1144 -29.41 90.96 -48.69
N LEU B 1145 -28.39 91.32 -49.47
CA LEU B 1145 -27.89 92.69 -49.47
C LEU B 1145 -28.72 93.58 -50.40
N ASP B 1146 -29.84 93.05 -50.91
CA ASP B 1146 -30.72 93.78 -51.81
C ASP B 1146 -31.59 94.71 -50.95
N SER B 1147 -31.03 95.85 -50.59
CA SER B 1147 -31.73 96.82 -49.77
C SER B 1147 -31.65 98.22 -50.39
N GLN C 14 17.76 -47.24 -43.04
CA GLN C 14 18.40 -47.09 -44.34
C GLN C 14 19.30 -45.86 -44.37
N CYS C 15 20.06 -45.65 -43.29
CA CYS C 15 20.97 -44.51 -43.23
C CYS C 15 22.12 -44.70 -44.23
N VAL C 16 22.41 -43.64 -44.97
CA VAL C 16 23.50 -43.66 -45.94
C VAL C 16 24.14 -42.28 -46.03
N ASN C 17 25.43 -42.20 -45.71
CA ASN C 17 26.16 -40.94 -45.80
C ASN C 17 26.49 -40.62 -47.24
N LEU C 18 25.93 -39.54 -47.76
CA LEU C 18 26.16 -39.15 -49.15
C LEU C 18 27.56 -38.55 -49.32
N THR C 19 28.09 -38.68 -50.52
CA THR C 19 29.42 -38.15 -50.84
C THR C 19 29.36 -37.24 -52.06
N THR C 20 30.53 -36.84 -52.56
CA THR C 20 30.65 -35.96 -53.73
C THR C 20 29.87 -34.67 -53.52
N ARG C 21 30.23 -33.91 -52.49
CA ARG C 21 29.56 -32.64 -52.20
C ARG C 21 30.60 -31.67 -51.64
N THR C 22 31.04 -30.74 -52.48
CA THR C 22 32.09 -29.80 -52.10
C THR C 22 31.53 -28.77 -51.12
N GLN C 23 32.42 -27.92 -50.62
CA GLN C 23 32.06 -26.88 -49.66
C GLN C 23 32.21 -25.50 -50.30
N LEU C 24 31.40 -24.57 -49.82
CA LEU C 24 31.37 -23.21 -50.36
C LEU C 24 30.68 -22.29 -49.36
N PRO C 25 31.21 -21.10 -49.10
CA PRO C 25 30.57 -20.17 -48.16
C PRO C 25 29.19 -19.77 -48.64
N PRO C 26 28.20 -19.80 -47.77
CA PRO C 26 26.83 -19.49 -48.19
C PRO C 26 26.65 -17.99 -48.48
N ALA C 27 25.60 -17.70 -49.23
CA ALA C 27 25.26 -16.33 -49.59
C ALA C 27 24.28 -15.74 -48.59
N TYR C 28 24.01 -14.46 -48.75
CA TYR C 28 23.12 -13.72 -47.84
C TYR C 28 22.28 -12.75 -48.65
N THR C 29 20.99 -13.06 -48.80
CA THR C 29 20.06 -12.20 -49.50
C THR C 29 19.25 -11.38 -48.50
N ASN C 30 18.92 -10.15 -48.90
CA ASN C 30 18.20 -9.22 -48.04
C ASN C 30 16.70 -9.46 -48.11
N SER C 31 16.04 -9.32 -46.96
CA SER C 31 14.59 -9.50 -46.86
C SER C 31 13.94 -8.12 -46.93
N PHE C 32 13.24 -7.88 -48.03
CA PHE C 32 12.66 -6.56 -48.28
C PHE C 32 11.23 -6.51 -47.74
N THR C 33 11.10 -6.16 -46.47
CA THR C 33 9.82 -5.93 -45.81
C THR C 33 8.90 -7.15 -45.94
N ARG C 34 9.33 -8.26 -45.36
CA ARG C 34 8.55 -9.49 -45.33
C ARG C 34 8.62 -10.12 -43.94
N GLY C 35 7.60 -10.90 -43.61
CA GLY C 35 7.54 -11.58 -42.33
C GLY C 35 6.57 -10.95 -41.35
N VAL C 36 5.42 -10.51 -41.86
CA VAL C 36 4.38 -9.88 -41.04
C VAL C 36 3.17 -10.81 -41.05
N TYR C 37 2.85 -11.37 -39.88
CA TYR C 37 1.73 -12.27 -39.73
C TYR C 37 0.71 -11.68 -38.75
N TYR C 38 -0.49 -12.26 -38.76
CA TYR C 38 -1.55 -11.82 -37.85
C TYR C 38 -1.22 -12.23 -36.43
N PRO C 39 -1.05 -11.28 -35.49
CA PRO C 39 -0.68 -11.68 -34.13
C PRO C 39 -1.78 -12.41 -33.38
N ASP C 40 -3.03 -12.02 -33.58
CA ASP C 40 -4.13 -12.60 -32.82
C ASP C 40 -5.34 -12.90 -33.71
N LYS C 41 -6.46 -13.25 -33.09
CA LYS C 41 -7.69 -13.58 -33.81
C LYS C 41 -8.74 -12.50 -33.59
N VAL C 42 -8.31 -11.25 -33.58
CA VAL C 42 -9.20 -10.12 -33.34
C VAL C 42 -9.43 -9.39 -34.66
N PHE C 43 -10.68 -9.01 -34.90
CA PHE C 43 -11.08 -8.27 -36.09
C PHE C 43 -11.00 -6.77 -35.82
N ARG C 44 -10.41 -6.05 -36.78
CA ARG C 44 -10.31 -4.60 -36.71
C ARG C 44 -10.39 -4.06 -38.13
N SER C 45 -11.28 -3.09 -38.34
CA SER C 45 -11.49 -2.47 -39.64
C SER C 45 -11.05 -1.02 -39.59
N SER C 46 -10.09 -0.67 -40.45
CA SER C 46 -9.56 0.69 -40.54
C SER C 46 -9.05 1.18 -39.19
N VAL C 47 -8.20 0.36 -38.58
CA VAL C 47 -7.62 0.65 -37.27
C VAL C 47 -6.11 0.56 -37.37
N LEU C 48 -5.41 1.61 -36.95
CA LEU C 48 -3.94 1.63 -36.97
C LEU C 48 -3.44 1.10 -35.63
N HIS C 49 -3.61 -0.21 -35.44
CA HIS C 49 -3.23 -0.86 -34.20
C HIS C 49 -1.72 -1.05 -34.15
N SER C 50 -1.16 -0.88 -32.95
CA SER C 50 0.28 -1.04 -32.71
C SER C 50 0.46 -2.19 -31.74
N THR C 51 1.05 -3.28 -32.21
CA THR C 51 1.28 -4.47 -31.41
C THR C 51 2.78 -4.67 -31.18
N GLN C 52 3.09 -5.54 -30.23
CA GLN C 52 4.46 -5.87 -29.87
C GLN C 52 4.57 -7.39 -29.77
N ASP C 53 5.30 -8.00 -30.68
CA ASP C 53 5.45 -9.45 -30.72
C ASP C 53 6.70 -9.79 -31.50
N LEU C 54 6.98 -11.09 -31.61
CA LEU C 54 8.14 -11.56 -32.34
C LEU C 54 7.93 -11.39 -33.84
N PHE C 55 8.84 -10.66 -34.49
CA PHE C 55 8.78 -10.43 -35.93
C PHE C 55 10.19 -10.46 -36.49
N LEU C 56 10.27 -10.32 -37.81
CA LEU C 56 11.56 -10.27 -38.50
C LEU C 56 11.91 -8.82 -38.80
N PRO C 57 13.09 -8.35 -38.41
CA PRO C 57 13.46 -6.96 -38.69
C PRO C 57 13.55 -6.69 -40.18
N PHE C 58 13.01 -5.56 -40.61
CA PHE C 58 13.03 -5.20 -42.02
C PHE C 58 14.45 -4.88 -42.48
N PHE C 59 14.70 -5.13 -43.77
CA PHE C 59 15.99 -4.86 -44.40
C PHE C 59 17.12 -5.61 -43.71
N SER C 60 16.80 -6.81 -43.23
CA SER C 60 17.78 -7.72 -42.66
C SER C 60 18.01 -8.89 -43.59
N ASN C 61 19.28 -9.22 -43.80
CA ASN C 61 19.67 -10.26 -44.76
C ASN C 61 19.67 -11.62 -44.05
N VAL C 62 19.15 -12.63 -44.74
CA VAL C 62 19.06 -13.98 -44.21
C VAL C 62 19.97 -14.89 -45.01
N THR C 63 20.22 -16.08 -44.46
CA THR C 63 21.11 -17.04 -45.10
C THR C 63 20.42 -17.65 -46.33
N TRP C 64 21.15 -17.71 -47.44
CA TRP C 64 20.63 -18.26 -48.69
C TRP C 64 21.30 -19.61 -48.94
N PHE C 65 20.56 -20.67 -48.64
CA PHE C 65 21.06 -22.03 -48.90
C PHE C 65 20.77 -22.42 -50.35
N HIS C 66 21.79 -22.95 -51.01
CA HIS C 66 21.71 -23.30 -52.43
C HIS C 66 21.45 -24.78 -52.59
N ALA C 67 20.71 -25.11 -53.65
CA ALA C 67 20.46 -26.51 -54.00
C ALA C 67 20.26 -26.63 -55.51
N ILE C 68 21.33 -26.95 -56.24
CA ILE C 68 21.30 -27.04 -57.70
C ILE C 68 22.34 -28.05 -58.16
N HIS C 69 22.17 -28.52 -59.40
CA HIS C 69 23.13 -29.44 -60.01
C HIS C 69 23.10 -29.18 -61.51
N VAL C 70 24.04 -28.37 -62.00
CA VAL C 70 24.09 -28.01 -63.41
C VAL C 70 25.39 -28.54 -64.00
N SER C 71 25.46 -28.61 -65.33
CA SER C 71 26.68 -29.07 -66.00
C SER C 71 27.87 -28.16 -65.75
N GLY C 72 27.64 -26.88 -65.48
CA GLY C 72 28.74 -25.99 -65.15
C GLY C 72 29.40 -26.37 -63.83
N THR C 73 28.62 -26.86 -62.89
CA THR C 73 29.15 -27.33 -61.61
C THR C 73 29.98 -28.59 -61.82
N ASN C 74 31.30 -28.48 -61.70
CA ASN C 74 32.21 -29.59 -61.97
C ASN C 74 32.33 -30.48 -60.73
N GLY C 75 31.24 -31.19 -60.46
CA GLY C 75 31.19 -32.16 -59.39
C GLY C 75 30.84 -31.60 -58.03
N THR C 76 30.30 -30.38 -57.97
CA THR C 76 29.95 -29.79 -56.67
C THR C 76 28.76 -30.50 -56.05
N LYS C 77 27.67 -30.63 -56.79
CA LYS C 77 26.43 -31.24 -56.32
C LYS C 77 25.96 -30.58 -55.03
N ARG C 78 25.64 -29.29 -55.14
CA ARG C 78 25.25 -28.50 -53.98
C ARG C 78 23.93 -29.01 -53.42
N PHE C 79 24.00 -29.68 -52.26
CA PHE C 79 22.83 -30.23 -51.59
C PHE C 79 22.94 -29.86 -50.10
N ASP C 80 22.44 -28.69 -49.75
CA ASP C 80 22.62 -28.15 -48.41
C ASP C 80 21.42 -28.48 -47.52
N ASN C 81 21.70 -29.00 -46.33
CA ASN C 81 20.68 -29.23 -45.32
C ASN C 81 21.32 -29.28 -43.93
N PRO C 82 21.92 -28.19 -43.46
CA PRO C 82 22.59 -28.21 -42.16
C PRO C 82 21.60 -28.21 -41.01
N VAL C 83 22.11 -28.60 -39.84
CA VAL C 83 21.31 -28.62 -38.62
C VAL C 83 21.32 -27.19 -38.06
N LEU C 84 20.33 -26.40 -38.44
CA LEU C 84 20.27 -24.99 -38.06
C LEU C 84 19.70 -24.84 -36.67
N PRO C 85 20.11 -23.80 -35.94
CA PRO C 85 19.55 -23.55 -34.61
C PRO C 85 18.14 -22.99 -34.70
N PHE C 86 17.45 -23.04 -33.55
CA PHE C 86 16.06 -22.57 -33.44
C PHE C 86 15.95 -21.73 -32.16
N ASN C 87 16.17 -20.42 -32.31
CA ASN C 87 16.13 -19.51 -31.17
C ASN C 87 14.70 -19.21 -30.75
N ASP C 88 13.97 -18.46 -31.57
CA ASP C 88 12.59 -18.10 -31.29
C ASP C 88 11.64 -18.33 -32.46
N GLY C 89 12.13 -18.40 -33.69
CA GLY C 89 11.27 -18.61 -34.84
C GLY C 89 12.11 -18.70 -36.10
N VAL C 90 11.50 -19.25 -37.13
CA VAL C 90 12.16 -19.44 -38.42
C VAL C 90 11.24 -18.94 -39.52
N TYR C 91 11.68 -17.91 -40.25
CA TYR C 91 10.96 -17.43 -41.43
C TYR C 91 11.35 -18.24 -42.65
N PHE C 92 10.84 -19.48 -42.70
CA PHE C 92 11.18 -20.38 -43.78
C PHE C 92 10.45 -19.99 -45.06
N ALA C 93 11.23 -19.72 -46.11
CA ALA C 93 10.68 -19.34 -47.41
C ALA C 93 11.47 -20.06 -48.49
N SER C 94 10.78 -20.87 -49.30
CA SER C 94 11.41 -21.67 -50.32
C SER C 94 10.78 -21.37 -51.67
N THR C 95 11.61 -21.12 -52.68
CA THR C 95 11.15 -20.89 -54.04
C THR C 95 11.37 -22.18 -54.83
N GLU C 96 10.32 -23.00 -54.90
CA GLU C 96 10.39 -24.29 -55.57
C GLU C 96 9.63 -24.25 -56.88
N LYS C 97 10.00 -25.16 -57.78
CA LYS C 97 9.34 -25.28 -59.08
C LYS C 97 9.03 -26.75 -59.38
N SER C 98 9.62 -27.66 -58.60
CA SER C 98 9.40 -29.08 -58.81
C SER C 98 9.15 -29.78 -57.47
N ASN C 99 8.72 -29.02 -56.47
CA ASN C 99 8.37 -29.53 -55.15
C ASN C 99 9.54 -30.28 -54.52
N ILE C 100 10.62 -29.57 -54.24
CA ILE C 100 11.81 -30.16 -53.63
C ILE C 100 11.72 -30.17 -52.11
N ILE C 101 11.48 -29.00 -51.51
CA ILE C 101 11.30 -28.93 -50.06
C ILE C 101 10.02 -29.66 -49.68
N ARG C 102 10.16 -30.75 -48.93
CA ARG C 102 9.04 -31.65 -48.69
C ARG C 102 8.99 -32.08 -47.23
N GLY C 103 9.15 -31.14 -46.32
CA GLY C 103 8.95 -31.43 -44.91
C GLY C 103 10.07 -30.87 -44.05
N TRP C 104 9.89 -31.02 -42.74
CA TRP C 104 10.86 -30.57 -41.76
C TRP C 104 10.96 -31.60 -40.64
N ILE C 105 12.10 -31.56 -39.94
CA ILE C 105 12.43 -32.57 -38.93
C ILE C 105 12.69 -31.93 -37.57
N PHE C 106 11.93 -30.89 -37.23
CA PHE C 106 12.08 -30.19 -35.95
C PHE C 106 12.29 -31.19 -34.80
N GLY C 107 13.20 -30.84 -33.90
CA GLY C 107 13.50 -31.70 -32.78
C GLY C 107 14.27 -30.97 -31.71
N THR C 108 14.77 -31.73 -30.74
CA THR C 108 15.55 -31.15 -29.65
C THR C 108 16.96 -31.75 -29.62
N THR C 109 17.06 -33.08 -29.68
CA THR C 109 18.34 -33.76 -29.64
C THR C 109 18.61 -34.64 -30.86
N LEU C 110 17.58 -35.28 -31.42
CA LEU C 110 17.71 -36.09 -32.64
C LEU C 110 18.72 -37.23 -32.45
N ASP C 111 18.69 -37.84 -31.27
CA ASP C 111 19.56 -38.99 -31.00
C ASP C 111 18.77 -40.06 -30.26
N SER C 112 17.49 -40.19 -30.60
CA SER C 112 16.59 -41.21 -30.05
C SER C 112 16.58 -41.20 -28.53
N LYS C 113 16.57 -40.01 -27.93
CA LYS C 113 16.47 -39.89 -26.48
C LYS C 113 15.29 -39.01 -26.09
N THR C 114 15.04 -37.98 -26.90
CA THR C 114 13.92 -37.07 -26.70
C THR C 114 13.00 -37.13 -27.92
N GLN C 115 11.83 -36.53 -27.79
CA GLN C 115 10.85 -36.50 -28.88
C GLN C 115 11.23 -35.44 -29.91
N SER C 116 10.70 -35.62 -31.12
CA SER C 116 11.00 -34.70 -32.21
C SER C 116 9.77 -34.59 -33.10
N LEU C 117 9.37 -33.36 -33.40
CA LEU C 117 8.21 -33.13 -34.26
C LEU C 117 8.57 -33.43 -35.71
N LEU C 118 7.88 -34.42 -36.30
CA LEU C 118 8.10 -34.82 -37.67
C LEU C 118 6.95 -34.35 -38.53
N ILE C 119 7.21 -33.38 -39.40
CA ILE C 119 6.23 -32.86 -40.34
C ILE C 119 6.77 -33.12 -41.74
N VAL C 120 6.26 -34.16 -42.39
CA VAL C 120 6.71 -34.55 -43.73
C VAL C 120 5.48 -34.84 -44.58
N ASN C 121 5.40 -34.18 -45.73
CA ASN C 121 4.30 -34.38 -46.67
C ASN C 121 4.79 -35.26 -47.81
N ASN C 122 4.68 -36.58 -47.63
CA ASN C 122 5.16 -37.50 -48.64
C ASN C 122 4.15 -37.61 -49.79
N ALA C 123 4.33 -38.63 -50.62
CA ALA C 123 3.57 -38.75 -51.86
C ALA C 123 2.06 -38.76 -51.61
N THR C 124 1.61 -39.43 -50.55
CA THR C 124 0.18 -39.56 -50.32
C THR C 124 -0.43 -38.34 -49.65
N ASN C 125 0.02 -38.03 -48.43
CA ASN C 125 -0.59 -36.96 -47.64
C ASN C 125 0.45 -36.46 -46.64
N VAL C 126 -0.01 -35.67 -45.67
CA VAL C 126 0.85 -35.12 -44.64
C VAL C 126 0.70 -35.95 -43.37
N VAL C 127 1.83 -36.18 -42.69
CA VAL C 127 1.83 -36.94 -41.45
C VAL C 127 2.60 -36.18 -40.38
N ILE C 128 1.87 -35.45 -39.53
CA ILE C 128 2.48 -34.72 -38.43
C ILE C 128 2.65 -35.67 -37.25
N LYS C 129 3.78 -36.36 -37.20
CA LYS C 129 4.00 -37.35 -36.15
C LYS C 129 4.94 -36.80 -35.09
N VAL C 130 4.64 -37.14 -33.84
CA VAL C 130 5.45 -36.75 -32.69
C VAL C 130 5.88 -38.04 -31.98
N CYS C 131 7.14 -38.42 -32.16
CA CYS C 131 7.63 -39.67 -31.61
C CYS C 131 9.14 -39.54 -31.45
N GLU C 132 9.73 -40.52 -30.77
CA GLU C 132 11.18 -40.59 -30.61
C GLU C 132 11.77 -41.39 -31.77
N PHE C 133 12.60 -40.72 -32.56
CA PHE C 133 13.18 -41.33 -33.76
C PHE C 133 14.70 -41.25 -33.68
N GLN C 134 15.35 -42.19 -34.36
CA GLN C 134 16.80 -42.21 -34.50
C GLN C 134 17.14 -41.76 -35.91
N PHE C 135 17.29 -40.46 -36.10
CA PHE C 135 17.56 -39.90 -37.41
C PHE C 135 19.00 -40.17 -37.83
N CYS C 136 19.21 -40.19 -39.14
CA CYS C 136 20.55 -40.36 -39.70
C CYS C 136 21.29 -39.03 -39.68
N ASN C 137 22.46 -38.97 -40.33
CA ASN C 137 23.20 -37.74 -40.46
C ASN C 137 22.86 -36.94 -41.71
N ASP C 138 22.10 -37.51 -42.64
CA ASP C 138 21.68 -36.80 -43.85
C ASP C 138 20.31 -37.33 -44.28
N PRO C 139 19.24 -36.84 -43.66
CA PRO C 139 17.90 -37.31 -44.04
C PRO C 139 17.44 -36.69 -45.34
N PHE C 140 16.72 -37.48 -46.14
CA PHE C 140 16.20 -37.02 -47.41
C PHE C 140 15.13 -37.98 -47.88
N LEU C 141 14.46 -37.60 -48.98
CA LEU C 141 13.48 -38.43 -49.64
C LEU C 141 14.02 -38.89 -51.00
N GLY C 142 13.35 -39.87 -51.59
CA GLY C 142 13.82 -40.45 -52.83
C GLY C 142 12.72 -40.51 -53.87
N VAL C 143 13.03 -39.99 -55.05
CA VAL C 143 12.15 -40.02 -56.21
C VAL C 143 12.93 -40.58 -57.38
N TYR C 144 12.46 -41.69 -57.93
CA TYR C 144 13.15 -42.40 -59.01
C TYR C 144 12.41 -42.20 -60.31
N TYR C 145 13.14 -41.83 -61.36
CA TYR C 145 12.57 -41.61 -62.68
C TYR C 145 12.80 -42.83 -63.56
N HIS C 146 11.80 -43.14 -64.40
CA HIS C 146 11.84 -44.30 -65.27
C HIS C 146 11.79 -43.86 -66.73
N LYS C 147 12.44 -44.62 -67.59
CA LYS C 147 12.48 -44.35 -69.03
C LYS C 147 11.46 -45.16 -69.80
N ASN C 148 10.75 -46.08 -69.14
CA ASN C 148 9.79 -46.93 -69.85
C ASN C 148 8.37 -46.35 -69.79
N ASN C 149 7.88 -46.08 -68.58
CA ASN C 149 6.54 -45.50 -68.43
C ASN C 149 6.56 -44.02 -68.09
N LYS C 150 7.72 -43.43 -67.85
CA LYS C 150 7.87 -41.99 -67.64
C LYS C 150 7.00 -41.51 -66.47
N SER C 151 7.33 -42.02 -65.29
CA SER C 151 6.60 -41.65 -64.08
C SER C 151 7.56 -41.52 -62.92
N TRP C 152 7.56 -40.36 -62.27
CA TRP C 152 8.33 -40.14 -61.07
C TRP C 152 7.60 -40.76 -59.88
N MET C 153 8.28 -41.63 -59.14
CA MET C 153 7.69 -42.34 -58.03
C MET C 153 8.52 -42.16 -56.76
N GLU C 154 7.83 -41.88 -55.66
CA GLU C 154 8.49 -41.73 -54.38
C GLU C 154 8.80 -43.10 -53.79
N SER C 155 10.08 -43.42 -53.71
CA SER C 155 10.51 -44.75 -53.27
C SER C 155 11.23 -44.71 -51.93
N GLU C 156 12.29 -43.90 -51.84
CA GLU C 156 13.10 -43.90 -50.64
C GLU C 156 12.50 -42.98 -49.58
N PHE C 157 12.42 -43.50 -48.36
CA PHE C 157 11.91 -42.73 -47.22
C PHE C 157 12.86 -42.90 -46.04
N ARG C 158 14.15 -42.74 -46.27
CA ARG C 158 15.16 -42.96 -45.25
C ARG C 158 15.40 -41.69 -44.43
N VAL C 159 14.36 -41.29 -43.70
CA VAL C 159 14.44 -40.15 -42.81
C VAL C 159 14.95 -40.61 -41.46
N TYR C 160 14.23 -41.55 -40.84
CA TYR C 160 14.64 -42.12 -39.57
C TYR C 160 14.96 -43.61 -39.73
N SER C 161 15.41 -44.22 -38.63
CA SER C 161 15.80 -45.62 -38.64
C SER C 161 15.00 -46.48 -37.67
N SER C 162 14.40 -45.90 -36.64
CA SER C 162 13.65 -46.68 -35.67
C SER C 162 12.63 -45.77 -34.99
N ALA C 163 11.61 -46.40 -34.40
CA ALA C 163 10.53 -45.72 -33.72
C ALA C 163 10.54 -46.08 -32.23
N ASN C 164 9.58 -45.53 -31.49
CA ASN C 164 9.49 -45.79 -30.06
C ASN C 164 8.05 -45.52 -29.63
N ASN C 165 7.81 -45.42 -28.31
CA ASN C 165 6.50 -45.09 -27.79
C ASN C 165 6.17 -43.65 -28.19
N CYS C 166 5.11 -43.49 -28.97
CA CYS C 166 4.82 -42.20 -29.58
C CYS C 166 3.80 -41.42 -28.76
N THR C 167 3.32 -40.32 -29.36
CA THR C 167 2.37 -39.41 -28.73
C THR C 167 1.35 -38.97 -29.77
N PHE C 168 0.61 -37.90 -29.46
CA PHE C 168 -0.39 -37.35 -30.38
C PHE C 168 0.19 -37.20 -31.78
N GLU C 169 -0.46 -37.86 -32.75
CA GLU C 169 -0.05 -37.80 -34.15
C GLU C 169 -1.20 -37.20 -34.96
N TYR C 170 -0.99 -37.12 -36.28
CA TYR C 170 -1.99 -36.53 -37.16
C TYR C 170 -1.77 -36.97 -38.61
N VAL C 171 -2.87 -37.24 -39.32
CA VAL C 171 -2.81 -37.60 -40.73
C VAL C 171 -3.82 -36.75 -41.49
N SER C 172 -3.87 -36.91 -42.81
CA SER C 172 -4.79 -36.16 -43.64
C SER C 172 -5.25 -37.05 -44.79
N GLN C 173 -6.13 -36.52 -45.63
CA GLN C 173 -6.62 -37.28 -46.77
C GLN C 173 -5.54 -37.38 -47.84
N PRO C 174 -5.48 -38.51 -48.55
CA PRO C 174 -4.41 -38.69 -49.55
C PRO C 174 -4.65 -37.84 -50.79
N PHE C 175 -3.56 -37.47 -51.44
CA PHE C 175 -3.61 -36.69 -52.68
C PHE C 175 -2.35 -36.95 -53.47
N LEU C 176 -2.29 -36.36 -54.67
CA LEU C 176 -1.16 -36.53 -55.57
C LEU C 176 -0.67 -35.17 -56.03
N MET C 177 0.62 -34.91 -55.89
CA MET C 177 1.23 -33.66 -56.33
C MET C 177 1.72 -33.81 -57.77
N ASP C 178 2.51 -32.84 -58.24
CA ASP C 178 3.00 -32.87 -59.61
C ASP C 178 4.13 -33.88 -59.77
N LEU C 179 5.22 -33.69 -59.04
CA LEU C 179 6.39 -34.58 -59.09
C LEU C 179 6.93 -34.70 -60.52
N GLU C 180 7.35 -33.54 -61.04
CA GLU C 180 7.90 -33.47 -62.38
C GLU C 180 8.95 -32.37 -62.42
N GLY C 181 10.08 -32.65 -63.07
CA GLY C 181 11.16 -31.67 -63.17
C GLY C 181 10.93 -30.65 -64.26
N LYS C 182 10.03 -29.71 -64.02
CA LYS C 182 9.74 -28.67 -65.00
C LYS C 182 10.94 -27.75 -65.18
N GLN C 183 11.09 -27.23 -66.40
CA GLN C 183 12.18 -26.34 -66.74
C GLN C 183 11.71 -24.89 -66.73
N GLY C 184 12.66 -23.98 -66.51
CA GLY C 184 12.36 -22.56 -66.47
C GLY C 184 12.60 -21.96 -65.10
N ASN C 185 12.13 -20.73 -64.90
CA ASN C 185 12.29 -20.06 -63.63
C ASN C 185 11.26 -20.58 -62.61
N PHE C 186 11.47 -20.19 -61.35
CA PHE C 186 10.58 -20.63 -60.29
C PHE C 186 9.20 -19.98 -60.44
N LYS C 187 8.17 -20.72 -60.04
CA LYS C 187 6.79 -20.27 -60.20
C LYS C 187 5.98 -20.27 -58.92
N ASN C 188 6.56 -20.69 -57.79
CA ASN C 188 5.83 -20.75 -56.53
C ASN C 188 6.69 -20.17 -55.41
N LEU C 189 6.00 -19.69 -54.37
CA LEU C 189 6.66 -19.13 -53.19
C LEU C 189 5.83 -19.51 -51.97
N ARG C 190 6.47 -20.15 -51.00
CA ARG C 190 5.80 -20.64 -49.80
C ARG C 190 6.52 -20.08 -48.58
N GLU C 191 5.82 -19.25 -47.80
CA GLU C 191 6.37 -18.67 -46.59
C GLU C 191 5.79 -19.38 -45.37
N PHE C 192 6.61 -19.47 -44.32
CA PHE C 192 6.21 -20.14 -43.09
C PHE C 192 6.87 -19.47 -41.91
N VAL C 193 6.18 -19.50 -40.77
CA VAL C 193 6.69 -18.97 -39.51
C VAL C 193 6.40 -19.99 -38.43
N PHE C 194 7.44 -20.46 -37.75
CA PHE C 194 7.33 -21.51 -36.74
C PHE C 194 7.65 -20.93 -35.37
N LYS C 195 6.59 -20.65 -34.60
CA LYS C 195 6.75 -20.24 -33.22
C LYS C 195 6.35 -21.36 -32.27
N ASN C 196 7.02 -21.40 -31.12
CA ASN C 196 6.78 -22.45 -30.12
C ASN C 196 6.81 -21.80 -28.74
N ILE C 197 5.63 -21.46 -28.20
CA ILE C 197 5.50 -20.87 -26.88
C ILE C 197 4.33 -21.53 -26.16
N ASP C 198 4.51 -21.73 -24.85
CA ASP C 198 3.47 -22.29 -23.99
C ASP C 198 2.98 -23.64 -24.50
N GLY C 199 3.90 -24.49 -24.96
CA GLY C 199 3.54 -25.80 -25.47
C GLY C 199 2.63 -25.76 -26.67
N TYR C 200 2.78 -24.73 -27.50
CA TYR C 200 1.97 -24.56 -28.70
C TYR C 200 2.89 -24.25 -29.87
N PHE C 201 2.95 -25.16 -30.85
CA PHE C 201 3.78 -24.98 -32.04
C PHE C 201 2.90 -24.42 -33.15
N LYS C 202 2.54 -23.14 -32.99
CA LYS C 202 1.70 -22.47 -33.97
C LYS C 202 2.48 -22.26 -35.26
N ILE C 203 1.85 -22.59 -36.39
CA ILE C 203 2.49 -22.51 -37.70
C ILE C 203 1.65 -21.58 -38.58
N TYR C 204 2.33 -20.66 -39.26
CA TYR C 204 1.70 -19.76 -40.22
C TYR C 204 2.16 -20.12 -41.62
N SER C 205 1.33 -19.75 -42.61
CA SER C 205 1.62 -20.11 -43.99
C SER C 205 1.05 -19.04 -44.92
N LYS C 206 1.60 -19.00 -46.12
CA LYS C 206 1.15 -18.10 -47.18
C LYS C 206 1.76 -18.57 -48.50
N HIS C 207 0.92 -18.71 -49.52
CA HIS C 207 1.35 -19.18 -50.83
C HIS C 207 0.98 -18.13 -51.87
N THR C 208 1.98 -17.53 -52.49
CA THR C 208 1.80 -16.51 -53.51
C THR C 208 2.60 -16.87 -54.75
N PRO C 209 2.09 -16.56 -55.93
CA PRO C 209 2.83 -16.87 -57.16
C PRO C 209 4.05 -15.98 -57.31
N ILE C 210 4.94 -16.40 -58.21
CA ILE C 210 6.19 -15.69 -58.45
C ILE C 210 6.67 -16.01 -59.86
N ASN C 211 7.40 -15.09 -60.47
CA ASN C 211 7.98 -15.28 -61.79
C ASN C 211 9.43 -14.78 -61.77
N LEU C 212 10.16 -15.14 -60.72
CA LEU C 212 11.54 -14.70 -60.53
C LEU C 212 12.46 -15.91 -60.52
N VAL C 213 13.74 -15.65 -60.77
CA VAL C 213 14.76 -16.69 -60.83
C VAL C 213 15.92 -16.43 -59.88
N ARG C 214 15.79 -15.48 -58.96
CA ARG C 214 16.89 -15.07 -58.10
C ARG C 214 16.34 -14.68 -56.74
N ASP C 215 17.17 -13.96 -55.97
CA ASP C 215 16.89 -13.58 -54.59
C ASP C 215 15.46 -13.09 -54.37
N LEU C 216 14.90 -13.39 -53.19
CA LEU C 216 13.53 -13.18 -52.73
C LEU C 216 12.98 -11.85 -53.23
N PRO C 217 11.82 -11.84 -53.88
CA PRO C 217 11.30 -10.60 -54.45
C PRO C 217 10.77 -9.66 -53.37
N GLN C 218 10.52 -8.41 -53.76
CA GLN C 218 9.99 -7.41 -52.86
C GLN C 218 8.48 -7.43 -52.87
N GLY C 219 7.88 -7.04 -51.76
CA GLY C 219 6.44 -7.00 -51.64
C GLY C 219 6.03 -7.04 -50.18
N PHE C 220 4.78 -7.43 -49.96
CA PHE C 220 4.23 -7.52 -48.62
C PHE C 220 3.08 -8.52 -48.61
N SER C 221 3.08 -9.42 -47.62
CA SER C 221 2.04 -10.43 -47.49
C SER C 221 1.78 -10.69 -46.01
N ALA C 222 0.53 -10.97 -45.68
CA ALA C 222 0.11 -11.24 -44.32
C ALA C 222 -0.13 -12.73 -44.14
N LEU C 223 0.70 -13.38 -43.32
CA LEU C 223 0.61 -14.81 -43.13
C LEU C 223 -0.51 -15.12 -42.13
N GLU C 224 -1.41 -16.05 -42.50
CA GLU C 224 -2.55 -16.47 -41.71
C GLU C 224 -2.21 -17.70 -40.87
N PRO C 225 -2.79 -17.83 -39.69
CA PRO C 225 -2.55 -19.02 -38.88
C PRO C 225 -3.08 -20.28 -39.56
N LEU C 226 -2.31 -21.37 -39.44
CA LEU C 226 -2.65 -22.62 -40.10
C LEU C 226 -3.00 -23.71 -39.10
N VAL C 227 -2.13 -24.00 -38.14
CA VAL C 227 -2.32 -25.08 -37.18
C VAL C 227 -1.73 -24.66 -35.84
N ASP C 228 -2.26 -25.25 -34.76
CA ASP C 228 -1.85 -24.95 -33.39
C ASP C 228 -1.71 -26.26 -32.62
N LEU C 229 -0.93 -27.19 -33.19
CA LEU C 229 -0.78 -28.51 -32.60
C LEU C 229 -0.27 -28.41 -31.16
N PRO C 230 -1.00 -28.97 -30.19
CA PRO C 230 -0.50 -28.97 -28.80
C PRO C 230 0.46 -30.12 -28.53
N ILE C 231 1.74 -29.94 -28.89
CA ILE C 231 2.72 -31.00 -28.73
C ILE C 231 3.53 -30.89 -27.45
N GLY C 232 3.85 -29.68 -26.97
CA GLY C 232 4.59 -29.51 -25.73
C GLY C 232 5.98 -30.12 -25.76
N ILE C 233 6.86 -29.59 -26.60
CA ILE C 233 8.24 -30.06 -26.69
C ILE C 233 9.16 -28.88 -26.42
N ASN C 234 10.46 -29.12 -26.49
CA ASN C 234 11.48 -28.11 -26.21
C ASN C 234 12.39 -27.98 -27.42
N ILE C 235 11.76 -27.81 -28.60
CA ILE C 235 12.50 -27.73 -29.85
C ILE C 235 13.44 -26.53 -29.82
N THR C 236 14.74 -26.79 -29.98
CA THR C 236 15.75 -25.75 -30.01
C THR C 236 16.70 -25.89 -31.20
N ARG C 237 16.50 -26.89 -32.06
CA ARG C 237 17.37 -27.10 -33.21
C ARG C 237 16.63 -27.96 -34.22
N PHE C 238 16.70 -27.55 -35.49
CA PHE C 238 15.91 -28.19 -36.53
C PHE C 238 16.77 -28.42 -37.76
N GLN C 239 16.14 -29.00 -38.78
CA GLN C 239 16.80 -29.29 -40.05
C GLN C 239 15.72 -29.37 -41.12
N THR C 240 16.15 -29.50 -42.37
CA THR C 240 15.25 -29.52 -43.53
C THR C 240 15.21 -30.91 -44.14
N LEU C 241 14.18 -31.15 -44.96
CA LEU C 241 14.00 -32.43 -45.64
C LEU C 241 13.86 -32.13 -47.14
N LEU C 242 14.95 -32.29 -47.87
CA LEU C 242 14.96 -32.07 -49.31
C LEU C 242 14.70 -33.42 -50.00
N ALA C 243 14.86 -33.48 -51.32
CA ALA C 243 14.63 -34.70 -52.08
C ALA C 243 15.55 -34.70 -53.31
N LEU C 244 16.12 -35.86 -53.61
CA LEU C 244 17.00 -35.99 -54.75
C LEU C 244 16.22 -36.48 -55.98
N HIS C 245 16.92 -36.59 -57.10
CA HIS C 245 16.32 -36.92 -58.38
C HIS C 245 17.09 -38.06 -59.06
N ARG C 246 17.31 -39.14 -58.30
CA ARG C 246 17.97 -40.31 -58.85
C ARG C 246 17.28 -40.79 -60.12
N SER C 247 18.02 -40.77 -61.23
CA SER C 247 17.47 -41.12 -62.54
C SER C 247 18.45 -42.04 -63.25
N TYR C 248 18.17 -42.31 -64.53
CA TYR C 248 19.02 -43.20 -65.31
C TYR C 248 20.35 -42.53 -65.67
N LEU C 249 20.37 -41.20 -65.67
CA LEU C 249 21.56 -40.45 -66.06
C LEU C 249 22.74 -40.73 -65.14
N THR C 250 22.60 -40.41 -63.86
CA THR C 250 23.70 -40.56 -62.92
C THR C 250 23.83 -42.02 -62.47
N PRO C 251 24.93 -42.69 -62.80
CA PRO C 251 25.12 -44.07 -62.34
C PRO C 251 25.89 -44.14 -61.03
N GLY C 252 26.03 -45.34 -60.47
CA GLY C 252 26.80 -45.50 -59.25
C GLY C 252 26.13 -46.41 -58.23
N ASP C 253 25.92 -45.88 -57.02
CA ASP C 253 25.35 -46.67 -55.93
C ASP C 253 24.53 -45.78 -55.02
N SER C 254 24.21 -46.27 -53.82
CA SER C 254 23.44 -45.51 -52.84
C SER C 254 24.17 -44.31 -52.30
N SER C 255 25.51 -44.27 -52.43
CA SER C 255 26.27 -43.14 -51.90
C SER C 255 26.65 -42.13 -52.97
N SER C 256 26.78 -42.57 -54.23
CA SER C 256 27.18 -41.68 -55.32
C SER C 256 26.29 -41.94 -56.52
N GLY C 257 25.96 -40.87 -57.22
CA GLY C 257 25.10 -40.94 -58.38
C GLY C 257 23.70 -40.41 -58.18
N TRP C 258 23.52 -39.32 -57.43
CA TRP C 258 22.22 -38.74 -57.17
C TRP C 258 22.19 -37.31 -57.69
N THR C 259 21.05 -36.91 -58.23
CA THR C 259 20.85 -35.56 -58.74
C THR C 259 20.28 -34.68 -57.63
N ALA C 260 20.15 -33.38 -57.89
CA ALA C 260 19.64 -32.47 -56.88
C ALA C 260 18.55 -31.54 -57.39
N GLY C 261 18.23 -31.54 -58.68
CA GLY C 261 17.18 -30.66 -59.17
C GLY C 261 17.61 -29.21 -59.12
N ALA C 262 16.67 -28.33 -58.76
CA ALA C 262 16.95 -26.90 -58.68
C ALA C 262 15.93 -26.28 -57.73
N ALA C 263 16.40 -25.81 -56.58
CA ALA C 263 15.52 -25.18 -55.60
C ALA C 263 16.39 -24.37 -54.64
N ALA C 264 15.74 -23.60 -53.78
CA ALA C 264 16.42 -22.78 -52.80
C ALA C 264 15.45 -22.38 -51.70
N TYR C 265 15.93 -22.36 -50.46
CA TYR C 265 15.11 -21.99 -49.32
C TYR C 265 15.86 -21.01 -48.43
N TYR C 266 15.14 -20.00 -47.94
CA TYR C 266 15.70 -18.97 -47.08
C TYR C 266 15.30 -19.23 -45.64
N VAL C 267 16.23 -18.99 -44.71
CA VAL C 267 16.00 -19.21 -43.29
C VAL C 267 16.37 -17.96 -42.54
N GLY C 268 15.42 -17.42 -41.77
CA GLY C 268 15.64 -16.25 -40.94
C GLY C 268 15.34 -16.54 -39.49
N TYR C 269 15.62 -15.54 -38.64
CA TYR C 269 15.38 -15.65 -37.21
C TYR C 269 14.60 -14.44 -36.73
N LEU C 270 13.61 -14.68 -35.89
CA LEU C 270 12.75 -13.62 -35.37
C LEU C 270 13.37 -13.01 -34.12
N GLN C 271 13.07 -11.73 -33.90
CA GLN C 271 13.54 -10.97 -32.76
C GLN C 271 12.41 -10.12 -32.21
N PRO C 272 12.37 -9.91 -30.90
CA PRO C 272 11.30 -9.08 -30.32
C PRO C 272 11.45 -7.61 -30.67
N ARG C 273 10.44 -7.04 -31.33
CA ARG C 273 10.49 -5.65 -31.75
C ARG C 273 9.07 -5.18 -32.03
N THR C 274 8.83 -3.89 -31.80
CA THR C 274 7.51 -3.30 -31.96
C THR C 274 7.22 -3.03 -33.43
N PHE C 275 5.97 -3.29 -33.82
CA PHE C 275 5.52 -3.07 -35.18
C PHE C 275 4.20 -2.31 -35.16
N LEU C 276 3.96 -1.53 -36.21
CA LEU C 276 2.73 -0.76 -36.38
C LEU C 276 1.97 -1.33 -37.57
N LEU C 277 0.84 -1.97 -37.30
CA LEU C 277 0.04 -2.59 -38.35
C LEU C 277 -1.01 -1.63 -38.88
N LYS C 278 -1.52 -1.94 -40.07
CA LYS C 278 -2.54 -1.14 -40.73
C LYS C 278 -3.60 -2.07 -41.28
N TYR C 279 -4.73 -2.17 -40.60
CA TYR C 279 -5.83 -3.01 -41.05
C TYR C 279 -6.68 -2.29 -42.09
N ASN C 280 -7.14 -3.04 -43.07
CA ASN C 280 -7.97 -2.49 -44.14
C ASN C 280 -9.42 -2.45 -43.71
N GLU C 281 -10.32 -2.10 -44.63
CA GLU C 281 -11.75 -2.04 -44.34
C GLU C 281 -12.42 -3.41 -44.38
N ASN C 282 -11.66 -4.49 -44.53
CA ASN C 282 -12.21 -5.84 -44.50
C ASN C 282 -11.58 -6.73 -43.43
N GLY C 283 -10.37 -6.40 -42.97
CA GLY C 283 -9.73 -7.20 -41.93
C GLY C 283 -8.40 -7.77 -42.34
N THR C 284 -7.94 -7.43 -43.55
CA THR C 284 -6.68 -7.94 -44.09
C THR C 284 -5.63 -6.86 -43.97
N ILE C 285 -4.46 -7.22 -43.46
CA ILE C 285 -3.35 -6.29 -43.31
C ILE C 285 -2.77 -5.97 -44.68
N THR C 286 -2.85 -4.71 -45.10
CA THR C 286 -2.36 -4.30 -46.40
C THR C 286 -0.99 -3.62 -46.35
N ASP C 287 -0.58 -3.11 -45.20
CA ASP C 287 0.71 -2.45 -45.07
C ASP C 287 1.10 -2.41 -43.60
N ALA C 288 2.39 -2.38 -43.30
CA ALA C 288 2.87 -2.30 -41.92
C ALA C 288 4.18 -1.53 -41.88
N VAL C 289 4.48 -0.91 -40.74
CA VAL C 289 5.72 -0.16 -40.61
C VAL C 289 6.52 -0.62 -39.39
N ASP C 290 7.83 -0.43 -39.43
CA ASP C 290 8.69 -0.82 -38.31
C ASP C 290 8.79 0.33 -37.31
N CYS C 291 9.29 0.03 -36.12
CA CYS C 291 9.42 1.06 -35.10
C CYS C 291 10.88 1.43 -34.88
N ALA C 292 11.77 0.47 -35.04
CA ALA C 292 13.19 0.74 -34.76
C ALA C 292 14.09 0.49 -35.96
N LEU C 293 13.78 1.13 -37.09
CA LEU C 293 14.62 0.98 -38.27
C LEU C 293 15.33 2.29 -38.60
N ASP C 294 14.57 3.34 -38.89
CA ASP C 294 15.08 4.65 -39.23
C ASP C 294 14.33 5.70 -38.42
N PRO C 295 14.89 6.91 -38.29
CA PRO C 295 14.21 7.97 -37.52
C PRO C 295 12.80 8.26 -38.02
N LEU C 296 12.59 8.21 -39.34
CA LEU C 296 11.26 8.43 -39.88
C LEU C 296 10.32 7.30 -39.49
N SER C 297 10.82 6.07 -39.47
CA SER C 297 10.00 4.94 -39.04
C SER C 297 9.61 5.09 -37.58
N GLU C 298 10.53 5.55 -36.74
CA GLU C 298 10.21 5.77 -35.33
C GLU C 298 9.23 6.92 -35.17
N THR C 299 9.34 7.96 -36.00
CA THR C 299 8.38 9.05 -35.95
C THR C 299 6.98 8.56 -36.31
N LYS C 300 6.87 7.75 -37.36
CA LYS C 300 5.57 7.17 -37.72
C LYS C 300 5.06 6.22 -36.63
N CYS C 301 5.97 5.53 -35.95
CA CYS C 301 5.58 4.63 -34.87
C CYS C 301 5.06 5.39 -33.66
N THR C 302 5.64 6.55 -33.37
CA THR C 302 5.21 7.36 -32.23
C THR C 302 3.95 8.16 -32.53
N LEU C 303 3.78 8.65 -33.75
CA LEU C 303 2.62 9.43 -34.14
C LEU C 303 1.44 8.55 -34.56
N LYS C 304 1.67 7.25 -34.75
CA LYS C 304 0.63 6.29 -35.12
C LYS C 304 -0.05 6.70 -36.42
N SER C 305 0.76 6.80 -37.48
CA SER C 305 0.28 7.17 -38.80
C SER C 305 1.34 6.79 -39.82
N PHE C 306 1.01 6.99 -41.10
CA PHE C 306 1.93 6.72 -42.20
C PHE C 306 2.33 7.96 -42.98
N THR C 307 1.59 9.05 -42.87
CA THR C 307 1.91 10.30 -43.58
C THR C 307 1.95 11.43 -42.55
N VAL C 308 3.13 12.01 -42.35
CA VAL C 308 3.33 13.10 -41.42
C VAL C 308 3.59 14.39 -42.20
N GLU C 309 3.27 15.51 -41.58
CA GLU C 309 3.46 16.82 -42.19
C GLU C 309 4.77 17.44 -41.71
N LYS C 310 5.02 18.68 -42.13
CA LYS C 310 6.24 19.37 -41.73
C LYS C 310 6.20 19.71 -40.25
N GLY C 311 7.38 19.90 -39.67
CA GLY C 311 7.50 20.23 -38.27
C GLY C 311 8.59 19.46 -37.55
N ILE C 312 8.73 19.68 -36.26
CA ILE C 312 9.73 19.00 -35.44
C ILE C 312 8.98 18.18 -34.41
N TYR C 313 9.08 16.85 -34.51
CA TYR C 313 8.36 15.95 -33.62
C TYR C 313 9.32 15.28 -32.66
N GLN C 314 8.85 15.07 -31.42
CA GLN C 314 9.60 14.35 -30.41
C GLN C 314 9.39 12.85 -30.60
N THR C 315 10.49 12.09 -30.63
CA THR C 315 10.43 10.65 -30.87
C THR C 315 10.83 9.83 -29.65
N SER C 316 12.01 10.08 -29.08
CA SER C 316 12.47 9.29 -27.95
C SER C 316 13.35 10.11 -27.02
N ASN C 317 14.08 9.43 -26.13
CA ASN C 317 14.96 10.11 -25.18
C ASN C 317 16.19 9.23 -24.98
N PHE C 318 17.31 9.64 -25.56
CA PHE C 318 18.55 8.88 -25.48
C PHE C 318 19.32 9.24 -24.22
N ARG C 319 20.25 8.35 -23.85
CA ARG C 319 21.05 8.54 -22.66
C ARG C 319 22.34 7.74 -22.79
N VAL C 320 23.46 8.36 -22.42
CA VAL C 320 24.76 7.70 -22.49
C VAL C 320 24.96 6.87 -21.22
N GLN C 321 25.45 5.63 -21.39
CA GLN C 321 25.65 4.72 -20.26
C GLN C 321 27.09 4.76 -19.80
N PRO C 322 27.33 4.54 -18.50
CA PRO C 322 28.71 4.52 -18.00
C PRO C 322 29.47 3.30 -18.53
N THR C 323 30.68 3.56 -19.03
CA THR C 323 31.48 2.50 -19.63
C THR C 323 32.20 1.67 -18.58
N GLU C 324 33.06 2.32 -17.78
CA GLU C 324 33.84 1.61 -16.78
C GLU C 324 33.46 2.04 -15.37
N SER C 325 34.18 1.52 -14.37
CA SER C 325 33.95 1.87 -12.98
C SER C 325 35.27 2.09 -12.29
N ILE C 326 35.32 3.09 -11.42
CA ILE C 326 36.53 3.47 -10.71
C ILE C 326 36.26 3.40 -9.21
N VAL C 327 37.14 2.72 -8.48
CA VAL C 327 37.03 2.58 -7.03
C VAL C 327 38.27 3.22 -6.41
N ARG C 328 38.07 4.17 -5.51
CA ARG C 328 39.14 4.93 -4.91
C ARG C 328 39.08 4.84 -3.39
N PHE C 329 40.17 4.36 -2.79
CA PHE C 329 40.33 4.30 -1.35
C PHE C 329 41.63 4.99 -0.95
N PRO C 330 41.65 5.68 0.19
CA PRO C 330 42.83 6.43 0.60
C PRO C 330 43.97 5.49 1.00
N ASN C 331 45.08 6.10 1.44
CA ASN C 331 46.25 5.36 1.88
C ASN C 331 45.88 4.37 2.98
N ILE C 332 46.46 3.17 2.93
CA ILE C 332 46.15 2.13 3.91
C ILE C 332 46.93 2.40 5.19
N THR C 333 46.30 3.13 6.12
CA THR C 333 46.93 3.43 7.41
C THR C 333 46.33 2.54 8.49
N ASN C 334 46.74 2.76 9.74
CA ASN C 334 46.25 2.01 10.89
C ASN C 334 46.48 0.51 10.70
N LEU C 335 47.72 0.13 10.40
CA LEU C 335 48.04 -1.29 10.23
C LEU C 335 47.97 -1.99 11.58
N CYS C 336 47.43 -3.21 11.59
CA CYS C 336 47.28 -3.96 12.82
C CYS C 336 48.66 -4.34 13.36
N PRO C 337 48.93 -4.09 14.64
CA PRO C 337 50.26 -4.43 15.20
C PRO C 337 50.47 -5.92 15.35
N PHE C 338 50.60 -6.62 14.22
CA PHE C 338 50.88 -8.05 14.23
C PHE C 338 52.37 -8.38 14.31
N GLY C 339 53.24 -7.37 14.30
CA GLY C 339 54.66 -7.62 14.39
C GLY C 339 55.10 -8.08 15.77
N GLU C 340 54.56 -7.44 16.81
CA GLU C 340 54.97 -7.80 18.17
C GLU C 340 54.46 -9.17 18.58
N VAL C 341 53.55 -9.77 17.80
CA VAL C 341 53.03 -11.08 18.14
C VAL C 341 54.01 -12.21 17.85
N PHE C 342 55.01 -11.96 17.01
CA PHE C 342 55.97 -12.99 16.62
C PHE C 342 57.35 -12.84 17.23
N ASN C 343 57.97 -11.68 17.11
CA ASN C 343 59.31 -11.45 17.67
C ASN C 343 59.20 -10.47 18.82
N ALA C 344 59.09 -11.00 20.04
CA ALA C 344 58.96 -10.18 21.24
C ALA C 344 59.60 -10.88 22.42
N THR C 345 59.25 -10.45 23.64
CA THR C 345 59.74 -11.01 24.89
C THR C 345 59.29 -12.47 24.99
N ARG C 346 59.83 -13.21 25.95
CA ARG C 346 59.53 -14.62 26.11
C ARG C 346 58.06 -14.83 26.48
N PHE C 347 57.59 -16.05 26.25
CA PHE C 347 56.23 -16.45 26.62
C PHE C 347 56.18 -16.90 28.08
N ALA C 348 55.05 -16.67 28.74
CA ALA C 348 54.89 -17.00 30.15
C ALA C 348 55.14 -18.49 30.42
N SER C 349 54.31 -19.36 29.83
CA SER C 349 54.44 -20.79 30.02
C SER C 349 53.62 -21.50 28.94
N VAL C 350 53.63 -22.82 28.98
CA VAL C 350 52.87 -23.61 28.01
C VAL C 350 51.38 -23.57 28.36
N TYR C 351 51.04 -23.98 29.58
CA TYR C 351 49.64 -23.91 30.00
C TYR C 351 49.21 -22.48 30.28
N ALA C 352 50.12 -21.64 30.74
CA ALA C 352 49.82 -20.23 31.04
C ALA C 352 50.04 -19.35 29.81
N TRP C 353 49.43 -19.72 28.70
CA TRP C 353 49.55 -18.94 27.48
C TRP C 353 48.73 -17.66 27.59
N ASN C 354 49.21 -16.62 26.90
CA ASN C 354 48.56 -15.32 26.92
C ASN C 354 47.69 -15.14 25.68
N ARG C 355 46.54 -14.51 25.87
CA ARG C 355 45.60 -14.25 24.79
C ARG C 355 45.60 -12.76 24.46
N LYS C 356 45.64 -12.45 23.16
CA LYS C 356 45.65 -11.07 22.69
C LYS C 356 44.50 -10.91 21.70
N ARG C 357 43.43 -10.25 22.15
CA ARG C 357 42.29 -10.00 21.28
C ARG C 357 42.63 -8.96 20.21
N ILE C 358 41.78 -8.89 19.20
CA ILE C 358 41.97 -7.99 18.07
C ILE C 358 40.80 -7.02 18.01
N SER C 359 41.09 -5.78 17.65
CA SER C 359 40.09 -4.71 17.56
C SER C 359 40.11 -4.11 16.17
N ASN C 360 39.42 -2.98 16.00
CA ASN C 360 39.34 -2.30 14.72
C ASN C 360 40.72 -1.93 14.21
N CYS C 361 41.14 -2.55 13.10
CA CYS C 361 42.47 -2.32 12.55
C CYS C 361 42.46 -2.78 11.09
N VAL C 362 43.62 -2.75 10.47
CA VAL C 362 43.82 -3.23 9.10
C VAL C 362 44.80 -4.39 9.18
N ALA C 363 44.27 -5.62 9.22
CA ALA C 363 45.09 -6.82 9.37
C ALA C 363 45.47 -7.33 7.99
N ASP C 364 46.64 -6.93 7.51
CA ASP C 364 47.14 -7.38 6.22
C ASP C 364 47.80 -8.75 6.36
N TYR C 365 47.48 -9.65 5.45
CA TYR C 365 48.00 -11.01 5.47
C TYR C 365 49.17 -11.22 4.53
N SER C 366 49.59 -10.19 3.79
CA SER C 366 50.69 -10.32 2.85
C SER C 366 52.05 -10.46 3.51
N VAL C 367 52.11 -10.52 4.85
CA VAL C 367 53.37 -10.66 5.57
C VAL C 367 53.51 -12.01 6.25
N LEU C 368 52.44 -12.81 6.32
CA LEU C 368 52.50 -14.09 7.03
C LEU C 368 52.96 -15.22 6.10
N TYR C 369 52.23 -15.45 5.01
CA TYR C 369 52.57 -16.51 4.07
C TYR C 369 53.51 -16.04 2.97
N ASN C 370 54.26 -14.97 3.20
CA ASN C 370 55.23 -14.47 2.25
C ASN C 370 56.62 -14.34 2.86
N SER C 371 56.87 -15.03 3.97
CA SER C 371 58.16 -15.02 4.65
C SER C 371 58.75 -16.43 4.65
N ALA C 372 60.00 -16.53 5.08
CA ALA C 372 60.70 -17.80 5.13
C ALA C 372 61.21 -18.15 6.52
N SER C 373 61.01 -17.28 7.52
CA SER C 373 61.50 -17.56 8.86
C SER C 373 60.68 -18.64 9.55
N PHE C 374 59.47 -18.92 9.09
CA PHE C 374 58.63 -19.92 9.72
C PHE C 374 58.96 -21.31 9.17
N SER C 375 58.33 -22.32 9.75
CA SER C 375 58.55 -23.71 9.34
C SER C 375 57.26 -24.44 8.97
N THR C 376 56.17 -24.16 9.67
CA THR C 376 54.89 -24.82 9.42
C THR C 376 53.83 -23.77 9.14
N PHE C 377 53.04 -23.99 8.07
CA PHE C 377 51.97 -23.08 7.70
C PHE C 377 50.72 -23.84 7.29
N LYS C 378 50.53 -25.04 7.84
CA LYS C 378 49.40 -25.88 7.45
C LYS C 378 48.10 -25.33 8.06
N CYS C 379 47.17 -24.94 7.19
CA CYS C 379 45.87 -24.47 7.64
C CYS C 379 44.87 -25.62 7.68
N TYR C 380 43.65 -25.31 8.12
CA TYR C 380 42.60 -26.30 8.28
C TYR C 380 41.30 -25.81 7.66
N GLY C 381 41.40 -25.31 6.42
CA GLY C 381 40.23 -24.80 5.72
C GLY C 381 40.14 -23.29 5.76
N VAL C 382 41.28 -22.62 5.57
CA VAL C 382 41.36 -21.18 5.67
C VAL C 382 41.57 -20.53 4.31
N SER C 383 42.34 -21.18 3.43
CA SER C 383 42.64 -20.68 2.09
C SER C 383 43.31 -19.31 2.19
N PRO C 384 44.59 -19.26 2.62
CA PRO C 384 45.25 -17.95 2.80
C PRO C 384 45.28 -17.09 1.54
N THR C 385 45.06 -17.67 0.37
CA THR C 385 45.03 -16.88 -0.85
C THR C 385 43.85 -15.92 -0.91
N LYS C 386 42.81 -16.15 -0.11
CA LYS C 386 41.63 -15.31 -0.09
C LYS C 386 41.41 -14.64 1.27
N LEU C 387 42.42 -14.64 2.13
CA LEU C 387 42.29 -13.99 3.43
C LEU C 387 42.17 -12.47 3.31
N ASN C 388 42.63 -11.89 2.21
CA ASN C 388 42.52 -10.45 2.03
C ASN C 388 41.09 -10.02 1.72
N ASP C 389 40.23 -10.94 1.29
CA ASP C 389 38.84 -10.64 0.96
C ASP C 389 37.87 -11.31 1.93
N LEU C 390 38.30 -11.54 3.16
CA LEU C 390 37.46 -12.15 4.19
C LEU C 390 37.59 -11.36 5.47
N CYS C 391 36.46 -10.97 6.06
CA CYS C 391 36.41 -10.20 7.29
C CYS C 391 35.92 -11.07 8.42
N PHE C 392 36.67 -11.11 9.52
CA PHE C 392 36.33 -11.87 10.70
C PHE C 392 36.06 -10.93 11.87
N THR C 393 35.70 -11.50 13.02
CA THR C 393 35.35 -10.70 14.19
C THR C 393 36.15 -11.15 15.42
N ASN C 394 36.50 -12.42 15.48
CA ASN C 394 37.18 -13.00 16.64
C ASN C 394 38.44 -13.72 16.18
N VAL C 395 39.60 -13.18 16.52
CA VAL C 395 40.89 -13.78 16.21
C VAL C 395 41.59 -14.11 17.52
N TYR C 396 42.04 -15.34 17.65
CA TYR C 396 42.70 -15.83 18.87
C TYR C 396 44.19 -15.97 18.61
N ALA C 397 44.98 -15.07 19.21
CA ALA C 397 46.43 -15.08 19.03
C ALA C 397 47.10 -15.80 20.20
N ASP C 398 46.84 -17.10 20.29
CA ASP C 398 47.46 -17.92 21.32
C ASP C 398 48.93 -18.16 21.00
N SER C 399 49.76 -18.21 22.04
CA SER C 399 51.18 -18.40 21.84
C SER C 399 51.79 -19.03 23.09
N PHE C 400 52.71 -19.97 22.88
CA PHE C 400 53.43 -20.63 23.96
C PHE C 400 54.70 -21.25 23.37
N VAL C 401 55.42 -22.00 24.19
CA VAL C 401 56.72 -22.57 23.81
C VAL C 401 56.62 -24.09 23.86
N ILE C 402 57.03 -24.75 22.77
CA ILE C 402 57.09 -26.19 22.68
C ILE C 402 58.42 -26.58 22.03
N ARG C 403 58.62 -27.88 21.84
CA ARG C 403 59.80 -28.39 21.18
C ARG C 403 59.46 -28.77 19.74
N GLY C 404 60.42 -29.37 19.03
CA GLY C 404 60.18 -29.76 17.65
C GLY C 404 59.26 -30.96 17.53
N ASP C 405 59.33 -31.88 18.50
CA ASP C 405 58.51 -33.08 18.45
C ASP C 405 57.08 -32.84 18.89
N GLU C 406 56.80 -31.74 19.58
CA GLU C 406 55.46 -31.42 20.04
C GLU C 406 54.66 -30.61 19.03
N VAL C 407 55.26 -30.23 17.89
CA VAL C 407 54.52 -29.53 16.85
C VAL C 407 53.47 -30.44 16.24
N ARG C 408 53.77 -31.74 16.13
CA ARG C 408 52.83 -32.68 15.54
C ARG C 408 51.65 -32.93 16.47
N GLN C 409 51.90 -32.98 17.78
CA GLN C 409 50.84 -33.27 18.74
C GLN C 409 49.86 -32.12 18.91
N ILE C 410 50.15 -30.95 18.34
CA ILE C 410 49.24 -29.81 18.45
C ILE C 410 48.55 -29.60 17.11
N ALA C 411 47.39 -30.20 16.93
CA ALA C 411 46.62 -30.12 15.70
C ALA C 411 45.23 -30.72 15.91
N PRO C 412 44.20 -30.21 15.23
CA PRO C 412 42.87 -30.82 15.36
C PRO C 412 42.80 -32.25 14.83
N GLY C 413 43.72 -32.65 13.96
CA GLY C 413 43.76 -33.98 13.42
C GLY C 413 44.70 -34.95 14.12
N GLN C 414 45.47 -34.48 15.10
CA GLN C 414 46.41 -35.32 15.84
C GLN C 414 46.38 -34.87 17.30
N THR C 415 45.57 -35.55 18.11
CA THR C 415 45.45 -35.24 19.53
C THR C 415 46.46 -36.09 20.32
N GLY C 416 46.32 -36.10 21.64
CA GLY C 416 47.22 -36.88 22.48
C GLY C 416 47.74 -36.13 23.69
N LYS C 417 49.05 -35.95 23.75
CA LYS C 417 49.66 -35.29 24.91
C LYS C 417 49.15 -33.88 25.10
N ILE C 418 48.82 -33.18 24.02
CA ILE C 418 48.35 -31.80 24.09
C ILE C 418 46.83 -31.74 23.93
N ALA C 419 46.12 -32.83 24.22
CA ALA C 419 44.67 -32.85 24.13
C ALA C 419 43.98 -32.69 25.48
N ASP C 420 44.63 -33.10 26.57
CA ASP C 420 44.05 -32.96 27.89
C ASP C 420 45.03 -32.44 28.94
N TYR C 421 46.26 -32.11 28.56
CA TYR C 421 47.26 -31.62 29.49
C TYR C 421 47.68 -30.17 29.22
N ASN C 422 47.39 -29.64 28.04
CA ASN C 422 47.79 -28.29 27.67
C ASN C 422 46.72 -27.71 26.76
N TYR C 423 47.05 -26.64 26.05
CA TYR C 423 46.10 -25.98 25.16
C TYR C 423 45.57 -26.98 24.12
N LYS C 424 44.25 -27.08 24.05
CA LYS C 424 43.57 -27.98 23.13
C LYS C 424 43.00 -27.20 21.95
N LEU C 425 42.77 -27.91 20.85
CA LEU C 425 42.21 -27.34 19.64
C LEU C 425 40.85 -27.93 19.34
N PRO C 426 39.89 -27.12 18.87
CA PRO C 426 38.56 -27.65 18.56
C PRO C 426 38.55 -28.46 17.28
N ASP C 427 37.37 -28.93 16.87
CA ASP C 427 37.27 -29.72 15.65
C ASP C 427 37.35 -28.85 14.41
N ASP C 428 36.50 -27.82 14.34
CA ASP C 428 36.49 -26.91 13.19
C ASP C 428 37.81 -26.18 13.07
N PHE C 429 38.12 -25.34 14.06
CA PHE C 429 39.41 -24.64 14.17
C PHE C 429 39.76 -23.92 12.87
N THR C 430 38.93 -22.94 12.52
CA THR C 430 39.21 -22.12 11.35
C THR C 430 40.42 -21.23 11.61
N GLY C 431 41.61 -21.71 11.24
CA GLY C 431 42.83 -20.96 11.47
C GLY C 431 44.02 -21.77 11.01
N CYS C 432 45.18 -21.12 11.06
CA CYS C 432 46.44 -21.71 10.64
C CYS C 432 47.41 -21.72 11.80
N VAL C 433 48.19 -22.79 11.92
CA VAL C 433 49.19 -22.93 12.97
C VAL C 433 50.50 -22.32 12.48
N ILE C 434 51.12 -21.49 13.32
CA ILE C 434 52.35 -20.79 13.00
C ILE C 434 53.41 -21.22 14.01
N ALA C 435 54.31 -22.10 13.61
CA ALA C 435 55.37 -22.61 14.47
C ALA C 435 56.69 -22.51 13.74
N TRP C 436 57.62 -21.72 14.28
CA TRP C 436 58.93 -21.53 13.69
C TRP C 436 60.01 -21.98 14.68
N ASN C 437 61.17 -22.34 14.13
CA ASN C 437 62.30 -22.75 14.96
C ASN C 437 62.92 -21.53 15.62
N SER C 438 62.88 -21.48 16.95
CA SER C 438 63.39 -20.35 17.72
C SER C 438 64.80 -20.60 18.24
N ASN C 439 65.61 -21.35 17.51
CA ASN C 439 66.98 -21.67 17.91
C ASN C 439 67.98 -20.59 17.53
N ASN C 440 67.51 -19.37 17.25
CA ASN C 440 68.42 -18.29 16.89
C ASN C 440 69.27 -17.85 18.08
N LEU C 441 68.61 -17.43 19.16
CA LEU C 441 69.31 -16.97 20.36
C LEU C 441 68.83 -17.64 21.63
N ASP C 442 67.93 -18.61 21.55
CA ASP C 442 67.44 -19.32 22.73
C ASP C 442 68.28 -20.56 23.01
N SER C 443 69.59 -20.33 23.12
CA SER C 443 70.57 -21.38 23.40
C SER C 443 71.37 -21.07 24.66
N LYS C 444 70.67 -20.63 25.70
CA LYS C 444 71.34 -20.30 26.95
C LYS C 444 71.86 -21.56 27.64
N VAL C 445 72.86 -21.36 28.49
CA VAL C 445 73.48 -22.47 29.21
C VAL C 445 72.60 -22.85 30.40
N GLY C 446 72.77 -24.09 30.85
CA GLY C 446 72.03 -24.61 31.99
C GLY C 446 70.66 -25.15 31.68
N GLY C 447 70.07 -24.77 30.55
CA GLY C 447 68.74 -25.25 30.20
C GLY C 447 67.67 -24.75 31.14
N ASN C 448 67.42 -23.44 31.12
CA ASN C 448 66.44 -22.82 32.00
C ASN C 448 65.04 -23.38 31.78
N TYR C 449 64.49 -24.03 32.80
CA TYR C 449 63.15 -24.62 32.73
C TYR C 449 62.17 -23.73 33.48
N ASN C 450 61.62 -22.75 32.77
CA ASN C 450 60.61 -21.85 33.33
C ASN C 450 59.25 -22.02 32.68
N TYR C 451 59.18 -22.57 31.47
CA TYR C 451 57.90 -22.82 30.81
C TYR C 451 57.41 -24.23 31.13
N LEU C 452 57.29 -24.51 32.43
CA LEU C 452 56.90 -25.83 32.91
C LEU C 452 55.47 -26.16 32.50
N TYR C 453 55.30 -27.19 31.66
CA TYR C 453 53.99 -27.58 31.20
C TYR C 453 53.40 -28.63 32.14
N ARG C 454 52.14 -28.43 32.53
CA ARG C 454 51.47 -29.32 33.47
C ARG C 454 51.06 -30.59 32.76
N LEU C 455 51.54 -31.73 33.26
CA LEU C 455 51.27 -33.03 32.66
C LEU C 455 50.46 -33.90 33.62
N PHE C 456 50.10 -35.10 33.15
CA PHE C 456 49.33 -36.10 33.89
C PHE C 456 48.20 -35.47 34.69
N ARG C 457 47.32 -34.79 33.97
CA ARG C 457 46.14 -34.16 34.56
C ARG C 457 44.90 -35.01 34.28
N LYS C 458 44.02 -35.10 35.27
CA LYS C 458 42.83 -35.92 35.15
C LYS C 458 41.78 -35.27 34.25
N SER C 459 41.37 -34.05 34.59
CA SER C 459 40.32 -33.36 33.85
C SER C 459 40.81 -32.97 32.47
N ASN C 460 40.02 -33.28 31.45
CA ASN C 460 40.37 -32.92 30.08
C ASN C 460 40.26 -31.40 29.90
N LEU C 461 41.09 -30.87 29.01
CA LEU C 461 41.12 -29.44 28.76
C LEU C 461 40.05 -29.04 27.75
N LYS C 462 39.52 -27.83 27.91
CA LYS C 462 38.44 -27.32 27.08
C LYS C 462 39.00 -26.53 25.90
N PRO C 463 38.22 -26.39 24.82
CA PRO C 463 38.68 -25.59 23.67
C PRO C 463 38.97 -24.15 24.08
N PHE C 464 40.20 -23.71 23.80
CA PHE C 464 40.67 -22.37 24.11
C PHE C 464 40.58 -22.09 25.61
N GLU C 465 41.29 -22.91 26.39
CA GLU C 465 41.35 -22.78 27.84
C GLU C 465 42.76 -23.09 28.30
N ARG C 466 42.99 -22.97 29.60
CA ARG C 466 44.28 -23.25 30.21
C ARG C 466 44.11 -24.30 31.30
N ASP C 467 45.08 -25.19 31.41
CA ASP C 467 45.03 -26.28 32.39
C ASP C 467 45.79 -25.88 33.65
N ILE C 468 45.27 -24.87 34.34
CA ILE C 468 45.84 -24.40 35.59
C ILE C 468 45.13 -25.12 36.74
N SER C 469 45.84 -26.05 37.38
CA SER C 469 45.27 -26.81 38.49
C SER C 469 46.41 -27.36 39.33
N THR C 470 46.58 -26.81 40.53
CA THR C 470 47.65 -27.23 41.44
C THR C 470 47.15 -28.41 42.28
N GLU C 471 47.04 -29.56 41.62
CA GLU C 471 46.60 -30.79 42.25
C GLU C 471 47.63 -31.88 41.96
N ILE C 472 48.15 -32.50 43.03
CA ILE C 472 49.20 -33.50 42.86
C ILE C 472 48.65 -34.75 42.22
N TYR C 473 49.52 -35.46 41.49
CA TYR C 473 49.11 -36.68 40.82
C TYR C 473 48.88 -37.80 41.83
N GLN C 474 47.66 -38.32 41.85
CA GLN C 474 47.28 -39.40 42.75
C GLN C 474 47.08 -40.67 41.94
N ALA C 475 47.81 -41.73 42.30
CA ALA C 475 47.75 -42.99 41.58
C ALA C 475 46.55 -43.84 41.98
N GLY C 476 45.74 -43.40 42.94
CA GLY C 476 44.59 -44.17 43.37
C GLY C 476 44.66 -44.56 44.84
N SER C 477 45.37 -43.76 45.63
CA SER C 477 45.51 -44.02 47.06
C SER C 477 45.11 -42.81 47.88
N THR C 478 45.39 -42.83 49.17
CA THR C 478 45.07 -41.69 50.02
C THR C 478 45.90 -40.48 49.60
N PRO C 479 45.33 -39.28 49.65
CA PRO C 479 46.09 -38.10 49.23
C PRO C 479 47.21 -37.78 50.21
N CYS C 480 48.38 -37.43 49.65
CA CYS C 480 49.54 -37.12 50.48
C CYS C 480 49.43 -35.71 51.07
N ASN C 481 48.94 -34.75 50.29
CA ASN C 481 48.87 -33.34 50.70
C ASN C 481 50.24 -32.80 51.09
N GLY C 482 51.30 -33.30 50.44
CA GLY C 482 52.65 -32.87 50.74
C GLY C 482 53.54 -32.81 49.51
N VAL C 483 54.80 -33.18 49.66
CA VAL C 483 55.76 -33.14 48.57
C VAL C 483 56.17 -34.57 48.22
N GLU C 484 55.50 -35.17 47.23
CA GLU C 484 55.79 -36.52 46.76
C GLU C 484 55.72 -37.53 47.91
N GLY C 485 54.53 -37.65 48.48
CA GLY C 485 54.30 -38.58 49.57
C GLY C 485 53.90 -39.97 49.12
N PHE C 486 52.76 -40.45 49.62
CA PHE C 486 52.27 -41.78 49.27
C PHE C 486 51.69 -41.73 47.86
N ASN C 487 52.49 -42.13 46.88
CA ASN C 487 52.10 -42.13 45.46
C ASN C 487 51.63 -40.75 45.03
N CYS C 488 52.54 -39.78 45.13
CA CYS C 488 52.26 -38.40 44.79
C CYS C 488 53.30 -37.88 43.81
N TYR C 489 52.85 -37.04 42.88
CA TYR C 489 53.74 -36.39 41.91
C TYR C 489 53.23 -34.98 41.66
N PHE C 490 54.12 -34.01 41.80
CA PHE C 490 53.73 -32.62 41.61
C PHE C 490 53.41 -32.36 40.13
N PRO C 491 52.31 -31.68 39.82
CA PRO C 491 51.93 -31.49 38.41
C PRO C 491 52.82 -30.50 37.68
N LEU C 492 54.09 -30.86 37.49
CA LEU C 492 55.02 -30.03 36.75
C LEU C 492 56.01 -30.93 36.03
N GLN C 493 56.40 -30.52 34.82
CA GLN C 493 57.41 -31.22 34.05
C GLN C 493 58.55 -30.26 33.72
N SER C 494 59.74 -30.82 33.54
CA SER C 494 60.96 -30.03 33.45
C SER C 494 61.34 -29.79 32.00
N TYR C 495 61.54 -28.52 31.64
CA TYR C 495 62.14 -28.13 30.38
C TYR C 495 63.67 -28.17 30.52
N GLY C 496 64.39 -27.55 29.59
CA GLY C 496 65.83 -27.64 29.62
C GLY C 496 66.44 -28.11 28.32
N PHE C 497 65.79 -27.82 27.20
CA PHE C 497 66.25 -28.25 25.88
C PHE C 497 67.49 -27.42 25.52
N GLN C 498 68.63 -27.86 26.06
CA GLN C 498 69.90 -27.19 25.85
C GLN C 498 70.31 -27.27 24.38
N PRO C 499 71.16 -26.34 23.93
CA PRO C 499 71.63 -26.41 22.53
C PRO C 499 72.46 -27.64 22.23
N THR C 500 72.93 -28.36 23.24
CA THR C 500 73.69 -29.59 23.07
C THR C 500 72.89 -30.79 23.55
N ASN C 501 71.58 -30.76 23.33
CA ASN C 501 70.69 -31.84 23.74
C ASN C 501 70.18 -32.67 22.57
N GLY C 502 69.65 -32.03 21.54
CA GLY C 502 69.15 -32.74 20.39
C GLY C 502 68.42 -31.81 19.45
N VAL C 503 68.16 -32.33 18.25
CA VAL C 503 67.46 -31.54 17.23
C VAL C 503 65.97 -31.44 17.55
N GLY C 504 65.37 -32.54 18.01
CA GLY C 504 63.96 -32.52 18.35
C GLY C 504 63.65 -31.69 19.58
N TYR C 505 64.62 -31.54 20.48
CA TYR C 505 64.47 -30.77 21.70
C TYR C 505 65.12 -29.41 21.48
N GLN C 506 64.38 -28.49 20.88
CA GLN C 506 64.85 -27.15 20.56
C GLN C 506 63.72 -26.16 20.77
N PRO C 507 64.03 -24.89 20.99
CA PRO C 507 62.96 -23.88 21.12
C PRO C 507 62.18 -23.74 19.82
N TYR C 508 60.87 -23.98 19.93
CA TYR C 508 59.95 -23.96 18.80
C TYR C 508 58.70 -23.17 19.16
N ARG C 509 58.89 -21.95 19.65
CA ARG C 509 57.80 -21.05 20.01
C ARG C 509 56.76 -20.97 18.91
N VAL C 510 55.54 -21.39 19.23
CA VAL C 510 54.45 -21.47 18.27
C VAL C 510 53.38 -20.45 18.66
N VAL C 511 52.91 -19.68 17.69
CA VAL C 511 51.85 -18.71 17.88
C VAL C 511 50.61 -19.24 17.15
N VAL C 512 49.72 -19.89 17.90
CA VAL C 512 48.52 -20.45 17.31
C VAL C 512 47.55 -19.33 16.95
N LEU C 513 46.96 -19.43 15.75
CA LEU C 513 46.03 -18.42 15.26
C LEU C 513 44.78 -19.12 14.73
N SER C 514 43.62 -18.56 15.06
CA SER C 514 42.35 -19.12 14.63
C SER C 514 41.39 -17.97 14.35
N PHE C 515 40.17 -18.31 13.93
CA PHE C 515 39.16 -17.33 13.62
C PHE C 515 37.80 -17.81 14.13
N GLU C 516 36.87 -16.87 14.23
CA GLU C 516 35.51 -17.17 14.70
C GLU C 516 34.59 -16.04 14.29
N LEU C 517 33.46 -16.39 13.70
CA LEU C 517 32.48 -15.40 13.26
C LEU C 517 31.34 -15.30 14.26
N LEU C 518 30.81 -14.08 14.41
CA LEU C 518 29.70 -13.80 15.29
C LEU C 518 28.76 -12.80 14.63
N HIS C 519 27.66 -12.50 15.31
CA HIS C 519 26.70 -11.54 14.79
C HIS C 519 27.20 -10.10 14.88
N ALA C 520 28.27 -9.86 15.62
CA ALA C 520 28.82 -8.52 15.73
C ALA C 520 29.40 -8.08 14.38
N PRO C 521 29.43 -6.77 14.12
CA PRO C 521 30.01 -6.30 12.86
C PRO C 521 31.49 -6.66 12.75
N ALA C 522 31.96 -6.74 11.50
CA ALA C 522 33.35 -7.09 11.22
C ALA C 522 34.27 -6.00 11.76
N THR C 523 35.09 -6.34 12.75
CA THR C 523 36.00 -5.39 13.35
C THR C 523 37.42 -5.50 12.78
N VAL C 524 37.85 -6.71 12.43
CA VAL C 524 39.20 -6.94 11.92
C VAL C 524 39.08 -7.48 10.50
N CYS C 525 39.76 -6.83 9.56
CA CYS C 525 39.75 -7.27 8.17
C CYS C 525 40.93 -6.67 7.41
N GLY C 526 41.29 -7.28 6.28
CA GLY C 526 42.42 -6.85 5.50
C GLY C 526 42.14 -5.58 4.73
N PRO C 527 43.15 -5.09 4.00
CA PRO C 527 42.98 -3.87 3.22
C PRO C 527 42.16 -4.12 1.96
N LYS C 528 41.88 -3.04 1.25
CA LYS C 528 41.09 -3.07 0.03
C LYS C 528 41.93 -2.63 -1.16
N LYS C 529 41.35 -2.75 -2.35
CA LYS C 529 42.04 -2.42 -3.58
C LYS C 529 41.67 -1.00 -4.03
N SER C 530 42.32 -0.54 -5.10
CA SER C 530 42.08 0.78 -5.64
C SER C 530 42.45 0.79 -7.12
N THR C 531 41.61 1.41 -7.94
CA THR C 531 41.83 1.51 -9.37
C THR C 531 42.50 2.83 -9.73
N ASN C 532 42.79 2.98 -11.02
CA ASN C 532 43.46 4.18 -11.51
C ASN C 532 42.44 5.28 -11.80
N LEU C 533 42.85 6.52 -11.57
CA LEU C 533 41.97 7.66 -11.80
C LEU C 533 41.79 7.91 -13.29
N VAL C 534 40.55 8.15 -13.69
CA VAL C 534 40.20 8.45 -15.08
C VAL C 534 39.41 9.75 -15.10
N LYS C 535 39.57 10.54 -16.16
CA LYS C 535 38.94 11.84 -16.29
C LYS C 535 38.29 11.98 -17.67
N ASN C 536 37.35 12.91 -17.77
CA ASN C 536 36.70 13.29 -19.02
C ASN C 536 36.03 12.08 -19.68
N LYS C 537 35.22 11.38 -18.89
CA LYS C 537 34.47 10.23 -19.39
C LYS C 537 33.34 9.87 -18.44
N CYS C 538 32.18 9.52 -19.00
CA CYS C 538 31.02 9.15 -18.18
C CYS C 538 31.26 7.79 -17.53
N VAL C 539 31.64 7.80 -16.26
CA VAL C 539 31.98 6.58 -15.54
C VAL C 539 31.09 6.49 -14.30
N ASN C 540 31.24 5.38 -13.57
CA ASN C 540 30.51 5.13 -12.34
C ASN C 540 31.53 5.10 -11.20
N PHE C 541 31.67 6.23 -10.51
CA PHE C 541 32.64 6.36 -9.44
C PHE C 541 32.17 5.61 -8.19
N ASN C 542 33.13 5.07 -7.45
CA ASN C 542 32.85 4.25 -6.28
C ASN C 542 33.75 4.69 -5.12
N PHE C 543 33.74 5.99 -4.82
CA PHE C 543 34.59 6.55 -3.78
C PHE C 543 34.27 5.98 -2.40
N ASN C 544 35.05 6.38 -1.40
CA ASN C 544 34.95 5.85 -0.04
C ASN C 544 33.52 5.89 0.49
N GLY C 545 32.87 7.04 0.40
CA GLY C 545 31.53 7.17 0.91
C GLY C 545 30.47 7.42 -0.16
N LEU C 546 30.91 7.97 -1.30
CA LEU C 546 29.97 8.31 -2.36
C LEU C 546 29.93 7.22 -3.41
N THR C 547 28.79 7.08 -4.08
CA THR C 547 28.62 6.10 -5.14
C THR C 547 27.58 6.62 -6.13
N GLY C 548 28.01 6.85 -7.37
CA GLY C 548 27.10 7.34 -8.39
C GLY C 548 27.79 7.38 -9.73
N THR C 549 27.09 7.96 -10.70
CA THR C 549 27.58 8.09 -12.07
C THR C 549 27.84 9.55 -12.40
N GLY C 550 28.69 9.76 -13.40
CA GLY C 550 29.04 11.09 -13.87
C GLY C 550 30.51 11.22 -14.17
N VAL C 551 30.83 12.29 -14.89
CA VAL C 551 32.21 12.55 -15.26
C VAL C 551 32.98 13.10 -14.06
N LEU C 552 34.32 12.97 -14.12
CA LEU C 552 35.20 13.43 -13.05
C LEU C 552 36.33 14.26 -13.67
N THR C 553 36.11 15.57 -13.76
CA THR C 553 37.10 16.46 -14.33
C THR C 553 37.75 17.31 -13.22
N GLU C 554 38.64 18.19 -13.62
CA GLU C 554 39.32 19.08 -12.69
C GLU C 554 38.47 20.32 -12.43
N SER C 555 38.74 20.97 -11.30
CA SER C 555 38.02 22.17 -10.89
C SER C 555 38.98 23.11 -10.18
N ASN C 556 38.54 24.35 -9.98
CA ASN C 556 39.32 25.36 -9.28
C ASN C 556 38.83 25.61 -7.86
N LYS C 557 37.87 24.82 -7.38
CA LYS C 557 37.36 25.01 -6.03
C LYS C 557 38.39 24.53 -5.00
N LYS C 558 38.35 25.16 -3.82
CA LYS C 558 39.27 24.86 -2.73
C LYS C 558 38.46 24.54 -1.48
N PHE C 559 38.56 23.31 -1.00
CA PHE C 559 37.85 22.88 0.19
C PHE C 559 38.71 23.10 1.43
N LEU C 560 38.06 23.15 2.58
CA LEU C 560 38.78 23.25 3.85
C LEU C 560 39.46 21.92 4.15
N PRO C 561 40.51 21.91 4.99
CA PRO C 561 41.19 20.64 5.32
C PRO C 561 40.26 19.51 5.71
N PHE C 562 39.28 19.80 6.56
CA PHE C 562 38.38 18.75 7.03
C PHE C 562 37.28 18.45 6.01
N GLN C 563 36.91 19.45 5.20
CA GLN C 563 35.85 19.27 4.22
C GLN C 563 36.26 18.25 3.16
N GLN C 564 35.38 17.28 2.91
CA GLN C 564 35.65 16.21 1.95
C GLN C 564 34.65 16.26 0.80
N PHE C 565 33.35 16.30 1.10
CA PHE C 565 32.32 16.23 0.06
C PHE C 565 32.06 17.59 -0.56
N GLY C 566 31.00 17.68 -1.36
CA GLY C 566 30.60 18.93 -1.98
C GLY C 566 29.18 18.87 -2.49
N ARG C 567 28.37 19.87 -2.16
CA ARG C 567 26.96 19.86 -2.49
C ARG C 567 26.52 21.22 -3.03
N ASP C 568 25.41 21.21 -3.77
CA ASP C 568 24.84 22.39 -4.39
C ASP C 568 23.65 22.90 -3.58
N ILE C 569 22.93 23.88 -4.14
CA ILE C 569 21.79 24.46 -3.44
C ILE C 569 20.64 23.45 -3.34
N ALA C 570 20.44 22.63 -4.36
CA ALA C 570 19.35 21.66 -4.39
C ALA C 570 19.70 20.36 -3.67
N ASP C 571 20.72 20.40 -2.81
CA ASP C 571 21.15 19.23 -2.03
C ASP C 571 21.51 18.06 -2.94
N THR C 572 22.37 18.34 -3.92
CA THR C 572 22.84 17.33 -4.86
C THR C 572 24.36 17.35 -4.89
N THR C 573 24.95 16.16 -5.03
CA THR C 573 26.40 16.04 -5.05
C THR C 573 26.96 16.57 -6.36
N ASP C 574 27.91 17.49 -6.26
CA ASP C 574 28.54 18.05 -7.45
C ASP C 574 30.05 18.17 -7.35
N ALA C 575 30.66 17.82 -6.22
CA ALA C 575 32.10 17.90 -6.06
C ALA C 575 32.54 16.85 -5.06
N VAL C 576 33.72 16.26 -5.32
CA VAL C 576 34.27 15.20 -4.51
C VAL C 576 35.78 15.42 -4.38
N ARG C 577 36.36 14.88 -3.31
CA ARG C 577 37.78 14.98 -3.04
C ARG C 577 38.44 13.63 -3.22
N ASP C 578 39.62 13.62 -3.83
CA ASP C 578 40.33 12.38 -4.08
C ASP C 578 40.81 11.78 -2.75
N PRO C 579 40.57 10.49 -2.53
CA PRO C 579 41.01 9.85 -1.28
C PRO C 579 42.52 9.71 -1.20
N GLN C 580 43.16 9.28 -2.30
CA GLN C 580 44.59 9.02 -2.29
C GLN C 580 45.40 10.31 -2.27
N THR C 581 45.25 11.14 -3.30
CA THR C 581 45.95 12.41 -3.37
C THR C 581 45.08 13.52 -2.82
N LEU C 582 45.52 14.77 -3.04
CA LEU C 582 44.78 15.96 -2.61
C LEU C 582 44.44 16.78 -3.85
N GLU C 583 43.30 16.47 -4.47
CA GLU C 583 42.84 17.17 -5.65
C GLU C 583 41.32 17.14 -5.68
N ILE C 584 40.70 18.32 -5.76
CA ILE C 584 39.25 18.42 -5.77
C ILE C 584 38.77 18.05 -7.17
N LEU C 585 38.04 16.94 -7.28
CA LEU C 585 37.51 16.47 -8.54
C LEU C 585 36.06 16.91 -8.70
N ASP C 586 35.77 17.60 -9.80
CA ASP C 586 34.41 18.06 -10.05
C ASP C 586 33.55 16.91 -10.55
N ILE C 587 32.24 17.02 -10.28
CA ILE C 587 31.27 16.02 -10.69
C ILE C 587 30.20 16.71 -11.52
N THR C 588 29.88 16.11 -12.68
CA THR C 588 28.87 16.63 -13.57
C THR C 588 28.11 15.46 -14.16
N PRO C 589 26.78 15.46 -14.08
CA PRO C 589 26.01 14.35 -14.66
C PRO C 589 26.24 14.23 -16.15
N CYS C 590 26.12 13.00 -16.66
CA CYS C 590 26.37 12.74 -18.07
C CYS C 590 25.26 13.32 -18.93
N SER C 591 25.45 13.33 -20.24
CA SER C 591 24.56 14.02 -21.17
C SER C 591 23.31 13.19 -21.38
N PHE C 592 22.15 13.83 -21.23
CA PHE C 592 20.85 13.23 -21.50
C PHE C 592 20.04 14.20 -22.35
N GLY C 593 18.78 13.84 -22.60
CA GLY C 593 17.88 14.66 -23.38
C GLY C 593 17.14 13.85 -24.42
N GLY C 594 16.11 14.49 -24.98
CA GLY C 594 15.27 13.87 -25.97
C GLY C 594 15.80 14.04 -27.39
N VAL C 595 15.28 13.21 -28.29
CA VAL C 595 15.66 13.23 -29.70
C VAL C 595 14.48 13.73 -30.50
N SER C 596 14.72 14.72 -31.35
CA SER C 596 13.68 15.31 -32.20
C SER C 596 14.11 15.22 -33.66
N VAL C 597 13.14 15.05 -34.54
CA VAL C 597 13.38 14.90 -35.97
C VAL C 597 12.77 16.10 -36.69
N ILE C 598 13.46 16.59 -37.71
CA ILE C 598 12.96 17.68 -38.54
C ILE C 598 12.60 17.10 -39.90
N THR C 599 11.30 16.96 -40.16
CA THR C 599 10.91 16.34 -41.41
C THR C 599 10.20 17.34 -42.32
N PRO C 600 10.50 17.31 -43.62
CA PRO C 600 9.81 18.18 -44.58
C PRO C 600 8.48 17.62 -45.09
N GLY C 601 7.92 16.59 -44.46
CA GLY C 601 6.69 15.99 -44.94
C GLY C 601 6.96 14.80 -45.84
N THR C 602 6.28 13.68 -45.58
CA THR C 602 6.49 12.48 -46.36
C THR C 602 5.97 12.61 -47.79
N ASN C 603 5.15 13.62 -48.07
CA ASN C 603 4.62 13.80 -49.41
C ASN C 603 5.71 14.23 -50.38
N THR C 604 6.42 15.31 -50.06
CA THR C 604 7.49 15.83 -50.91
C THR C 604 8.63 14.83 -51.02
N SER C 605 9.29 14.53 -49.90
CA SER C 605 10.42 13.62 -49.88
C SER C 605 10.34 12.74 -48.62
N ASN C 606 11.38 11.97 -48.37
CA ASN C 606 11.41 11.08 -47.21
C ASN C 606 12.64 11.23 -46.33
N GLN C 607 13.68 11.93 -46.75
CA GLN C 607 14.86 12.09 -45.92
C GLN C 607 14.58 13.09 -44.79
N VAL C 608 15.07 12.75 -43.59
CA VAL C 608 14.82 13.57 -42.41
C VAL C 608 16.15 13.87 -41.72
N ALA C 609 16.08 14.57 -40.60
CA ALA C 609 17.26 14.88 -39.79
C ALA C 609 16.95 14.54 -38.34
N VAL C 610 17.97 14.62 -37.49
CA VAL C 610 17.86 14.36 -36.07
C VAL C 610 18.40 15.54 -35.30
N LEU C 611 17.83 15.80 -34.13
CA LEU C 611 18.23 16.93 -33.28
C LEU C 611 18.39 16.42 -31.86
N TYR C 612 19.64 16.14 -31.46
CA TYR C 612 19.95 15.75 -30.08
C TYR C 612 19.98 17.00 -29.20
N GLN C 613 18.83 17.28 -28.59
CA GLN C 613 18.70 18.52 -27.82
C GLN C 613 19.51 18.68 -26.58
N GLY C 614 20.42 19.64 -26.59
CA GLY C 614 21.20 19.94 -25.41
C GLY C 614 22.52 19.22 -25.34
N VAL C 615 22.78 18.33 -26.28
CA VAL C 615 23.98 17.54 -26.22
C VAL C 615 25.06 18.09 -27.09
N ASN C 616 26.31 17.93 -26.66
CA ASN C 616 27.41 18.41 -27.45
C ASN C 616 27.65 17.41 -28.54
N CYS C 617 28.30 17.82 -29.61
CA CYS C 617 28.50 16.98 -30.78
C CYS C 617 29.70 16.06 -30.65
N THR C 618 30.42 16.10 -29.52
CA THR C 618 31.53 15.20 -29.28
C THR C 618 31.12 13.93 -28.54
N GLU C 619 29.97 13.94 -27.87
CA GLU C 619 29.49 12.80 -27.09
C GLU C 619 28.42 12.01 -27.83
N VAL C 620 28.28 12.23 -29.14
CA VAL C 620 27.29 11.53 -29.92
C VAL C 620 27.92 10.32 -30.61
N ASN C 641 27.10 18.25 -42.40
CA ASN C 641 26.54 17.19 -41.57
C ASN C 641 26.39 17.67 -40.13
N VAL C 642 27.44 17.45 -39.32
CA VAL C 642 27.40 17.86 -37.93
C VAL C 642 27.57 19.37 -37.84
N PHE C 643 26.71 20.02 -37.05
CA PHE C 643 26.76 21.47 -36.89
C PHE C 643 26.28 21.80 -35.48
N GLN C 644 27.17 22.32 -34.65
CA GLN C 644 26.84 22.68 -33.28
C GLN C 644 25.95 23.92 -33.27
N THR C 645 24.72 23.76 -32.82
CA THR C 645 23.80 24.88 -32.67
C THR C 645 23.72 25.31 -31.21
N ARG C 646 22.82 26.25 -30.91
CA ARG C 646 22.59 26.69 -29.53
C ARG C 646 21.53 25.85 -28.82
N ALA C 647 21.04 24.79 -29.48
CA ALA C 647 20.02 23.92 -28.89
C ALA C 647 20.31 22.44 -29.16
N GLY C 648 21.57 22.10 -29.48
CA GLY C 648 21.94 20.74 -29.75
C GLY C 648 22.84 20.63 -30.98
N CYS C 649 22.88 19.43 -31.56
CA CYS C 649 23.69 19.13 -32.73
C CYS C 649 22.77 18.60 -33.82
N LEU C 650 22.49 19.44 -34.82
CA LEU C 650 21.62 19.07 -35.93
C LEU C 650 22.41 18.21 -36.90
N ILE C 651 22.27 16.89 -36.78
CA ILE C 651 22.99 15.93 -37.61
C ILE C 651 22.13 15.62 -38.82
N GLY C 652 22.62 15.98 -40.01
CA GLY C 652 21.90 15.71 -41.24
C GLY C 652 21.43 16.94 -41.96
N ALA C 653 22.15 18.05 -41.78
CA ALA C 653 21.79 19.30 -42.43
C ALA C 653 23.05 20.14 -42.64
N GLU C 654 23.02 20.97 -43.68
CA GLU C 654 24.13 21.84 -44.02
C GLU C 654 23.82 23.27 -43.59
N HIS C 655 24.86 23.97 -43.13
CA HIS C 655 24.71 25.34 -42.65
C HIS C 655 24.95 26.31 -43.81
N VAL C 656 23.88 26.92 -44.30
CA VAL C 656 23.98 27.91 -45.36
C VAL C 656 23.96 29.30 -44.74
N ASN C 657 24.68 30.23 -45.36
CA ASN C 657 24.79 31.60 -44.86
C ASN C 657 23.63 32.49 -45.29
N ASN C 658 22.96 32.17 -46.39
CA ASN C 658 21.84 32.98 -46.84
C ASN C 658 20.67 32.85 -45.86
N SER C 659 20.06 33.99 -45.52
CA SER C 659 18.97 34.04 -44.57
C SER C 659 17.64 34.05 -45.32
N TYR C 660 16.74 33.15 -44.92
CA TYR C 660 15.40 33.03 -45.49
C TYR C 660 14.36 33.11 -44.38
N GLU C 661 13.10 32.91 -44.75
CA GLU C 661 12.03 32.88 -43.78
C GLU C 661 12.04 31.56 -43.02
N CYS C 662 11.66 31.63 -41.74
CA CYS C 662 11.65 30.46 -40.87
C CYS C 662 10.46 29.57 -41.21
N ASP C 663 10.75 28.32 -41.58
CA ASP C 663 9.72 27.36 -41.94
C ASP C 663 9.51 26.33 -40.84
N ILE C 664 10.58 25.70 -40.36
CA ILE C 664 10.51 24.72 -39.29
C ILE C 664 11.33 25.24 -38.12
N PRO C 665 10.70 25.59 -36.99
CA PRO C 665 11.46 26.15 -35.87
C PRO C 665 12.29 25.08 -35.18
N ILE C 666 13.53 25.44 -34.84
CA ILE C 666 14.45 24.57 -34.14
C ILE C 666 14.81 25.11 -32.76
N GLY C 667 15.19 26.37 -32.68
CA GLY C 667 15.55 27.00 -31.42
C GLY C 667 16.65 28.02 -31.60
N ALA C 668 16.56 29.12 -30.85
CA ALA C 668 17.55 30.19 -30.85
C ALA C 668 17.72 30.78 -32.26
N GLY C 669 16.60 30.99 -32.93
CA GLY C 669 16.60 31.62 -34.23
C GLY C 669 16.78 30.67 -35.39
N ILE C 670 17.65 29.68 -35.22
CA ILE C 670 17.96 28.73 -36.28
C ILE C 670 16.71 27.96 -36.69
N CYS C 671 16.42 27.97 -37.99
CA CYS C 671 15.30 27.21 -38.55
C CYS C 671 15.79 26.36 -39.71
N ALA C 672 15.00 25.36 -40.07
CA ALA C 672 15.34 24.43 -41.13
C ALA C 672 14.32 24.50 -42.25
N SER C 673 14.74 24.08 -43.45
CA SER C 673 13.86 24.06 -44.60
C SER C 673 14.42 23.07 -45.62
N TYR C 674 13.57 22.68 -46.57
CA TYR C 674 13.93 21.72 -47.60
C TYR C 674 14.04 22.48 -48.92
N GLN C 675 15.25 22.95 -49.22
CA GLN C 675 15.50 23.70 -50.45
C GLN C 675 16.67 23.09 -51.22
N THR C 676 17.09 23.76 -52.29
CA THR C 676 18.20 23.28 -53.11
C THR C 676 19.54 23.77 -52.55
N SER C 689 20.05 17.45 -55.52
CA SER C 689 20.44 18.78 -55.08
C SER C 689 19.63 19.22 -53.87
N GLN C 690 18.44 18.64 -53.72
CA GLN C 690 17.57 18.96 -52.59
C GLN C 690 18.13 18.36 -51.32
N SER C 691 18.30 19.19 -50.30
CA SER C 691 18.85 18.74 -49.03
C SER C 691 18.37 19.65 -47.92
N ILE C 692 18.35 19.13 -46.69
CA ILE C 692 17.92 19.90 -45.53
C ILE C 692 19.00 20.94 -45.21
N ILE C 693 18.60 22.20 -45.11
CA ILE C 693 19.50 23.29 -44.78
C ILE C 693 19.15 23.82 -43.39
N ALA C 694 20.10 24.53 -42.80
CA ALA C 694 19.93 25.12 -41.47
C ALA C 694 20.48 26.55 -41.51
N TYR C 695 19.60 27.49 -41.80
CA TYR C 695 19.96 28.90 -41.91
C TYR C 695 19.54 29.65 -40.65
N THR C 696 19.71 30.98 -40.66
CA THR C 696 19.27 31.85 -39.58
C THR C 696 18.10 32.68 -40.12
N MET C 697 16.97 32.62 -39.43
CA MET C 697 15.76 33.29 -39.89
C MET C 697 15.97 34.81 -39.96
N SER C 698 15.32 35.44 -40.93
CA SER C 698 15.36 36.88 -41.09
C SER C 698 14.02 37.47 -40.68
N LEU C 699 14.06 38.59 -39.97
CA LEU C 699 12.82 39.21 -39.50
C LEU C 699 12.00 39.77 -40.65
N GLY C 700 12.65 40.28 -41.69
CA GLY C 700 11.92 40.81 -42.83
C GLY C 700 12.85 41.54 -43.77
N ALA C 701 12.27 42.44 -44.56
CA ALA C 701 13.04 43.22 -45.52
C ALA C 701 13.72 44.40 -44.82
N GLU C 702 14.30 45.30 -45.61
CA GLU C 702 14.96 46.47 -45.05
C GLU C 702 14.50 47.75 -45.75
N ASN C 703 13.45 48.37 -45.21
CA ASN C 703 12.94 49.61 -45.79
C ASN C 703 13.58 50.81 -45.11
N SER C 704 13.82 51.86 -45.90
CA SER C 704 14.45 53.09 -45.41
C SER C 704 13.57 54.25 -45.85
N VAL C 705 12.68 54.69 -44.95
CA VAL C 705 11.79 55.80 -45.28
C VAL C 705 12.59 57.09 -45.37
N ALA C 706 12.47 57.77 -46.51
CA ALA C 706 13.19 59.02 -46.76
C ALA C 706 12.49 60.14 -45.98
N TYR C 707 12.86 60.27 -44.72
CA TYR C 707 12.26 61.27 -43.85
C TYR C 707 12.91 62.62 -44.10
N SER C 708 12.08 63.64 -44.32
CA SER C 708 12.54 65.01 -44.49
C SER C 708 11.55 65.95 -43.83
N ASN C 709 12.05 67.09 -43.37
CA ASN C 709 11.22 68.06 -42.66
C ASN C 709 10.30 68.86 -43.58
N ASN C 710 10.33 68.59 -44.89
CA ASN C 710 9.45 69.28 -45.83
C ASN C 710 8.91 68.34 -46.90
N SER C 711 8.73 67.06 -46.55
CA SER C 711 8.25 66.06 -47.49
C SER C 711 7.07 65.30 -46.89
N ILE C 712 6.09 64.98 -47.72
CA ILE C 712 4.92 64.21 -47.31
C ILE C 712 4.49 63.34 -48.48
N ALA C 713 3.78 62.26 -48.16
CA ALA C 713 3.33 61.29 -49.16
C ALA C 713 1.83 61.08 -48.97
N ILE C 714 1.04 61.66 -49.86
CA ILE C 714 -0.42 61.51 -49.82
C ILE C 714 -0.82 60.45 -50.85
N PRO C 715 -1.61 59.44 -50.46
CA PRO C 715 -2.03 58.43 -51.43
C PRO C 715 -3.03 58.99 -52.43
N THR C 716 -3.11 58.31 -53.58
CA THR C 716 -3.99 58.73 -54.67
C THR C 716 -5.06 57.71 -55.03
N ASN C 717 -4.89 56.43 -54.67
CA ASN C 717 -5.84 55.39 -55.02
C ASN C 717 -6.17 54.61 -53.76
N PHE C 718 -6.93 53.53 -53.91
CA PHE C 718 -7.31 52.69 -52.79
C PHE C 718 -7.69 51.31 -53.31
N THR C 719 -7.73 50.33 -52.41
CA THR C 719 -8.09 48.96 -52.76
C THR C 719 -8.89 48.36 -51.61
N ILE C 720 -9.95 47.63 -51.94
CA ILE C 720 -10.75 46.97 -50.92
C ILE C 720 -10.26 45.54 -50.73
N SER C 721 -10.08 45.15 -49.46
CA SER C 721 -9.55 43.83 -49.15
C SER C 721 -10.42 43.21 -48.06
N VAL C 722 -11.03 42.07 -48.35
CA VAL C 722 -11.85 41.35 -47.39
C VAL C 722 -11.02 40.24 -46.77
N THR C 723 -11.06 40.12 -45.44
CA THR C 723 -10.29 39.11 -44.73
C THR C 723 -11.20 38.14 -44.01
N THR C 724 -10.62 37.24 -43.22
CA THR C 724 -11.38 36.25 -42.48
C THR C 724 -10.73 36.02 -41.12
N GLU C 725 -11.49 35.40 -40.21
CA GLU C 725 -10.99 35.13 -38.86
C GLU C 725 -11.79 34.00 -38.22
N ILE C 726 -11.08 32.99 -37.71
CA ILE C 726 -11.71 31.82 -37.09
C ILE C 726 -11.68 32.00 -35.58
N LEU C 727 -12.80 31.66 -34.93
CA LEU C 727 -12.91 31.76 -33.48
C LEU C 727 -13.84 30.66 -32.98
N PRO C 728 -13.36 29.80 -32.07
CA PRO C 728 -14.25 28.79 -31.50
C PRO C 728 -15.24 29.40 -30.51
N VAL C 729 -16.35 28.70 -30.30
CA VAL C 729 -17.42 29.17 -29.42
C VAL C 729 -17.69 28.19 -28.29
N SER C 730 -18.06 26.96 -28.63
CA SER C 730 -18.43 25.96 -27.64
C SER C 730 -17.78 24.62 -27.97
N MET C 731 -17.94 23.68 -27.06
CA MET C 731 -17.43 22.32 -27.20
C MET C 731 -18.58 21.33 -27.15
N THR C 732 -18.24 20.04 -27.11
CA THR C 732 -19.23 18.98 -27.00
C THR C 732 -19.67 18.82 -25.55
N LYS C 733 -20.94 18.46 -25.37
CA LYS C 733 -21.54 18.28 -24.05
C LYS C 733 -21.45 16.80 -23.68
N THR C 734 -20.50 16.47 -22.81
CA THR C 734 -20.27 15.10 -22.38
C THR C 734 -20.63 14.95 -20.90
N SER C 735 -20.84 13.70 -20.50
CA SER C 735 -21.18 13.38 -19.12
C SER C 735 -20.79 11.93 -18.81
N VAL C 736 -19.90 11.74 -17.83
CA VAL C 736 -19.44 10.41 -17.46
C VAL C 736 -20.10 10.01 -16.16
N ASP C 737 -20.54 8.76 -16.10
CA ASP C 737 -21.16 8.19 -14.91
C ASP C 737 -20.08 7.66 -13.97
N CYS C 738 -20.32 7.76 -12.67
CA CYS C 738 -19.32 7.35 -11.69
C CYS C 738 -19.27 5.83 -11.56
N THR C 739 -20.39 5.23 -11.17
CA THR C 739 -20.45 3.80 -10.89
C THR C 739 -20.16 2.97 -12.13
N MET C 740 -20.88 3.22 -13.22
CA MET C 740 -20.75 2.44 -14.44
C MET C 740 -19.31 2.45 -14.97
N TYR C 741 -18.58 3.52 -14.69
CA TYR C 741 -17.18 3.62 -15.11
C TYR C 741 -16.28 2.87 -14.12
N ILE C 742 -16.47 3.12 -12.83
CA ILE C 742 -15.61 2.53 -11.81
C ILE C 742 -16.04 1.09 -11.53
N CYS C 743 -17.28 0.91 -11.10
CA CYS C 743 -17.80 -0.41 -10.71
C CYS C 743 -18.89 -0.83 -11.69
N GLY C 744 -18.48 -1.51 -12.75
CA GLY C 744 -19.43 -1.96 -13.75
C GLY C 744 -20.19 -3.19 -13.33
N ASP C 745 -21.46 -3.00 -12.93
CA ASP C 745 -22.34 -4.09 -12.53
C ASP C 745 -21.71 -4.98 -11.45
N SER C 746 -21.44 -4.41 -10.28
CA SER C 746 -20.83 -5.15 -9.18
C SER C 746 -21.39 -4.62 -7.87
N THR C 747 -21.73 -5.52 -6.95
CA THR C 747 -22.30 -5.11 -5.67
C THR C 747 -21.21 -4.78 -4.66
N GLU C 748 -20.22 -5.66 -4.53
CA GLU C 748 -19.15 -5.43 -3.56
C GLU C 748 -18.32 -4.21 -3.95
N CYS C 749 -18.09 -4.02 -5.25
CA CYS C 749 -17.37 -2.84 -5.71
C CYS C 749 -18.13 -1.56 -5.36
N SER C 750 -19.46 -1.57 -5.53
CA SER C 750 -20.25 -0.41 -5.18
C SER C 750 -20.24 -0.16 -3.66
N ASN C 751 -20.26 -1.24 -2.88
CA ASN C 751 -20.21 -1.10 -1.43
C ASN C 751 -18.86 -0.51 -0.99
N LEU C 752 -17.78 -0.90 -1.67
CA LEU C 752 -16.48 -0.30 -1.38
C LEU C 752 -16.42 1.16 -1.82
N LEU C 753 -17.05 1.48 -2.95
CA LEU C 753 -17.05 2.85 -3.44
C LEU C 753 -17.85 3.77 -2.54
N LEU C 754 -18.91 3.26 -1.91
CA LEU C 754 -19.73 4.06 -1.01
C LEU C 754 -18.95 4.57 0.20
N GLN C 755 -17.76 4.03 0.47
CA GLN C 755 -16.97 4.47 1.60
C GLN C 755 -16.00 5.59 1.27
N TYR C 756 -15.91 5.99 0.00
CA TYR C 756 -14.98 7.03 -0.43
C TYR C 756 -15.60 8.41 -0.48
N GLY C 757 -16.68 8.64 0.26
CA GLY C 757 -17.29 9.96 0.32
C GLY C 757 -18.25 10.24 -0.82
N SER C 758 -18.21 11.46 -1.34
CA SER C 758 -19.13 11.91 -2.39
C SER C 758 -18.39 12.65 -3.51
N PHE C 759 -17.28 12.09 -3.98
CA PHE C 759 -16.59 12.69 -5.11
C PHE C 759 -17.42 12.59 -6.39
N CYS C 760 -18.28 11.58 -6.48
CA CYS C 760 -19.13 11.40 -7.64
C CYS C 760 -20.05 12.60 -7.82
N THR C 761 -20.65 13.08 -6.73
CA THR C 761 -21.51 14.25 -6.82
C THR C 761 -20.73 15.48 -7.27
N GLN C 762 -19.51 15.64 -6.77
CA GLN C 762 -18.68 16.77 -7.17
C GLN C 762 -18.39 16.74 -8.67
N LEU C 763 -17.96 15.59 -9.19
CA LEU C 763 -17.65 15.52 -10.61
C LEU C 763 -18.89 15.64 -11.46
N ASN C 764 -20.03 15.12 -11.00
CA ASN C 764 -21.28 15.28 -11.76
C ASN C 764 -21.69 16.75 -11.82
N ARG C 765 -21.58 17.47 -10.71
CA ARG C 765 -21.90 18.89 -10.71
C ARG C 765 -20.94 19.67 -11.59
N ALA C 766 -19.66 19.30 -11.60
CA ALA C 766 -18.69 19.96 -12.47
C ALA C 766 -19.05 19.75 -13.94
N LEU C 767 -19.38 18.51 -14.30
CA LEU C 767 -19.76 18.23 -15.68
C LEU C 767 -21.05 18.95 -16.07
N THR C 768 -22.01 19.04 -15.15
CA THR C 768 -23.25 19.75 -15.44
C THR C 768 -22.99 21.24 -15.63
N GLY C 769 -22.11 21.82 -14.81
CA GLY C 769 -21.75 23.21 -15.00
C GLY C 769 -21.07 23.47 -16.32
N ILE C 770 -20.16 22.56 -16.71
CA ILE C 770 -19.51 22.68 -18.02
C ILE C 770 -20.56 22.61 -19.12
N ALA C 771 -21.51 21.66 -19.01
CA ALA C 771 -22.51 21.47 -20.05
C ALA C 771 -23.39 22.70 -20.19
N VAL C 772 -23.81 23.30 -19.07
CA VAL C 772 -24.68 24.47 -19.16
C VAL C 772 -23.90 25.70 -19.63
N GLU C 773 -22.62 25.79 -19.28
CA GLU C 773 -21.80 26.90 -19.75
C GLU C 773 -21.55 26.82 -21.25
N GLN C 774 -21.41 25.60 -21.78
CA GLN C 774 -21.22 25.46 -23.22
C GLN C 774 -22.43 25.97 -24.00
N ASP C 775 -23.64 25.81 -23.44
CA ASP C 775 -24.83 26.36 -24.09
C ASP C 775 -24.95 27.85 -23.87
N LYS C 776 -24.58 28.33 -22.67
CA LYS C 776 -24.61 29.77 -22.41
C LYS C 776 -23.68 30.53 -23.34
N ASN C 777 -22.54 29.92 -23.69
CA ASN C 777 -21.60 30.56 -24.60
C ASN C 777 -22.25 30.91 -25.92
N THR C 778 -22.82 29.91 -26.62
CA THR C 778 -23.46 30.19 -27.89
C THR C 778 -24.73 31.01 -27.74
N GLN C 779 -25.46 30.86 -26.64
CA GLN C 779 -26.65 31.67 -26.38
C GLN C 779 -26.32 33.15 -26.24
N GLU C 780 -25.16 33.48 -25.68
CA GLU C 780 -24.71 34.87 -25.59
C GLU C 780 -24.00 35.35 -26.85
N VAL C 781 -23.39 34.45 -27.62
CA VAL C 781 -22.68 34.87 -28.82
C VAL C 781 -23.66 35.14 -29.97
N PHE C 782 -24.53 34.18 -30.28
CA PHE C 782 -25.39 34.29 -31.45
C PHE C 782 -26.70 35.01 -31.19
N ALA C 783 -27.39 34.68 -30.09
CA ALA C 783 -28.70 35.27 -29.79
C ALA C 783 -28.50 36.69 -29.28
N GLN C 784 -28.39 37.62 -30.22
CA GLN C 784 -28.25 39.04 -29.91
C GLN C 784 -29.25 39.91 -30.66
N VAL C 785 -30.12 39.31 -31.46
CA VAL C 785 -31.13 40.03 -32.24
C VAL C 785 -32.50 39.69 -31.68
N LYS C 786 -33.36 40.71 -31.55
CA LYS C 786 -34.69 40.49 -30.99
C LYS C 786 -35.65 39.95 -32.04
N GLN C 787 -35.87 40.71 -33.11
CA GLN C 787 -36.79 40.34 -34.18
C GLN C 787 -35.98 39.80 -35.36
N ILE C 788 -36.32 38.59 -35.80
CA ILE C 788 -35.65 37.97 -36.94
C ILE C 788 -35.96 38.75 -38.21
N TYR C 789 -34.93 39.34 -38.81
CA TYR C 789 -35.09 40.11 -40.03
C TYR C 789 -34.97 39.19 -41.25
N LYS C 790 -35.22 39.76 -42.43
CA LYS C 790 -35.10 39.01 -43.68
C LYS C 790 -34.80 39.99 -44.81
N THR C 791 -34.24 39.45 -45.88
CA THR C 791 -33.86 40.26 -47.03
C THR C 791 -35.06 40.43 -47.97
N PRO C 792 -35.18 41.59 -48.60
CA PRO C 792 -36.27 41.81 -49.55
C PRO C 792 -36.06 40.99 -50.82
N PRO C 793 -37.14 40.70 -51.55
CA PRO C 793 -37.00 39.91 -52.78
C PRO C 793 -36.12 40.59 -53.83
N ILE C 794 -36.44 41.84 -54.14
CA ILE C 794 -35.68 42.57 -55.16
C ILE C 794 -34.30 42.92 -54.60
N LYS C 795 -33.26 42.55 -55.35
CA LYS C 795 -31.88 42.83 -54.96
C LYS C 795 -31.46 44.15 -55.60
N ASP C 796 -31.89 45.25 -54.98
CA ASP C 796 -31.62 46.59 -55.47
C ASP C 796 -30.28 47.13 -55.00
N PHE C 797 -29.41 46.29 -54.46
CA PHE C 797 -28.10 46.73 -54.00
C PHE C 797 -27.22 47.11 -55.17
N GLY C 798 -26.92 48.41 -55.31
CA GLY C 798 -26.15 48.89 -56.44
C GLY C 798 -24.73 48.38 -56.49
N GLY C 799 -24.44 47.50 -57.44
CA GLY C 799 -23.11 46.97 -57.63
C GLY C 799 -22.71 45.85 -56.70
N PHE C 800 -23.22 45.82 -55.48
CA PHE C 800 -22.87 44.81 -54.50
C PHE C 800 -23.70 43.55 -54.74
N ASN C 801 -23.02 42.42 -54.87
CA ASN C 801 -23.66 41.13 -55.17
C ASN C 801 -23.40 40.19 -54.00
N PHE C 802 -24.34 40.19 -53.04
CA PHE C 802 -24.25 39.31 -51.87
C PHE C 802 -24.89 37.97 -52.24
N SER C 803 -24.13 37.15 -52.96
CA SER C 803 -24.59 35.83 -53.39
C SER C 803 -23.93 34.69 -52.65
N GLN C 804 -22.72 34.90 -52.12
CA GLN C 804 -22.00 33.85 -51.41
C GLN C 804 -22.27 33.84 -49.91
N ILE C 805 -22.94 34.87 -49.38
CA ILE C 805 -23.20 34.95 -47.95
C ILE C 805 -24.68 34.87 -47.63
N LEU C 806 -25.57 35.23 -48.56
CA LEU C 806 -27.00 35.12 -48.29
C LEU C 806 -27.44 33.65 -48.37
N PRO C 807 -28.48 33.27 -47.62
CA PRO C 807 -28.91 31.88 -47.64
C PRO C 807 -29.43 31.46 -49.02
N ASP C 808 -29.33 30.17 -49.30
CA ASP C 808 -29.81 29.60 -50.55
C ASP C 808 -30.88 28.56 -50.25
N PRO C 809 -32.15 28.81 -50.60
CA PRO C 809 -33.23 27.86 -50.27
C PRO C 809 -33.33 26.72 -51.29
N SER C 810 -32.36 25.81 -51.25
CA SER C 810 -32.35 24.66 -52.12
C SER C 810 -32.06 23.38 -51.34
N LYS C 811 -31.45 23.53 -50.16
CA LYS C 811 -31.09 22.44 -49.27
C LYS C 811 -31.93 22.51 -47.99
N PRO C 812 -32.11 21.37 -47.30
CA PRO C 812 -32.92 21.36 -46.07
C PRO C 812 -32.41 22.35 -45.02
N SER C 813 -31.15 22.22 -44.64
CA SER C 813 -30.52 23.15 -43.71
C SER C 813 -30.03 24.35 -44.50
N LYS C 814 -30.87 25.40 -44.56
CA LYS C 814 -30.58 26.56 -45.38
C LYS C 814 -29.33 27.28 -44.91
N ARG C 815 -28.27 27.20 -45.72
CA ARG C 815 -27.01 27.86 -45.44
C ARG C 815 -26.39 28.37 -46.73
N SER C 816 -25.52 29.37 -46.60
CA SER C 816 -24.87 29.93 -47.76
C SER C 816 -23.74 29.01 -48.24
N PHE C 817 -23.10 29.42 -49.34
CA PHE C 817 -22.01 28.62 -49.90
C PHE C 817 -20.81 28.60 -48.96
N ILE C 818 -20.51 29.75 -48.34
CA ILE C 818 -19.39 29.81 -47.39
C ILE C 818 -19.65 28.91 -46.20
N GLU C 819 -20.88 28.93 -45.67
CA GLU C 819 -21.21 28.09 -44.53
C GLU C 819 -21.15 26.62 -44.91
N ASP C 820 -21.56 26.27 -46.13
CA ASP C 820 -21.46 24.89 -46.58
C ASP C 820 -20.00 24.45 -46.68
N LEU C 821 -19.13 25.32 -47.22
CA LEU C 821 -17.71 25.00 -47.27
C LEU C 821 -17.14 24.81 -45.88
N LEU C 822 -17.53 25.68 -44.94
CA LEU C 822 -17.02 25.58 -43.58
C LEU C 822 -17.49 24.32 -42.88
N PHE C 823 -18.73 23.90 -43.11
CA PHE C 823 -19.26 22.67 -42.54
C PHE C 823 -18.71 21.42 -43.20
N ASN C 824 -18.28 21.52 -44.46
CA ASN C 824 -17.69 20.39 -45.16
C ASN C 824 -16.19 20.26 -44.96
N LYS C 825 -15.49 21.32 -44.57
CA LYS C 825 -14.06 21.25 -44.33
C LYS C 825 -13.72 20.61 -42.99
N VAL C 826 -14.46 20.94 -41.94
CA VAL C 826 -14.18 20.39 -40.61
C VAL C 826 -14.77 18.99 -40.52
N THR C 827 -13.94 18.04 -40.12
CA THR C 827 -14.37 16.65 -39.98
C THR C 827 -15.20 16.46 -38.72
N LYS C 854 -21.19 5.55 -25.58
CA LYS C 854 -22.17 4.70 -24.93
C LYS C 854 -21.63 3.30 -24.71
N PHE C 855 -20.38 3.21 -24.25
CA PHE C 855 -19.74 1.92 -24.02
C PHE C 855 -19.46 1.70 -22.53
N ASN C 856 -18.79 2.65 -21.90
CA ASN C 856 -18.42 2.54 -20.48
C ASN C 856 -19.06 3.64 -19.65
N GLY C 857 -20.33 3.94 -19.93
CA GLY C 857 -21.06 4.98 -19.23
C GLY C 857 -21.00 6.34 -19.87
N LEU C 858 -20.31 6.49 -20.99
CA LEU C 858 -20.21 7.78 -21.66
C LEU C 858 -21.52 8.10 -22.38
N THR C 859 -21.82 9.40 -22.45
CA THR C 859 -22.99 9.88 -23.17
C THR C 859 -22.82 11.34 -23.57
N VAL C 860 -22.96 11.64 -24.85
CA VAL C 860 -22.80 13.00 -25.37
C VAL C 860 -24.19 13.64 -25.37
N LEU C 861 -24.33 14.70 -24.58
CA LEU C 861 -25.60 15.43 -24.51
C LEU C 861 -25.80 16.27 -25.76
N PRO C 862 -27.02 16.38 -26.26
CA PRO C 862 -27.27 17.19 -27.46
C PRO C 862 -27.26 18.66 -27.13
N PRO C 863 -26.87 19.51 -28.08
CA PRO C 863 -26.87 20.97 -27.82
C PRO C 863 -28.28 21.53 -27.79
N LEU C 864 -28.46 22.64 -27.05
CA LEU C 864 -29.75 23.30 -26.96
C LEU C 864 -30.20 23.82 -28.32
N LEU C 865 -29.41 24.71 -28.90
CA LEU C 865 -29.71 25.25 -30.22
C LEU C 865 -29.02 24.40 -31.28
N THR C 866 -29.78 23.96 -32.28
CA THR C 866 -29.22 23.17 -33.37
C THR C 866 -28.50 24.07 -34.36
N ASP C 867 -28.05 23.49 -35.47
CA ASP C 867 -27.34 24.24 -36.51
C ASP C 867 -28.26 25.11 -37.35
N GLU C 868 -29.49 24.67 -37.61
CA GLU C 868 -30.40 25.47 -38.43
C GLU C 868 -30.79 26.76 -37.71
N MET C 869 -30.94 26.70 -36.38
CA MET C 869 -31.27 27.90 -35.62
C MET C 869 -30.10 28.89 -35.63
N ILE C 870 -28.87 28.40 -35.50
CA ILE C 870 -27.71 29.27 -35.58
C ILE C 870 -27.59 29.90 -36.96
N ALA C 871 -27.85 29.10 -38.00
CA ALA C 871 -27.85 29.64 -39.36
C ALA C 871 -28.93 30.70 -39.57
N GLN C 872 -30.12 30.49 -39.00
CA GLN C 872 -31.18 31.49 -39.12
C GLN C 872 -30.82 32.76 -38.36
N TYR C 873 -30.20 32.62 -37.19
CA TYR C 873 -29.74 33.80 -36.45
C TYR C 873 -28.71 34.59 -37.26
N THR C 874 -27.72 33.89 -37.84
CA THR C 874 -26.73 34.57 -38.66
C THR C 874 -27.35 35.22 -39.89
N SER C 875 -28.33 34.56 -40.51
CA SER C 875 -28.99 35.15 -41.67
C SER C 875 -29.77 36.40 -41.28
N ALA C 876 -30.42 36.37 -40.13
CA ALA C 876 -31.15 37.54 -39.64
C ALA C 876 -30.21 38.69 -39.37
N LEU C 877 -29.08 38.40 -38.71
CA LEU C 877 -28.08 39.44 -38.44
C LEU C 877 -27.55 40.03 -39.74
N LEU C 878 -27.26 39.18 -40.72
CA LEU C 878 -26.73 39.65 -42.00
C LEU C 878 -27.75 40.51 -42.72
N ALA C 879 -29.00 40.07 -42.76
CA ALA C 879 -30.05 40.85 -43.42
C ALA C 879 -30.25 42.19 -42.75
N GLY C 880 -30.23 42.21 -41.41
CA GLY C 880 -30.35 43.47 -40.71
C GLY C 880 -29.20 44.41 -40.99
N THR C 881 -27.97 43.88 -40.99
CA THR C 881 -26.80 44.72 -41.26
C THR C 881 -26.83 45.25 -42.68
N ILE C 882 -27.35 44.47 -43.62
CA ILE C 882 -27.38 44.91 -45.01
C ILE C 882 -28.47 45.95 -45.22
N THR C 883 -29.65 45.74 -44.65
CA THR C 883 -30.78 46.64 -44.89
C THR C 883 -30.72 47.90 -44.04
N SER C 884 -30.61 47.77 -42.72
CA SER C 884 -30.65 48.92 -41.82
C SER C 884 -29.27 49.46 -41.45
N GLY C 885 -28.21 48.73 -41.73
CA GLY C 885 -26.88 49.22 -41.40
C GLY C 885 -26.55 48.99 -39.94
N TRP C 886 -26.45 50.08 -39.19
CA TRP C 886 -26.12 50.05 -37.77
C TRP C 886 -27.24 50.62 -36.92
N THR C 887 -28.47 50.63 -37.44
CA THR C 887 -29.61 51.20 -36.74
C THR C 887 -30.53 50.15 -36.14
N PHE C 888 -30.24 48.86 -36.36
CA PHE C 888 -31.07 47.79 -35.82
C PHE C 888 -30.56 47.24 -34.50
N GLY C 889 -29.34 47.59 -34.11
CA GLY C 889 -28.80 47.13 -32.84
C GLY C 889 -28.91 48.18 -31.76
N ALA C 890 -29.71 49.23 -32.02
CA ALA C 890 -29.90 50.29 -31.05
C ALA C 890 -31.36 50.74 -30.95
N GLY C 891 -32.31 49.84 -31.14
CA GLY C 891 -33.72 50.19 -31.09
C GLY C 891 -34.52 49.62 -32.24
N ALA C 892 -35.14 50.50 -33.03
CA ALA C 892 -35.95 50.09 -34.16
C ALA C 892 -35.14 50.19 -35.44
N ALA C 893 -35.36 49.24 -36.34
CA ALA C 893 -34.64 49.20 -37.61
C ALA C 893 -35.10 50.34 -38.52
N LEU C 894 -34.14 50.97 -39.19
CA LEU C 894 -34.40 52.09 -40.08
C LEU C 894 -33.83 51.75 -41.46
N GLN C 895 -34.70 51.71 -42.47
CA GLN C 895 -34.24 51.37 -43.82
C GLN C 895 -33.36 52.49 -44.36
N ILE C 896 -32.37 52.10 -45.17
CA ILE C 896 -31.40 53.04 -45.73
C ILE C 896 -30.75 52.39 -46.94
N PRO C 897 -30.59 53.11 -48.05
CA PRO C 897 -29.90 52.54 -49.22
C PRO C 897 -28.47 52.15 -48.89
N PHE C 898 -27.99 51.12 -49.57
CA PHE C 898 -26.64 50.62 -49.29
C PHE C 898 -25.57 51.60 -49.75
N ALA C 899 -25.88 52.39 -50.78
CA ALA C 899 -24.92 53.39 -51.25
C ALA C 899 -24.67 54.47 -50.20
N MET C 900 -25.73 55.00 -49.60
CA MET C 900 -25.55 55.99 -48.53
C MET C 900 -24.91 55.36 -47.30
N GLN C 901 -25.19 54.09 -47.04
CA GLN C 901 -24.54 53.39 -45.94
C GLN C 901 -23.04 53.31 -46.15
N MET C 902 -22.60 52.91 -47.35
CA MET C 902 -21.18 52.89 -47.65
C MET C 902 -20.58 54.29 -47.66
N ALA C 903 -21.33 55.30 -48.09
CA ALA C 903 -20.85 56.67 -47.99
C ALA C 903 -20.58 57.07 -46.54
N TYR C 904 -21.47 56.66 -45.62
CA TYR C 904 -21.24 56.94 -44.21
C TYR C 904 -20.06 56.14 -43.66
N ARG C 905 -19.89 54.90 -44.12
CA ARG C 905 -18.72 54.12 -43.72
C ARG C 905 -17.44 54.81 -44.15
N PHE C 906 -17.43 55.38 -45.36
CA PHE C 906 -16.25 56.09 -45.84
C PHE C 906 -16.04 57.39 -45.08
N ASN C 907 -17.12 58.10 -44.78
CA ASN C 907 -17.05 59.34 -44.01
C ASN C 907 -16.58 59.13 -42.59
N GLY C 908 -16.82 57.94 -42.02
CA GLY C 908 -16.38 57.65 -40.67
C GLY C 908 -14.88 57.50 -40.52
N ILE C 909 -14.16 57.38 -41.64
CA ILE C 909 -12.73 57.21 -41.61
C ILE C 909 -12.00 58.35 -42.33
N GLY C 910 -12.59 59.54 -42.35
CA GLY C 910 -11.93 60.70 -42.92
C GLY C 910 -12.26 60.99 -44.38
N VAL C 911 -12.28 59.94 -45.20
CA VAL C 911 -12.56 60.07 -46.63
C VAL C 911 -13.95 60.67 -46.81
N THR C 912 -14.09 61.56 -47.79
CA THR C 912 -15.36 62.24 -48.02
C THR C 912 -16.32 61.33 -48.79
N GLN C 913 -17.50 61.84 -49.11
CA GLN C 913 -18.52 61.06 -49.80
C GLN C 913 -18.38 61.09 -51.32
N ASN C 914 -17.80 62.16 -51.86
CA ASN C 914 -17.60 62.30 -53.30
C ASN C 914 -16.58 61.32 -53.85
N VAL C 915 -15.79 60.68 -52.98
CA VAL C 915 -14.84 59.65 -53.39
C VAL C 915 -15.53 58.31 -53.62
N LEU C 916 -16.68 58.07 -52.99
CA LEU C 916 -17.48 56.88 -53.21
C LEU C 916 -18.62 57.08 -54.20
N TYR C 917 -19.30 58.23 -54.14
CA TYR C 917 -20.39 58.48 -55.07
C TYR C 917 -19.93 58.60 -56.52
N GLU C 918 -18.62 58.51 -56.77
CA GLU C 918 -18.08 58.54 -58.12
C GLU C 918 -17.28 57.28 -58.43
N ASN C 919 -16.96 56.49 -57.40
CA ASN C 919 -16.18 55.28 -57.59
C ASN C 919 -16.95 54.05 -57.12
N GLN C 920 -18.28 54.17 -57.04
CA GLN C 920 -19.12 53.02 -56.74
C GLN C 920 -18.78 51.82 -57.60
N LYS C 921 -18.54 52.04 -58.90
CA LYS C 921 -18.25 50.94 -59.81
C LYS C 921 -16.98 50.19 -59.39
N LEU C 922 -15.89 50.92 -59.20
CA LEU C 922 -14.63 50.29 -58.82
C LEU C 922 -14.74 49.63 -57.45
N ILE C 923 -15.45 50.26 -56.52
CA ILE C 923 -15.57 49.70 -55.18
C ILE C 923 -16.35 48.39 -55.22
N ALA C 924 -17.45 48.36 -55.98
CA ALA C 924 -18.22 47.13 -56.10
C ALA C 924 -17.43 46.04 -56.81
N ASN C 925 -16.67 46.40 -57.84
CA ASN C 925 -15.85 45.41 -58.53
C ASN C 925 -14.80 44.81 -57.60
N GLN C 926 -14.13 45.66 -56.81
CA GLN C 926 -13.13 45.17 -55.87
C GLN C 926 -13.78 44.30 -54.80
N PHE C 927 -14.96 44.69 -54.33
CA PHE C 927 -15.67 43.90 -53.32
C PHE C 927 -16.03 42.52 -53.87
N ASN C 928 -16.54 42.47 -55.10
CA ASN C 928 -16.90 41.19 -55.70
C ASN C 928 -15.66 40.33 -55.92
N SER C 929 -14.56 40.94 -56.35
CA SER C 929 -13.33 40.18 -56.55
C SER C 929 -12.81 39.62 -55.24
N ALA C 930 -12.88 40.41 -54.16
CA ALA C 930 -12.43 39.91 -52.86
C ALA C 930 -13.33 38.80 -52.34
N ILE C 931 -14.65 38.93 -52.55
CA ILE C 931 -15.56 37.87 -52.14
C ILE C 931 -15.27 36.59 -52.91
N GLY C 932 -14.96 36.70 -54.20
CA GLY C 932 -14.60 35.52 -54.97
C GLY C 932 -13.31 34.89 -54.51
N LYS C 933 -12.29 35.72 -54.26
CA LYS C 933 -11.01 35.21 -53.79
C LYS C 933 -11.12 34.54 -52.42
N ILE C 934 -12.01 35.04 -51.55
CA ILE C 934 -12.17 34.42 -50.23
C ILE C 934 -12.67 32.99 -50.38
N GLN C 935 -13.73 32.79 -51.17
CA GLN C 935 -14.26 31.44 -51.33
C GLN C 935 -13.30 30.56 -52.11
N ASP C 936 -12.53 31.15 -53.04
CA ASP C 936 -11.52 30.37 -53.75
C ASP C 936 -10.45 29.86 -52.78
N SER C 937 -9.99 30.71 -51.88
CA SER C 937 -8.98 30.30 -50.91
C SER C 937 -9.56 29.29 -49.92
N LEU C 938 -10.83 29.44 -49.57
CA LEU C 938 -11.46 28.50 -48.65
C LEU C 938 -11.64 27.13 -49.29
N SER C 939 -11.96 27.09 -50.59
CA SER C 939 -12.17 25.81 -51.25
C SER C 939 -10.85 25.16 -51.66
N SER C 940 -9.82 25.96 -51.90
CA SER C 940 -8.53 25.41 -52.31
C SER C 940 -7.76 24.86 -51.12
N THR C 941 -7.46 25.72 -50.14
CA THR C 941 -6.72 25.28 -48.97
C THR C 941 -7.65 24.64 -47.94
N ALA C 942 -7.11 23.67 -47.20
CA ALA C 942 -7.87 22.97 -46.18
C ALA C 942 -7.44 23.31 -44.76
N SER C 943 -6.21 23.79 -44.56
CA SER C 943 -5.72 24.12 -43.23
C SER C 943 -6.06 25.55 -42.81
N ALA C 944 -7.33 25.92 -42.88
CA ALA C 944 -7.78 27.25 -42.46
C ALA C 944 -8.47 27.24 -41.10
N LEU C 945 -9.34 26.27 -40.84
CA LEU C 945 -10.01 26.14 -39.55
C LEU C 945 -9.21 25.23 -38.61
N GLY C 946 -8.04 25.70 -38.21
CA GLY C 946 -7.16 24.87 -37.41
C GLY C 946 -7.63 24.69 -35.99
N LYS C 947 -8.12 25.77 -35.37
CA LYS C 947 -8.50 25.72 -33.96
C LYS C 947 -9.75 24.86 -33.75
N LEU C 948 -10.72 24.97 -34.65
CA LEU C 948 -11.94 24.18 -34.54
C LEU C 948 -11.65 22.69 -34.64
N GLN C 949 -10.66 22.33 -35.46
CA GLN C 949 -10.27 20.92 -35.56
C GLN C 949 -9.43 20.50 -34.37
N ASP C 950 -8.57 21.39 -33.87
CA ASP C 950 -7.70 21.04 -32.75
C ASP C 950 -8.50 20.82 -31.48
N VAL C 951 -9.58 21.59 -31.27
CA VAL C 951 -10.42 21.39 -30.10
C VAL C 951 -11.04 19.99 -30.13
N VAL C 952 -11.58 19.60 -31.27
CA VAL C 952 -12.21 18.28 -31.40
C VAL C 952 -11.16 17.18 -31.23
N ASN C 953 -9.96 17.40 -31.78
CA ASN C 953 -8.91 16.40 -31.65
C ASN C 953 -8.49 16.24 -30.19
N GLN C 954 -8.37 17.33 -29.45
CA GLN C 954 -8.01 17.24 -28.04
C GLN C 954 -9.10 16.55 -27.24
N ASN C 955 -10.37 16.85 -27.53
CA ASN C 955 -11.46 16.18 -26.84
C ASN C 955 -11.46 14.68 -27.13
N ALA C 956 -11.23 14.31 -28.40
CA ALA C 956 -11.20 12.90 -28.77
C ALA C 956 -10.04 12.18 -28.09
N GLN C 957 -8.87 12.83 -28.03
CA GLN C 957 -7.72 12.22 -27.35
C GLN C 957 -7.99 12.06 -25.86
N ALA C 958 -8.62 13.04 -25.23
CA ALA C 958 -8.95 12.92 -23.81
C ALA C 958 -9.92 11.77 -23.57
N LEU C 959 -10.95 11.65 -24.42
CA LEU C 959 -11.90 10.55 -24.26
C LEU C 959 -11.22 9.20 -24.49
N ASN C 960 -10.32 9.12 -25.49
CA ASN C 960 -9.64 7.87 -25.76
C ASN C 960 -8.73 7.47 -24.60
N THR C 961 -8.05 8.45 -24.00
CA THR C 961 -7.20 8.16 -22.85
C THR C 961 -8.05 7.70 -21.66
N LEU C 962 -9.18 8.36 -21.44
CA LEU C 962 -10.07 7.97 -20.35
C LEU C 962 -10.57 6.55 -20.55
N VAL C 963 -10.83 6.17 -21.80
CA VAL C 963 -11.30 4.81 -22.08
C VAL C 963 -10.17 3.80 -21.87
N LYS C 964 -8.97 4.13 -22.37
CA LYS C 964 -7.83 3.21 -22.27
C LYS C 964 -7.33 3.06 -20.84
N GLN C 965 -7.62 4.01 -19.95
CA GLN C 965 -7.21 3.90 -18.56
C GLN C 965 -8.00 2.84 -17.79
N LEU C 966 -8.85 2.07 -18.46
CA LEU C 966 -9.60 1.01 -17.80
C LEU C 966 -8.92 -0.35 -17.92
N SER C 967 -7.92 -0.48 -18.79
CA SER C 967 -7.22 -1.74 -19.01
C SER C 967 -5.84 -1.73 -18.36
N SER C 968 -5.72 -1.06 -17.21
CA SER C 968 -4.47 -0.97 -16.48
C SER C 968 -4.58 -1.75 -15.18
N ASN C 969 -3.43 -2.28 -14.72
CA ASN C 969 -3.41 -3.08 -13.51
C ASN C 969 -3.41 -2.20 -12.25
N PHE C 970 -2.74 -1.05 -12.30
CA PHE C 970 -2.64 -0.13 -11.17
C PHE C 970 -2.05 -0.79 -9.93
N GLY C 971 -1.16 -1.76 -10.11
CA GLY C 971 -0.55 -2.47 -9.01
C GLY C 971 -1.29 -3.72 -8.56
N ALA C 972 -2.42 -4.04 -9.19
CA ALA C 972 -3.19 -5.21 -8.83
C ALA C 972 -2.74 -6.41 -9.67
N ILE C 973 -3.40 -7.56 -9.45
CA ILE C 973 -3.07 -8.75 -10.20
C ILE C 973 -3.53 -8.62 -11.65
N SER C 974 -4.79 -8.25 -11.84
CA SER C 974 -5.34 -8.08 -13.18
C SER C 974 -6.22 -6.84 -13.26
N SER C 975 -6.85 -6.62 -14.41
CA SER C 975 -7.74 -5.48 -14.58
C SER C 975 -9.23 -5.84 -14.63
N VAL C 976 -9.59 -7.09 -14.90
CA VAL C 976 -10.98 -7.50 -14.94
C VAL C 976 -11.43 -7.82 -13.52
N LEU C 977 -12.57 -7.26 -13.12
CA LEU C 977 -12.99 -7.34 -11.72
C LEU C 977 -13.59 -8.71 -11.39
N ASN C 978 -14.36 -9.28 -12.32
CA ASN C 978 -15.01 -10.56 -12.03
C ASN C 978 -13.99 -11.68 -11.88
N ASP C 979 -12.95 -11.71 -12.72
CA ASP C 979 -11.89 -12.70 -12.55
C ASP C 979 -11.17 -12.50 -11.22
N ILE C 980 -10.99 -11.24 -10.80
CA ILE C 980 -10.33 -10.98 -9.53
C ILE C 980 -11.17 -11.50 -8.36
N LEU C 981 -12.48 -11.25 -8.37
CA LEU C 981 -13.34 -11.69 -7.29
C LEU C 981 -13.66 -13.18 -7.35
N SER C 982 -13.42 -13.83 -8.49
CA SER C 982 -13.68 -15.26 -8.62
C SER C 982 -12.46 -16.12 -8.31
N ARG C 983 -11.29 -15.75 -8.84
CA ARG C 983 -10.07 -16.56 -8.71
C ARG C 983 -9.21 -16.14 -7.54
N LEU C 984 -9.80 -15.59 -6.48
CA LEU C 984 -9.01 -15.09 -5.36
C LEU C 984 -9.87 -15.06 -4.11
N ASP C 985 -9.20 -15.12 -2.96
CA ASP C 985 -9.86 -15.06 -1.67
C ASP C 985 -10.54 -13.69 -1.48
N PRO C 986 -11.57 -13.62 -0.63
CA PRO C 986 -12.29 -12.36 -0.44
C PRO C 986 -11.40 -11.20 -0.05
N PRO C 987 -10.50 -11.35 0.95
CA PRO C 987 -9.73 -10.17 1.38
C PRO C 987 -8.86 -9.58 0.27
N GLU C 988 -8.04 -10.41 -0.37
CA GLU C 988 -7.19 -9.90 -1.45
C GLU C 988 -8.02 -9.40 -2.63
N ALA C 989 -9.17 -10.01 -2.89
CA ALA C 989 -10.04 -9.53 -3.95
C ALA C 989 -10.53 -8.12 -3.65
N GLU C 990 -10.96 -7.88 -2.40
CA GLU C 990 -11.41 -6.56 -2.02
C GLU C 990 -10.27 -5.55 -2.06
N VAL C 991 -9.06 -6.00 -1.71
CA VAL C 991 -7.90 -5.11 -1.76
C VAL C 991 -7.62 -4.69 -3.20
N GLN C 992 -7.66 -5.65 -4.13
CA GLN C 992 -7.43 -5.33 -5.54
C GLN C 992 -8.54 -4.43 -6.08
N ILE C 993 -9.78 -4.68 -5.67
CA ILE C 993 -10.88 -3.82 -6.09
C ILE C 993 -10.67 -2.40 -5.59
N ASP C 994 -10.20 -2.27 -4.34
CA ASP C 994 -9.92 -0.95 -3.79
C ASP C 994 -8.81 -0.24 -4.56
N ARG C 995 -7.76 -0.97 -4.92
CA ARG C 995 -6.67 -0.38 -5.70
C ARG C 995 -7.18 0.10 -7.06
N LEU C 996 -7.98 -0.73 -7.73
CA LEU C 996 -8.54 -0.33 -9.02
C LEU C 996 -9.45 0.88 -8.88
N ILE C 997 -10.24 0.93 -7.81
CA ILE C 997 -11.12 2.07 -7.58
C ILE C 997 -10.31 3.34 -7.39
N THR C 998 -9.22 3.26 -6.62
CA THR C 998 -8.37 4.43 -6.42
C THR C 998 -7.76 4.89 -7.73
N GLY C 999 -7.25 3.95 -8.54
CA GLY C 999 -6.67 4.33 -9.83
C GLY C 999 -7.68 4.99 -10.75
N ARG C 1000 -8.88 4.41 -10.84
CA ARG C 1000 -9.91 4.99 -11.71
C ARG C 1000 -10.38 6.35 -11.18
N LEU C 1001 -10.44 6.52 -9.87
CA LEU C 1001 -10.79 7.82 -9.30
C LEU C 1001 -9.75 8.87 -9.65
N GLN C 1002 -8.47 8.51 -9.55
CA GLN C 1002 -7.41 9.45 -9.93
C GLN C 1002 -7.51 9.82 -11.40
N SER C 1003 -7.72 8.83 -12.27
CA SER C 1003 -7.85 9.10 -13.69
C SER C 1003 -9.03 10.02 -13.98
N LEU C 1004 -10.18 9.75 -13.36
CA LEU C 1004 -11.36 10.56 -13.58
C LEU C 1004 -11.18 11.98 -13.06
N GLN C 1005 -10.50 12.15 -11.92
CA GLN C 1005 -10.25 13.48 -11.40
C GLN C 1005 -9.33 14.27 -12.33
N THR C 1006 -8.29 13.62 -12.85
CA THR C 1006 -7.42 14.30 -13.82
C THR C 1006 -8.20 14.69 -15.07
N TYR C 1007 -9.06 13.81 -15.56
CA TYR C 1007 -9.89 14.12 -16.72
C TYR C 1007 -10.80 15.32 -16.44
N VAL C 1008 -11.42 15.36 -15.27
CA VAL C 1008 -12.32 16.45 -14.93
C VAL C 1008 -11.56 17.77 -14.81
N THR C 1009 -10.34 17.72 -14.24
CA THR C 1009 -9.55 18.95 -14.14
C THR C 1009 -9.16 19.48 -15.52
N GLN C 1010 -8.70 18.58 -16.39
CA GLN C 1010 -8.35 19.01 -17.74
C GLN C 1010 -9.57 19.57 -18.49
N GLN C 1011 -10.73 18.94 -18.32
CA GLN C 1011 -11.94 19.44 -18.98
C GLN C 1011 -12.35 20.79 -18.42
N LEU C 1012 -12.18 21.01 -17.11
CA LEU C 1012 -12.47 22.33 -16.54
C LEU C 1012 -11.55 23.40 -17.11
N ILE C 1013 -10.26 23.12 -17.21
CA ILE C 1013 -9.33 24.10 -17.78
C ILE C 1013 -9.68 24.39 -19.23
N ARG C 1014 -9.94 23.35 -20.02
CA ARG C 1014 -10.31 23.54 -21.42
C ARG C 1014 -11.61 24.31 -21.57
N ALA C 1015 -12.61 24.05 -20.72
CA ALA C 1015 -13.86 24.78 -20.77
C ALA C 1015 -13.67 26.24 -20.39
N ALA C 1016 -12.79 26.53 -19.44
CA ALA C 1016 -12.49 27.93 -19.12
C ALA C 1016 -11.84 28.64 -20.31
N GLU C 1017 -10.90 27.97 -20.97
CA GLU C 1017 -10.29 28.56 -22.16
C GLU C 1017 -11.32 28.81 -23.25
N ILE C 1018 -12.21 27.84 -23.48
CA ILE C 1018 -13.22 27.99 -24.52
C ILE C 1018 -14.21 29.09 -24.16
N ARG C 1019 -14.50 29.26 -22.86
CA ARG C 1019 -15.38 30.34 -22.43
C ARG C 1019 -14.74 31.69 -22.65
N ALA C 1020 -13.44 31.80 -22.39
CA ALA C 1020 -12.73 33.05 -22.69
C ALA C 1020 -12.77 33.35 -24.19
N SER C 1021 -12.55 32.33 -25.02
CA SER C 1021 -12.60 32.53 -26.47
C SER C 1021 -14.01 32.94 -26.91
N ALA C 1022 -15.04 32.35 -26.30
CA ALA C 1022 -16.41 32.69 -26.67
C ALA C 1022 -16.76 34.11 -26.24
N ASN C 1023 -16.28 34.55 -25.08
CA ASN C 1023 -16.48 35.94 -24.68
C ASN C 1023 -15.78 36.90 -25.64
N LEU C 1024 -14.55 36.60 -26.05
CA LEU C 1024 -13.89 37.41 -27.06
C LEU C 1024 -14.67 37.46 -28.36
N ALA C 1025 -15.19 36.31 -28.81
CA ALA C 1025 -15.97 36.28 -30.04
C ALA C 1025 -17.27 37.08 -29.91
N ALA C 1026 -17.92 37.01 -28.75
CA ALA C 1026 -19.14 37.79 -28.55
C ALA C 1026 -18.84 39.28 -28.54
N THR C 1027 -17.72 39.69 -27.91
CA THR C 1027 -17.34 41.09 -27.94
C THR C 1027 -17.05 41.56 -29.36
N LYS C 1028 -16.33 40.75 -30.13
CA LYS C 1028 -16.03 41.07 -31.53
C LYS C 1028 -17.28 41.13 -32.40
N MET C 1029 -18.26 40.26 -32.15
CA MET C 1029 -19.54 40.31 -32.83
C MET C 1029 -20.37 41.53 -32.47
N SER C 1030 -20.32 41.97 -31.21
CA SER C 1030 -21.16 43.08 -30.79
C SER C 1030 -20.54 44.42 -31.19
N GLU C 1031 -19.22 44.49 -31.25
CA GLU C 1031 -18.58 45.79 -31.46
C GLU C 1031 -18.03 45.98 -32.88
N CYS C 1032 -18.24 45.00 -33.76
CA CYS C 1032 -17.74 45.14 -35.12
C CYS C 1032 -18.84 44.91 -36.15
N VAL C 1033 -19.75 43.98 -35.88
CA VAL C 1033 -20.81 43.67 -36.83
C VAL C 1033 -21.94 44.70 -36.73
N LEU C 1034 -22.46 44.91 -35.53
CA LEU C 1034 -23.55 45.86 -35.30
C LEU C 1034 -23.01 47.29 -35.12
N GLY C 1035 -22.23 47.75 -36.09
CA GLY C 1035 -21.68 49.08 -36.02
C GLY C 1035 -20.32 49.13 -36.70
N GLN C 1036 -19.63 50.25 -36.48
CA GLN C 1036 -18.30 50.48 -37.02
C GLN C 1036 -17.35 50.79 -35.87
N SER C 1037 -16.26 50.04 -35.79
CA SER C 1037 -15.29 50.20 -34.71
C SER C 1037 -14.15 51.10 -35.16
N LYS C 1038 -13.54 51.78 -34.17
CA LYS C 1038 -12.40 52.65 -34.42
C LYS C 1038 -11.13 52.13 -33.78
N ARG C 1039 -11.10 50.86 -33.37
CA ARG C 1039 -9.93 50.26 -32.74
C ARG C 1039 -9.00 49.74 -33.82
N VAL C 1040 -7.73 50.13 -33.74
CA VAL C 1040 -6.77 49.76 -34.78
C VAL C 1040 -6.41 48.29 -34.65
N ASP C 1041 -6.47 47.58 -35.78
CA ASP C 1041 -6.07 46.17 -35.85
C ASP C 1041 -6.89 45.30 -34.90
N PHE C 1042 -8.16 45.66 -34.73
CA PHE C 1042 -9.09 44.87 -33.93
C PHE C 1042 -10.02 44.01 -34.78
N CYS C 1043 -10.64 44.60 -35.80
CA CYS C 1043 -11.54 43.90 -36.71
C CYS C 1043 -11.03 44.14 -38.13
N GLY C 1044 -10.08 43.32 -38.56
CA GLY C 1044 -9.48 43.51 -39.87
C GLY C 1044 -8.22 44.35 -39.81
N LYS C 1045 -7.33 44.11 -40.78
CA LYS C 1045 -6.05 44.81 -40.85
C LYS C 1045 -6.21 46.01 -41.78
N GLY C 1046 -6.47 47.17 -41.19
CA GLY C 1046 -6.63 48.39 -41.96
C GLY C 1046 -7.72 49.25 -41.34
N TYR C 1047 -8.45 49.94 -42.20
CA TYR C 1047 -9.57 50.79 -41.80
C TYR C 1047 -10.87 50.01 -41.94
N HIS C 1048 -11.53 49.77 -40.81
CA HIS C 1048 -12.72 48.92 -40.81
C HIS C 1048 -13.91 49.65 -41.42
N LEU C 1049 -14.66 48.94 -42.26
CA LEU C 1049 -15.88 49.45 -42.87
C LEU C 1049 -17.12 48.69 -42.42
N MET C 1050 -17.13 47.37 -42.59
CA MET C 1050 -18.27 46.56 -42.22
C MET C 1050 -17.83 45.11 -42.13
N SER C 1051 -18.67 44.28 -41.51
CA SER C 1051 -18.37 42.87 -41.31
C SER C 1051 -19.62 42.05 -41.56
N PHE C 1052 -19.42 40.79 -41.94
CA PHE C 1052 -20.51 39.86 -42.19
C PHE C 1052 -20.25 38.55 -41.45
N PRO C 1053 -21.15 38.16 -40.55
CA PRO C 1053 -20.95 36.91 -39.80
C PRO C 1053 -21.27 35.68 -40.62
N GLN C 1054 -20.56 34.60 -40.29
CA GLN C 1054 -20.74 33.31 -40.94
C GLN C 1054 -20.75 32.21 -39.88
N SER C 1055 -21.55 31.18 -40.12
CA SER C 1055 -21.66 30.06 -39.19
C SER C 1055 -20.59 29.02 -39.49
N ALA C 1056 -20.15 28.33 -38.43
CA ALA C 1056 -19.12 27.31 -38.54
C ALA C 1056 -19.37 26.26 -37.49
N PRO C 1057 -18.91 25.02 -37.70
CA PRO C 1057 -19.10 23.98 -36.70
C PRO C 1057 -18.42 24.31 -35.38
N HIS C 1058 -19.24 24.51 -34.33
CA HIS C 1058 -18.75 24.86 -33.00
C HIS C 1058 -17.89 26.12 -33.01
N GLY C 1059 -18.23 27.07 -33.87
CA GLY C 1059 -17.47 28.29 -33.96
C GLY C 1059 -18.17 29.35 -34.76
N VAL C 1060 -17.44 30.41 -35.09
CA VAL C 1060 -17.96 31.52 -35.86
C VAL C 1060 -16.83 32.08 -36.73
N VAL C 1061 -17.19 32.52 -37.93
CA VAL C 1061 -16.23 33.06 -38.90
C VAL C 1061 -16.71 34.43 -39.32
N PHE C 1062 -15.81 35.42 -39.27
CA PHE C 1062 -16.12 36.79 -39.65
C PHE C 1062 -15.47 37.13 -40.98
N LEU C 1063 -16.05 38.11 -41.66
CA LEU C 1063 -15.54 38.61 -42.94
C LEU C 1063 -15.39 40.13 -42.82
N HIS C 1064 -14.17 40.58 -42.56
CA HIS C 1064 -13.89 41.99 -42.32
C HIS C 1064 -13.65 42.70 -43.64
N VAL C 1065 -14.47 43.71 -43.93
CA VAL C 1065 -14.30 44.53 -45.13
C VAL C 1065 -13.47 45.74 -44.71
N THR C 1066 -12.19 45.74 -45.07
CA THR C 1066 -11.26 46.77 -44.66
C THR C 1066 -11.11 47.81 -45.79
N TYR C 1067 -10.19 48.76 -45.61
CA TYR C 1067 -9.96 49.81 -46.59
C TYR C 1067 -8.49 50.22 -46.46
N VAL C 1068 -7.65 49.71 -47.35
CA VAL C 1068 -6.22 49.96 -47.29
C VAL C 1068 -5.83 51.00 -48.34
N PRO C 1069 -4.80 51.81 -48.08
CA PRO C 1069 -4.36 52.78 -49.09
C PRO C 1069 -3.68 52.10 -50.27
N ALA C 1070 -3.13 52.92 -51.15
CA ALA C 1070 -2.52 52.44 -52.38
C ALA C 1070 -1.32 53.30 -52.76
N GLN C 1071 -0.90 53.21 -54.03
CA GLN C 1071 0.27 53.92 -54.56
C GLN C 1071 0.35 55.37 -54.09
N GLU C 1072 1.51 55.77 -53.60
CA GLU C 1072 1.72 57.09 -53.03
C GLU C 1072 2.35 58.03 -54.05
N LYS C 1073 2.68 59.23 -53.57
CA LYS C 1073 3.36 60.23 -54.39
C LYS C 1073 4.00 61.25 -53.46
N ASN C 1074 5.23 61.65 -53.76
CA ASN C 1074 5.98 62.57 -52.91
C ASN C 1074 5.52 64.00 -53.17
N PHE C 1075 5.40 64.78 -52.11
CA PHE C 1075 5.03 66.18 -52.19
C PHE C 1075 5.83 67.00 -51.17
N THR C 1076 5.76 68.31 -51.32
CA THR C 1076 6.37 69.25 -50.39
C THR C 1076 5.29 69.98 -49.63
N THR C 1077 5.35 69.92 -48.31
CA THR C 1077 4.31 70.47 -47.43
C THR C 1077 4.85 71.71 -46.70
N ALA C 1078 3.95 72.35 -45.95
CA ALA C 1078 4.25 73.54 -45.17
C ALA C 1078 3.25 73.64 -44.04
N PRO C 1079 3.67 74.15 -42.87
CA PRO C 1079 2.71 74.24 -41.74
C PRO C 1079 1.56 75.20 -42.00
N ALA C 1080 1.84 76.41 -42.45
CA ALA C 1080 0.79 77.41 -42.67
C ALA C 1080 1.20 78.30 -43.83
N ILE C 1081 0.30 79.19 -44.22
CA ILE C 1081 0.50 80.12 -45.32
C ILE C 1081 0.37 81.55 -44.79
N CYS C 1082 1.28 82.42 -45.20
CA CYS C 1082 1.31 83.80 -44.78
C CYS C 1082 1.07 84.71 -45.99
N HIS C 1083 -0.12 85.31 -46.05
CA HIS C 1083 -0.44 86.17 -47.18
C HIS C 1083 -0.59 87.63 -46.76
N ASP C 1084 -1.56 87.92 -45.88
CA ASP C 1084 -1.73 89.27 -45.36
C ASP C 1084 -1.12 89.37 -43.96
N GLY C 1085 0.19 89.13 -43.91
CA GLY C 1085 0.91 89.15 -42.65
C GLY C 1085 0.33 88.29 -41.55
N LYS C 1086 -0.54 87.33 -41.90
CA LYS C 1086 -1.21 86.50 -40.92
C LYS C 1086 -1.07 85.03 -41.30
N ALA C 1087 -1.03 84.18 -40.29
CA ALA C 1087 -0.87 82.74 -40.48
C ALA C 1087 -2.23 82.10 -40.70
N HIS C 1088 -2.36 81.33 -41.79
CA HIS C 1088 -3.59 80.63 -42.12
C HIS C 1088 -3.36 79.14 -42.00
N PHE C 1089 -4.04 78.49 -41.05
CA PHE C 1089 -3.92 77.07 -40.85
C PHE C 1089 -5.09 76.33 -41.48
N PRO C 1090 -4.85 75.15 -42.06
CA PRO C 1090 -5.94 74.44 -42.74
C PRO C 1090 -7.00 73.96 -41.75
N ARG C 1091 -8.26 74.14 -42.14
CA ARG C 1091 -9.37 73.72 -41.27
C ARG C 1091 -9.44 72.21 -41.16
N GLU C 1092 -9.53 71.51 -42.29
CA GLU C 1092 -9.52 70.04 -42.32
C GLU C 1092 -8.84 69.62 -43.63
N GLY C 1093 -7.54 69.38 -43.55
CA GLY C 1093 -6.78 68.99 -44.73
C GLY C 1093 -5.30 69.20 -44.51
N VAL C 1094 -4.53 68.97 -45.57
CA VAL C 1094 -3.08 69.08 -45.54
C VAL C 1094 -2.64 69.98 -46.69
N PHE C 1095 -1.75 70.93 -46.38
CA PHE C 1095 -1.20 71.78 -47.43
C PHE C 1095 -0.21 70.99 -48.28
N VAL C 1096 -0.49 70.90 -49.57
CA VAL C 1096 0.33 70.14 -50.51
C VAL C 1096 0.66 71.04 -51.70
N SER C 1097 1.93 71.08 -52.06
CA SER C 1097 2.41 71.90 -53.17
C SER C 1097 2.66 71.04 -54.40
N ASN C 1098 2.33 71.60 -55.56
CA ASN C 1098 2.57 70.92 -56.83
C ASN C 1098 4.02 71.03 -57.26
N GLY C 1099 4.72 72.08 -56.82
CA GLY C 1099 6.09 72.32 -57.23
C GLY C 1099 6.28 73.76 -57.67
N THR C 1100 5.21 74.36 -58.20
CA THR C 1100 5.24 75.77 -58.59
C THR C 1100 4.10 76.52 -57.90
N HIS C 1101 3.01 75.82 -57.62
CA HIS C 1101 1.84 76.38 -56.96
C HIS C 1101 1.60 75.63 -55.66
N TRP C 1102 0.56 76.06 -54.93
CA TRP C 1102 0.18 75.46 -53.66
C TRP C 1102 -1.31 75.18 -53.65
N PHE C 1103 -1.69 74.05 -53.04
CA PHE C 1103 -3.07 73.63 -52.93
C PHE C 1103 -3.33 73.16 -51.50
N VAL C 1104 -4.60 72.84 -51.22
CA VAL C 1104 -5.00 72.32 -49.91
C VAL C 1104 -5.75 71.02 -50.18
N THR C 1105 -5.12 69.89 -49.83
CA THR C 1105 -5.74 68.59 -50.02
C THR C 1105 -6.04 67.95 -48.68
N GLN C 1106 -6.81 66.87 -48.71
CA GLN C 1106 -7.11 66.08 -47.53
C GLN C 1106 -6.10 64.95 -47.39
N ARG C 1107 -6.21 64.23 -46.27
CA ARG C 1107 -5.33 63.09 -46.00
C ARG C 1107 -6.06 61.82 -46.44
N ASN C 1108 -5.31 60.73 -46.59
CA ASN C 1108 -5.82 59.43 -47.00
C ASN C 1108 -6.32 59.43 -48.44
N PHE C 1109 -6.23 60.58 -49.13
CA PHE C 1109 -6.62 60.69 -50.52
C PHE C 1109 -6.10 62.01 -51.06
N TYR C 1110 -5.75 62.01 -52.34
CA TYR C 1110 -5.19 63.19 -53.00
C TYR C 1110 -6.28 63.83 -53.87
N GLU C 1111 -6.79 64.96 -53.40
CA GLU C 1111 -7.79 65.74 -54.14
C GLU C 1111 -7.41 67.21 -54.01
N PRO C 1112 -6.79 67.78 -55.05
CA PRO C 1112 -6.31 69.17 -54.96
C PRO C 1112 -7.48 70.15 -54.99
N GLN C 1113 -7.37 71.19 -54.14
CA GLN C 1113 -8.36 72.25 -54.10
C GLN C 1113 -7.68 73.61 -54.15
N ILE C 1114 -8.45 74.68 -53.98
CA ILE C 1114 -7.92 76.04 -54.02
C ILE C 1114 -7.94 76.60 -52.60
N ILE C 1115 -6.80 77.14 -52.17
CA ILE C 1115 -6.68 77.72 -50.84
C ILE C 1115 -7.52 79.01 -50.78
N THR C 1116 -8.64 78.95 -50.07
CA THR C 1116 -9.54 80.09 -49.94
C THR C 1116 -9.85 80.32 -48.46
N THR C 1117 -10.64 81.35 -48.20
CA THR C 1117 -11.02 81.69 -46.83
C THR C 1117 -12.03 80.71 -46.23
N ASP C 1118 -12.60 79.81 -47.02
CA ASP C 1118 -13.53 78.81 -46.53
C ASP C 1118 -12.84 77.49 -46.21
N ASN C 1119 -11.54 77.38 -46.49
CA ASN C 1119 -10.79 76.17 -46.19
C ASN C 1119 -9.77 76.34 -45.07
N THR C 1120 -9.50 77.57 -44.63
CA THR C 1120 -8.52 77.84 -43.60
C THR C 1120 -9.07 78.87 -42.62
N PHE C 1121 -8.40 78.96 -41.47
CA PHE C 1121 -8.75 79.93 -40.45
C PHE C 1121 -7.50 80.69 -40.02
N VAL C 1122 -7.64 81.99 -39.81
CA VAL C 1122 -6.53 82.87 -39.47
C VAL C 1122 -6.40 82.92 -37.95
N SER C 1123 -5.16 82.77 -37.46
CA SER C 1123 -4.90 82.82 -36.03
C SER C 1123 -3.44 83.18 -35.82
N GLY C 1124 -3.18 84.37 -35.27
CA GLY C 1124 -1.84 84.81 -34.99
C GLY C 1124 -1.18 85.48 -36.18
N ASN C 1125 0.10 85.80 -35.99
CA ASN C 1125 0.91 86.44 -37.02
C ASN C 1125 2.08 85.53 -37.39
N CYS C 1126 2.73 85.84 -38.50
CA CYS C 1126 3.79 85.00 -39.07
C CYS C 1126 5.10 85.32 -38.38
N ASP C 1127 5.21 84.96 -37.10
CA ASP C 1127 6.44 85.18 -36.35
C ASP C 1127 6.85 83.93 -35.58
N VAL C 1128 5.88 83.08 -35.24
CA VAL C 1128 6.18 81.93 -34.38
C VAL C 1128 6.15 80.63 -35.17
N VAL C 1129 5.40 80.59 -36.27
CA VAL C 1129 5.31 79.36 -37.06
C VAL C 1129 6.63 79.14 -37.79
N ILE C 1130 7.21 77.96 -37.57
CA ILE C 1130 8.50 77.61 -38.15
C ILE C 1130 8.21 76.81 -39.42
N GLY C 1131 8.46 77.42 -40.58
CA GLY C 1131 8.25 76.77 -41.85
C GLY C 1131 7.14 77.39 -42.66
N ILE C 1132 6.54 78.46 -42.14
CA ILE C 1132 5.43 79.10 -42.83
C ILE C 1132 5.94 79.75 -44.11
N VAL C 1133 5.17 79.60 -45.19
CA VAL C 1133 5.56 80.10 -46.50
C VAL C 1133 4.51 81.11 -46.97
N ASN C 1134 4.88 81.89 -47.97
CA ASN C 1134 4.02 82.95 -48.51
C ASN C 1134 3.20 82.41 -49.68
N ASN C 1135 1.91 82.75 -49.69
CA ASN C 1135 1.02 82.39 -50.79
C ASN C 1135 -0.08 83.43 -50.94
N THR C 1136 -1.13 83.09 -51.69
CA THR C 1136 -2.26 83.97 -51.92
C THR C 1136 -3.52 83.28 -51.47
N VAL C 1137 -4.22 83.88 -50.50
CA VAL C 1137 -5.47 83.32 -49.98
C VAL C 1137 -6.59 83.98 -50.78
N TYR C 1138 -7.18 83.21 -51.68
CA TYR C 1138 -8.25 83.72 -52.52
C TYR C 1138 -9.50 84.00 -51.70
N ASP C 1139 -10.14 85.14 -51.97
CA ASP C 1139 -11.36 85.52 -51.30
C ASP C 1139 -12.52 85.53 -52.31
N PRO C 1140 -13.50 84.64 -52.17
CA PRO C 1140 -14.57 84.58 -53.18
C PRO C 1140 -15.55 85.74 -53.08
N LEU C 1141 -15.49 86.52 -52.01
CA LEU C 1141 -16.47 87.59 -51.81
C LEU C 1141 -16.26 88.73 -52.80
N GLN C 1142 -15.04 89.27 -52.84
CA GLN C 1142 -14.68 90.44 -53.64
C GLN C 1142 -15.10 90.34 -55.11
N PRO C 1143 -14.78 89.23 -55.83
CA PRO C 1143 -15.11 89.18 -57.26
C PRO C 1143 -16.59 89.41 -57.56
N GLU C 1144 -17.47 88.74 -56.80
CA GLU C 1144 -18.89 88.90 -57.02
C GLU C 1144 -19.39 90.23 -56.45
N LEU C 1145 -19.14 90.47 -55.16
CA LEU C 1145 -19.59 91.70 -54.52
C LEU C 1145 -18.54 92.81 -54.53
N ASP C 1146 -17.97 93.11 -55.69
CA ASP C 1146 -17.06 94.23 -55.84
C ASP C 1146 -17.74 95.47 -56.40
N SER C 1147 -19.03 95.39 -56.73
CA SER C 1147 -19.75 96.55 -57.26
C SER C 1147 -20.60 97.20 -56.17
N GLU D 1 -37.28 -28.92 -5.22
CA GLU D 1 -37.82 -28.33 -6.44
C GLU D 1 -38.62 -29.34 -7.24
N VAL D 2 -38.09 -30.56 -7.34
CA VAL D 2 -38.78 -31.62 -8.07
C VAL D 2 -39.99 -32.08 -7.27
N GLN D 3 -41.13 -32.20 -7.94
CA GLN D 3 -42.39 -32.60 -7.32
C GLN D 3 -42.84 -33.92 -7.92
N LEU D 4 -43.09 -34.90 -7.06
CA LEU D 4 -43.58 -36.21 -7.48
C LEU D 4 -44.80 -36.57 -6.64
N VAL D 5 -45.94 -36.74 -7.30
CA VAL D 5 -47.18 -37.09 -6.62
C VAL D 5 -47.79 -38.31 -7.31
N GLN D 6 -48.48 -39.13 -6.51
CA GLN D 6 -49.12 -40.34 -7.02
C GLN D 6 -50.50 -40.49 -6.38
N SER D 7 -51.40 -41.14 -7.11
CA SER D 7 -52.75 -41.39 -6.64
C SER D 7 -53.36 -42.50 -7.48
N GLY D 8 -54.45 -43.07 -6.96
CA GLY D 8 -55.13 -44.15 -7.66
C GLY D 8 -55.07 -45.46 -6.91
N GLY D 9 -55.07 -45.40 -5.58
CA GLY D 9 -54.99 -46.59 -4.77
C GLY D 9 -56.33 -47.26 -4.55
N GLY D 10 -56.64 -47.61 -3.30
CA GLY D 10 -57.88 -48.29 -2.99
C GLY D 10 -57.67 -49.71 -2.50
N LEU D 11 -58.66 -50.57 -2.67
CA LEU D 11 -58.56 -51.95 -2.24
C LEU D 11 -59.63 -52.77 -2.94
N VAL D 12 -59.23 -53.91 -3.51
CA VAL D 12 -60.12 -54.82 -4.21
C VAL D 12 -59.74 -56.25 -3.83
N GLN D 13 -60.46 -57.21 -4.40
CA GLN D 13 -60.20 -58.62 -4.18
C GLN D 13 -59.19 -59.14 -5.20
N PRO D 14 -58.48 -60.22 -4.88
CA PRO D 14 -57.52 -60.78 -5.84
C PRO D 14 -58.19 -61.22 -7.12
N GLY D 15 -57.43 -61.12 -8.22
CA GLY D 15 -57.91 -61.45 -9.54
C GLY D 15 -58.13 -60.25 -10.44
N GLY D 16 -58.37 -59.08 -9.86
CA GLY D 16 -58.57 -57.87 -10.62
C GLY D 16 -57.28 -57.22 -11.06
N SER D 17 -57.31 -55.90 -11.20
CA SER D 17 -56.14 -55.15 -11.63
C SER D 17 -56.29 -53.70 -11.20
N LEU D 18 -55.16 -53.07 -10.89
CA LEU D 18 -55.10 -51.67 -10.50
C LEU D 18 -54.10 -50.95 -11.38
N ARG D 19 -53.96 -49.64 -11.16
CA ARG D 19 -53.02 -48.84 -11.92
C ARG D 19 -52.66 -47.60 -11.13
N LEU D 20 -51.37 -47.30 -11.02
CA LEU D 20 -50.87 -46.11 -10.37
C LEU D 20 -50.28 -45.17 -11.41
N SER D 21 -50.12 -43.91 -11.00
CA SER D 21 -49.61 -42.88 -11.90
C SER D 21 -48.70 -41.93 -11.12
N CYS D 22 -47.62 -41.50 -11.77
CA CYS D 22 -46.71 -40.52 -11.20
C CYS D 22 -46.28 -39.55 -12.29
N ALA D 23 -46.44 -38.25 -12.02
CA ALA D 23 -46.08 -37.22 -12.97
C ALA D 23 -44.62 -36.83 -12.77
N ALA D 24 -44.18 -35.80 -13.47
CA ALA D 24 -42.80 -35.33 -13.37
C ALA D 24 -42.76 -33.84 -13.70
N SER D 25 -42.11 -33.07 -12.84
CA SER D 25 -42.01 -31.63 -13.05
C SER D 25 -40.81 -31.12 -12.27
N GLY D 26 -39.81 -30.57 -12.98
CA GLY D 26 -38.63 -30.04 -12.34
C GLY D 26 -37.34 -30.65 -12.85
N PHE D 27 -37.45 -31.54 -13.84
CA PHE D 27 -36.28 -32.19 -14.41
C PHE D 27 -36.64 -32.73 -15.79
N THR D 28 -35.62 -32.92 -16.62
CA THR D 28 -35.83 -33.46 -17.96
C THR D 28 -36.20 -34.94 -17.87
N PHE D 29 -37.36 -35.30 -18.40
CA PHE D 29 -37.84 -36.68 -18.38
C PHE D 29 -37.32 -37.46 -19.58
N SER D 30 -36.02 -37.37 -19.84
CA SER D 30 -35.40 -38.05 -20.97
C SER D 30 -34.12 -38.80 -20.61
N SER D 31 -33.42 -38.44 -19.54
CA SER D 31 -32.15 -39.05 -19.18
C SER D 31 -32.11 -39.42 -17.71
N TYR D 32 -33.17 -40.07 -17.23
CA TYR D 32 -33.23 -40.51 -15.84
C TYR D 32 -34.02 -41.80 -15.76
N TRP D 33 -33.43 -42.82 -15.14
CA TRP D 33 -34.09 -44.10 -14.99
C TRP D 33 -35.17 -44.03 -13.92
N MET D 34 -36.18 -44.88 -14.04
CA MET D 34 -37.26 -44.97 -13.09
C MET D 34 -37.32 -46.38 -12.49
N SER D 35 -37.67 -46.43 -11.20
CA SER D 35 -37.76 -47.70 -10.49
C SER D 35 -38.79 -47.59 -9.39
N TRP D 36 -39.66 -48.59 -9.29
CA TRP D 36 -40.69 -48.62 -8.26
C TRP D 36 -40.19 -49.37 -7.03
N VAL D 37 -40.61 -48.90 -5.86
CA VAL D 37 -40.23 -49.49 -4.58
C VAL D 37 -41.49 -49.63 -3.73
N ARG D 38 -41.72 -50.82 -3.21
CA ARG D 38 -42.87 -51.10 -2.35
C ARG D 38 -42.41 -51.34 -0.93
N GLN D 39 -43.35 -51.17 0.02
CA GLN D 39 -43.07 -51.37 1.43
C GLN D 39 -44.34 -51.88 2.09
N ALA D 40 -44.36 -53.17 2.40
CA ALA D 40 -45.51 -53.76 3.07
C ALA D 40 -45.64 -53.18 4.49
N PRO D 41 -46.86 -53.12 5.02
CA PRO D 41 -47.04 -52.59 6.38
C PRO D 41 -46.33 -53.47 7.40
N GLY D 42 -45.32 -52.89 8.06
CA GLY D 42 -44.50 -53.61 9.01
C GLY D 42 -43.23 -54.22 8.43
N LYS D 43 -43.18 -54.41 7.12
CA LYS D 43 -42.01 -54.99 6.47
C LYS D 43 -41.09 -53.89 5.94
N GLY D 44 -39.87 -54.29 5.58
CA GLY D 44 -38.89 -53.37 5.05
C GLY D 44 -39.09 -53.08 3.57
N LEU D 45 -38.19 -52.27 3.03
CA LEU D 45 -38.24 -51.89 1.63
C LEU D 45 -37.86 -53.07 0.75
N GLU D 46 -38.20 -52.96 -0.53
CA GLU D 46 -37.90 -54.00 -1.51
C GLU D 46 -37.74 -53.32 -2.88
N TRP D 47 -37.72 -54.15 -3.93
CA TRP D 47 -37.58 -53.67 -5.30
C TRP D 47 -38.66 -54.30 -6.16
N VAL D 48 -39.18 -53.54 -7.11
CA VAL D 48 -40.28 -53.99 -7.94
C VAL D 48 -39.84 -54.15 -9.38
N ALA D 49 -39.44 -53.04 -10.02
CA ALA D 49 -39.07 -53.06 -11.41
C ALA D 49 -38.21 -51.84 -11.73
N ASN D 50 -37.64 -51.82 -12.93
CA ASN D 50 -36.82 -50.73 -13.39
C ASN D 50 -36.94 -50.65 -14.92
N ILE D 51 -37.17 -49.44 -15.42
CA ILE D 51 -37.43 -49.23 -16.84
C ILE D 51 -36.29 -48.41 -17.44
N ASN D 52 -36.07 -48.61 -18.74
CA ASN D 52 -35.03 -47.89 -19.46
C ASN D 52 -35.41 -46.42 -19.63
N GLN D 53 -34.52 -45.67 -20.27
CA GLN D 53 -34.76 -44.25 -20.51
C GLN D 53 -36.00 -44.04 -21.38
N ASP D 54 -35.95 -44.56 -22.62
CA ASP D 54 -37.08 -44.40 -23.53
C ASP D 54 -38.22 -45.34 -23.18
N GLY D 55 -37.91 -46.54 -22.71
CA GLY D 55 -38.94 -47.49 -22.35
C GLY D 55 -38.78 -48.84 -23.02
N GLY D 56 -37.63 -49.06 -23.66
CA GLY D 56 -37.38 -50.30 -24.35
C GLY D 56 -37.01 -51.44 -23.42
N GLU D 57 -35.91 -51.28 -22.69
CA GLU D 57 -35.46 -52.33 -21.76
C GLU D 57 -36.26 -52.28 -20.48
N LYS D 58 -36.72 -53.45 -20.04
CA LYS D 58 -37.50 -53.58 -18.82
C LYS D 58 -36.98 -54.76 -18.02
N TYR D 59 -36.93 -54.59 -16.69
CA TYR D 59 -36.43 -55.62 -15.80
C TYR D 59 -37.26 -55.62 -14.52
N TYR D 60 -37.68 -56.81 -14.09
CA TYR D 60 -38.46 -56.96 -12.87
C TYR D 60 -37.92 -58.14 -12.08
N VAL D 61 -38.23 -58.15 -10.78
CA VAL D 61 -37.80 -59.25 -9.93
C VAL D 61 -38.67 -60.48 -10.20
N ASP D 62 -38.17 -61.65 -9.76
CA ASP D 62 -38.84 -62.90 -10.08
C ASP D 62 -40.18 -63.03 -9.38
N SER D 63 -40.35 -62.41 -8.21
CA SER D 63 -41.60 -62.56 -7.48
C SER D 63 -42.74 -61.81 -8.16
N VAL D 64 -42.44 -60.73 -8.89
CA VAL D 64 -43.45 -59.96 -9.60
C VAL D 64 -43.28 -60.07 -11.11
N LYS D 65 -42.46 -61.01 -11.58
CA LYS D 65 -42.22 -61.14 -13.01
C LYS D 65 -43.48 -61.58 -13.73
N GLY D 66 -43.84 -60.85 -14.77
CA GLY D 66 -45.02 -61.15 -15.57
C GLY D 66 -46.31 -60.49 -15.13
N ARG D 67 -46.58 -60.51 -13.82
CA ARG D 67 -47.82 -59.92 -13.30
C ARG D 67 -47.76 -58.40 -13.24
N PHE D 68 -46.60 -57.79 -13.49
CA PHE D 68 -46.44 -56.34 -13.44
C PHE D 68 -46.02 -55.83 -14.82
N THR D 69 -46.57 -54.68 -15.20
CA THR D 69 -46.27 -54.05 -16.49
C THR D 69 -45.99 -52.57 -16.23
N ILE D 70 -44.71 -52.20 -16.24
CA ILE D 70 -44.28 -50.83 -16.04
C ILE D 70 -43.98 -50.21 -17.41
N SER D 71 -44.50 -49.01 -17.64
CA SER D 71 -44.29 -48.32 -18.90
C SER D 71 -44.41 -46.83 -18.70
N ARG D 72 -43.38 -46.08 -19.10
CA ARG D 72 -43.36 -44.64 -19.00
C ARG D 72 -43.76 -44.02 -20.34
N ASP D 73 -43.95 -42.70 -20.32
CA ASP D 73 -44.35 -41.95 -21.51
C ASP D 73 -43.64 -40.60 -21.49
N ASN D 74 -42.70 -40.41 -22.40
CA ASN D 74 -41.95 -39.16 -22.47
C ASN D 74 -42.73 -38.03 -23.13
N ALA D 75 -43.90 -38.32 -23.71
CA ALA D 75 -44.68 -37.28 -24.36
C ALA D 75 -45.25 -36.30 -23.34
N LYS D 76 -45.90 -36.81 -22.29
CA LYS D 76 -46.49 -35.98 -21.26
C LYS D 76 -45.74 -36.09 -19.92
N ASN D 77 -44.60 -36.78 -19.90
CA ASN D 77 -43.78 -36.94 -18.71
C ASN D 77 -44.58 -37.57 -17.57
N SER D 78 -45.04 -38.79 -17.80
CA SER D 78 -45.84 -39.53 -16.84
C SER D 78 -45.33 -40.96 -16.74
N LEU D 79 -45.64 -41.61 -15.63
CA LEU D 79 -45.27 -42.99 -15.37
C LEU D 79 -46.48 -43.76 -14.89
N PHE D 80 -46.65 -44.99 -15.39
CA PHE D 80 -47.78 -45.83 -15.03
C PHE D 80 -47.28 -47.18 -14.55
N LEU D 81 -48.14 -47.87 -13.81
CA LEU D 81 -47.82 -49.21 -13.29
C LEU D 81 -49.14 -49.96 -13.10
N GLN D 82 -49.44 -50.86 -14.03
CA GLN D 82 -50.62 -51.71 -13.95
C GLN D 82 -50.19 -53.14 -13.64
N MET D 83 -50.72 -53.69 -12.55
CA MET D 83 -50.36 -55.03 -12.11
C MET D 83 -51.63 -55.87 -11.98
N ASN D 84 -51.79 -56.83 -12.89
CA ASN D 84 -52.92 -57.74 -12.85
C ASN D 84 -52.56 -58.98 -12.04
N SER D 85 -53.56 -59.83 -11.81
CA SER D 85 -53.41 -61.06 -11.03
C SER D 85 -52.82 -60.77 -9.65
N VAL D 86 -53.45 -59.81 -8.96
CA VAL D 86 -52.96 -59.41 -7.64
C VAL D 86 -53.26 -60.51 -6.62
N ARG D 87 -52.56 -60.42 -5.49
CA ARG D 87 -52.70 -61.43 -4.44
C ARG D 87 -52.47 -60.76 -3.09
N ALA D 88 -52.35 -61.58 -2.03
CA ALA D 88 -52.29 -61.04 -0.68
C ALA D 88 -50.94 -60.37 -0.40
N GLU D 89 -49.85 -61.02 -0.82
CA GLU D 89 -48.52 -60.48 -0.52
C GLU D 89 -48.19 -59.22 -1.30
N ASP D 90 -49.04 -58.80 -2.23
CA ASP D 90 -48.81 -57.58 -2.98
C ASP D 90 -49.20 -56.33 -2.19
N THR D 91 -49.83 -56.48 -1.04
CA THR D 91 -50.21 -55.35 -0.19
C THR D 91 -48.96 -54.60 0.30
N ALA D 92 -48.78 -53.38 -0.18
CA ALA D 92 -47.60 -52.59 0.18
C ALA D 92 -47.87 -51.14 -0.23
N VAL D 93 -46.92 -50.27 0.07
CA VAL D 93 -46.97 -48.86 -0.32
C VAL D 93 -45.96 -48.68 -1.44
N TYR D 94 -46.46 -48.56 -2.67
CA TYR D 94 -45.62 -48.50 -3.86
C TYR D 94 -45.16 -47.06 -4.09
N PHE D 95 -43.84 -46.86 -4.09
CA PHE D 95 -43.24 -45.57 -4.35
C PHE D 95 -42.68 -45.52 -5.77
N CYS D 96 -42.70 -44.34 -6.36
CA CYS D 96 -42.10 -44.10 -7.67
C CYS D 96 -40.97 -43.10 -7.51
N ALA D 97 -39.75 -43.55 -7.78
CA ALA D 97 -38.56 -42.75 -7.54
C ALA D 97 -37.70 -42.68 -8.79
N ARG D 98 -37.07 -41.53 -9.00
CA ARG D 98 -36.16 -41.32 -10.13
C ARG D 98 -34.74 -41.73 -9.75
N VAL D 99 -34.03 -42.29 -10.73
CA VAL D 99 -32.68 -42.80 -10.52
C VAL D 99 -31.69 -41.83 -11.15
N TRP D 100 -30.67 -41.43 -10.38
CA TRP D 100 -29.64 -40.56 -10.91
C TRP D 100 -28.84 -41.26 -12.00
N TYR D 101 -28.27 -42.42 -11.68
CA TYR D 101 -27.63 -43.27 -12.66
C TYR D 101 -27.79 -44.71 -12.22
N TYR D 102 -27.75 -45.62 -13.20
CA TYR D 102 -28.11 -47.02 -12.95
C TYR D 102 -27.28 -47.63 -11.83
N TYR D 103 -25.96 -47.44 -11.88
CA TYR D 103 -25.10 -47.98 -10.83
C TYR D 103 -24.97 -47.00 -9.68
N GLY D 104 -26.10 -46.54 -9.15
CA GLY D 104 -26.13 -45.60 -8.06
C GLY D 104 -27.43 -45.63 -7.30
N PRO D 105 -27.59 -44.70 -6.35
CA PRO D 105 -28.80 -44.66 -5.53
C PRO D 105 -29.91 -43.86 -6.19
N ARG D 106 -31.07 -43.86 -5.52
CA ARG D 106 -32.19 -43.05 -5.96
C ARG D 106 -32.11 -41.67 -5.33
N ASP D 107 -32.46 -40.65 -6.11
CA ASP D 107 -32.32 -39.26 -5.67
C ASP D 107 -33.58 -38.78 -4.94
N TYR D 108 -34.71 -38.78 -5.64
CA TYR D 108 -35.97 -38.29 -5.10
C TYR D 108 -37.04 -39.37 -5.16
N TRP D 109 -37.81 -39.50 -4.08
CA TRP D 109 -38.88 -40.48 -3.97
C TRP D 109 -40.22 -39.81 -4.24
N GLY D 110 -41.31 -40.57 -4.06
CA GLY D 110 -42.64 -40.04 -4.21
C GLY D 110 -43.25 -39.61 -2.90
N GLN D 111 -44.54 -39.87 -2.72
CA GLN D 111 -45.24 -39.55 -1.48
C GLN D 111 -45.85 -40.75 -0.79
N GLY D 112 -46.29 -41.77 -1.53
CA GLY D 112 -46.83 -42.97 -0.90
C GLY D 112 -48.32 -43.11 -1.12
N THR D 113 -48.73 -44.31 -1.51
CA THR D 113 -50.14 -44.64 -1.71
C THR D 113 -50.38 -46.03 -1.14
N LEU D 114 -51.24 -46.12 -0.12
CA LEU D 114 -51.53 -47.39 0.53
C LEU D 114 -52.40 -48.24 -0.40
N VAL D 115 -51.82 -49.31 -0.93
CA VAL D 115 -52.51 -50.24 -1.83
C VAL D 115 -52.58 -51.58 -1.12
N THR D 116 -53.78 -51.97 -0.69
CA THR D 116 -54.01 -53.24 -0.03
C THR D 116 -54.98 -54.08 -0.85
N VAL D 117 -54.89 -55.40 -0.68
CA VAL D 117 -55.72 -56.33 -1.45
C VAL D 117 -56.58 -57.14 -0.50
N SER D 118 -57.80 -56.66 -0.25
CA SER D 118 -58.75 -57.36 0.61
C SER D 118 -60.13 -56.74 0.41
N SER D 119 -61.11 -57.57 0.05
CA SER D 119 -62.49 -57.11 -0.09
C SER D 119 -63.41 -58.27 0.28
N ALA D 120 -63.84 -58.32 1.54
CA ALA D 120 -64.76 -59.34 1.99
C ALA D 120 -66.20 -58.81 1.99
N SER D 121 -66.44 -57.76 2.78
CA SER D 121 -67.75 -57.16 2.91
C SER D 121 -67.64 -55.90 3.75
N THR D 122 -68.71 -55.10 3.76
CA THR D 122 -68.78 -53.87 4.55
C THR D 122 -69.61 -54.14 5.79
N LYS D 123 -68.91 -54.47 6.89
CA LYS D 123 -69.55 -54.78 8.17
C LYS D 123 -69.19 -53.72 9.20
N GLY D 124 -70.19 -53.21 9.89
CA GLY D 124 -69.98 -52.22 10.91
C GLY D 124 -69.37 -52.80 12.17
N PRO D 125 -68.55 -52.01 12.88
CA PRO D 125 -67.90 -52.51 14.09
C PRO D 125 -68.86 -52.71 15.25
N SER D 126 -68.35 -53.22 16.37
CA SER D 126 -69.15 -53.45 17.56
C SER D 126 -68.29 -53.13 18.78
N VAL D 127 -68.88 -52.46 19.76
CA VAL D 127 -68.19 -52.02 20.97
C VAL D 127 -68.51 -53.00 22.09
N PHE D 128 -67.47 -53.44 22.80
CA PHE D 128 -67.60 -54.33 23.95
C PHE D 128 -66.96 -53.67 25.16
N PRO D 129 -67.70 -53.43 26.25
CA PRO D 129 -67.11 -52.74 27.40
C PRO D 129 -66.16 -53.64 28.17
N LEU D 130 -64.98 -53.11 28.49
CA LEU D 130 -63.99 -53.83 29.29
C LEU D 130 -64.36 -53.65 30.76
N ALA D 131 -65.33 -54.44 31.19
CA ALA D 131 -65.90 -54.34 32.53
C ALA D 131 -64.88 -54.72 33.60
N PRO D 132 -64.49 -53.78 34.47
CA PRO D 132 -63.59 -54.09 35.60
C PRO D 132 -64.35 -54.66 36.79
N SER D 133 -64.59 -55.96 36.75
CA SER D 133 -65.44 -56.63 37.73
C SER D 133 -64.80 -56.65 39.12
N SER D 134 -63.68 -57.38 39.27
CA SER D 134 -63.03 -57.52 40.56
C SER D 134 -61.52 -57.33 40.52
N LYS D 135 -60.89 -57.32 39.34
CA LYS D 135 -59.45 -57.20 39.26
C LYS D 135 -58.96 -55.76 39.30
N SER D 136 -59.85 -54.78 39.05
CA SER D 136 -59.47 -53.37 39.03
C SER D 136 -60.15 -52.58 40.13
N THR D 137 -60.54 -53.23 41.22
CA THR D 137 -61.19 -52.55 42.34
C THR D 137 -60.66 -52.98 43.69
N SER D 138 -59.71 -53.94 43.75
CA SER D 138 -59.19 -54.40 45.03
C SER D 138 -58.01 -53.56 45.50
N GLY D 139 -56.96 -53.48 44.68
CA GLY D 139 -55.78 -52.71 45.05
C GLY D 139 -55.19 -51.92 43.90
N GLY D 140 -54.95 -50.63 44.13
CA GLY D 140 -54.37 -49.77 43.12
C GLY D 140 -55.39 -48.89 42.42
N THR D 141 -55.08 -48.47 41.20
CA THR D 141 -55.96 -47.62 40.42
C THR D 141 -56.98 -48.49 39.68
N ALA D 142 -57.72 -47.88 38.75
CA ALA D 142 -58.74 -48.58 37.98
C ALA D 142 -58.70 -48.08 36.55
N ALA D 143 -59.20 -48.93 35.64
CA ALA D 143 -59.23 -48.60 34.22
C ALA D 143 -60.25 -49.50 33.53
N LEU D 144 -60.81 -48.98 32.44
CA LEU D 144 -61.79 -49.73 31.66
C LEU D 144 -61.85 -49.14 30.26
N GLY D 145 -61.92 -49.99 29.25
CA GLY D 145 -61.94 -49.52 27.88
C GLY D 145 -63.02 -50.16 27.03
N CYS D 146 -62.82 -50.14 25.71
CA CYS D 146 -63.78 -50.72 24.77
C CYS D 146 -63.02 -51.32 23.59
N LEU D 147 -63.54 -52.43 23.07
CA LEU D 147 -62.93 -53.15 21.96
C LEU D 147 -63.72 -52.90 20.68
N VAL D 148 -63.01 -52.54 19.62
CA VAL D 148 -63.60 -52.31 18.31
C VAL D 148 -63.23 -53.51 17.45
N LYS D 149 -64.22 -54.29 17.05
CA LYS D 149 -64.01 -55.51 16.28
C LYS D 149 -65.02 -55.59 15.14
N ASP D 150 -64.66 -56.36 14.11
CA ASP D 150 -65.51 -56.61 12.94
C ASP D 150 -65.81 -55.30 12.20
N TYR D 151 -64.75 -54.65 11.74
CA TYR D 151 -64.86 -53.42 10.95
C TYR D 151 -63.94 -53.55 9.74
N PHE D 152 -64.50 -53.35 8.55
CA PHE D 152 -63.72 -53.48 7.33
C PHE D 152 -62.87 -52.23 7.07
N PRO D 153 -63.44 -51.01 7.07
CA PRO D 153 -62.60 -49.82 6.95
C PRO D 153 -62.10 -49.39 8.33
N GLU D 154 -61.13 -48.47 8.32
CA GLU D 154 -60.58 -48.02 9.59
C GLU D 154 -60.61 -46.50 9.79
N PRO D 155 -61.73 -45.79 9.54
CA PRO D 155 -61.85 -44.39 9.96
C PRO D 155 -62.50 -44.25 11.33
N VAL D 156 -61.96 -44.96 12.32
CA VAL D 156 -62.58 -45.08 13.63
C VAL D 156 -61.90 -44.11 14.58
N THR D 157 -62.69 -43.20 15.15
CA THR D 157 -62.23 -42.28 16.19
C THR D 157 -62.92 -42.65 17.49
N VAL D 158 -62.16 -43.23 18.42
CA VAL D 158 -62.71 -43.74 19.68
C VAL D 158 -62.79 -42.58 20.66
N SER D 159 -64.00 -42.23 21.07
CA SER D 159 -64.24 -41.20 22.06
C SER D 159 -64.98 -41.79 23.26
N TRP D 160 -65.23 -40.95 24.26
CA TRP D 160 -65.90 -41.38 25.47
C TRP D 160 -66.91 -40.32 25.89
N ASN D 161 -68.12 -40.77 26.26
CA ASN D 161 -69.21 -39.89 26.68
C ASN D 161 -69.52 -38.85 25.61
N SER D 162 -69.54 -39.28 24.35
CA SER D 162 -69.82 -38.41 23.20
C SER D 162 -68.84 -37.23 23.14
N GLY D 163 -67.61 -37.44 23.57
CA GLY D 163 -66.59 -36.41 23.53
C GLY D 163 -66.40 -35.65 24.82
N ALA D 164 -67.14 -35.99 25.88
CA ALA D 164 -66.99 -35.26 27.14
C ALA D 164 -65.65 -35.54 27.80
N LEU D 165 -65.21 -36.79 27.80
CA LEU D 165 -63.92 -37.14 28.38
C LEU D 165 -62.80 -36.60 27.52
N THR D 166 -61.83 -35.93 28.16
CA THR D 166 -60.74 -35.25 27.46
C THR D 166 -59.40 -35.93 27.62
N SER D 167 -59.04 -36.37 28.82
CA SER D 167 -57.74 -36.94 29.09
C SER D 167 -57.87 -38.42 29.45
N GLY D 168 -56.75 -39.14 29.35
CA GLY D 168 -56.69 -40.54 29.66
C GLY D 168 -56.86 -41.47 28.48
N VAL D 169 -57.10 -40.94 27.29
CA VAL D 169 -57.33 -41.77 26.12
C VAL D 169 -56.04 -42.47 25.72
N HIS D 170 -56.12 -43.78 25.49
CA HIS D 170 -55.00 -44.60 25.04
C HIS D 170 -55.48 -45.42 23.86
N THR D 171 -55.31 -44.88 22.65
CA THR D 171 -55.75 -45.54 21.44
C THR D 171 -54.65 -46.46 20.90
N PHE D 172 -55.05 -47.65 20.47
CA PHE D 172 -54.13 -48.64 19.94
C PHE D 172 -54.37 -48.86 18.45
N PRO D 173 -53.31 -49.10 17.68
CA PRO D 173 -53.48 -49.33 16.24
C PRO D 173 -54.27 -50.59 15.95
N ALA D 174 -54.74 -50.69 14.71
CA ALA D 174 -55.54 -51.82 14.29
C ALA D 174 -54.67 -53.06 14.08
N VAL D 175 -55.30 -54.22 14.17
CA VAL D 175 -54.64 -55.51 13.98
C VAL D 175 -55.50 -56.35 13.03
N LEU D 176 -54.89 -56.88 11.98
CA LEU D 176 -55.62 -57.66 11.00
C LEU D 176 -56.12 -58.97 11.60
N GLN D 177 -57.38 -59.30 11.32
CA GLN D 177 -57.97 -60.54 11.78
C GLN D 177 -57.57 -61.67 10.83
N SER D 178 -58.23 -62.83 10.95
CA SER D 178 -57.84 -63.99 10.17
C SER D 178 -58.19 -63.81 8.70
N SER D 179 -59.47 -63.63 8.38
CA SER D 179 -59.91 -63.58 6.99
C SER D 179 -59.80 -62.18 6.40
N GLY D 180 -60.67 -61.26 6.83
CA GLY D 180 -60.66 -59.91 6.29
C GLY D 180 -60.85 -58.81 7.30
N LEU D 181 -61.23 -59.16 8.53
CA LEU D 181 -61.62 -58.17 9.51
C LEU D 181 -60.39 -57.55 10.18
N TYR D 182 -60.63 -56.62 11.09
CA TYR D 182 -59.57 -55.96 11.85
C TYR D 182 -60.02 -55.85 13.30
N SER D 183 -59.08 -55.43 14.15
CA SER D 183 -59.36 -55.29 15.57
C SER D 183 -58.46 -54.24 16.18
N LEU D 184 -59.07 -53.22 16.78
CA LEU D 184 -58.34 -52.21 17.53
C LEU D 184 -58.98 -52.08 18.91
N SER D 185 -58.21 -51.57 19.86
CA SER D 185 -58.64 -51.47 21.24
C SER D 185 -58.34 -50.07 21.77
N SER D 186 -58.84 -49.81 22.98
CA SER D 186 -58.64 -48.53 23.64
C SER D 186 -58.97 -48.71 25.12
N VAL D 187 -58.45 -47.79 25.94
CA VAL D 187 -58.66 -47.87 27.38
C VAL D 187 -58.39 -46.49 27.96
N VAL D 188 -59.03 -46.20 29.10
CA VAL D 188 -58.82 -44.95 29.82
C VAL D 188 -58.95 -45.24 31.32
N THR D 189 -58.00 -44.74 32.10
CA THR D 189 -58.02 -44.96 33.54
C THR D 189 -58.93 -43.93 34.22
N VAL D 190 -59.80 -44.40 35.09
CA VAL D 190 -60.68 -43.52 35.85
C VAL D 190 -59.95 -43.03 37.10
N PRO D 191 -59.92 -41.73 37.36
CA PRO D 191 -59.16 -41.22 38.52
C PRO D 191 -59.89 -41.43 39.85
N SER D 192 -60.44 -42.63 40.05
CA SER D 192 -61.14 -42.98 41.30
C SER D 192 -62.22 -41.97 41.66
N SER D 193 -62.87 -41.40 40.64
CA SER D 193 -63.90 -40.40 40.84
C SER D 193 -65.20 -40.69 40.12
N SER D 194 -65.23 -41.66 39.19
CA SER D 194 -66.44 -41.99 38.45
C SER D 194 -66.64 -43.49 38.35
N LEU D 195 -66.38 -44.23 39.44
CA LEU D 195 -66.56 -45.67 39.42
C LEU D 195 -68.03 -46.04 39.31
N GLY D 196 -68.85 -45.52 40.23
CA GLY D 196 -70.28 -45.78 40.21
C GLY D 196 -71.10 -44.51 40.17
N THR D 197 -70.43 -43.36 40.30
CA THR D 197 -71.13 -42.08 40.30
C THR D 197 -71.44 -41.62 38.87
N GLN D 198 -70.39 -41.39 38.07
CA GLN D 198 -70.54 -40.94 36.70
C GLN D 198 -70.21 -42.09 35.75
N THR D 199 -71.19 -42.48 34.94
CA THR D 199 -71.00 -43.59 34.02
C THR D 199 -70.15 -43.14 32.83
N TYR D 200 -68.97 -43.75 32.69
CA TYR D 200 -68.09 -43.47 31.56
C TYR D 200 -68.52 -44.37 30.40
N ILE D 201 -69.21 -43.78 29.43
CA ILE D 201 -69.72 -44.51 28.28
C ILE D 201 -68.77 -44.29 27.11
N CYS D 202 -68.26 -45.38 26.57
CA CYS D 202 -67.37 -45.31 25.41
C CYS D 202 -68.18 -45.10 24.14
N ASN D 203 -67.71 -44.16 23.31
CA ASN D 203 -68.42 -43.76 22.09
C ASN D 203 -67.54 -44.06 20.89
N VAL D 204 -67.85 -45.16 20.20
CA VAL D 204 -67.17 -45.47 18.95
C VAL D 204 -67.85 -44.72 17.79
N ASN D 205 -67.12 -44.58 16.69
CA ASN D 205 -67.63 -43.85 15.54
C ASN D 205 -67.07 -44.46 14.28
N HIS D 206 -67.95 -44.83 13.35
CA HIS D 206 -67.57 -45.39 12.06
C HIS D 206 -68.37 -44.68 10.98
N LYS D 207 -67.69 -43.94 10.12
CA LYS D 207 -68.30 -43.08 9.11
C LYS D 207 -68.96 -43.84 7.95
N PRO D 208 -68.30 -44.86 7.36
CA PRO D 208 -68.82 -45.40 6.09
C PRO D 208 -70.26 -45.91 6.13
N SER D 209 -70.59 -46.86 7.01
CA SER D 209 -71.89 -47.50 6.93
C SER D 209 -72.59 -47.41 8.28
N ASN D 210 -73.26 -46.30 8.51
CA ASN D 210 -74.30 -46.12 9.54
C ASN D 210 -73.96 -46.84 10.85
N THR D 211 -72.85 -46.42 11.46
CA THR D 211 -72.41 -47.00 12.73
C THR D 211 -72.13 -45.89 13.72
N LYS D 212 -73.02 -45.73 14.70
CA LYS D 212 -72.83 -44.75 15.77
C LYS D 212 -73.62 -45.23 16.98
N VAL D 213 -72.93 -45.85 17.94
CA VAL D 213 -73.56 -46.43 19.11
C VAL D 213 -72.80 -46.00 20.35
N ASP D 214 -73.48 -46.07 21.49
CA ASP D 214 -72.91 -45.74 22.80
C ASP D 214 -73.32 -46.83 23.78
N LYS D 215 -72.46 -47.84 23.94
CA LYS D 215 -72.75 -48.94 24.84
C LYS D 215 -72.62 -48.47 26.30
N ARG D 216 -73.72 -48.57 27.04
CA ARG D 216 -73.70 -48.18 28.45
C ARG D 216 -72.75 -49.08 29.23
N VAL D 217 -71.94 -48.46 30.11
CA VAL D 217 -70.98 -49.21 30.90
C VAL D 217 -71.71 -49.99 31.99
N GLU D 218 -71.40 -51.28 32.09
CA GLU D 218 -71.97 -52.14 33.12
C GLU D 218 -70.85 -53.00 33.70
N PRO D 219 -70.13 -52.49 34.70
CA PRO D 219 -69.00 -53.26 35.26
C PRO D 219 -69.45 -54.41 36.14
N LYS D 220 -70.33 -55.27 35.63
CA LYS D 220 -70.83 -56.45 36.35
C LYS D 220 -71.40 -56.05 37.72
N SER D 221 -72.52 -55.33 37.65
CA SER D 221 -73.15 -54.79 38.85
C SER D 221 -73.46 -55.87 39.88
N CYS D 222 -73.54 -57.14 39.44
CA CYS D 222 -73.72 -58.24 40.38
C CYS D 222 -72.53 -58.37 41.32
N ASP D 223 -71.35 -57.93 40.88
CA ASP D 223 -70.16 -57.94 41.70
C ASP D 223 -70.11 -56.63 42.52
N LYS D 224 -68.95 -56.36 43.12
CA LYS D 224 -68.82 -55.20 44.01
C LYS D 224 -69.09 -53.91 43.26
N THR D 225 -68.26 -53.59 42.27
CA THR D 225 -68.41 -52.37 41.49
C THR D 225 -67.84 -52.53 40.08
N ILE E 2 -28.50 -63.95 -2.47
CA ILE E 2 -28.02 -62.67 -1.96
C ILE E 2 -29.01 -62.10 -0.93
N VAL E 3 -28.48 -61.75 0.24
CA VAL E 3 -29.29 -61.17 1.31
C VAL E 3 -28.41 -60.22 2.12
N MET E 4 -28.89 -59.00 2.33
CA MET E 4 -28.16 -57.99 3.08
C MET E 4 -28.49 -58.15 4.55
N THR E 5 -27.62 -58.85 5.29
CA THR E 5 -27.85 -59.06 6.71
C THR E 5 -27.73 -57.74 7.47
N GLN E 6 -28.70 -57.48 8.35
CA GLN E 6 -28.73 -56.24 9.11
C GLN E 6 -29.49 -56.50 10.40
N PRO E 7 -28.98 -56.04 11.55
CA PRO E 7 -29.69 -56.27 12.81
C PRO E 7 -31.05 -55.58 12.83
N HIS E 8 -31.95 -56.15 13.62
CA HIS E 8 -33.33 -55.64 13.68
C HIS E 8 -33.37 -54.29 14.40
N SER E 9 -32.80 -54.22 15.60
CA SER E 9 -32.83 -53.00 16.39
C SER E 9 -31.58 -52.92 17.26
N VAL E 10 -30.94 -51.75 17.26
CA VAL E 10 -29.76 -51.52 18.08
C VAL E 10 -29.61 -50.02 18.26
N SER E 11 -29.28 -49.60 19.48
CA SER E 11 -29.15 -48.18 19.81
C SER E 11 -28.23 -48.04 21.01
N GLU E 12 -28.06 -46.80 21.46
CA GLU E 12 -27.21 -46.49 22.60
C GLU E 12 -27.65 -45.16 23.18
N SER E 13 -27.05 -44.80 24.31
CA SER E 13 -27.40 -43.54 24.96
C SER E 13 -27.01 -42.36 24.07
N PRO E 14 -27.81 -41.30 24.08
CA PRO E 14 -27.47 -40.13 23.25
C PRO E 14 -26.15 -39.51 23.67
N GLY E 15 -25.26 -39.34 22.69
CA GLY E 15 -23.94 -38.79 22.96
C GLY E 15 -22.82 -39.70 22.50
N LYS E 16 -23.17 -40.95 22.18
CA LYS E 16 -22.21 -41.95 21.74
C LYS E 16 -22.18 -42.00 20.21
N THR E 17 -21.48 -42.97 19.67
CA THR E 17 -21.38 -43.16 18.22
C THR E 17 -21.74 -44.61 17.91
N VAL E 18 -22.86 -44.82 17.22
CA VAL E 18 -23.36 -46.15 16.89
C VAL E 18 -23.16 -46.39 15.40
N THR E 19 -22.85 -47.63 15.05
CA THR E 19 -22.63 -48.04 13.68
C THR E 19 -23.57 -49.20 13.34
N ILE E 20 -23.96 -49.28 12.07
CA ILE E 20 -24.85 -50.32 11.57
C ILE E 20 -24.11 -51.10 10.49
N SER E 21 -24.25 -52.42 10.53
CA SER E 21 -23.58 -53.32 9.60
C SER E 21 -24.57 -53.84 8.56
N CYS E 22 -24.11 -53.92 7.32
CA CYS E 22 -24.88 -54.45 6.20
C CYS E 22 -24.09 -55.55 5.49
N THR E 23 -23.60 -56.50 6.28
CA THR E 23 -22.76 -57.58 5.76
C THR E 23 -23.47 -58.35 4.66
N ARG E 24 -22.73 -58.65 3.59
CA ARG E 24 -23.27 -59.38 2.46
C ARG E 24 -23.21 -60.89 2.72
N SER E 25 -23.77 -61.66 1.81
CA SER E 25 -23.80 -63.11 1.99
C SER E 25 -23.02 -63.86 0.93
N SER E 26 -23.28 -63.62 -0.36
CA SER E 26 -22.63 -64.34 -1.44
C SER E 26 -22.26 -63.40 -2.58
N GLY E 27 -21.70 -62.25 -2.23
CA GLY E 27 -21.32 -61.27 -3.24
C GLY E 27 -20.07 -60.53 -2.83
N SER E 28 -19.31 -60.09 -3.84
CA SER E 28 -18.10 -59.32 -3.58
C SER E 28 -18.46 -57.94 -3.05
N ILE E 29 -17.69 -57.48 -2.06
CA ILE E 29 -17.97 -56.19 -1.45
C ILE E 29 -17.58 -55.05 -2.38
N ALA E 30 -16.56 -55.25 -3.22
CA ALA E 30 -16.10 -54.23 -4.16
C ALA E 30 -16.81 -54.29 -5.50
N SER E 31 -18.02 -54.86 -5.53
CA SER E 31 -18.78 -54.96 -6.78
C SER E 31 -19.33 -53.59 -7.18
N ASN E 32 -20.15 -53.00 -6.33
CA ASN E 32 -20.74 -51.69 -6.61
C ASN E 32 -20.74 -50.81 -5.37
N TYR E 33 -21.41 -49.67 -5.45
CA TYR E 33 -21.47 -48.74 -4.33
C TYR E 33 -22.52 -49.18 -3.33
N VAL E 34 -22.22 -49.00 -2.04
CA VAL E 34 -23.12 -49.33 -0.94
C VAL E 34 -23.64 -48.03 -0.36
N GLN E 35 -24.94 -47.80 -0.50
CA GLN E 35 -25.59 -46.57 -0.04
C GLN E 35 -26.44 -46.85 1.20
N TRP E 36 -26.89 -45.77 1.83
CA TRP E 36 -27.75 -45.85 3.01
C TRP E 36 -28.90 -44.87 2.85
N TYR E 37 -30.07 -45.25 3.35
CA TYR E 37 -31.26 -44.43 3.32
C TYR E 37 -31.72 -44.12 4.74
N GLN E 38 -32.82 -43.37 4.85
CA GLN E 38 -33.37 -43.00 6.14
C GLN E 38 -34.85 -42.69 5.96
N GLN E 39 -35.70 -43.44 6.66
CA GLN E 39 -37.15 -43.30 6.54
C GLN E 39 -37.75 -42.91 7.88
N ARG E 40 -38.50 -41.80 7.89
CA ARG E 40 -39.21 -41.38 9.09
C ARG E 40 -40.58 -42.05 9.17
N PRO E 41 -41.09 -42.28 10.38
CA PRO E 41 -42.41 -42.91 10.52
C PRO E 41 -43.50 -42.07 9.92
N GLY E 42 -44.15 -42.60 8.89
CA GLY E 42 -45.26 -41.92 8.24
C GLY E 42 -44.83 -40.93 7.17
N SER E 43 -43.83 -41.30 6.37
CA SER E 43 -43.35 -40.45 5.30
C SER E 43 -42.57 -41.33 4.31
N SER E 44 -41.89 -40.69 3.37
CA SER E 44 -41.09 -41.38 2.37
C SER E 44 -39.62 -41.34 2.74
N PRO E 45 -38.86 -42.40 2.45
CA PRO E 45 -37.44 -42.42 2.79
C PRO E 45 -36.66 -41.38 2.02
N THR E 46 -35.45 -41.08 2.52
CA THR E 46 -34.56 -40.12 1.89
C THR E 46 -33.14 -40.65 1.93
N THR E 47 -32.31 -40.15 1.03
CA THR E 47 -30.93 -40.59 0.93
C THR E 47 -30.07 -39.84 1.94
N VAL E 48 -29.30 -40.59 2.73
CA VAL E 48 -28.41 -40.00 3.72
C VAL E 48 -26.94 -40.10 3.31
N ILE E 49 -26.58 -41.07 2.47
CA ILE E 49 -25.21 -41.22 1.99
C ILE E 49 -25.26 -41.90 0.62
N TYR E 50 -24.21 -41.70 -0.16
CA TYR E 50 -24.13 -42.32 -1.48
C TYR E 50 -22.66 -42.56 -1.82
N GLU E 51 -22.42 -43.59 -2.62
CA GLU E 51 -21.09 -44.03 -3.04
C GLU E 51 -20.20 -44.44 -1.87
N ASP E 52 -20.78 -44.61 -0.68
CA ASP E 52 -20.13 -45.07 0.55
C ASP E 52 -19.11 -44.08 1.10
N ASN E 53 -18.81 -43.00 0.39
CA ASN E 53 -17.86 -42.00 0.88
C ASN E 53 -18.32 -40.57 0.71
N GLN E 54 -19.32 -40.28 -0.10
CA GLN E 54 -19.77 -38.91 -0.36
C GLN E 54 -21.08 -38.66 0.36
N ARG E 55 -21.25 -37.43 0.85
CA ARG E 55 -22.43 -37.03 1.61
C ARG E 55 -23.28 -36.06 0.80
N PRO E 56 -24.58 -36.28 0.71
CA PRO E 56 -25.43 -35.34 -0.04
C PRO E 56 -25.49 -33.99 0.65
N SER E 57 -25.79 -32.96 -0.15
CA SER E 57 -25.92 -31.62 0.37
C SER E 57 -27.20 -31.50 1.20
N GLY E 58 -27.05 -31.14 2.47
CA GLY E 58 -28.20 -31.02 3.35
C GLY E 58 -28.14 -31.98 4.52
N VAL E 59 -26.96 -32.51 4.80
CA VAL E 59 -26.77 -33.45 5.90
C VAL E 59 -25.68 -32.92 6.82
N PRO E 60 -25.90 -32.90 8.14
CA PRO E 60 -24.86 -32.41 9.06
C PRO E 60 -23.62 -33.28 9.00
N ASP E 61 -22.55 -32.79 9.63
CA ASP E 61 -21.27 -33.49 9.63
C ASP E 61 -21.24 -34.56 10.71
N ARG E 62 -22.22 -35.45 10.71
CA ARG E 62 -22.30 -36.53 11.68
C ARG E 62 -22.24 -37.90 11.03
N PHE E 63 -23.03 -38.13 9.97
CA PHE E 63 -23.02 -39.43 9.30
C PHE E 63 -21.75 -39.58 8.48
N SER E 64 -20.95 -40.59 8.82
CA SER E 64 -19.69 -40.87 8.13
C SER E 64 -19.68 -42.33 7.71
N GLY E 65 -19.67 -42.58 6.39
CA GLY E 65 -19.63 -43.92 5.88
C GLY E 65 -18.23 -44.43 5.64
N SER E 66 -18.09 -45.76 5.64
CA SER E 66 -16.81 -46.40 5.41
C SER E 66 -17.05 -47.78 4.80
N ILE E 67 -15.96 -48.48 4.52
CA ILE E 67 -16.02 -49.81 3.92
C ILE E 67 -15.00 -50.70 4.60
N ASP E 68 -15.42 -51.91 4.97
CA ASP E 68 -14.55 -52.89 5.63
C ASP E 68 -14.56 -54.15 4.78
N SER E 69 -13.57 -54.29 3.90
CA SER E 69 -13.48 -55.43 3.01
C SER E 69 -12.99 -56.70 3.70
N SER E 70 -12.59 -56.61 4.97
CA SER E 70 -12.10 -57.79 5.68
C SER E 70 -13.23 -58.76 6.02
N SER E 71 -14.49 -58.31 5.98
CA SER E 71 -15.61 -59.19 6.27
C SER E 71 -16.79 -58.99 5.33
N ASN E 72 -16.59 -58.29 4.21
CA ASN E 72 -17.65 -58.02 3.24
C ASN E 72 -18.84 -57.33 3.90
N SER E 73 -18.56 -56.19 4.54
CA SER E 73 -19.57 -55.46 5.27
C SER E 73 -19.26 -53.96 5.16
N ALA E 74 -20.26 -53.15 5.49
CA ALA E 74 -20.11 -51.70 5.51
C ALA E 74 -20.49 -51.18 6.88
N SER E 75 -20.22 -49.90 7.10
CA SER E 75 -20.50 -49.27 8.38
C SER E 75 -20.94 -47.83 8.15
N LEU E 76 -21.40 -47.20 9.23
CA LEU E 76 -21.85 -45.81 9.18
C LEU E 76 -21.65 -45.21 10.57
N THR E 77 -20.59 -44.43 10.73
CA THR E 77 -20.27 -43.81 12.01
C THR E 77 -21.20 -42.62 12.23
N ILE E 78 -22.18 -42.78 13.11
CA ILE E 78 -23.13 -41.72 13.42
C ILE E 78 -22.62 -41.04 14.68
N SER E 79 -21.80 -40.01 14.51
CA SER E 79 -21.25 -39.27 15.64
C SER E 79 -22.29 -38.30 16.18
N GLY E 80 -22.25 -38.10 17.50
CA GLY E 80 -23.18 -37.20 18.16
C GLY E 80 -24.61 -37.67 18.05
N LEU E 81 -24.91 -38.81 18.64
CA LEU E 81 -26.26 -39.38 18.58
C LEU E 81 -27.24 -38.48 19.34
N LYS E 82 -28.28 -38.02 18.64
CA LYS E 82 -29.28 -37.17 19.26
C LYS E 82 -30.69 -37.65 18.94
N THR E 83 -31.70 -36.83 19.25
CA THR E 83 -33.08 -37.26 19.13
C THR E 83 -33.53 -37.33 17.67
N GLU E 84 -32.95 -36.50 16.79
CA GLU E 84 -33.38 -36.49 15.40
C GLU E 84 -32.90 -37.70 14.62
N ASP E 85 -32.01 -38.52 15.20
CA ASP E 85 -31.51 -39.71 14.53
C ASP E 85 -32.45 -40.90 14.63
N GLU E 86 -33.57 -40.77 15.34
CA GLU E 86 -34.51 -41.87 15.53
C GLU E 86 -35.27 -42.09 14.22
N ALA E 87 -34.79 -43.03 13.41
CA ALA E 87 -35.42 -43.36 12.14
C ALA E 87 -35.02 -44.78 11.75
N ASP E 88 -35.45 -45.20 10.57
CA ASP E 88 -35.17 -46.53 10.04
C ASP E 88 -34.23 -46.40 8.86
N TYR E 89 -33.02 -46.92 9.01
CA TYR E 89 -32.02 -46.88 7.95
C TYR E 89 -32.07 -48.15 7.11
N TYR E 90 -31.61 -48.04 5.87
CA TYR E 90 -31.60 -49.15 4.93
C TYR E 90 -30.25 -49.19 4.22
N CYS E 91 -30.10 -50.16 3.34
CA CYS E 91 -28.88 -50.32 2.54
C CYS E 91 -29.26 -50.65 1.10
N GLN E 92 -28.29 -50.50 0.21
CA GLN E 92 -28.50 -50.75 -1.21
C GLN E 92 -27.17 -51.09 -1.86
N SER E 93 -27.18 -52.08 -2.74
CA SER E 93 -25.99 -52.48 -3.47
C SER E 93 -26.41 -53.31 -4.67
N TYR E 94 -25.82 -53.00 -5.82
CA TYR E 94 -26.09 -53.73 -7.06
C TYR E 94 -25.31 -55.06 -7.07
N ASP E 95 -25.71 -55.95 -6.16
CA ASP E 95 -25.03 -57.23 -5.97
C ASP E 95 -25.88 -58.32 -6.62
N GLY E 96 -25.55 -58.67 -7.86
CA GLY E 96 -26.27 -59.71 -8.56
C GLY E 96 -25.97 -59.75 -10.05
N SER E 97 -25.90 -60.95 -10.61
CA SER E 97 -25.67 -61.15 -12.03
C SER E 97 -26.96 -61.26 -12.83
N ASN E 98 -28.11 -60.96 -12.21
CA ASN E 98 -29.40 -61.05 -12.88
C ASN E 98 -30.13 -59.71 -12.87
N HIS E 99 -29.41 -58.60 -12.67
CA HIS E 99 -29.97 -57.25 -12.71
C HIS E 99 -31.10 -57.09 -11.69
N ASN E 100 -30.74 -57.24 -10.41
CA ASN E 100 -31.68 -57.11 -9.31
C ASN E 100 -31.01 -56.40 -8.14
N VAL E 101 -31.69 -55.39 -7.60
CA VAL E 101 -31.19 -54.63 -6.47
C VAL E 101 -31.75 -55.24 -5.19
N VAL E 102 -30.89 -55.37 -4.18
CA VAL E 102 -31.26 -55.96 -2.90
C VAL E 102 -31.09 -54.91 -1.82
N PHE E 103 -32.18 -54.60 -1.12
CA PHE E 103 -32.15 -53.64 -0.02
C PHE E 103 -31.77 -54.32 1.29
N GLY E 104 -31.39 -53.50 2.26
CA GLY E 104 -31.00 -54.01 3.56
C GLY E 104 -32.19 -54.49 4.38
N GLY E 105 -31.88 -54.92 5.60
CA GLY E 105 -32.90 -55.41 6.50
C GLY E 105 -33.74 -54.31 7.12
N GLY E 106 -33.09 -53.28 7.65
CA GLY E 106 -33.79 -52.18 8.26
C GLY E 106 -33.61 -52.10 9.77
N THR E 107 -32.75 -51.20 10.22
CA THR E 107 -32.48 -51.04 11.64
C THR E 107 -33.39 -49.96 12.22
N GLU E 108 -34.07 -50.29 13.31
CA GLU E 108 -34.98 -49.37 13.99
C GLU E 108 -34.19 -48.68 15.11
N LEU E 109 -33.48 -47.63 14.74
CA LEU E 109 -32.67 -46.90 15.71
C LEU E 109 -33.56 -46.11 16.66
N THR E 110 -33.41 -46.37 17.95
CA THR E 110 -34.19 -45.70 18.99
C THR E 110 -33.30 -44.75 19.78
N VAL E 111 -33.93 -44.02 20.69
CA VAL E 111 -33.25 -43.06 21.56
C VAL E 111 -33.21 -43.66 22.95
N LEU E 112 -32.04 -44.15 23.37
CA LEU E 112 -31.87 -44.78 24.67
C LEU E 112 -31.57 -43.75 25.75
N SER E 113 -32.45 -42.75 25.88
CA SER E 113 -32.27 -41.72 26.90
C SER E 113 -33.01 -42.06 28.18
N GLN E 114 -34.13 -42.74 28.08
CA GLN E 114 -34.91 -43.11 29.26
C GLN E 114 -34.19 -44.24 29.99
N PRO E 115 -33.79 -44.04 31.26
CA PRO E 115 -33.00 -45.08 31.96
C PRO E 115 -33.77 -46.36 32.20
N LYS E 116 -34.95 -46.27 32.81
CA LYS E 116 -35.74 -47.45 33.14
C LYS E 116 -37.17 -47.03 33.43
N ALA E 117 -38.12 -47.83 32.93
CA ALA E 117 -39.55 -47.57 33.14
C ALA E 117 -40.20 -48.86 33.62
N ALA E 118 -40.83 -48.81 34.79
CA ALA E 118 -41.47 -50.00 35.35
C ALA E 118 -42.89 -50.10 34.83
N PRO E 119 -43.27 -51.25 34.25
CA PRO E 119 -44.63 -51.41 33.72
C PRO E 119 -45.62 -51.82 34.79
N SER E 120 -46.90 -51.71 34.45
CA SER E 120 -48.00 -52.13 35.31
C SER E 120 -48.99 -52.95 34.50
N VAL E 121 -49.59 -53.94 35.16
CA VAL E 121 -50.52 -54.87 34.52
C VAL E 121 -51.87 -54.73 35.21
N THR E 122 -52.90 -54.42 34.43
CA THR E 122 -54.28 -54.31 34.92
C THR E 122 -55.12 -55.34 34.17
N LEU E 123 -55.20 -56.54 34.73
CA LEU E 123 -55.95 -57.62 34.09
C LEU E 123 -57.44 -57.29 34.06
N PHE E 124 -58.07 -57.45 32.90
CA PHE E 124 -59.48 -57.17 32.74
C PHE E 124 -60.25 -58.43 32.42
N PRO E 125 -61.32 -58.73 33.15
CA PRO E 125 -62.12 -59.92 32.84
C PRO E 125 -63.04 -59.65 31.65
N PRO E 126 -63.61 -60.70 31.06
CA PRO E 126 -64.53 -60.49 29.94
C PRO E 126 -65.83 -59.81 30.36
N SER E 127 -66.72 -59.57 29.41
CA SER E 127 -68.00 -58.91 29.66
C SER E 127 -69.14 -59.87 29.33
N SER E 128 -70.37 -59.35 29.39
CA SER E 128 -71.56 -60.14 29.12
C SER E 128 -72.13 -59.91 27.72
N GLU E 129 -71.68 -58.87 27.01
CA GLU E 129 -72.21 -58.60 25.68
C GLU E 129 -71.71 -59.63 24.67
N GLU E 130 -70.42 -59.96 24.72
CA GLU E 130 -69.87 -60.93 23.78
C GLU E 130 -70.19 -62.36 24.21
N LEU E 131 -70.28 -62.61 25.50
CA LEU E 131 -70.56 -63.96 26.01
C LEU E 131 -71.99 -64.42 25.73
N GLN E 132 -72.78 -63.70 24.95
CA GLN E 132 -74.17 -64.09 24.71
C GLN E 132 -74.26 -65.45 24.02
N ALA E 133 -73.76 -65.55 22.79
CA ALA E 133 -73.85 -66.81 22.06
C ALA E 133 -72.49 -67.39 21.69
N ASN E 134 -71.68 -66.72 20.87
CA ASN E 134 -70.49 -67.34 20.31
C ASN E 134 -69.30 -66.37 20.29
N LYS E 135 -69.11 -65.61 21.36
CA LYS E 135 -67.98 -64.68 21.42
C LYS E 135 -67.40 -64.65 22.83
N ALA E 136 -66.10 -64.39 22.90
CA ALA E 136 -65.37 -64.30 24.16
C ALA E 136 -64.02 -63.65 23.87
N THR E 137 -63.55 -62.84 24.82
CA THR E 137 -62.32 -62.07 24.64
C THR E 137 -61.52 -62.12 25.93
N LEU E 138 -60.38 -61.44 25.94
CA LEU E 138 -59.49 -61.41 27.10
C LEU E 138 -58.57 -60.21 26.97
N VAL E 139 -58.41 -59.44 28.05
CA VAL E 139 -57.58 -58.25 28.05
C VAL E 139 -56.58 -58.36 29.20
N CYS E 140 -55.34 -57.96 28.94
CA CYS E 140 -54.30 -57.92 29.97
C CYS E 140 -53.76 -56.52 30.21
N LEU E 141 -53.42 -55.78 29.14
CA LEU E 141 -53.11 -54.35 29.21
C LEU E 141 -51.94 -54.05 30.14
N ILE E 142 -50.77 -54.51 29.72
CA ILE E 142 -49.51 -54.12 30.34
C ILE E 142 -49.05 -52.82 29.66
N SER E 143 -48.89 -51.76 30.44
CA SER E 143 -48.62 -50.44 29.89
C SER E 143 -47.51 -49.77 30.70
N ASP E 144 -47.16 -48.55 30.28
CA ASP E 144 -46.18 -47.70 30.95
C ASP E 144 -44.81 -48.39 31.05
N PHE E 145 -44.24 -48.69 29.88
CA PHE E 145 -42.95 -49.34 29.79
C PHE E 145 -42.18 -48.81 28.58
N TYR E 146 -40.88 -48.58 28.77
CA TYR E 146 -40.03 -48.08 27.69
C TYR E 146 -39.63 -49.20 26.72
N PRO E 147 -39.07 -50.35 27.19
CA PRO E 147 -38.68 -51.38 26.23
C PRO E 147 -39.86 -52.04 25.54
N GLY E 148 -40.01 -51.82 24.24
CA GLY E 148 -41.14 -52.36 23.51
C GLY E 148 -41.17 -53.87 23.43
N ALA E 149 -40.03 -54.53 23.66
CA ALA E 149 -39.98 -55.98 23.62
C ALA E 149 -40.74 -56.56 24.81
N VAL E 150 -41.85 -57.23 24.54
CA VAL E 150 -42.69 -57.80 25.58
C VAL E 150 -42.48 -59.31 25.60
N THR E 151 -42.92 -59.94 26.67
CA THR E 151 -42.81 -61.39 26.87
C THR E 151 -44.14 -61.97 27.33
N VAL E 152 -45.21 -61.62 26.62
CA VAL E 152 -46.54 -62.08 26.97
C VAL E 152 -46.65 -63.58 26.71
N ALA E 153 -47.26 -64.30 27.65
CA ALA E 153 -47.48 -65.73 27.54
C ALA E 153 -48.93 -66.06 27.84
N TRP E 154 -49.43 -67.12 27.22
CA TRP E 154 -50.82 -67.52 27.38
C TRP E 154 -50.88 -69.04 27.56
N LYS E 155 -51.48 -69.47 28.67
CA LYS E 155 -51.68 -70.90 28.93
C LYS E 155 -52.74 -71.03 30.03
N ALA E 156 -53.76 -71.84 29.76
CA ALA E 156 -54.88 -72.00 30.69
C ALA E 156 -54.65 -73.16 31.65
N ASP E 157 -53.47 -73.17 32.29
CA ASP E 157 -53.13 -74.11 33.35
C ASP E 157 -53.16 -75.57 32.90
N SER E 158 -53.48 -75.82 31.62
CA SER E 158 -53.55 -77.18 31.11
C SER E 158 -52.89 -77.38 29.76
N SER E 159 -52.73 -76.34 28.94
CA SER E 159 -52.14 -76.48 27.62
C SER E 159 -51.67 -75.12 27.12
N PRO E 160 -50.53 -75.05 26.43
CA PRO E 160 -50.06 -73.76 25.91
C PRO E 160 -50.89 -73.29 24.73
N VAL E 161 -52.05 -72.72 25.01
CA VAL E 161 -52.93 -72.23 23.95
C VAL E 161 -52.31 -70.98 23.32
N LYS E 162 -51.98 -71.07 22.03
CA LYS E 162 -51.38 -69.95 21.32
C LYS E 162 -52.10 -69.69 20.00
N ALA E 163 -52.76 -70.71 19.46
CA ALA E 163 -53.46 -70.58 18.19
C ALA E 163 -54.70 -69.71 18.40
N GLY E 164 -54.61 -68.46 17.94
CA GLY E 164 -55.73 -67.54 18.06
C GLY E 164 -55.41 -66.30 18.86
N VAL E 165 -54.13 -65.94 18.93
CA VAL E 165 -53.69 -64.76 19.66
C VAL E 165 -53.68 -63.56 18.73
N GLU E 166 -54.23 -62.44 19.19
CA GLU E 166 -54.30 -61.19 18.43
C GLU E 166 -53.77 -60.08 19.33
N THR E 167 -52.46 -59.86 19.29
CA THR E 167 -51.83 -58.82 20.09
C THR E 167 -51.82 -57.49 19.33
N THR E 168 -51.87 -56.40 20.08
CA THR E 168 -51.88 -55.05 19.53
C THR E 168 -50.55 -54.38 19.81
N THR E 169 -49.97 -53.76 18.79
CA THR E 169 -48.71 -53.06 18.96
C THR E 169 -48.91 -51.80 19.79
N PRO E 170 -47.94 -51.44 20.63
CA PRO E 170 -48.09 -50.23 21.45
C PRO E 170 -48.00 -48.97 20.61
N SER E 171 -48.27 -47.85 21.26
CA SER E 171 -48.26 -46.53 20.64
C SER E 171 -47.14 -45.69 21.23
N LYS E 172 -46.40 -45.01 20.36
CA LYS E 172 -45.30 -44.16 20.81
C LYS E 172 -45.84 -42.87 21.40
N GLN E 173 -45.38 -42.52 22.59
CA GLN E 173 -45.79 -41.31 23.28
C GLN E 173 -44.58 -40.44 23.58
N SER E 174 -44.87 -39.19 23.96
CA SER E 174 -43.81 -38.23 24.27
C SER E 174 -43.16 -38.48 25.63
N ASN E 175 -43.75 -39.32 26.47
CA ASN E 175 -43.21 -39.63 27.79
C ASN E 175 -42.33 -40.89 27.76
N ASN E 176 -41.95 -41.37 26.57
CA ASN E 176 -41.11 -42.56 26.43
C ASN E 176 -41.76 -43.77 27.08
N LYS E 177 -43.08 -43.88 26.95
CA LYS E 177 -43.84 -44.98 27.52
C LYS E 177 -44.67 -45.64 26.42
N TYR E 178 -44.84 -46.95 26.54
CA TYR E 178 -45.62 -47.75 25.62
C TYR E 178 -46.80 -48.37 26.36
N ALA E 179 -47.63 -49.12 25.62
CA ALA E 179 -48.80 -49.75 26.20
C ALA E 179 -49.13 -50.98 25.35
N ALA E 180 -48.83 -52.16 25.86
CA ALA E 180 -49.12 -53.41 25.17
C ALA E 180 -50.45 -53.96 25.62
N SER E 181 -51.24 -54.43 24.66
CA SER E 181 -52.56 -55.00 24.95
C SER E 181 -52.76 -56.23 24.07
N SER E 182 -52.69 -57.41 24.69
CA SER E 182 -52.84 -58.67 23.99
C SER E 182 -54.27 -59.19 24.15
N TYR E 183 -54.91 -59.53 23.04
CA TYR E 183 -56.27 -60.03 23.02
C TYR E 183 -56.25 -61.50 22.60
N LEU E 184 -56.45 -62.39 23.56
CA LEU E 184 -56.49 -63.83 23.30
C LEU E 184 -57.90 -64.20 22.84
N SER E 185 -58.01 -64.61 21.57
CA SER E 185 -59.29 -65.02 21.00
C SER E 185 -59.37 -66.54 21.09
N LEU E 186 -60.04 -67.03 22.13
CA LEU E 186 -60.17 -68.46 22.37
C LEU E 186 -61.42 -69.00 21.70
N THR E 187 -61.79 -70.23 22.02
CA THR E 187 -62.95 -70.91 21.46
C THR E 187 -64.21 -70.54 22.25
N PRO E 188 -65.28 -70.14 21.56
CA PRO E 188 -66.49 -69.69 22.26
C PRO E 188 -67.23 -70.79 23.00
N GLU E 189 -67.51 -71.91 22.31
CA GLU E 189 -68.35 -72.95 22.88
C GLU E 189 -67.59 -73.93 23.76
N GLN E 190 -66.26 -73.97 23.67
CA GLN E 190 -65.44 -74.85 24.48
C GLN E 190 -64.86 -74.16 25.70
N TRP E 191 -65.59 -73.19 26.27
CA TRP E 191 -65.09 -72.50 27.46
C TRP E 191 -64.97 -73.43 28.66
N LYS E 192 -65.79 -74.48 28.71
CA LYS E 192 -65.78 -75.40 29.84
C LYS E 192 -64.56 -76.33 29.83
N SER E 193 -63.73 -76.28 28.79
CA SER E 193 -62.53 -77.12 28.76
C SER E 193 -61.53 -76.70 29.83
N HIS E 194 -61.49 -75.41 30.16
CA HIS E 194 -60.59 -74.88 31.18
C HIS E 194 -61.39 -74.00 32.13
N ARG E 195 -60.78 -73.68 33.27
CA ARG E 195 -61.44 -72.89 34.29
C ARG E 195 -60.64 -71.67 34.73
N SER E 196 -59.52 -71.38 34.07
CA SER E 196 -58.70 -70.23 34.43
C SER E 196 -57.80 -69.86 33.26
N TYR E 197 -57.74 -68.58 32.93
CA TYR E 197 -56.86 -68.07 31.88
C TYR E 197 -56.01 -66.96 32.48
N SER E 198 -54.69 -67.10 32.40
CA SER E 198 -53.76 -66.19 33.03
C SER E 198 -52.99 -65.39 31.98
N CYS E 199 -52.36 -64.31 32.44
CA CYS E 199 -51.51 -63.47 31.61
C CYS E 199 -50.17 -63.30 32.32
N GLN E 200 -49.19 -64.11 31.93
CA GLN E 200 -47.88 -64.12 32.58
C GLN E 200 -46.88 -63.44 31.64
N VAL E 201 -46.68 -62.15 31.85
CA VAL E 201 -45.71 -61.36 31.10
C VAL E 201 -44.47 -61.18 31.98
N THR E 202 -43.34 -61.73 31.53
CA THR E 202 -42.09 -61.67 32.28
C THR E 202 -41.18 -60.56 31.77
N HIS E 203 -41.75 -59.44 31.35
CA HIS E 203 -40.95 -58.31 30.89
C HIS E 203 -40.10 -57.75 32.03
N GLU E 204 -38.91 -57.27 31.67
CA GLU E 204 -37.98 -56.72 32.64
C GLU E 204 -38.57 -55.48 33.32
N GLY E 205 -38.83 -55.57 34.61
CA GLY E 205 -39.38 -54.46 35.37
C GLY E 205 -40.57 -54.83 36.21
N SER E 206 -41.43 -55.72 35.70
CA SER E 206 -42.62 -56.14 36.43
C SER E 206 -43.14 -57.43 35.80
N THR E 207 -43.74 -58.27 36.65
CA THR E 207 -44.30 -59.53 36.18
C THR E 207 -45.41 -59.96 37.15
N VAL E 208 -46.47 -60.54 36.59
CA VAL E 208 -47.61 -61.02 37.37
C VAL E 208 -47.99 -62.41 36.86
N GLU E 209 -48.80 -63.11 37.67
CA GLU E 209 -49.24 -64.45 37.34
C GLU E 209 -50.72 -64.62 37.70
N LYS E 210 -51.49 -63.54 37.64
CA LYS E 210 -52.90 -63.61 37.96
C LYS E 210 -53.69 -64.19 36.80
N THR E 211 -54.90 -64.65 37.11
CA THR E 211 -55.75 -65.32 36.13
C THR E 211 -57.18 -64.81 36.27
N VAL E 212 -58.04 -65.31 35.38
CA VAL E 212 -59.45 -64.95 35.38
C VAL E 212 -60.29 -66.19 35.70
N ALA E 213 -61.60 -66.01 35.80
CA ALA E 213 -62.53 -67.10 36.08
C ALA E 213 -63.73 -66.97 35.16
N PRO E 214 -64.30 -68.10 34.72
CA PRO E 214 -65.47 -68.05 33.84
C PRO E 214 -66.69 -67.46 34.54
N THR E 215 -66.99 -67.98 35.73
CA THR E 215 -68.11 -67.50 36.52
C THR E 215 -67.66 -67.31 37.96
N GLU E 216 -67.86 -66.10 38.48
CA GLU E 216 -67.46 -65.78 39.85
C GLU E 216 -68.67 -65.79 40.78
N GLU F 1 3.90 5.91 44.21
CA GLU F 1 2.90 6.94 44.48
C GLU F 1 2.51 6.91 45.96
N VAL F 2 2.04 5.76 46.42
CA VAL F 2 1.66 5.61 47.82
C VAL F 2 2.91 5.52 48.67
N GLN F 3 2.99 6.37 49.70
CA GLN F 3 4.13 6.40 50.60
C GLN F 3 3.66 6.69 52.01
N LEU F 4 4.23 5.99 52.98
CA LEU F 4 3.86 6.13 54.38
C LEU F 4 5.11 6.45 55.20
N VAL F 5 4.94 7.37 56.15
CA VAL F 5 6.02 7.77 57.05
C VAL F 5 5.59 7.49 58.48
N GLN F 6 6.56 7.13 59.32
CA GLN F 6 6.30 6.83 60.72
C GLN F 6 7.17 7.72 61.61
N SER F 7 6.69 7.95 62.83
CA SER F 7 7.40 8.78 63.79
C SER F 7 6.91 8.43 65.19
N GLY F 8 7.82 8.48 66.16
CA GLY F 8 7.48 8.18 67.53
C GLY F 8 8.34 7.09 68.14
N GLY F 9 9.35 6.65 67.40
CA GLY F 9 10.23 5.61 67.92
C GLY F 9 11.17 6.16 68.99
N GLY F 10 11.33 5.40 70.06
CA GLY F 10 12.17 5.81 71.16
C GLY F 10 12.50 4.69 72.12
N LEU F 11 12.70 5.03 73.39
CA LEU F 11 13.06 4.06 74.41
C LEU F 11 12.62 4.58 75.77
N VAL F 12 11.70 3.87 76.41
CA VAL F 12 11.17 4.24 77.71
C VAL F 12 11.26 3.03 78.63
N GLN F 13 10.77 3.21 79.86
CA GLN F 13 10.72 2.17 80.87
C GLN F 13 9.35 1.52 80.91
N PRO F 14 9.26 0.28 81.39
CA PRO F 14 7.95 -0.38 81.50
C PRO F 14 7.00 0.40 82.39
N GLY F 15 5.91 0.88 81.79
CA GLY F 15 4.93 1.68 82.50
C GLY F 15 4.58 2.97 81.79
N GLY F 16 5.56 3.56 81.12
CA GLY F 16 5.32 4.80 80.40
C GLY F 16 4.69 4.53 79.05
N SER F 17 3.70 5.35 78.69
CA SER F 17 2.99 5.21 77.43
C SER F 17 3.74 5.92 76.31
N LEU F 18 3.40 5.56 75.07
CA LEU F 18 4.01 6.14 73.89
C LEU F 18 2.91 6.42 72.86
N ARG F 19 3.30 7.01 71.73
CA ARG F 19 2.39 7.28 70.63
C ARG F 19 3.13 7.11 69.32
N LEU F 20 2.56 6.32 68.41
CA LEU F 20 3.11 6.10 67.09
C LEU F 20 2.21 6.75 66.06
N SER F 21 2.82 7.39 65.07
CA SER F 21 2.08 8.11 64.04
C SER F 21 2.37 7.50 62.67
N CYS F 22 1.41 7.68 61.76
CA CYS F 22 1.56 7.18 60.39
C CYS F 22 0.68 8.04 59.50
N ALA F 23 1.31 8.90 58.68
CA ALA F 23 0.60 9.82 57.81
C ALA F 23 0.56 9.27 56.39
N ALA F 24 -0.63 9.19 55.82
CA ALA F 24 -0.80 8.71 54.46
C ALA F 24 -0.97 9.89 53.50
N SER F 25 -0.52 9.68 52.25
CA SER F 25 -0.60 10.73 51.24
C SER F 25 -0.52 10.07 49.88
N GLY F 26 -1.57 10.24 49.07
CA GLY F 26 -1.58 9.69 47.73
C GLY F 26 -2.87 8.99 47.36
N PHE F 27 -3.81 8.93 48.30
CA PHE F 27 -5.09 8.28 48.07
C PHE F 27 -6.10 8.85 49.07
N THR F 28 -7.27 8.22 49.15
CA THR F 28 -8.33 8.66 50.04
C THR F 28 -8.22 7.93 51.37
N PHE F 29 -8.17 8.69 52.46
CA PHE F 29 -8.04 8.14 53.80
C PHE F 29 -9.38 7.67 54.38
N SER F 30 -10.44 7.67 53.59
CA SER F 30 -11.77 7.27 54.05
C SER F 30 -12.35 6.16 53.17
N SER F 31 -11.48 5.36 52.54
CA SER F 31 -11.96 4.29 51.67
C SER F 31 -11.14 3.01 51.83
N TYR F 32 -10.32 2.90 52.87
CA TYR F 32 -9.50 1.72 53.07
C TYR F 32 -9.33 1.47 54.56
N TRP F 33 -9.30 0.19 54.93
CA TRP F 33 -9.08 -0.18 56.32
C TRP F 33 -7.61 0.00 56.70
N MET F 34 -7.37 0.18 57.99
CA MET F 34 -6.02 0.36 58.52
C MET F 34 -5.73 -0.68 59.58
N SER F 35 -4.46 -1.05 59.71
CA SER F 35 -4.04 -2.06 60.66
C SER F 35 -2.61 -1.78 61.09
N TRP F 36 -2.19 -2.45 62.17
CA TRP F 36 -0.84 -2.36 62.69
C TRP F 36 -0.27 -3.76 62.88
N VAL F 37 0.98 -3.94 62.48
CA VAL F 37 1.66 -5.23 62.61
C VAL F 37 3.06 -4.98 63.13
N ARG F 38 3.41 -5.63 64.24
CA ARG F 38 4.73 -5.52 64.83
C ARG F 38 5.56 -6.77 64.50
N GLN F 39 6.88 -6.62 64.60
CA GLN F 39 7.82 -7.69 64.30
C GLN F 39 8.85 -7.77 65.42
N ALA F 40 8.81 -8.85 66.19
CA ALA F 40 9.81 -9.07 67.21
C ALA F 40 11.17 -9.32 66.56
N PRO F 41 12.27 -8.94 67.23
CA PRO F 41 13.59 -9.14 66.64
C PRO F 41 13.92 -10.62 66.43
N GLY F 42 14.04 -11.03 65.18
CA GLY F 42 14.31 -12.40 64.83
C GLY F 42 13.09 -13.28 64.69
N LYS F 43 11.94 -12.88 65.25
CA LYS F 43 10.73 -13.66 65.18
C LYS F 43 9.89 -13.21 63.99
N GLY F 44 8.65 -13.69 63.91
CA GLY F 44 7.77 -13.35 62.82
C GLY F 44 6.86 -12.17 63.13
N LEU F 45 5.96 -11.90 62.20
CA LEU F 45 5.04 -10.79 62.34
C LEU F 45 3.95 -11.12 63.35
N GLU F 46 3.28 -10.07 63.84
CA GLU F 46 2.21 -10.21 64.83
C GLU F 46 1.11 -9.21 64.52
N TRP F 47 -0.11 -9.69 64.40
CA TRP F 47 -1.26 -8.82 64.17
C TRP F 47 -1.65 -8.11 65.47
N VAL F 48 -2.17 -6.89 65.33
CA VAL F 48 -2.51 -6.08 66.48
C VAL F 48 -3.99 -5.73 66.48
N ALA F 49 -4.43 -4.99 65.47
CA ALA F 49 -5.81 -4.53 65.42
C ALA F 49 -6.15 -4.08 64.00
N ASN F 50 -7.43 -3.78 63.80
CA ASN F 50 -7.94 -3.29 62.53
C ASN F 50 -9.08 -2.33 62.81
N ILE F 51 -8.99 -1.12 62.27
CA ILE F 51 -9.97 -0.08 62.51
C ILE F 51 -10.89 0.05 61.30
N ASN F 52 -12.11 0.51 61.53
CA ASN F 52 -13.10 0.66 60.49
C ASN F 52 -12.77 1.87 59.62
N GLN F 53 -13.65 2.15 58.64
CA GLN F 53 -13.44 3.29 57.76
C GLN F 53 -13.51 4.61 58.52
N ASP F 54 -14.29 4.66 59.61
CA ASP F 54 -14.44 5.87 60.41
C ASP F 54 -13.88 5.73 61.81
N GLY F 55 -14.01 4.56 62.44
CA GLY F 55 -13.50 4.35 63.77
C GLY F 55 -14.50 3.70 64.70
N GLY F 56 -15.69 3.41 64.19
CA GLY F 56 -16.73 2.80 64.99
C GLY F 56 -16.42 1.38 65.42
N GLU F 57 -16.32 0.47 64.44
CA GLU F 57 -16.05 -0.93 64.72
C GLU F 57 -14.55 -1.16 64.80
N LYS F 58 -14.07 -1.60 65.96
CA LYS F 58 -12.66 -1.87 66.18
C LYS F 58 -12.52 -3.23 66.86
N TYR F 59 -11.50 -3.99 66.46
CA TYR F 59 -11.24 -5.32 67.01
C TYR F 59 -9.76 -5.44 67.33
N TYR F 60 -9.46 -5.84 68.57
CA TYR F 60 -8.09 -6.00 69.04
C TYR F 60 -7.81 -7.47 69.32
N VAL F 61 -6.52 -7.84 69.22
CA VAL F 61 -6.12 -9.20 69.53
C VAL F 61 -6.17 -9.42 71.04
N ASP F 62 -6.48 -10.65 71.45
CA ASP F 62 -6.66 -10.96 72.86
C ASP F 62 -5.38 -10.80 73.67
N SER F 63 -4.22 -10.71 73.02
CA SER F 63 -2.97 -10.59 73.77
C SER F 63 -2.82 -9.20 74.38
N VAL F 64 -3.29 -8.16 73.69
CA VAL F 64 -3.11 -6.78 74.17
C VAL F 64 -4.47 -6.11 74.31
N LYS F 65 -5.51 -6.90 74.61
CA LYS F 65 -6.84 -6.34 74.78
C LYS F 65 -6.88 -5.39 75.97
N GLY F 66 -7.51 -4.25 75.78
CA GLY F 66 -7.65 -3.25 76.84
C GLY F 66 -6.60 -2.17 76.89
N ARG F 67 -5.32 -2.56 76.90
CA ARG F 67 -4.22 -1.62 77.01
C ARG F 67 -3.72 -1.12 75.66
N PHE F 68 -4.50 -1.30 74.59
CA PHE F 68 -4.13 -0.83 73.27
C PHE F 68 -5.36 -0.20 72.61
N THR F 69 -5.17 0.96 71.99
CA THR F 69 -6.26 1.69 71.35
C THR F 69 -5.77 2.26 70.03
N ILE F 70 -6.49 1.95 68.96
CA ILE F 70 -6.18 2.44 67.61
C ILE F 70 -7.22 3.49 67.24
N SER F 71 -6.76 4.57 66.62
CA SER F 71 -7.66 5.66 66.23
C SER F 71 -7.13 6.31 64.96
N ARG F 72 -8.04 6.90 64.20
CA ARG F 72 -7.70 7.58 62.96
C ARG F 72 -8.55 8.84 62.84
N ASP F 73 -8.07 9.77 62.01
CA ASP F 73 -8.77 11.03 61.77
C ASP F 73 -8.66 11.39 60.30
N ASN F 74 -9.80 11.48 59.62
CA ASN F 74 -9.80 11.80 58.20
C ASN F 74 -9.42 13.25 57.93
N ALA F 75 -9.58 14.13 58.90
CA ALA F 75 -9.28 15.55 58.71
C ALA F 75 -7.79 15.86 58.75
N LYS F 76 -6.93 14.85 58.97
CA LYS F 76 -5.49 15.06 59.01
C LYS F 76 -4.70 14.04 58.20
N ASN F 77 -5.33 12.96 57.73
CA ASN F 77 -4.64 11.93 56.97
C ASN F 77 -3.46 11.36 57.74
N SER F 78 -3.71 10.97 58.99
CA SER F 78 -2.67 10.44 59.85
C SER F 78 -3.26 9.37 60.75
N LEU F 79 -2.56 8.25 60.86
CA LEU F 79 -2.98 7.13 61.70
C LEU F 79 -2.22 7.16 63.02
N PHE F 80 -2.92 6.81 64.10
CA PHE F 80 -2.34 6.84 65.43
C PHE F 80 -2.65 5.54 66.16
N LEU F 81 -1.70 5.08 66.98
CA LEU F 81 -1.85 3.91 67.83
C LEU F 81 -1.34 4.28 69.22
N GLN F 82 -2.24 4.78 70.07
CA GLN F 82 -1.90 5.18 71.42
C GLN F 82 -2.28 4.07 72.38
N MET F 83 -1.29 3.55 73.11
CA MET F 83 -1.48 2.45 74.03
C MET F 83 -0.93 2.83 75.41
N ASN F 84 -1.07 1.92 76.36
CA ASN F 84 -0.60 2.14 77.72
C ASN F 84 -0.23 0.79 78.33
N SER F 85 0.32 0.85 79.55
CA SER F 85 0.74 -0.34 80.28
C SER F 85 1.73 -1.17 79.47
N VAL F 86 2.78 -0.51 78.97
CA VAL F 86 3.78 -1.20 78.18
C VAL F 86 4.55 -2.18 79.05
N ARG F 87 4.73 -3.40 78.55
CA ARG F 87 5.40 -4.45 79.30
C ARG F 87 6.55 -5.05 78.53
N ALA F 88 7.12 -6.14 79.04
CA ALA F 88 8.34 -6.69 78.44
C ALA F 88 8.08 -7.25 77.04
N GLU F 89 6.93 -7.89 76.83
CA GLU F 89 6.63 -8.51 75.54
C GLU F 89 6.20 -7.49 74.49
N ASP F 90 6.32 -6.20 74.76
CA ASP F 90 6.00 -5.16 73.79
C ASP F 90 7.25 -4.64 73.08
N THR F 91 8.34 -5.40 73.09
CA THR F 91 9.59 -5.00 72.44
C THR F 91 9.60 -5.58 71.03
N ALA F 92 9.33 -4.73 70.04
CA ALA F 92 9.29 -5.15 68.64
C ALA F 92 9.44 -3.90 67.78
N VAL F 93 9.39 -4.10 66.47
CA VAL F 93 9.47 -3.03 65.49
C VAL F 93 8.10 -2.93 64.83
N TYR F 94 7.32 -1.95 65.26
CA TYR F 94 5.97 -1.77 64.71
C TYR F 94 6.03 -1.21 63.29
N PHE F 95 5.04 -1.57 62.49
CA PHE F 95 4.91 -1.11 61.12
C PHE F 95 3.56 -0.41 60.94
N CYS F 96 3.31 0.01 59.70
CA CYS F 96 2.05 0.68 59.35
C CYS F 96 1.63 0.18 57.97
N ALA F 97 0.52 -0.54 57.90
CA ALA F 97 0.05 -1.13 56.66
C ALA F 97 -1.44 -0.88 56.50
N ARG F 98 -1.85 -0.54 55.29
CA ARG F 98 -3.25 -0.35 54.96
C ARG F 98 -3.82 -1.62 54.34
N VAL F 99 -5.13 -1.78 54.48
CA VAL F 99 -5.84 -2.96 54.01
C VAL F 99 -6.70 -2.57 52.81
N TRP F 100 -6.52 -3.30 51.70
CA TRP F 100 -7.31 -3.05 50.50
C TRP F 100 -8.80 -3.30 50.77
N TYR F 101 -9.13 -4.55 51.11
CA TYR F 101 -10.47 -4.89 51.57
C TYR F 101 -10.33 -5.88 52.72
N TYR F 102 -11.38 -5.97 53.54
CA TYR F 102 -11.29 -6.68 54.81
C TYR F 102 -10.78 -8.11 54.64
N TYR F 103 -11.34 -8.83 53.67
CA TYR F 103 -10.91 -10.19 53.40
C TYR F 103 -9.82 -10.24 52.33
N GLY F 104 -8.77 -9.44 52.52
CA GLY F 104 -7.70 -9.35 51.55
C GLY F 104 -6.36 -9.03 52.18
N PRO F 105 -5.32 -8.92 51.35
CA PRO F 105 -3.98 -8.66 51.88
C PRO F 105 -3.76 -7.19 52.18
N ARG F 106 -2.52 -6.88 52.57
CA ARG F 106 -2.09 -5.52 52.85
C ARG F 106 -1.22 -5.04 51.69
N ASP F 107 -1.69 -4.02 50.97
CA ASP F 107 -0.99 -3.55 49.79
C ASP F 107 0.38 -2.98 50.14
N TYR F 108 0.40 -1.91 50.94
CA TYR F 108 1.63 -1.21 51.26
C TYR F 108 1.96 -1.36 52.75
N TRP F 109 3.22 -1.10 53.08
CA TRP F 109 3.72 -1.18 54.45
C TRP F 109 4.48 0.09 54.78
N GLY F 110 5.13 0.09 55.95
CA GLY F 110 5.88 1.23 56.43
C GLY F 110 7.35 0.88 56.67
N GLN F 111 8.09 1.90 57.10
CA GLN F 111 9.52 1.72 57.35
C GLN F 111 9.76 0.93 58.63
N GLY F 112 9.18 1.38 59.74
CA GLY F 112 9.33 0.68 61.01
C GLY F 112 10.03 1.48 62.07
N THR F 113 9.54 1.42 63.30
CA THR F 113 10.13 2.13 64.43
C THR F 113 10.39 1.14 65.56
N LEU F 114 11.54 1.26 66.19
CA LEU F 114 11.93 0.36 67.28
C LEU F 114 11.49 0.93 68.61
N VAL F 115 10.79 0.13 69.41
CA VAL F 115 10.32 0.52 70.73
C VAL F 115 10.67 -0.63 71.68
N THR F 116 11.52 -0.34 72.67
CA THR F 116 11.96 -1.34 73.63
C THR F 116 11.81 -0.80 75.05
N VAL F 117 11.95 -1.71 76.01
CA VAL F 117 11.79 -1.39 77.43
C VAL F 117 13.05 -1.79 78.19
N SER F 118 14.21 -1.63 77.55
CA SER F 118 15.46 -2.09 78.14
C SER F 118 15.75 -1.36 79.45
N SER F 119 16.15 -2.14 80.45
CA SER F 119 16.54 -1.62 81.76
C SER F 119 18.04 -1.36 81.79
N ALA F 120 18.60 -1.17 83.00
CA ALA F 120 20.03 -0.95 83.18
C ALA F 120 20.49 0.31 82.44
N SER F 121 20.06 1.47 82.93
CA SER F 121 20.29 2.77 82.29
C SER F 121 21.77 3.05 82.09
N THR F 122 22.02 4.14 81.35
CA THR F 122 23.35 4.50 80.85
C THR F 122 24.40 4.39 81.95
N LYS F 123 25.51 3.72 81.64
CA LYS F 123 26.63 3.57 82.55
C LYS F 123 27.90 3.40 81.73
N GLY F 124 29.05 3.69 82.34
CA GLY F 124 30.32 3.52 81.69
C GLY F 124 31.06 2.29 82.16
N PRO F 125 31.05 1.24 81.35
CA PRO F 125 31.71 -0.01 81.73
C PRO F 125 33.15 -0.07 81.23
N SER F 126 33.86 -1.09 81.68
CA SER F 126 35.21 -1.34 81.22
C SER F 126 35.24 -2.44 80.17
N VAL F 127 36.27 -2.41 79.32
CA VAL F 127 36.45 -3.39 78.26
C VAL F 127 37.60 -4.30 78.67
N PHE F 128 37.40 -5.61 78.54
CA PHE F 128 38.40 -6.59 78.92
C PHE F 128 38.84 -7.39 77.71
N PRO F 129 40.14 -7.58 77.49
CA PRO F 129 40.60 -8.34 76.32
C PRO F 129 40.40 -9.84 76.48
N LEU F 130 40.87 -10.61 75.51
CA LEU F 130 40.73 -12.06 75.54
C LEU F 130 41.98 -12.79 75.99
N ALA F 131 43.15 -12.13 75.96
CA ALA F 131 44.41 -12.71 76.39
C ALA F 131 44.68 -14.03 75.68
N PRO F 132 45.08 -14.00 74.40
CA PRO F 132 45.28 -15.26 73.66
C PRO F 132 46.48 -16.05 74.15
N SER F 133 46.22 -17.19 74.81
CA SER F 133 47.28 -18.00 75.37
C SER F 133 47.29 -19.43 74.84
N SER F 134 46.16 -20.14 74.96
CA SER F 134 46.18 -21.59 74.75
C SER F 134 46.12 -21.97 73.28
N LYS F 135 45.02 -21.62 72.61
CA LYS F 135 44.78 -22.05 71.23
C LYS F 135 44.49 -20.86 70.32
N SER F 136 45.20 -19.76 70.56
CA SER F 136 45.05 -18.58 69.71
C SER F 136 46.36 -17.90 69.36
N THR F 137 47.51 -18.36 69.86
CA THR F 137 48.78 -17.78 69.48
C THR F 137 49.25 -18.30 68.12
N SER F 138 49.40 -19.63 68.01
CA SER F 138 49.82 -20.25 66.76
C SER F 138 48.99 -21.46 66.37
N GLY F 139 48.18 -22.01 67.28
CA GLY F 139 47.37 -23.17 66.95
C GLY F 139 46.11 -22.83 66.18
N GLY F 140 46.06 -23.24 64.91
CA GLY F 140 44.89 -22.95 64.10
C GLY F 140 44.85 -21.50 63.68
N THR F 141 43.64 -20.94 63.69
CA THR F 141 43.44 -19.54 63.31
C THR F 141 43.82 -18.65 64.50
N ALA F 142 44.96 -17.98 64.40
CA ALA F 142 45.39 -17.09 65.46
C ALA F 142 44.57 -15.81 65.44
N ALA F 143 43.99 -15.45 66.60
CA ALA F 143 43.15 -14.27 66.69
C ALA F 143 43.04 -13.86 68.15
N LEU F 144 42.62 -12.61 68.35
CA LEU F 144 42.42 -12.07 69.69
C LEU F 144 41.34 -11.00 69.63
N GLY F 145 40.74 -10.73 70.79
CA GLY F 145 39.66 -9.77 70.85
C GLY F 145 39.48 -9.20 72.24
N CYS F 146 38.38 -8.46 72.40
CA CYS F 146 38.01 -7.86 73.67
C CYS F 146 36.51 -8.03 73.84
N LEU F 147 35.94 -7.32 74.83
CA LEU F 147 34.53 -7.48 75.15
C LEU F 147 34.02 -6.20 75.80
N VAL F 148 32.94 -5.66 75.27
CA VAL F 148 32.23 -4.54 75.89
C VAL F 148 31.03 -5.11 76.64
N LYS F 149 31.03 -4.96 77.96
CA LYS F 149 30.08 -5.64 78.82
C LYS F 149 29.05 -4.67 79.38
N ASP F 150 27.77 -5.01 79.19
CA ASP F 150 26.65 -4.35 79.88
C ASP F 150 26.61 -2.85 79.57
N TYR F 151 26.36 -2.54 78.30
CA TYR F 151 26.13 -1.17 77.88
C TYR F 151 24.64 -0.97 77.57
N PHE F 152 24.12 0.20 77.96
CA PHE F 152 22.69 0.46 77.92
C PHE F 152 22.16 0.71 76.50
N PRO F 153 22.67 1.70 75.75
CA PRO F 153 22.12 1.93 74.41
C PRO F 153 22.68 0.95 73.40
N GLU F 154 22.41 1.14 72.10
CA GLU F 154 23.00 0.29 71.07
C GLU F 154 23.62 1.11 69.93
N PRO F 155 24.54 2.02 70.24
CA PRO F 155 25.35 2.66 69.18
C PRO F 155 26.73 2.06 69.00
N VAL F 156 27.07 0.98 69.70
CA VAL F 156 28.44 0.54 69.82
C VAL F 156 28.88 -0.18 68.55
N THR F 157 30.02 0.25 68.00
CA THR F 157 30.68 -0.42 66.88
C THR F 157 32.14 -0.59 67.30
N VAL F 158 32.45 -1.74 67.89
CA VAL F 158 33.77 -1.96 68.50
C VAL F 158 34.81 -2.05 67.40
N SER F 159 35.64 -1.02 67.28
CA SER F 159 36.77 -1.02 66.36
C SER F 159 38.01 -1.52 67.10
N TRP F 160 39.17 -1.40 66.47
CA TRP F 160 40.44 -1.82 67.07
C TRP F 160 41.45 -0.69 66.96
N ASN F 161 41.80 -0.10 68.10
CA ASN F 161 42.80 0.97 68.18
C ASN F 161 42.42 2.17 67.32
N SER F 162 41.12 2.33 67.06
CA SER F 162 40.61 3.40 66.21
C SER F 162 41.27 3.37 64.82
N GLY F 163 41.58 2.16 64.36
CA GLY F 163 42.21 1.99 63.07
C GLY F 163 43.70 2.25 63.10
N ALA F 164 44.43 1.52 63.92
CA ALA F 164 45.88 1.65 64.03
C ALA F 164 46.63 0.35 63.83
N LEU F 165 46.10 -0.77 64.32
CA LEU F 165 46.74 -2.07 64.11
C LEU F 165 45.74 -3.16 63.77
N THR F 166 44.62 -2.80 63.11
CA THR F 166 43.62 -3.79 62.77
C THR F 166 44.10 -4.68 61.63
N SER F 167 43.67 -5.94 61.66
CA SER F 167 44.03 -6.92 60.63
C SER F 167 42.81 -7.74 60.23
N GLY F 168 41.62 -7.15 60.31
CA GLY F 168 40.39 -7.85 60.00
C GLY F 168 39.58 -8.15 61.25
N VAL F 169 38.54 -7.35 61.49
CA VAL F 169 37.73 -7.47 62.69
C VAL F 169 36.46 -8.23 62.32
N HIS F 170 36.30 -9.41 62.93
CA HIS F 170 35.12 -10.26 62.72
C HIS F 170 34.17 -10.02 63.88
N THR F 171 33.29 -9.02 63.74
CA THR F 171 32.38 -8.63 64.81
C THR F 171 31.05 -9.35 64.66
N PHE F 172 30.58 -9.95 65.75
CA PHE F 172 29.27 -10.57 65.82
C PHE F 172 28.37 -9.81 66.79
N PRO F 173 27.06 -9.80 66.55
CA PRO F 173 26.16 -9.00 67.40
C PRO F 173 26.17 -9.49 68.84
N ALA F 174 25.64 -8.64 69.72
CA ALA F 174 25.59 -8.91 71.14
C ALA F 174 24.33 -9.72 71.47
N VAL F 175 24.04 -9.86 72.77
CA VAL F 175 22.89 -10.64 73.22
C VAL F 175 22.43 -10.06 74.55
N LEU F 176 21.15 -10.26 74.86
CA LEU F 176 20.55 -9.76 76.10
C LEU F 176 20.81 -10.78 77.20
N GLN F 177 21.54 -10.38 78.23
CA GLN F 177 21.90 -11.33 79.28
C GLN F 177 20.77 -11.53 80.28
N SER F 178 20.45 -10.50 81.08
CA SER F 178 19.34 -10.63 82.00
C SER F 178 18.11 -9.86 81.51
N SER F 179 18.22 -8.53 81.44
CA SER F 179 17.16 -7.70 80.87
C SER F 179 17.66 -6.57 79.98
N GLY F 180 18.89 -6.08 80.17
CA GLY F 180 19.39 -4.98 79.38
C GLY F 180 20.89 -5.04 79.15
N LEU F 181 21.49 -6.17 79.53
CA LEU F 181 22.93 -6.34 79.47
C LEU F 181 23.33 -6.88 78.10
N TYR F 182 24.23 -6.18 77.42
CA TYR F 182 24.72 -6.57 76.10
C TYR F 182 26.23 -6.79 76.19
N SER F 183 26.66 -8.02 75.95
CA SER F 183 28.09 -8.36 75.95
C SER F 183 28.58 -8.41 74.51
N LEU F 184 28.79 -7.23 73.93
CA LEU F 184 29.30 -7.14 72.57
C LEU F 184 30.80 -7.34 72.55
N SER F 185 31.26 -8.18 71.63
CA SER F 185 32.68 -8.51 71.53
C SER F 185 33.07 -8.56 70.06
N SER F 186 34.33 -8.17 69.81
CA SER F 186 34.89 -8.20 68.46
C SER F 186 36.27 -8.82 68.54
N VAL F 187 36.60 -9.67 67.57
CA VAL F 187 37.86 -10.40 67.55
C VAL F 187 38.56 -10.12 66.23
N VAL F 188 39.83 -9.74 66.31
CA VAL F 188 40.65 -9.48 65.12
C VAL F 188 41.59 -10.65 64.90
N THR F 189 41.76 -11.04 63.64
CA THR F 189 42.62 -12.17 63.28
C THR F 189 44.06 -11.67 63.19
N VAL F 190 44.79 -11.81 64.30
CA VAL F 190 46.19 -11.38 64.33
C VAL F 190 47.03 -12.37 63.53
N PRO F 191 48.00 -11.91 62.73
CA PRO F 191 48.85 -12.85 61.99
C PRO F 191 49.95 -13.46 62.83
N SER F 192 49.82 -13.34 64.16
CA SER F 192 50.77 -13.86 65.13
C SER F 192 52.15 -13.21 65.03
N SER F 193 52.26 -12.10 64.31
CA SER F 193 53.52 -11.37 64.20
C SER F 193 53.54 -10.09 65.01
N SER F 194 52.38 -9.51 65.30
CA SER F 194 52.30 -8.30 66.11
C SER F 194 52.28 -8.57 67.60
N LEU F 195 52.38 -9.83 68.02
CA LEU F 195 52.37 -10.15 69.44
C LEU F 195 53.61 -9.62 70.15
N GLY F 196 54.73 -9.50 69.42
CA GLY F 196 55.94 -8.99 70.00
C GLY F 196 56.41 -7.70 69.33
N THR F 197 55.57 -7.14 68.47
CA THR F 197 55.89 -5.91 67.76
C THR F 197 55.18 -4.69 68.36
N GLN F 198 53.85 -4.74 68.46
CA GLN F 198 53.08 -3.65 69.03
C GLN F 198 51.92 -4.24 69.82
N THR F 199 51.83 -3.86 71.10
CA THR F 199 50.79 -4.39 71.98
C THR F 199 49.46 -3.72 71.67
N TYR F 200 48.44 -4.53 71.39
CA TYR F 200 47.13 -3.99 71.07
C TYR F 200 46.51 -3.28 72.27
N ILE F 201 45.74 -2.24 71.99
CA ILE F 201 45.03 -1.48 73.01
C ILE F 201 43.58 -1.34 72.51
N CYS F 202 42.72 -2.26 72.94
CA CYS F 202 41.34 -2.26 72.47
C CYS F 202 40.58 -1.07 73.04
N ASN F 203 39.96 -0.29 72.14
CA ASN F 203 39.24 0.90 72.53
C ASN F 203 37.99 1.03 71.66
N VAL F 204 36.95 1.64 72.23
CA VAL F 204 35.68 1.81 71.53
C VAL F 204 35.41 3.29 71.32
N ASN F 205 34.31 3.61 70.67
CA ASN F 205 33.90 4.99 70.39
C ASN F 205 32.46 5.22 70.82
N HIS F 206 32.13 4.79 72.03
CA HIS F 206 30.77 4.95 72.54
C HIS F 206 30.43 6.42 72.70
N LYS F 207 29.30 6.82 72.12
CA LYS F 207 28.88 8.23 72.12
C LYS F 207 28.30 8.67 73.46
N PRO F 208 27.30 7.96 74.03
CA PRO F 208 26.70 8.44 75.30
C PRO F 208 27.70 8.48 76.44
N SER F 209 28.34 7.34 76.72
CA SER F 209 29.34 7.27 77.77
C SER F 209 30.69 7.69 77.20
N ASN F 210 31.74 7.65 78.03
CA ASN F 210 33.09 7.98 77.61
C ASN F 210 33.93 6.71 77.69
N THR F 211 33.82 5.88 76.67
CA THR F 211 34.65 4.67 76.54
C THR F 211 35.87 4.93 75.67
N LYS F 212 36.75 5.80 76.15
CA LYS F 212 37.92 6.21 75.40
C LYS F 212 39.22 5.67 75.98
N VAL F 213 39.15 4.95 77.10
CA VAL F 213 40.34 4.42 77.75
C VAL F 213 40.81 3.19 76.98
N ASP F 214 42.00 3.27 76.41
CA ASP F 214 42.59 2.15 75.67
C ASP F 214 43.12 1.12 76.66
N LYS F 215 42.41 0.03 76.84
CA LYS F 215 42.83 -1.02 77.77
C LYS F 215 43.95 -1.86 77.16
N ARG F 216 45.02 -2.03 77.91
CA ARG F 216 46.16 -2.81 77.43
C ARG F 216 45.80 -4.29 77.36
N VAL F 217 46.21 -4.93 76.26
CA VAL F 217 46.04 -6.37 76.09
C VAL F 217 47.15 -7.06 76.89
N GLU F 218 47.01 -8.36 77.13
CA GLU F 218 47.96 -9.14 77.92
C GLU F 218 48.56 -10.22 77.02
N PRO F 219 49.62 -9.89 76.26
CA PRO F 219 50.28 -10.93 75.44
C PRO F 219 51.05 -11.90 76.32
N LYS F 220 50.70 -13.19 76.21
CA LYS F 220 51.35 -14.23 77.00
C LYS F 220 52.73 -14.53 76.42
N SER F 221 53.65 -13.60 76.66
CA SER F 221 55.01 -13.75 76.15
C SER F 221 55.77 -14.84 76.89
N CYS F 222 55.42 -15.09 78.15
CA CYS F 222 56.12 -16.12 78.91
C CYS F 222 55.53 -17.51 78.67
N ASP F 223 54.25 -17.58 78.29
CA ASP F 223 53.63 -18.87 78.05
C ASP F 223 53.93 -19.40 76.66
N LYS F 224 53.35 -18.77 75.63
CA LYS F 224 53.53 -19.24 74.26
C LYS F 224 54.26 -18.22 73.39
N THR F 225 53.78 -16.98 73.33
CA THR F 225 54.41 -15.96 72.50
C THR F 225 53.91 -14.57 72.91
N ILE G 2 -5.89 -20.88 67.36
CA ILE G 2 -5.66 -20.82 65.93
C ILE G 2 -4.27 -20.24 65.65
N VAL G 3 -3.50 -20.94 64.82
CA VAL G 3 -2.13 -20.52 64.49
C VAL G 3 -1.75 -21.20 63.19
N MET G 4 -0.76 -20.65 62.50
CA MET G 4 -0.24 -21.19 61.26
C MET G 4 1.17 -21.71 61.47
N THR G 5 1.45 -22.90 60.94
CA THR G 5 2.74 -23.56 61.10
C THR G 5 3.52 -23.50 59.80
N GLN G 6 4.83 -23.26 59.92
CA GLN G 6 5.74 -23.20 58.79
C GLN G 6 7.04 -23.89 59.17
N PRO G 7 7.76 -24.44 58.19
CA PRO G 7 9.08 -25.02 58.49
C PRO G 7 10.06 -23.94 58.93
N HIS G 8 11.00 -24.36 59.79
CA HIS G 8 11.96 -23.40 60.34
C HIS G 8 12.86 -22.82 59.26
N SER G 9 13.38 -23.66 58.38
CA SER G 9 14.26 -23.21 57.31
C SER G 9 14.21 -24.24 56.17
N VAL G 10 14.87 -23.91 55.07
CA VAL G 10 14.94 -24.79 53.91
C VAL G 10 16.17 -24.41 53.11
N SER G 11 16.85 -25.42 52.56
CA SER G 11 18.05 -25.19 51.77
C SER G 11 18.01 -26.09 50.54
N GLU G 12 18.34 -25.53 49.39
CA GLU G 12 18.34 -26.27 48.14
C GLU G 12 19.18 -25.51 47.12
N SER G 13 19.85 -26.26 46.25
CA SER G 13 20.69 -25.65 45.24
C SER G 13 19.83 -24.98 44.17
N PRO G 14 20.29 -23.86 43.63
CA PRO G 14 19.52 -23.17 42.58
C PRO G 14 19.43 -24.03 41.31
N GLY G 15 18.28 -23.94 40.64
CA GLY G 15 18.08 -24.67 39.41
C GLY G 15 16.71 -25.33 39.30
N LYS G 16 15.97 -25.34 40.40
CA LYS G 16 14.63 -25.96 40.41
C LYS G 16 13.76 -25.18 41.39
N THR G 17 12.62 -25.76 41.76
CA THR G 17 11.62 -25.10 42.59
C THR G 17 11.79 -25.48 44.05
N VAL G 18 11.43 -24.55 44.94
CA VAL G 18 11.44 -24.76 46.37
C VAL G 18 10.04 -24.53 46.90
N THR G 19 9.61 -25.37 47.85
CA THR G 19 8.28 -25.31 48.42
C THR G 19 8.35 -24.96 49.90
N ILE G 20 7.32 -24.27 50.37
CA ILE G 20 7.20 -23.88 51.78
C ILE G 20 5.82 -24.25 52.26
N SER G 21 5.74 -24.94 53.40
CA SER G 21 4.49 -25.45 53.93
C SER G 21 3.82 -24.41 54.81
N CYS G 22 2.51 -24.24 54.61
CA CYS G 22 1.68 -23.36 55.44
C CYS G 22 0.45 -24.17 55.84
N THR G 23 0.58 -24.92 56.94
CA THR G 23 -0.45 -25.85 57.36
C THR G 23 -1.37 -25.21 58.39
N ARG G 24 -2.68 -25.35 58.16
CA ARG G 24 -3.66 -24.85 59.12
C ARG G 24 -3.70 -25.74 60.36
N SER G 25 -3.69 -25.13 61.54
CA SER G 25 -3.73 -25.90 62.78
C SER G 25 -5.12 -26.49 63.01
N SER G 26 -6.13 -25.63 63.10
CA SER G 26 -7.50 -26.06 63.33
C SER G 26 -8.44 -25.28 62.42
N GLY G 27 -9.56 -25.91 62.09
CA GLY G 27 -10.55 -25.29 61.21
C GLY G 27 -10.23 -25.52 59.75
N SER G 28 -11.18 -25.11 58.91
CA SER G 28 -11.01 -25.26 57.46
C SER G 28 -9.98 -24.29 56.93
N ILE G 29 -9.34 -24.69 55.83
CA ILE G 29 -8.33 -23.84 55.20
C ILE G 29 -8.90 -22.99 54.07
N ALA G 30 -10.03 -23.40 53.49
CA ALA G 30 -10.66 -22.67 52.41
C ALA G 30 -11.72 -21.69 52.90
N SER G 31 -11.57 -21.20 54.13
CA SER G 31 -12.51 -20.22 54.67
C SER G 31 -12.35 -18.88 53.97
N ASN G 32 -11.15 -18.33 53.98
CA ASN G 32 -10.84 -17.07 53.33
C ASN G 32 -9.62 -17.24 52.43
N TYR G 33 -9.15 -16.11 51.89
CA TYR G 33 -8.01 -16.14 50.98
C TYR G 33 -6.70 -16.24 51.74
N VAL G 34 -5.70 -16.85 51.10
CA VAL G 34 -4.37 -16.98 51.64
C VAL G 34 -3.42 -16.12 50.82
N GLN G 35 -2.62 -15.31 51.51
CA GLN G 35 -1.69 -14.39 50.86
C GLN G 35 -0.31 -14.55 51.47
N TRP G 36 0.72 -14.63 50.62
CA TRP G 36 2.09 -14.77 51.06
C TRP G 36 2.80 -13.41 51.01
N TYR G 37 3.81 -13.28 51.86
CA TYR G 37 4.61 -12.06 51.92
C TYR G 37 6.09 -12.41 51.86
N GLN G 38 6.86 -11.53 51.20
CA GLN G 38 8.30 -11.68 51.08
C GLN G 38 8.96 -10.50 51.77
N GLN G 39 9.86 -10.80 52.72
CA GLN G 39 10.52 -9.77 53.52
C GLN G 39 12.03 -9.98 53.44
N ARG G 40 12.73 -9.03 52.83
CA ARG G 40 14.18 -9.07 52.80
C ARG G 40 14.73 -8.71 54.18
N PRO G 41 15.89 -9.27 54.54
CA PRO G 41 16.48 -8.94 55.85
C PRO G 41 16.76 -7.46 56.01
N GLY G 42 16.06 -6.81 56.94
CA GLY G 42 16.19 -5.40 57.20
C GLY G 42 15.19 -4.54 56.46
N SER G 43 14.82 -4.92 55.24
CA SER G 43 13.88 -4.15 54.44
C SER G 43 12.46 -4.37 54.94
N SER G 44 11.51 -3.67 54.31
CA SER G 44 10.09 -3.77 54.65
C SER G 44 9.44 -4.90 53.86
N PRO G 45 8.52 -5.64 54.49
CA PRO G 45 7.86 -6.74 53.78
C PRO G 45 7.00 -6.23 52.63
N THR G 46 6.86 -7.07 51.62
CA THR G 46 6.06 -6.75 50.44
C THR G 46 5.23 -7.97 50.06
N THR G 47 4.09 -7.72 49.41
CA THR G 47 3.21 -8.78 48.97
C THR G 47 3.77 -9.46 47.73
N VAL G 48 3.91 -10.77 47.79
CA VAL G 48 4.42 -11.54 46.66
C VAL G 48 3.30 -12.27 45.90
N ILE G 49 2.20 -12.60 46.57
CA ILE G 49 1.09 -13.28 45.93
C ILE G 49 -0.16 -13.03 46.77
N TYR G 50 -1.33 -13.16 46.14
CA TYR G 50 -2.59 -12.98 46.84
C TYR G 50 -3.64 -13.88 46.22
N GLU G 51 -4.54 -14.40 47.05
CA GLU G 51 -5.64 -15.29 46.68
C GLU G 51 -5.16 -16.62 46.12
N ASP G 52 -3.84 -16.87 46.11
CA ASP G 52 -3.20 -18.09 45.64
C ASP G 52 -3.33 -18.31 44.14
N ASN G 53 -4.05 -17.45 43.43
CA ASN G 53 -4.22 -17.58 41.98
C ASN G 53 -3.65 -16.41 41.22
N GLN G 54 -4.01 -15.18 41.57
CA GLN G 54 -3.54 -14.02 40.85
C GLN G 54 -2.20 -13.54 41.41
N ARG G 55 -1.49 -12.76 40.60
CA ARG G 55 -0.17 -12.25 40.94
C ARG G 55 -0.16 -10.73 40.95
N PRO G 56 0.44 -10.11 41.96
CA PRO G 56 0.49 -8.64 42.00
C PRO G 56 1.30 -8.08 40.84
N SER G 57 0.99 -6.85 40.46
CA SER G 57 1.71 -6.19 39.38
C SER G 57 3.14 -5.90 39.79
N GLY G 58 4.10 -6.29 38.96
CA GLY G 58 5.50 -6.13 39.23
C GLY G 58 6.20 -7.37 39.73
N VAL G 59 5.48 -8.28 40.35
CA VAL G 59 6.08 -9.53 40.84
C VAL G 59 6.45 -10.40 39.65
N PRO G 60 7.66 -10.96 39.61
CA PRO G 60 8.02 -11.83 38.48
C PRO G 60 7.12 -13.05 38.40
N ASP G 61 7.03 -13.61 37.20
CA ASP G 61 6.17 -14.76 36.91
C ASP G 61 6.69 -16.06 37.52
N ARG G 62 7.75 -16.03 38.32
CA ARG G 62 8.30 -17.23 38.95
C ARG G 62 7.69 -17.51 40.32
N PHE G 63 6.48 -17.01 40.58
CA PHE G 63 5.81 -17.22 41.85
C PHE G 63 4.35 -17.55 41.56
N SER G 64 3.95 -18.80 41.82
CA SER G 64 2.58 -19.23 41.61
C SER G 64 2.26 -20.29 42.68
N GLY G 65 1.63 -19.84 43.76
CA GLY G 65 1.30 -20.72 44.86
C GLY G 65 0.11 -21.60 44.54
N SER G 66 -0.24 -22.43 45.53
CA SER G 66 -1.36 -23.35 45.40
C SER G 66 -1.99 -23.56 46.77
N ILE G 67 -3.13 -24.24 46.78
CA ILE G 67 -3.86 -24.53 48.01
C ILE G 67 -4.31 -25.98 47.97
N ASP G 68 -3.99 -26.74 49.02
CA ASP G 68 -4.35 -28.15 49.12
C ASP G 68 -5.42 -28.30 50.18
N SER G 69 -6.65 -28.59 49.75
CA SER G 69 -7.78 -28.76 50.64
C SER G 69 -7.86 -30.15 51.26
N SER G 70 -6.81 -30.96 51.14
CA SER G 70 -6.83 -32.30 51.69
C SER G 70 -6.51 -32.30 53.18
N SER G 71 -5.33 -31.79 53.56
CA SER G 71 -4.89 -31.78 54.94
C SER G 71 -4.76 -30.35 55.47
N ASN G 72 -5.53 -29.42 54.90
CA ASN G 72 -5.55 -28.03 55.33
C ASN G 72 -4.16 -27.40 55.24
N SER G 73 -3.63 -27.35 54.03
CA SER G 73 -2.30 -26.80 53.78
C SER G 73 -2.32 -25.99 52.49
N ALA G 74 -1.27 -25.19 52.31
CA ALA G 74 -1.14 -24.38 51.10
C ALA G 74 0.35 -24.11 50.89
N SER G 75 0.91 -24.67 49.82
CA SER G 75 2.32 -24.55 49.52
C SER G 75 2.56 -23.49 48.45
N LEU G 76 3.77 -22.93 48.47
CA LEU G 76 4.19 -21.92 47.52
C LEU G 76 5.24 -22.50 46.58
N THR G 77 5.05 -22.27 45.28
CA THR G 77 5.96 -22.78 44.24
C THR G 77 6.84 -21.63 43.79
N ILE G 78 8.10 -21.65 44.22
CA ILE G 78 9.08 -20.63 43.88
C ILE G 78 10.01 -21.22 42.84
N SER G 79 9.71 -20.96 41.57
CA SER G 79 10.53 -21.46 40.48
C SER G 79 11.67 -20.49 40.17
N GLY G 80 12.70 -21.00 39.50
CA GLY G 80 13.86 -20.20 39.16
C GLY G 80 14.59 -19.69 40.38
N LEU G 81 15.06 -20.60 41.22
CA LEU G 81 15.76 -20.21 42.44
C LEU G 81 17.07 -19.50 42.11
N LYS G 82 17.30 -18.35 42.74
CA LYS G 82 18.51 -17.57 42.54
C LYS G 82 19.01 -17.10 43.90
N THR G 83 20.19 -16.47 43.88
CA THR G 83 20.79 -15.95 45.10
C THR G 83 20.15 -14.64 45.55
N GLU G 84 19.35 -14.00 44.70
CA GLU G 84 18.68 -12.75 45.04
C GLU G 84 17.34 -12.96 45.73
N ASP G 85 16.94 -14.21 45.96
CA ASP G 85 15.67 -14.53 46.61
C ASP G 85 15.86 -15.15 47.99
N GLU G 86 17.08 -15.13 48.52
CA GLU G 86 17.36 -15.71 49.84
C GLU G 86 16.85 -14.74 50.91
N ALA G 87 15.63 -14.98 51.37
CA ALA G 87 14.99 -14.15 52.37
C ALA G 87 13.92 -14.98 53.07
N ASP G 88 13.09 -14.30 53.86
CA ASP G 88 12.02 -14.96 54.61
C ASP G 88 10.71 -14.89 53.83
N TYR G 89 9.83 -15.85 54.11
CA TYR G 89 8.52 -15.92 53.47
C TYR G 89 7.48 -16.31 54.50
N TYR G 90 6.43 -15.50 54.62
CA TYR G 90 5.35 -15.73 55.58
C TYR G 90 4.03 -15.86 54.83
N CYS G 91 3.13 -16.66 55.38
CA CYS G 91 1.79 -16.81 54.87
C CYS G 91 0.77 -16.20 55.84
N GLN G 92 -0.30 -15.68 55.28
CA GLN G 92 -1.34 -15.02 56.08
C GLN G 92 -2.70 -15.34 55.49
N SER G 93 -3.66 -15.65 56.37
CA SER G 93 -5.00 -15.99 55.95
C SER G 93 -5.96 -15.72 57.09
N TYR G 94 -6.94 -14.86 56.86
CA TYR G 94 -7.93 -14.55 57.88
C TYR G 94 -8.77 -15.78 58.19
N ASP G 95 -8.80 -16.17 59.46
CA ASP G 95 -9.55 -17.35 59.88
C ASP G 95 -10.03 -17.15 61.30
N GLY G 96 -11.27 -17.57 61.57
CA GLY G 96 -11.83 -17.46 62.89
C GLY G 96 -13.06 -16.56 62.94
N SER G 97 -13.99 -16.87 63.85
CA SER G 97 -15.20 -16.08 64.01
C SER G 97 -15.03 -14.94 65.00
N ASN G 98 -13.92 -14.89 65.73
CA ASN G 98 -13.67 -13.83 66.70
C ASN G 98 -12.97 -12.63 66.10
N HIS G 99 -12.95 -12.52 64.78
CA HIS G 99 -12.37 -11.37 64.07
C HIS G 99 -10.90 -11.17 64.44
N ASN G 100 -10.09 -12.16 64.08
CA ASN G 100 -8.66 -12.13 64.35
C ASN G 100 -7.90 -12.57 63.11
N VAL G 101 -6.82 -11.86 62.81
CA VAL G 101 -5.94 -12.17 61.69
C VAL G 101 -4.75 -12.97 62.22
N VAL G 102 -4.44 -14.08 61.55
CA VAL G 102 -3.37 -14.97 61.97
C VAL G 102 -2.31 -15.01 60.88
N PHE G 103 -1.10 -14.58 61.22
CA PHE G 103 0.03 -14.64 60.31
C PHE G 103 0.65 -16.03 60.38
N GLY G 104 1.78 -16.22 59.69
CA GLY G 104 2.49 -17.48 59.67
C GLY G 104 3.64 -17.51 60.67
N GLY G 105 4.25 -18.68 60.76
CA GLY G 105 5.37 -18.89 61.66
C GLY G 105 6.65 -18.21 61.18
N GLY G 106 7.16 -18.64 60.03
CA GLY G 106 8.37 -18.08 59.47
C GLY G 106 9.28 -19.12 58.86
N THR G 107 9.74 -18.88 57.64
CA THR G 107 10.60 -19.81 56.92
C THR G 107 11.81 -19.04 56.39
N GLU G 108 13.00 -19.45 56.82
CA GLU G 108 14.24 -18.83 56.39
C GLU G 108 14.80 -19.65 55.23
N LEU G 109 14.52 -19.20 54.01
CA LEU G 109 14.97 -19.90 52.81
C LEU G 109 16.43 -19.54 52.54
N THR G 110 17.27 -20.56 52.38
CA THR G 110 18.69 -20.39 52.12
C THR G 110 19.08 -21.14 50.85
N VAL G 111 20.16 -20.67 50.23
CA VAL G 111 20.67 -21.28 49.01
C VAL G 111 22.12 -21.72 49.26
N LEU G 112 22.63 -22.54 48.33
CA LEU G 112 24.00 -23.02 48.43
C LEU G 112 24.96 -21.96 47.90
N SER G 113 25.78 -21.40 48.80
CA SER G 113 26.73 -20.36 48.44
C SER G 113 28.18 -20.82 48.59
N GLN G 114 28.55 -21.32 49.77
CA GLN G 114 29.90 -21.77 50.06
C GLN G 114 29.91 -23.28 50.30
N PRO G 115 31.00 -23.95 49.96
CA PRO G 115 31.11 -25.39 50.19
C PRO G 115 31.30 -25.69 51.68
N LYS G 116 31.34 -26.98 52.00
CA LYS G 116 31.48 -27.43 53.37
C LYS G 116 32.94 -27.31 53.82
N ALA G 117 33.12 -26.90 55.08
CA ALA G 117 34.44 -26.73 55.66
C ALA G 117 34.40 -27.13 57.13
N ALA G 118 35.45 -27.79 57.59
CA ALA G 118 35.51 -28.24 58.97
C ALA G 118 35.72 -27.06 59.90
N PRO G 119 34.83 -26.81 60.85
CA PRO G 119 35.01 -25.68 61.78
C PRO G 119 36.12 -25.96 62.78
N SER G 120 37.11 -25.07 62.82
CA SER G 120 38.23 -25.23 63.74
C SER G 120 37.80 -24.90 65.16
N VAL G 121 38.48 -25.52 66.12
CA VAL G 121 38.18 -25.33 67.54
C VAL G 121 39.17 -24.33 68.12
N THR G 122 38.67 -23.20 68.61
CA THR G 122 39.49 -22.15 69.18
C THR G 122 38.84 -21.69 70.48
N LEU G 123 39.48 -21.98 71.60
CA LEU G 123 39.02 -21.55 72.92
C LEU G 123 39.93 -20.45 73.44
N PHE G 124 39.33 -19.49 74.16
CA PHE G 124 40.06 -18.35 74.67
C PHE G 124 40.03 -18.35 76.19
N PRO G 125 41.18 -18.32 76.86
CA PRO G 125 41.20 -18.28 78.33
C PRO G 125 40.88 -16.89 78.83
N PRO G 126 40.62 -16.73 80.13
CA PRO G 126 40.37 -15.39 80.68
C PRO G 126 41.61 -14.51 80.67
N SER G 127 41.48 -13.30 81.19
CA SER G 127 42.58 -12.32 81.22
C SER G 127 42.93 -12.01 82.68
N SER G 128 43.81 -11.03 82.85
CA SER G 128 44.35 -10.71 84.17
C SER G 128 43.60 -9.54 84.82
N GLU G 129 43.47 -8.42 84.10
CA GLU G 129 42.88 -7.22 84.70
C GLU G 129 41.40 -7.41 85.02
N GLU G 130 40.69 -8.25 84.25
CA GLU G 130 39.30 -8.50 84.57
C GLU G 130 39.14 -9.35 85.82
N LEU G 131 40.14 -10.17 86.14
CA LEU G 131 40.11 -11.02 87.33
C LEU G 131 40.54 -10.22 88.57
N GLN G 132 39.73 -9.23 88.91
CA GLN G 132 39.99 -8.42 90.10
C GLN G 132 39.32 -9.01 91.34
N ALA G 133 37.99 -9.10 91.32
CA ALA G 133 37.26 -9.80 92.37
C ALA G 133 36.54 -11.03 91.82
N ASN G 134 35.68 -10.86 90.81
CA ASN G 134 35.05 -12.01 90.14
C ASN G 134 34.54 -11.54 88.78
N LYS G 135 35.34 -11.79 87.73
CA LYS G 135 34.93 -11.46 86.38
C LYS G 135 35.81 -12.16 85.35
N ALA G 136 35.20 -12.88 84.42
CA ALA G 136 35.89 -13.54 83.31
C ALA G 136 34.82 -14.03 82.34
N THR G 137 35.28 -14.50 81.18
CA THR G 137 34.38 -15.03 80.16
C THR G 137 35.01 -16.26 79.51
N LEU G 138 34.17 -17.08 78.91
CA LEU G 138 34.60 -18.29 78.20
C LEU G 138 34.13 -18.17 76.75
N VAL G 139 35.07 -17.95 75.84
CA VAL G 139 34.77 -17.76 74.42
C VAL G 139 35.27 -18.98 73.67
N CYS G 140 34.36 -19.70 73.01
CA CYS G 140 34.71 -20.84 72.19
C CYS G 140 34.28 -20.58 70.75
N LEU G 141 34.61 -19.39 70.24
CA LEU G 141 34.24 -19.03 68.88
C LEU G 141 34.88 -19.96 67.87
N ILE G 142 34.05 -20.58 67.03
CA ILE G 142 34.51 -21.40 65.92
C ILE G 142 34.27 -20.63 64.64
N SER G 143 35.11 -20.91 63.62
CA SER G 143 35.03 -20.21 62.34
C SER G 143 35.22 -21.22 61.22
N ASP G 144 35.19 -20.71 59.99
CA ASP G 144 35.39 -21.51 58.78
C ASP G 144 34.35 -22.64 58.69
N PHE G 145 33.09 -22.23 58.60
CA PHE G 145 31.98 -23.18 58.46
C PHE G 145 30.84 -22.50 57.71
N TYR G 146 30.34 -23.17 56.67
CA TYR G 146 29.25 -22.66 55.86
C TYR G 146 27.87 -22.85 56.50
N PRO G 147 27.51 -24.05 56.99
CA PRO G 147 26.17 -24.23 57.55
C PRO G 147 25.99 -23.45 58.84
N GLY G 148 24.80 -22.89 59.02
CA GLY G 148 24.47 -22.13 60.20
C GLY G 148 23.92 -22.92 61.37
N ALA G 149 23.87 -24.26 61.24
CA ALA G 149 23.37 -25.11 62.31
C ALA G 149 24.52 -25.48 63.27
N VAL G 150 25.09 -24.45 63.89
CA VAL G 150 26.21 -24.64 64.79
C VAL G 150 25.75 -25.36 66.05
N THR G 151 26.43 -26.45 66.39
CA THR G 151 26.13 -27.24 67.57
C THR G 151 27.41 -27.46 68.35
N VAL G 152 27.48 -26.92 69.56
CA VAL G 152 28.67 -27.04 70.39
C VAL G 152 28.28 -27.64 71.75
N ALA G 153 29.28 -27.88 72.60
CA ALA G 153 29.04 -28.44 73.92
C ALA G 153 30.07 -27.87 74.88
N TRP G 154 29.84 -28.11 76.16
CA TRP G 154 30.72 -27.61 77.22
C TRP G 154 30.90 -28.71 78.27
N LYS G 155 32.16 -29.02 78.58
CA LYS G 155 32.50 -30.04 79.57
C LYS G 155 33.78 -29.61 80.26
N ALA G 156 33.73 -29.39 81.57
CA ALA G 156 34.90 -28.93 82.31
C ALA G 156 35.83 -30.09 82.66
N ASP G 157 36.09 -30.96 81.68
CA ASP G 157 37.07 -32.04 81.77
C ASP G 157 36.66 -33.12 82.77
N SER G 158 35.60 -32.87 83.54
CA SER G 158 35.13 -33.86 84.50
C SER G 158 33.62 -33.99 84.54
N SER G 159 32.86 -33.19 83.78
CA SER G 159 31.41 -33.23 83.82
C SER G 159 30.82 -32.38 82.68
N PRO G 160 29.77 -32.86 82.02
CA PRO G 160 29.12 -32.04 80.98
C PRO G 160 28.33 -30.89 81.58
N VAL G 161 29.03 -29.81 81.94
CA VAL G 161 28.38 -28.67 82.57
C VAL G 161 27.45 -28.00 81.58
N LYS G 162 26.22 -27.70 82.02
CA LYS G 162 25.23 -27.06 81.17
C LYS G 162 24.56 -25.87 81.85
N ALA G 163 24.99 -25.48 83.04
CA ALA G 163 24.38 -24.37 83.74
C ALA G 163 24.65 -23.06 83.00
N GLY G 164 23.59 -22.32 82.70
CA GLY G 164 23.72 -21.07 81.97
C GLY G 164 24.20 -21.22 80.55
N VAL G 165 23.62 -22.19 79.82
CA VAL G 165 24.02 -22.41 78.43
C VAL G 165 23.50 -21.27 77.57
N GLU G 166 24.39 -20.69 76.77
CA GLU G 166 24.01 -19.58 75.90
C GLU G 166 25.03 -19.48 74.78
N THR G 167 24.55 -19.09 73.60
CA THR G 167 25.39 -18.93 72.42
C THR G 167 25.28 -17.52 71.90
N THR G 168 26.29 -17.11 71.14
CA THR G 168 26.34 -15.78 70.55
C THR G 168 25.61 -15.79 69.20
N THR G 169 25.45 -14.62 68.60
CA THR G 169 24.72 -14.49 67.34
C THR G 169 25.68 -14.69 66.18
N PRO G 170 25.42 -15.65 65.28
CA PRO G 170 26.30 -15.83 64.12
C PRO G 170 26.15 -14.68 63.14
N SER G 171 27.26 -13.97 62.90
CA SER G 171 27.26 -12.81 62.01
C SER G 171 27.64 -13.24 60.60
N LYS G 172 26.89 -12.76 59.62
CA LYS G 172 27.19 -13.02 58.22
C LYS G 172 28.45 -12.29 57.82
N GLN G 173 29.47 -13.03 57.40
CA GLN G 173 30.72 -12.43 56.98
C GLN G 173 30.61 -11.92 55.54
N SER G 174 31.76 -11.56 54.97
CA SER G 174 31.77 -11.00 53.62
C SER G 174 31.40 -12.06 52.59
N ASN G 175 32.17 -13.14 52.51
CA ASN G 175 31.95 -14.18 51.51
C ASN G 175 31.05 -15.29 52.02
N ASN G 176 29.88 -14.90 52.54
CA ASN G 176 28.83 -15.83 52.96
C ASN G 176 29.34 -16.84 53.98
N LYS G 177 29.76 -16.31 55.14
CA LYS G 177 30.24 -17.17 56.22
C LYS G 177 29.53 -16.83 57.53
N TYR G 178 29.97 -17.43 58.63
CA TYR G 178 29.38 -17.19 59.94
C TYR G 178 30.47 -17.10 60.98
N ALA G 179 30.15 -16.44 62.09
CA ALA G 179 31.08 -16.24 63.21
C ALA G 179 30.37 -16.56 64.53
N ALA G 180 29.69 -17.70 64.57
CA ALA G 180 28.96 -18.10 65.77
C ALA G 180 29.92 -18.42 66.91
N SER G 181 29.78 -17.69 68.02
CA SER G 181 30.60 -17.88 69.21
C SER G 181 29.74 -18.49 70.32
N SER G 182 30.37 -18.69 71.48
CA SER G 182 29.71 -19.27 72.64
C SER G 182 29.96 -18.40 73.86
N TYR G 183 28.98 -18.40 74.77
CA TYR G 183 29.07 -17.62 76.02
C TYR G 183 28.39 -18.44 77.12
N LEU G 184 29.20 -19.18 77.86
CA LEU G 184 28.72 -20.00 78.97
C LEU G 184 28.90 -19.26 80.29
N SER G 185 28.00 -19.54 81.23
CA SER G 185 28.06 -18.93 82.55
C SER G 185 29.27 -19.47 83.31
N LEU G 186 29.93 -18.59 84.06
CA LEU G 186 31.13 -18.94 84.80
C LEU G 186 30.81 -19.06 86.29
N THR G 187 31.86 -19.30 87.08
CA THR G 187 31.74 -19.43 88.53
C THR G 187 32.46 -18.27 89.21
N PRO G 188 31.75 -17.27 89.72
CA PRO G 188 32.42 -16.12 90.34
C PRO G 188 33.23 -16.48 91.57
N GLU G 189 32.60 -17.13 92.54
CA GLU G 189 33.25 -17.51 93.79
C GLU G 189 33.62 -18.98 93.85
N GLN G 190 33.57 -19.69 92.71
CA GLN G 190 33.88 -21.11 92.66
C GLN G 190 34.93 -21.39 91.60
N TRP G 191 36.01 -20.60 91.59
CA TRP G 191 37.07 -20.81 90.62
C TRP G 191 37.85 -22.10 90.88
N LYS G 192 37.77 -22.65 92.08
CA LYS G 192 38.44 -23.90 92.43
C LYS G 192 37.58 -25.12 92.10
N SER G 193 36.60 -24.99 91.21
CA SER G 193 35.77 -26.13 90.85
C SER G 193 36.56 -27.15 90.05
N HIS G 194 37.11 -26.75 88.89
CA HIS G 194 37.91 -27.62 88.07
C HIS G 194 39.09 -26.84 87.52
N ARG G 195 40.24 -27.50 87.44
CA ARG G 195 41.47 -26.89 86.92
C ARG G 195 41.52 -26.91 85.39
N SER G 196 40.45 -27.31 84.72
CA SER G 196 40.43 -27.35 83.27
C SER G 196 39.02 -27.08 82.78
N TYR G 197 38.92 -26.51 81.59
CA TYR G 197 37.63 -26.21 80.95
C TYR G 197 37.77 -26.50 79.47
N SER G 198 37.10 -27.55 79.01
CA SER G 198 37.13 -27.96 77.62
C SER G 198 35.84 -27.58 76.93
N CYS G 199 35.92 -27.41 75.60
CA CYS G 199 34.78 -27.03 74.78
C CYS G 199 34.64 -28.04 73.65
N GLN G 200 33.52 -28.76 73.64
CA GLN G 200 33.25 -29.74 72.61
C GLN G 200 32.38 -29.13 71.50
N VAL G 201 32.40 -29.76 70.34
CA VAL G 201 31.62 -29.30 69.19
C VAL G 201 31.41 -30.48 68.26
N THR G 202 30.16 -30.63 67.80
CA THR G 202 29.79 -31.68 66.85
C THR G 202 29.07 -31.09 65.65
N HIS G 203 29.61 -29.99 65.10
CA HIS G 203 28.98 -29.28 63.98
C HIS G 203 29.46 -29.90 62.68
N GLU G 204 29.10 -31.17 62.47
CA GLU G 204 29.37 -31.90 61.24
C GLU G 204 30.86 -31.88 60.90
N GLY G 205 31.65 -32.48 61.80
CA GLY G 205 33.09 -32.55 61.59
C GLY G 205 33.85 -33.09 62.78
N SER G 206 34.95 -32.43 63.13
CA SER G 206 35.79 -32.89 64.22
C SER G 206 35.12 -32.62 65.57
N THR G 207 35.64 -33.28 66.60
CA THR G 207 35.11 -33.10 67.95
C THR G 207 36.22 -32.88 68.98
N VAL G 208 37.38 -32.38 68.55
CA VAL G 208 38.48 -32.17 69.48
C VAL G 208 38.16 -31.00 70.41
N GLU G 209 38.53 -31.16 71.67
CA GLU G 209 38.30 -30.15 72.69
C GLU G 209 39.62 -29.58 73.17
N LYS G 210 39.62 -28.29 73.49
CA LYS G 210 40.80 -27.59 73.97
C LYS G 210 40.60 -27.22 75.44
N THR G 211 41.64 -27.43 76.24
CA THR G 211 41.59 -27.15 77.67
C THR G 211 42.35 -25.88 77.99
N VAL G 212 41.82 -25.10 78.94
CA VAL G 212 42.44 -23.86 79.38
C VAL G 212 42.43 -23.84 80.91
N ALA G 213 43.33 -23.03 81.46
CA ALA G 213 43.38 -22.86 82.90
C ALA G 213 42.23 -21.98 83.37
N PRO G 214 41.75 -22.18 84.60
CA PRO G 214 40.63 -21.34 85.08
C PRO G 214 40.99 -19.88 85.23
N THR G 215 42.07 -19.57 85.94
CA THR G 215 42.51 -18.19 86.13
C THR G 215 43.98 -17.96 85.82
N GLU G 216 44.73 -19.02 85.48
CA GLU G 216 46.16 -18.92 85.18
C GLU G 216 46.93 -18.26 86.31
N GLU H 1 46.39 -15.54 -19.64
CA GLU H 1 46.98 -14.22 -19.88
C GLU H 1 48.48 -14.25 -19.62
N VAL H 2 48.90 -15.03 -18.63
CA VAL H 2 50.31 -15.15 -18.28
C VAL H 2 50.97 -16.14 -19.24
N GLN H 3 51.92 -15.65 -20.02
CA GLN H 3 52.67 -16.46 -20.98
C GLN H 3 54.14 -16.09 -20.85
N LEU H 4 54.91 -16.93 -20.15
CA LEU H 4 56.32 -16.67 -19.92
C LEU H 4 57.17 -17.36 -20.99
N VAL H 5 58.29 -16.72 -21.33
CA VAL H 5 59.24 -17.25 -22.30
C VAL H 5 60.64 -17.11 -21.73
N GLN H 6 61.54 -17.98 -22.18
CA GLN H 6 62.92 -17.97 -21.71
C GLN H 6 63.80 -18.62 -22.76
N SER H 7 65.02 -18.12 -22.87
CA SER H 7 66.01 -18.65 -23.82
C SER H 7 67.39 -18.16 -23.37
N GLY H 8 68.39 -18.38 -24.23
CA GLY H 8 69.73 -17.90 -23.95
C GLY H 8 70.76 -19.01 -23.84
N GLY H 9 70.49 -20.15 -24.45
CA GLY H 9 71.45 -21.25 -24.45
C GLY H 9 71.02 -22.43 -25.29
N GLY H 10 71.92 -22.88 -26.17
CA GLY H 10 71.65 -24.04 -26.98
C GLY H 10 72.67 -25.15 -26.80
N LEU H 11 73.87 -24.78 -26.34
CA LEU H 11 74.95 -25.72 -26.12
C LEU H 11 75.99 -25.07 -25.22
N VAL H 12 76.49 -25.84 -24.25
CA VAL H 12 77.49 -25.38 -23.31
C VAL H 12 78.67 -26.36 -23.32
N GLN H 13 79.65 -26.07 -22.48
CA GLN H 13 80.86 -26.88 -22.39
C GLN H 13 81.41 -26.73 -20.98
N PRO H 14 82.24 -27.67 -20.53
CA PRO H 14 82.86 -27.54 -19.20
C PRO H 14 83.73 -26.29 -19.13
N GLY H 15 83.60 -25.56 -18.03
CA GLY H 15 84.35 -24.33 -17.85
C GLY H 15 83.60 -23.09 -18.32
N GLY H 16 83.31 -23.03 -19.62
CA GLY H 16 82.59 -21.89 -20.17
C GLY H 16 81.10 -22.03 -19.95
N SER H 17 80.49 -21.01 -19.35
CA SER H 17 79.08 -21.04 -19.04
C SER H 17 78.35 -19.84 -19.62
N LEU H 18 77.07 -19.68 -19.28
CA LEU H 18 76.26 -18.58 -19.77
C LEU H 18 75.33 -18.14 -18.65
N ARG H 19 74.33 -17.31 -19.01
CA ARG H 19 73.37 -16.79 -18.04
C ARG H 19 71.97 -16.96 -18.62
N LEU H 20 71.13 -17.71 -17.92
CA LEU H 20 69.75 -17.90 -18.34
C LEU H 20 68.90 -16.70 -17.95
N SER H 21 68.07 -16.24 -18.90
CA SER H 21 67.22 -15.08 -18.68
C SER H 21 65.76 -15.49 -18.86
N CYS H 22 64.95 -15.22 -17.84
CA CYS H 22 63.53 -15.52 -17.86
C CYS H 22 62.76 -14.20 -17.94
N ALA H 23 62.18 -13.93 -19.11
CA ALA H 23 61.45 -12.68 -19.32
C ALA H 23 60.11 -12.74 -18.60
N ALA H 24 59.87 -11.81 -17.70
CA ALA H 24 58.62 -11.74 -16.94
C ALA H 24 57.68 -10.76 -17.63
N SER H 25 56.48 -11.25 -17.98
CA SER H 25 55.49 -10.41 -18.66
C SER H 25 54.11 -10.95 -18.35
N GLY H 26 53.11 -10.13 -18.66
CA GLY H 26 51.72 -10.51 -18.45
C GLY H 26 51.19 -10.13 -17.09
N PHE H 27 51.67 -10.78 -16.04
CA PHE H 27 51.22 -10.51 -14.69
C PHE H 27 51.99 -9.33 -14.09
N THR H 28 51.80 -9.08 -12.80
CA THR H 28 52.50 -8.03 -12.09
C THR H 28 53.72 -8.63 -11.41
N PHE H 29 54.90 -8.32 -11.93
CA PHE H 29 56.15 -8.90 -11.43
C PHE H 29 56.75 -8.04 -10.32
N SER H 30 55.96 -7.76 -9.29
CA SER H 30 56.42 -7.00 -8.15
C SER H 30 55.94 -7.52 -6.80
N SER H 31 55.18 -8.63 -6.77
CA SER H 31 54.67 -9.16 -5.51
C SER H 31 54.70 -10.68 -5.50
N TYR H 32 55.68 -11.29 -6.18
CA TYR H 32 55.77 -12.74 -6.26
C TYR H 32 57.22 -13.17 -6.16
N TRP H 33 57.45 -14.33 -5.57
CA TRP H 33 58.78 -14.91 -5.46
C TRP H 33 59.14 -15.64 -6.75
N MET H 34 60.41 -16.02 -6.85
CA MET H 34 60.91 -16.74 -8.02
C MET H 34 61.82 -17.87 -7.57
N SER H 35 61.77 -18.99 -8.30
CA SER H 35 62.61 -20.14 -8.01
C SER H 35 62.80 -20.94 -9.28
N TRP H 36 63.94 -21.62 -9.37
CA TRP H 36 64.29 -22.42 -10.54
C TRP H 36 64.17 -23.91 -10.20
N VAL H 37 63.63 -24.68 -11.14
CA VAL H 37 63.48 -26.12 -10.99
C VAL H 37 63.95 -26.77 -12.29
N ARG H 38 64.93 -27.66 -12.20
CA ARG H 38 65.48 -28.35 -13.35
C ARG H 38 64.93 -29.76 -13.43
N GLN H 39 65.01 -30.34 -14.64
CA GLN H 39 64.53 -31.69 -14.90
C GLN H 39 65.57 -32.44 -15.71
N ALA H 40 66.12 -33.50 -15.14
CA ALA H 40 67.11 -34.31 -15.83
C ALA H 40 66.42 -35.27 -16.79
N PRO H 41 67.06 -35.61 -17.91
CA PRO H 41 66.45 -36.56 -18.85
C PRO H 41 66.32 -37.95 -18.22
N GLY H 42 65.09 -38.46 -18.22
CA GLY H 42 64.82 -39.73 -17.60
C GLY H 42 64.78 -39.71 -16.09
N LYS H 43 64.54 -38.54 -15.49
CA LYS H 43 64.49 -38.41 -14.04
C LYS H 43 63.29 -37.58 -13.61
N GLY H 44 63.24 -37.20 -12.34
CA GLY H 44 62.15 -36.40 -11.82
C GLY H 44 62.42 -34.90 -11.88
N LEU H 45 62.11 -34.21 -10.79
CA LEU H 45 62.32 -32.76 -10.70
C LEU H 45 63.24 -32.45 -9.53
N GLU H 46 64.05 -31.40 -9.69
CA GLU H 46 65.01 -30.99 -8.68
C GLU H 46 64.91 -29.48 -8.48
N TRP H 47 64.86 -29.07 -7.22
CA TRP H 47 64.79 -27.64 -6.88
C TRP H 47 66.20 -27.05 -6.94
N VAL H 48 66.39 -26.07 -7.82
CA VAL H 48 67.71 -25.49 -8.03
C VAL H 48 68.03 -24.46 -6.94
N ALA H 49 67.25 -23.38 -6.89
CA ALA H 49 67.48 -22.31 -5.94
C ALA H 49 66.22 -21.43 -5.91
N ASN H 50 66.22 -20.48 -4.98
CA ASN H 50 65.14 -19.53 -4.82
C ASN H 50 65.70 -18.11 -4.83
N ILE H 51 64.79 -17.13 -4.83
CA ILE H 51 65.18 -15.73 -4.86
C ILE H 51 64.05 -14.91 -4.23
N ASN H 52 64.43 -13.80 -3.60
CA ASN H 52 63.48 -12.95 -2.88
C ASN H 52 62.79 -12.01 -3.87
N GLN H 53 62.16 -10.96 -3.35
CA GLN H 53 61.48 -9.99 -4.20
C GLN H 53 62.44 -9.26 -5.12
N ASP H 54 63.32 -8.42 -4.55
CA ASP H 54 64.32 -7.72 -5.34
C ASP H 54 65.74 -8.12 -4.99
N GLY H 55 66.13 -8.02 -3.72
CA GLY H 55 67.48 -8.38 -3.32
C GLY H 55 67.56 -8.93 -1.91
N GLY H 56 66.43 -9.39 -1.37
CA GLY H 56 66.38 -9.82 0.01
C GLY H 56 67.29 -10.98 0.37
N GLU H 57 66.98 -12.17 -0.13
CA GLU H 57 67.75 -13.36 0.17
C GLU H 57 67.82 -14.24 -1.07
N LYS H 58 68.94 -14.97 -1.20
CA LYS H 58 69.17 -15.88 -2.31
C LYS H 58 69.46 -17.26 -1.72
N TYR H 59 68.40 -18.04 -1.55
CA TYR H 59 68.53 -19.37 -0.96
C TYR H 59 69.04 -20.36 -2.00
N TYR H 60 70.15 -21.03 -1.69
CA TYR H 60 70.71 -22.06 -2.55
C TYR H 60 70.60 -23.42 -1.87
N VAL H 61 70.72 -24.46 -2.69
CA VAL H 61 70.76 -25.83 -2.20
C VAL H 61 72.21 -26.21 -1.97
N ASP H 62 72.44 -27.17 -1.07
CA ASP H 62 73.79 -27.58 -0.73
C ASP H 62 74.51 -28.27 -1.88
N SER H 63 73.80 -28.63 -2.95
CA SER H 63 74.43 -29.29 -4.09
C SER H 63 75.18 -28.29 -4.96
N VAL H 64 74.55 -27.17 -5.31
CA VAL H 64 75.15 -26.17 -6.19
C VAL H 64 75.63 -24.95 -5.40
N LYS H 65 75.75 -25.08 -4.08
CA LYS H 65 76.17 -23.95 -3.24
C LYS H 65 77.65 -23.68 -3.49
N GLY H 66 77.95 -22.56 -4.15
CA GLY H 66 79.31 -22.15 -4.43
C GLY H 66 79.68 -22.13 -5.89
N ARG H 67 78.79 -22.58 -6.79
CA ARG H 67 79.09 -22.59 -8.22
C ARG H 67 77.91 -22.08 -9.06
N PHE H 68 76.90 -21.49 -8.43
CA PHE H 68 75.76 -20.92 -9.14
C PHE H 68 75.45 -19.54 -8.58
N THR H 69 75.12 -18.61 -9.47
CA THR H 69 74.82 -17.23 -9.09
C THR H 69 73.46 -16.85 -9.66
N ILE H 70 72.52 -16.55 -8.79
CA ILE H 70 71.17 -16.14 -9.19
C ILE H 70 71.02 -14.65 -8.92
N SER H 71 70.20 -13.99 -9.73
CA SER H 71 69.96 -12.57 -9.58
C SER H 71 68.57 -12.24 -10.12
N ARG H 72 68.07 -11.07 -9.74
CA ARG H 72 66.75 -10.63 -10.16
C ARG H 72 66.69 -9.11 -10.13
N ASP H 73 66.37 -8.51 -11.27
CA ASP H 73 66.24 -7.06 -11.39
C ASP H 73 64.75 -6.72 -11.40
N ASN H 74 64.26 -6.19 -10.29
CA ASN H 74 62.84 -5.87 -10.18
C ASN H 74 62.46 -4.65 -11.01
N ALA H 75 63.43 -3.82 -11.40
CA ALA H 75 63.13 -2.64 -12.19
C ALA H 75 62.70 -3.02 -13.61
N LYS H 76 63.54 -3.77 -14.32
CA LYS H 76 63.26 -4.17 -15.69
C LYS H 76 62.41 -5.43 -15.77
N ASN H 77 62.03 -6.02 -14.64
CA ASN H 77 61.18 -7.21 -14.59
C ASN H 77 61.81 -8.36 -15.36
N SER H 78 62.98 -8.80 -14.88
CA SER H 78 63.71 -9.89 -15.51
C SER H 78 64.35 -10.75 -14.44
N LEU H 79 64.57 -12.02 -14.76
CA LEU H 79 65.18 -12.99 -13.87
C LEU H 79 66.41 -13.57 -14.55
N PHE H 80 67.58 -13.35 -13.96
CA PHE H 80 68.84 -13.80 -14.52
C PHE H 80 69.43 -14.92 -13.65
N LEU H 81 69.89 -15.98 -14.30
CA LEU H 81 70.52 -17.11 -13.62
C LEU H 81 71.82 -17.44 -14.36
N GLN H 82 72.93 -16.96 -13.82
CA GLN H 82 74.24 -17.16 -14.43
C GLN H 82 74.95 -18.36 -13.82
N MET H 83 75.59 -19.15 -14.67
CA MET H 83 76.31 -20.34 -14.24
C MET H 83 77.81 -20.11 -14.31
N ASN H 84 78.56 -20.99 -13.66
CA ASN H 84 80.01 -20.93 -13.65
C ASN H 84 80.56 -22.28 -13.22
N SER H 85 81.58 -22.76 -13.93
CA SER H 85 82.19 -24.07 -13.68
C SER H 85 81.14 -25.18 -13.72
N VAL H 86 80.55 -25.34 -14.91
CA VAL H 86 79.51 -26.34 -15.09
C VAL H 86 80.08 -27.73 -14.88
N ARG H 87 79.44 -28.50 -13.99
CA ARG H 87 79.88 -29.86 -13.69
C ARG H 87 79.34 -30.83 -14.74
N ALA H 88 79.48 -32.12 -14.49
CA ALA H 88 79.03 -33.14 -15.43
C ALA H 88 77.57 -33.53 -15.20
N GLU H 89 77.14 -33.57 -13.95
CA GLU H 89 75.77 -33.96 -13.63
C GLU H 89 74.76 -32.83 -13.78
N ASP H 90 75.19 -31.66 -14.25
CA ASP H 90 74.30 -30.53 -14.44
C ASP H 90 73.54 -30.57 -15.77
N THR H 91 73.63 -31.67 -16.51
CA THR H 91 72.93 -31.81 -17.78
C THR H 91 71.45 -32.02 -17.49
N ALA H 92 70.68 -30.95 -17.52
CA ALA H 92 69.25 -31.02 -17.24
C ALA H 92 68.57 -29.80 -17.85
N VAL H 93 67.27 -29.95 -18.11
CA VAL H 93 66.46 -28.87 -18.65
C VAL H 93 65.93 -28.04 -17.50
N TYR H 94 66.20 -26.73 -17.54
CA TYR H 94 65.80 -25.81 -16.48
C TYR H 94 64.46 -25.16 -16.83
N PHE H 95 63.63 -24.95 -15.81
CA PHE H 95 62.31 -24.35 -15.96
C PHE H 95 62.20 -23.12 -15.10
N CYS H 96 61.50 -22.11 -15.61
CA CYS H 96 61.24 -20.87 -14.90
C CYS H 96 59.77 -20.84 -14.48
N ALA H 97 59.54 -20.62 -13.18
CA ALA H 97 58.18 -20.60 -12.66
C ALA H 97 58.11 -19.62 -11.50
N ARG H 98 57.04 -18.83 -11.47
CA ARG H 98 56.82 -17.88 -10.40
C ARG H 98 56.14 -18.56 -9.20
N VAL H 99 56.36 -17.99 -8.03
CA VAL H 99 55.84 -18.53 -6.78
C VAL H 99 54.65 -17.68 -6.34
N TRP H 100 53.49 -18.31 -6.20
CA TRP H 100 52.31 -17.60 -5.71
C TRP H 100 52.53 -17.10 -4.28
N TYR H 101 52.95 -18.00 -3.40
CA TYR H 101 53.37 -17.64 -2.05
C TYR H 101 54.33 -18.69 -1.55
N TYR H 102 55.17 -18.30 -0.59
CA TYR H 102 56.30 -19.13 -0.17
C TYR H 102 55.89 -20.52 0.29
N TYR H 103 54.63 -20.70 0.69
CA TYR H 103 54.13 -22.01 1.12
C TYR H 103 53.13 -22.61 0.14
N GLY H 104 53.19 -22.22 -1.13
CA GLY H 104 52.27 -22.71 -2.13
C GLY H 104 52.96 -23.23 -3.36
N PRO H 105 52.17 -23.65 -4.35
CA PRO H 105 52.73 -24.21 -5.59
C PRO H 105 53.15 -23.10 -6.54
N ARG H 106 53.57 -23.53 -7.74
CA ARG H 106 53.96 -22.62 -8.81
C ARG H 106 52.80 -22.48 -9.78
N ASP H 107 52.41 -21.23 -10.08
CA ASP H 107 51.25 -20.99 -10.91
C ASP H 107 51.54 -21.30 -12.37
N TYR H 108 52.50 -20.60 -12.95
CA TYR H 108 52.83 -20.73 -14.37
C TYR H 108 54.29 -21.11 -14.53
N TRP H 109 54.55 -22.16 -15.31
CA TRP H 109 55.90 -22.60 -15.60
C TRP H 109 56.40 -21.98 -16.91
N GLY H 110 57.68 -22.16 -17.18
CA GLY H 110 58.28 -21.63 -18.38
C GLY H 110 58.08 -22.52 -19.59
N GLN H 111 59.12 -22.65 -20.42
CA GLN H 111 59.07 -23.48 -21.62
C GLN H 111 60.19 -24.50 -21.73
N GLY H 112 61.28 -24.34 -20.98
CA GLY H 112 62.36 -25.31 -21.03
C GLY H 112 63.56 -24.83 -21.83
N THR H 113 64.76 -25.10 -21.32
CA THR H 113 66.01 -24.73 -22.00
C THR H 113 66.87 -25.98 -22.13
N LEU H 114 67.18 -26.35 -23.37
CA LEU H 114 67.99 -27.54 -23.65
C LEU H 114 69.46 -27.19 -23.42
N VAL H 115 69.90 -27.35 -22.18
CA VAL H 115 71.29 -27.08 -21.79
C VAL H 115 71.94 -28.43 -21.48
N THR H 116 72.78 -28.90 -22.39
CA THR H 116 73.45 -30.19 -22.24
C THR H 116 74.95 -30.00 -22.40
N VAL H 117 75.71 -30.88 -21.73
CA VAL H 117 77.17 -30.87 -21.78
C VAL H 117 77.61 -32.11 -22.54
N SER H 118 78.27 -31.92 -23.68
CA SER H 118 78.72 -33.02 -24.52
C SER H 118 80.02 -32.65 -25.19
N SER H 119 81.01 -33.52 -25.10
CA SER H 119 82.28 -33.36 -25.79
C SER H 119 82.17 -33.99 -27.17
N ALA H 120 83.32 -34.19 -27.83
CA ALA H 120 83.38 -34.81 -29.16
C ALA H 120 82.54 -34.00 -30.16
N SER H 121 83.00 -32.77 -30.39
CA SER H 121 82.25 -31.78 -31.16
C SER H 121 82.03 -32.21 -32.61
N THR H 122 81.30 -31.38 -33.36
CA THR H 122 80.79 -31.69 -34.70
C THR H 122 81.83 -32.37 -35.58
N LYS H 123 81.47 -33.55 -36.08
CA LYS H 123 82.34 -34.33 -36.95
C LYS H 123 81.48 -35.10 -37.93
N GLY H 124 82.12 -35.74 -38.89
CA GLY H 124 81.43 -36.51 -39.90
C GLY H 124 81.56 -38.01 -39.69
N PRO H 125 80.51 -38.64 -39.21
CA PRO H 125 80.53 -40.09 -38.99
C PRO H 125 80.07 -40.86 -40.23
N SER H 126 80.11 -42.18 -40.11
CA SER H 126 79.67 -43.08 -41.16
C SER H 126 78.48 -43.90 -40.69
N VAL H 127 77.70 -44.38 -41.67
CA VAL H 127 76.51 -45.17 -41.42
C VAL H 127 76.79 -46.61 -41.85
N PHE H 128 76.28 -47.57 -41.06
CA PHE H 128 76.46 -48.99 -41.35
C PHE H 128 75.11 -49.68 -41.35
N PRO H 129 74.73 -50.39 -42.41
CA PRO H 129 73.45 -51.07 -42.44
C PRO H 129 73.48 -52.35 -41.61
N LEU H 130 72.36 -53.07 -41.62
CA LEU H 130 72.21 -54.30 -40.84
C LEU H 130 72.49 -55.56 -41.66
N ALA H 131 72.07 -55.58 -42.92
CA ALA H 131 72.23 -56.73 -43.81
C ALA H 131 71.67 -57.99 -43.17
N PRO H 132 70.34 -58.11 -43.05
CA PRO H 132 69.75 -59.28 -42.39
C PRO H 132 69.96 -60.56 -43.19
N SER H 133 70.86 -61.41 -42.71
CA SER H 133 71.21 -62.64 -43.42
C SER H 133 70.94 -63.90 -42.63
N SER H 134 71.35 -63.95 -41.36
CA SER H 134 71.41 -65.23 -40.65
C SER H 134 70.03 -65.71 -40.20
N LYS H 135 69.39 -64.96 -39.32
CA LYS H 135 68.12 -65.36 -38.72
C LYS H 135 67.10 -64.25 -38.79
N SER H 136 67.05 -63.56 -39.93
CA SER H 136 66.09 -62.48 -40.13
C SER H 136 65.46 -62.49 -41.51
N THR H 137 65.83 -63.42 -42.39
CA THR H 137 65.20 -63.51 -43.71
C THR H 137 63.88 -64.27 -43.64
N SER H 138 63.82 -65.32 -42.83
CA SER H 138 62.61 -66.12 -42.67
C SER H 138 62.20 -66.35 -41.23
N GLY H 139 63.10 -66.16 -40.27
CA GLY H 139 62.77 -66.36 -38.87
C GLY H 139 62.32 -65.09 -38.18
N GLY H 140 61.06 -65.07 -37.72
CA GLY H 140 60.53 -63.90 -37.06
C GLY H 140 60.10 -62.83 -38.05
N THR H 141 60.05 -61.59 -37.55
CA THR H 141 59.64 -60.44 -38.36
C THR H 141 60.84 -59.97 -39.18
N ALA H 142 60.79 -60.16 -40.49
CA ALA H 142 61.87 -59.72 -41.36
C ALA H 142 61.90 -58.20 -41.42
N ALA H 143 63.07 -57.62 -41.17
CA ALA H 143 63.24 -56.17 -41.17
C ALA H 143 64.70 -55.84 -41.43
N LEU H 144 64.96 -54.56 -41.68
CA LEU H 144 66.30 -54.08 -41.91
C LEU H 144 66.32 -52.57 -41.70
N GLY H 145 67.52 -52.04 -41.47
CA GLY H 145 67.67 -50.63 -41.22
C GLY H 145 69.11 -50.18 -41.33
N CYS H 146 69.39 -49.05 -40.69
CA CYS H 146 70.74 -48.47 -40.73
C CYS H 146 71.25 -48.22 -39.32
N LEU H 147 72.39 -47.56 -39.19
CA LEU H 147 72.98 -47.29 -37.88
C LEU H 147 73.93 -46.11 -37.99
N VAL H 148 73.63 -45.03 -37.27
CA VAL H 148 74.48 -43.85 -37.21
C VAL H 148 75.13 -43.81 -35.84
N LYS H 149 76.46 -43.87 -35.81
CA LYS H 149 77.21 -43.94 -34.58
C LYS H 149 78.22 -42.80 -34.50
N ASP H 150 78.45 -42.31 -33.28
CA ASP H 150 79.45 -41.27 -33.01
C ASP H 150 79.16 -40.00 -33.80
N TYR H 151 78.00 -39.40 -33.50
CA TYR H 151 77.59 -38.12 -34.08
C TYR H 151 77.22 -37.17 -32.95
N PHE H 152 77.74 -35.93 -33.02
CA PHE H 152 77.61 -35.02 -31.89
C PHE H 152 76.19 -34.47 -31.73
N PRO H 153 75.62 -33.75 -32.72
CA PRO H 153 74.30 -33.14 -32.49
C PRO H 153 73.18 -34.17 -32.62
N GLU H 154 71.93 -33.74 -32.58
CA GLU H 154 70.79 -34.62 -32.78
C GLU H 154 69.78 -34.01 -33.77
N PRO H 155 70.21 -33.69 -34.98
CA PRO H 155 69.26 -33.26 -36.03
C PRO H 155 68.86 -34.36 -37.01
N VAL H 156 69.30 -35.60 -36.79
CA VAL H 156 69.17 -36.63 -37.82
C VAL H 156 67.73 -37.12 -37.87
N THR H 157 67.18 -37.20 -39.09
CA THR H 157 65.86 -37.76 -39.36
C THR H 157 66.05 -38.78 -40.48
N VAL H 158 66.32 -40.03 -40.12
CA VAL H 158 66.65 -41.07 -41.09
C VAL H 158 65.42 -41.40 -41.92
N SER H 159 65.51 -41.23 -43.23
CA SER H 159 64.45 -41.58 -44.15
C SER H 159 64.95 -42.69 -45.08
N TRP H 160 64.10 -43.09 -46.03
CA TRP H 160 64.42 -44.14 -46.99
C TRP H 160 64.16 -43.60 -48.40
N ASN H 161 65.24 -43.36 -49.15
CA ASN H 161 65.16 -42.90 -50.54
C ASN H 161 64.40 -41.58 -50.66
N SER H 162 64.42 -40.77 -49.60
CA SER H 162 63.78 -39.45 -49.58
C SER H 162 62.29 -39.55 -49.92
N GLY H 163 61.66 -40.61 -49.43
CA GLY H 163 60.24 -40.80 -49.66
C GLY H 163 59.93 -41.56 -50.94
N ALA H 164 60.77 -42.54 -51.27
CA ALA H 164 60.56 -43.37 -52.46
C ALA H 164 60.52 -44.86 -52.17
N LEU H 165 60.97 -45.30 -50.99
CA LEU H 165 60.94 -46.71 -50.61
C LEU H 165 60.42 -46.85 -49.19
N THR H 166 59.38 -46.11 -48.86
CA THR H 166 58.81 -46.10 -47.50
C THR H 166 57.70 -47.14 -47.40
N SER H 167 57.78 -47.98 -46.37
CA SER H 167 56.74 -48.98 -46.12
C SER H 167 56.42 -49.10 -44.64
N GLY H 168 56.69 -48.06 -43.86
CA GLY H 168 56.48 -48.11 -42.41
C GLY H 168 57.78 -48.09 -41.64
N VAL H 169 58.14 -46.92 -41.13
CA VAL H 169 59.41 -46.71 -40.42
C VAL H 169 59.09 -46.32 -38.98
N HIS H 170 59.69 -47.04 -38.04
CA HIS H 170 59.53 -46.77 -36.60
C HIS H 170 60.91 -46.48 -36.03
N THR H 171 61.31 -45.22 -36.07
CA THR H 171 62.63 -44.79 -35.61
C THR H 171 62.55 -44.37 -34.15
N PHE H 172 63.50 -44.86 -33.35
CA PHE H 172 63.58 -44.56 -31.94
C PHE H 172 64.82 -43.72 -31.64
N PRO H 173 64.76 -42.88 -30.59
CA PRO H 173 65.92 -42.03 -30.28
C PRO H 173 67.14 -42.85 -29.89
N ALA H 174 68.30 -42.19 -29.91
CA ALA H 174 69.57 -42.83 -29.61
C ALA H 174 69.85 -42.71 -28.12
N VAL H 175 71.08 -43.06 -27.72
CA VAL H 175 71.48 -43.02 -26.31
C VAL H 175 72.97 -42.71 -26.24
N LEU H 176 73.36 -41.96 -25.22
CA LEU H 176 74.75 -41.59 -25.01
C LEU H 176 75.51 -42.76 -24.41
N GLN H 177 76.66 -43.09 -25.01
CA GLN H 177 77.41 -44.26 -24.56
C GLN H 177 78.28 -43.93 -23.33
N SER H 178 79.30 -43.10 -23.51
CA SER H 178 80.13 -42.69 -22.38
C SER H 178 80.07 -41.19 -22.13
N SER H 179 80.51 -40.36 -23.08
CA SER H 179 80.41 -38.91 -22.95
C SER H 179 79.97 -38.19 -24.20
N GLY H 180 80.19 -38.73 -25.40
CA GLY H 180 79.81 -38.05 -26.62
C GLY H 180 79.43 -38.99 -27.73
N LEU H 181 79.33 -40.29 -27.42
CA LEU H 181 79.07 -41.31 -28.42
C LEU H 181 77.57 -41.62 -28.44
N TYR H 182 76.92 -41.29 -29.54
CA TYR H 182 75.50 -41.56 -29.74
C TYR H 182 75.33 -42.56 -30.87
N SER H 183 74.50 -43.57 -30.63
CA SER H 183 74.28 -44.64 -31.60
C SER H 183 72.82 -44.61 -32.03
N LEU H 184 72.54 -43.99 -33.17
CA LEU H 184 71.20 -43.93 -33.72
C LEU H 184 71.01 -45.03 -34.76
N SER H 185 69.85 -45.66 -34.73
CA SER H 185 69.53 -46.74 -35.66
C SER H 185 68.05 -46.69 -36.02
N SER H 186 67.75 -46.86 -37.30
CA SER H 186 66.38 -46.91 -37.80
C SER H 186 66.04 -48.32 -38.24
N VAL H 187 64.75 -48.59 -38.43
CA VAL H 187 64.27 -49.89 -38.85
C VAL H 187 63.02 -49.71 -39.68
N VAL H 188 62.95 -50.45 -40.79
CA VAL H 188 61.78 -50.46 -41.67
C VAL H 188 61.35 -51.90 -41.88
N THR H 189 60.04 -52.10 -42.01
CA THR H 189 59.48 -53.44 -42.19
C THR H 189 59.49 -53.81 -43.66
N VAL H 190 59.81 -55.07 -43.94
CA VAL H 190 59.87 -55.58 -45.31
C VAL H 190 58.95 -56.80 -45.40
N PRO H 191 58.13 -56.91 -46.45
CA PRO H 191 57.24 -58.06 -46.60
C PRO H 191 57.94 -59.36 -47.00
N SER H 192 59.27 -59.39 -46.97
CA SER H 192 60.05 -60.59 -47.33
C SER H 192 59.76 -61.02 -48.77
N SER H 193 59.68 -60.04 -49.67
CA SER H 193 59.43 -60.31 -51.08
C SER H 193 60.35 -59.57 -52.02
N SER H 194 61.10 -58.56 -51.55
CA SER H 194 62.00 -57.79 -52.38
C SER H 194 63.42 -57.78 -51.80
N LEU H 195 63.83 -58.88 -51.16
CA LEU H 195 65.17 -58.94 -50.59
C LEU H 195 66.23 -59.02 -51.67
N GLY H 196 65.96 -59.79 -52.73
CA GLY H 196 66.90 -59.91 -53.84
C GLY H 196 66.41 -59.24 -55.10
N THR H 197 65.45 -58.32 -54.96
CA THR H 197 64.86 -57.62 -56.10
C THR H 197 65.42 -56.20 -56.25
N GLN H 198 65.39 -55.41 -55.18
CA GLN H 198 65.88 -54.03 -55.23
C GLN H 198 66.77 -53.81 -54.02
N THR H 199 68.00 -53.36 -54.27
CA THR H 199 68.95 -53.13 -53.19
C THR H 199 68.59 -51.88 -52.41
N TYR H 200 68.63 -51.99 -51.09
CA TYR H 200 68.25 -50.89 -50.21
C TYR H 200 69.38 -49.89 -50.09
N ILE H 201 69.03 -48.60 -50.08
CA ILE H 201 69.99 -47.50 -49.98
C ILE H 201 69.48 -46.55 -48.90
N CYS H 202 70.02 -46.68 -47.69
CA CYS H 202 69.62 -45.81 -46.58
C CYS H 202 70.31 -44.46 -46.70
N ASN H 203 69.56 -43.40 -46.40
CA ASN H 203 70.04 -42.03 -46.52
C ASN H 203 69.98 -41.35 -45.16
N VAL H 204 70.97 -40.50 -44.88
CA VAL H 204 71.05 -39.76 -43.64
C VAL H 204 70.73 -38.29 -43.92
N ASN H 205 70.26 -37.60 -42.89
CA ASN H 205 69.84 -36.20 -42.99
C ASN H 205 70.56 -35.34 -41.96
N HIS H 206 71.88 -35.51 -41.88
CA HIS H 206 72.68 -34.73 -40.93
C HIS H 206 72.79 -33.29 -41.42
N LYS H 207 72.33 -32.35 -40.59
CA LYS H 207 72.30 -30.94 -40.98
C LYS H 207 73.68 -30.27 -40.92
N PRO H 208 74.42 -30.38 -39.81
CA PRO H 208 75.74 -29.70 -39.78
C PRO H 208 76.71 -30.24 -40.82
N SER H 209 76.97 -31.55 -40.82
CA SER H 209 77.85 -32.16 -41.79
C SER H 209 77.04 -32.52 -43.04
N ASN H 210 77.65 -33.28 -43.95
CA ASN H 210 76.98 -33.73 -45.18
C ASN H 210 77.11 -35.25 -45.23
N THR H 211 76.21 -35.94 -44.54
CA THR H 211 76.18 -37.40 -44.53
C THR H 211 75.23 -37.92 -45.61
N LYS H 212 75.52 -37.53 -46.85
CA LYS H 212 74.74 -37.95 -48.00
C LYS H 212 75.27 -39.21 -48.65
N VAL H 213 76.18 -39.92 -47.99
CA VAL H 213 76.75 -41.16 -48.53
C VAL H 213 75.80 -42.30 -48.22
N ASP H 214 75.13 -42.81 -49.25
CA ASP H 214 74.22 -43.95 -49.11
C ASP H 214 75.04 -45.23 -49.16
N LYS H 215 75.43 -45.73 -47.99
CA LYS H 215 76.23 -46.95 -47.92
C LYS H 215 75.43 -48.13 -48.43
N ARG H 216 76.03 -48.86 -49.39
CA ARG H 216 75.36 -50.00 -49.99
C ARG H 216 75.28 -51.16 -49.00
N VAL H 217 74.08 -51.70 -48.83
CA VAL H 217 73.87 -52.89 -48.02
C VAL H 217 74.20 -54.12 -48.86
N GLU H 218 74.65 -55.18 -48.19
CA GLU H 218 75.04 -56.42 -48.87
C GLU H 218 74.10 -57.54 -48.45
N PRO H 219 72.99 -57.74 -49.17
CA PRO H 219 72.10 -58.87 -48.85
C PRO H 219 72.71 -60.19 -49.23
N LYS H 220 73.03 -61.03 -48.23
CA LYS H 220 73.62 -62.34 -48.48
C LYS H 220 72.54 -63.27 -48.99
N SER H 221 72.26 -63.15 -50.30
CA SER H 221 71.23 -63.98 -50.91
C SER H 221 71.66 -65.42 -51.11
N CYS H 222 72.97 -65.71 -51.03
CA CYS H 222 73.47 -67.06 -51.21
C CYS H 222 73.58 -67.85 -49.92
N ASP H 223 73.52 -67.18 -48.77
CA ASP H 223 73.64 -67.90 -47.49
C ASP H 223 72.30 -68.52 -47.08
N LYS H 224 71.30 -67.69 -46.83
CA LYS H 224 70.00 -68.16 -46.39
C LYS H 224 68.89 -67.84 -47.38
N THR H 225 68.76 -66.58 -47.79
CA THR H 225 67.74 -66.18 -48.75
C THR H 225 68.15 -64.91 -49.49
N ILE I 2 66.15 -36.54 3.63
CA ILE I 2 64.73 -36.54 3.33
C ILE I 2 64.49 -36.87 1.86
N VAL I 3 63.56 -37.78 1.60
CA VAL I 3 63.23 -38.19 0.25
C VAL I 3 61.75 -38.53 0.20
N MET I 4 61.15 -38.37 -0.97
CA MET I 4 59.73 -38.62 -1.20
C MET I 4 59.60 -39.90 -2.02
N THR I 5 59.04 -40.94 -1.41
CA THR I 5 58.86 -42.21 -2.10
C THR I 5 57.60 -42.18 -2.95
N GLN I 6 57.65 -42.89 -4.08
CA GLN I 6 56.54 -42.91 -5.03
C GLN I 6 56.68 -44.13 -5.91
N PRO I 7 55.59 -44.83 -6.21
CA PRO I 7 55.69 -45.99 -7.11
C PRO I 7 56.16 -45.58 -8.50
N HIS I 8 56.95 -46.46 -9.13
CA HIS I 8 57.56 -46.14 -10.41
C HIS I 8 56.52 -46.13 -11.53
N SER I 9 55.76 -47.20 -11.66
CA SER I 9 54.80 -47.34 -12.75
C SER I 9 53.52 -47.97 -12.25
N VAL I 10 52.45 -47.77 -13.01
CA VAL I 10 51.14 -48.33 -12.71
C VAL I 10 50.32 -48.32 -13.99
N SER I 11 49.55 -49.38 -14.20
CA SER I 11 48.76 -49.51 -15.42
C SER I 11 47.46 -50.25 -15.10
N GLU I 12 46.38 -49.85 -15.77
CA GLU I 12 45.08 -50.48 -15.61
C GLU I 12 44.26 -50.19 -16.87
N SER I 13 42.97 -50.48 -16.81
CA SER I 13 42.04 -50.24 -17.89
C SER I 13 41.08 -49.11 -17.52
N PRO I 14 40.45 -48.48 -18.52
CA PRO I 14 39.44 -47.44 -18.21
C PRO I 14 38.34 -48.00 -17.34
N GLY I 15 38.19 -47.40 -16.15
CA GLY I 15 37.25 -47.90 -15.17
C GLY I 15 37.40 -47.25 -13.81
N LYS I 16 37.53 -48.05 -12.77
CA LYS I 16 37.65 -47.53 -11.41
C LYS I 16 38.95 -46.72 -11.26
N THR I 17 39.05 -46.05 -10.12
CA THR I 17 40.17 -45.17 -9.85
C THR I 17 41.32 -45.93 -9.16
N VAL I 18 42.54 -45.47 -9.42
CA VAL I 18 43.74 -46.01 -8.80
C VAL I 18 44.53 -44.84 -8.23
N THR I 19 44.60 -44.75 -6.91
CA THR I 19 45.28 -43.64 -6.27
C THR I 19 46.80 -43.84 -6.31
N ILE I 20 47.51 -42.72 -6.23
CA ILE I 20 48.97 -42.70 -6.22
C ILE I 20 49.44 -42.29 -4.83
N SER I 21 50.33 -43.08 -4.25
CA SER I 21 50.81 -42.85 -2.89
C SER I 21 52.10 -42.05 -2.91
N CYS I 22 52.32 -41.30 -1.82
CA CYS I 22 53.54 -40.51 -1.66
C CYS I 22 53.87 -40.49 -0.18
N THR I 23 54.74 -41.40 0.25
CA THR I 23 55.11 -41.55 1.65
C THR I 23 56.40 -40.79 1.93
N ARG I 24 56.41 -40.05 3.03
CA ARG I 24 57.58 -39.26 3.42
C ARG I 24 58.61 -40.17 4.10
N SER I 25 59.67 -39.56 4.63
CA SER I 25 60.70 -40.27 5.35
C SER I 25 60.92 -39.76 6.76
N SER I 26 60.74 -38.46 7.00
CA SER I 26 60.89 -37.89 8.32
C SER I 26 59.95 -36.69 8.45
N GLY I 27 59.64 -36.33 9.68
CA GLY I 27 58.74 -35.22 9.94
C GLY I 27 57.28 -35.63 9.90
N SER I 28 56.43 -34.61 9.80
CA SER I 28 54.99 -34.80 9.76
C SER I 28 54.44 -34.38 8.40
N ILE I 29 53.41 -35.08 7.95
CA ILE I 29 52.76 -34.75 6.68
C ILE I 29 51.69 -33.68 6.86
N ALA I 30 51.13 -33.55 8.06
CA ALA I 30 50.11 -32.56 8.35
C ALA I 30 50.70 -31.22 8.81
N SER I 31 52.00 -31.01 8.61
CA SER I 31 52.64 -29.76 8.99
C SER I 31 52.77 -28.79 7.83
N ASN I 32 52.69 -29.27 6.59
CA ASN I 32 52.77 -28.43 5.40
C ASN I 32 51.81 -28.97 4.35
N TYR I 33 51.63 -28.18 3.30
CA TYR I 33 50.71 -28.56 2.23
C TYR I 33 51.35 -29.61 1.33
N VAL I 34 50.51 -30.25 0.51
CA VAL I 34 50.94 -31.28 -0.43
C VAL I 34 50.35 -30.94 -1.79
N GLN I 35 51.22 -30.80 -2.80
CA GLN I 35 50.79 -30.46 -4.15
C GLN I 35 51.10 -31.61 -5.10
N TRP I 36 50.36 -31.66 -6.19
CA TRP I 36 50.52 -32.69 -7.22
C TRP I 36 50.59 -32.02 -8.58
N TYR I 37 51.71 -32.20 -9.27
CA TYR I 37 51.92 -31.64 -10.59
C TYR I 37 51.80 -32.72 -11.66
N GLN I 38 51.50 -32.29 -12.88
CA GLN I 38 51.39 -33.18 -14.03
C GLN I 38 52.28 -32.65 -15.15
N GLN I 39 53.19 -33.49 -15.62
CA GLN I 39 54.15 -33.12 -16.66
C GLN I 39 53.84 -33.93 -17.92
N ARG I 40 53.26 -33.28 -18.91
CA ARG I 40 52.99 -33.96 -20.18
C ARG I 40 54.30 -34.21 -20.93
N PRO I 41 54.44 -35.37 -21.58
CA PRO I 41 55.67 -35.64 -22.31
C PRO I 41 55.89 -34.70 -23.48
N GLY I 42 56.91 -33.86 -23.38
CA GLY I 42 57.24 -32.92 -24.43
C GLY I 42 56.79 -31.49 -24.21
N SER I 43 56.35 -31.15 -22.99
CA SER I 43 55.88 -29.80 -22.69
C SER I 43 56.27 -29.47 -21.26
N SER I 44 55.71 -28.37 -20.73
CA SER I 44 55.97 -27.90 -19.38
C SER I 44 54.96 -28.48 -18.40
N PRO I 45 55.37 -28.70 -17.15
CA PRO I 45 54.44 -29.23 -16.16
C PRO I 45 53.33 -28.24 -15.83
N THR I 46 52.27 -28.76 -15.21
CA THR I 46 51.13 -27.96 -14.81
C THR I 46 50.60 -28.48 -13.48
N THR I 47 50.03 -27.56 -12.69
CA THR I 47 49.48 -27.90 -11.40
C THR I 47 48.06 -28.44 -11.55
N VAL I 48 47.79 -29.58 -10.93
CA VAL I 48 46.46 -30.19 -10.99
C VAL I 48 45.72 -29.93 -9.69
N ILE I 49 46.25 -30.44 -8.59
CA ILE I 49 45.66 -30.28 -7.27
C ILE I 49 46.70 -29.67 -6.34
N TYR I 50 46.30 -28.64 -5.61
CA TYR I 50 47.11 -28.02 -4.56
C TYR I 50 46.24 -27.87 -3.33
N GLU I 51 46.84 -28.08 -2.14
CA GLU I 51 46.11 -28.09 -0.89
C GLU I 51 44.99 -29.15 -0.94
N ASP I 52 45.44 -30.40 -1.03
CA ASP I 52 44.63 -31.56 -1.41
C ASP I 52 43.21 -31.54 -0.88
N ASN I 53 43.00 -31.02 0.33
CA ASN I 53 41.64 -30.85 0.84
C ASN I 53 40.78 -29.96 -0.06
N GLN I 54 41.42 -29.13 -0.88
CA GLN I 54 40.72 -28.28 -1.84
C GLN I 54 41.22 -28.57 -3.26
N ARG I 55 40.53 -27.99 -4.23
CA ARG I 55 40.88 -28.15 -5.64
C ARG I 55 40.63 -26.84 -6.39
N PRO I 56 41.51 -26.48 -7.32
CA PRO I 56 41.35 -25.24 -8.07
C PRO I 56 40.32 -25.40 -9.18
N SER I 57 40.14 -24.32 -9.94
CA SER I 57 39.23 -24.31 -11.07
C SER I 57 39.92 -24.84 -12.32
N GLY I 58 39.17 -24.95 -13.41
CA GLY I 58 39.73 -25.48 -14.66
C GLY I 58 39.91 -26.97 -14.69
N VAL I 59 40.60 -27.54 -13.70
CA VAL I 59 40.76 -28.99 -13.63
C VAL I 59 39.44 -29.62 -13.19
N PRO I 60 38.98 -30.68 -13.85
CA PRO I 60 37.72 -31.32 -13.44
C PRO I 60 37.80 -31.85 -12.02
N ASP I 61 36.64 -31.93 -11.37
CA ASP I 61 36.56 -32.39 -9.98
C ASP I 61 36.83 -33.88 -9.83
N ARG I 62 37.05 -34.61 -10.92
CA ARG I 62 37.35 -36.03 -10.81
C ARG I 62 38.68 -36.27 -10.10
N PHE I 63 39.65 -35.38 -10.29
CA PHE I 63 40.94 -35.50 -9.62
C PHE I 63 40.79 -35.12 -8.16
N SER I 64 40.87 -36.10 -7.27
CA SER I 64 40.71 -35.88 -5.84
C SER I 64 41.93 -36.42 -5.10
N GLY I 65 42.10 -35.94 -3.88
CA GLY I 65 43.22 -36.36 -3.06
C GLY I 65 42.92 -36.15 -1.59
N SER I 66 43.52 -36.98 -0.74
CA SER I 66 43.31 -36.93 0.69
C SER I 66 44.66 -36.92 1.39
N ILE I 67 44.63 -36.81 2.71
CA ILE I 67 45.82 -36.78 3.55
C ILE I 67 45.76 -37.95 4.52
N ASP I 68 46.84 -38.73 4.58
CA ASP I 68 46.93 -39.90 5.46
C ASP I 68 48.04 -39.63 6.47
N SER I 69 47.65 -39.21 7.68
CA SER I 69 48.59 -38.94 8.76
C SER I 69 48.98 -40.19 9.54
N SER I 70 48.71 -41.38 9.00
CA SER I 70 49.05 -42.61 9.71
C SER I 70 50.56 -42.84 9.74
N SER I 71 51.20 -42.77 8.57
CA SER I 71 52.65 -42.98 8.46
C SER I 71 53.29 -41.89 7.61
N ASN I 72 52.75 -40.67 7.71
CA ASN I 72 53.26 -39.51 6.98
C ASN I 72 53.29 -39.78 5.47
N SER I 73 52.10 -40.01 4.91
CA SER I 73 51.96 -40.30 3.49
C SER I 73 50.80 -39.49 2.94
N ALA I 74 50.59 -39.61 1.63
CA ALA I 74 49.50 -38.91 0.96
C ALA I 74 48.98 -39.77 -0.18
N SER I 75 47.78 -39.44 -0.64
CA SER I 75 47.13 -40.20 -1.71
C SER I 75 46.45 -39.23 -2.67
N LEU I 76 46.50 -39.57 -3.96
CA LEU I 76 45.87 -38.77 -5.01
C LEU I 76 44.91 -39.70 -5.77
N THR I 77 43.66 -39.73 -5.33
CA THR I 77 42.64 -40.59 -5.94
C THR I 77 42.21 -39.97 -7.27
N ILE I 78 42.90 -40.35 -8.33
CA ILE I 78 42.60 -39.85 -9.67
C ILE I 78 41.46 -40.68 -10.23
N SER I 79 40.27 -40.09 -10.31
CA SER I 79 39.09 -40.76 -10.82
C SER I 79 38.88 -40.41 -12.30
N GLY I 80 38.10 -41.25 -12.98
CA GLY I 80 37.83 -41.04 -14.38
C GLY I 80 39.04 -41.28 -15.26
N LEU I 81 39.51 -42.53 -15.31
CA LEU I 81 40.68 -42.89 -16.09
C LEU I 81 40.32 -42.94 -17.57
N LYS I 82 40.78 -41.97 -18.34
CA LYS I 82 40.55 -41.95 -19.78
C LYS I 82 41.85 -41.66 -20.52
N THR I 83 41.75 -41.43 -21.84
CA THR I 83 42.95 -41.21 -22.65
C THR I 83 43.55 -39.82 -22.44
N GLU I 84 42.73 -38.85 -22.05
CA GLU I 84 43.23 -37.49 -21.84
C GLU I 84 43.92 -37.32 -20.49
N ASP I 85 44.00 -38.38 -19.68
CA ASP I 85 44.68 -38.32 -18.39
C ASP I 85 45.92 -39.19 -18.33
N GLU I 86 46.25 -39.90 -19.39
CA GLU I 86 47.44 -40.75 -19.41
C GLU I 86 48.70 -39.91 -19.52
N ALA I 87 49.33 -39.62 -18.39
CA ALA I 87 50.54 -38.80 -18.35
C ALA I 87 51.28 -39.12 -17.06
N ASP I 88 52.28 -38.29 -16.75
CA ASP I 88 53.08 -38.46 -15.54
C ASP I 88 52.59 -37.51 -14.44
N TYR I 89 52.86 -37.90 -13.20
CA TYR I 89 52.49 -37.11 -12.04
C TYR I 89 53.64 -37.14 -11.03
N TYR I 90 53.75 -36.08 -10.25
CA TYR I 90 54.83 -35.94 -9.28
C TYR I 90 54.27 -35.51 -7.94
N CYS I 91 55.08 -35.72 -6.91
CA CYS I 91 54.74 -35.36 -5.54
C CYS I 91 55.65 -34.23 -5.07
N GLN I 92 55.10 -33.36 -4.23
CA GLN I 92 55.84 -32.20 -3.74
C GLN I 92 55.28 -31.76 -2.40
N SER I 93 56.18 -31.44 -1.47
CA SER I 93 55.78 -30.99 -0.14
C SER I 93 56.98 -30.30 0.51
N TYR I 94 56.77 -29.07 0.99
CA TYR I 94 57.83 -28.32 1.64
C TYR I 94 58.13 -28.93 3.00
N ASP I 95 59.30 -29.53 3.14
CA ASP I 95 59.68 -30.18 4.41
C ASP I 95 61.02 -29.68 4.94
N GLY I 96 61.97 -29.35 4.06
CA GLY I 96 63.28 -28.92 4.50
C GLY I 96 63.27 -27.62 5.28
N SER I 97 63.73 -27.68 6.53
CA SER I 97 63.82 -26.48 7.35
C SER I 97 64.91 -25.52 6.88
N ASN I 98 65.82 -25.99 6.01
CA ASN I 98 66.88 -25.15 5.47
C ASN I 98 66.51 -24.51 4.14
N HIS I 99 65.22 -24.22 3.94
CA HIS I 99 64.72 -23.60 2.71
C HIS I 99 65.02 -24.47 1.50
N ASN I 100 64.49 -25.70 1.54
CA ASN I 100 64.67 -26.68 0.48
C ASN I 100 63.32 -27.27 0.11
N VAL I 101 62.99 -27.24 -1.18
CA VAL I 101 61.74 -27.78 -1.68
C VAL I 101 62.02 -29.17 -2.23
N VAL I 102 61.46 -30.19 -1.58
CA VAL I 102 61.67 -31.58 -1.97
C VAL I 102 60.55 -32.00 -2.91
N PHE I 103 60.91 -32.74 -3.96
CA PHE I 103 59.96 -33.26 -4.93
C PHE I 103 59.92 -34.79 -4.86
N GLY I 104 58.97 -35.37 -5.56
CA GLY I 104 58.78 -36.80 -5.60
C GLY I 104 59.68 -37.50 -6.59
N GLY I 105 59.24 -38.65 -7.07
CA GLY I 105 60.01 -39.42 -8.03
C GLY I 105 59.34 -39.55 -9.38
N GLY I 106 58.01 -39.52 -9.39
CA GLY I 106 57.24 -39.62 -10.61
C GLY I 106 56.50 -40.95 -10.71
N THR I 107 55.67 -41.03 -11.76
CA THR I 107 54.90 -42.23 -12.02
C THR I 107 54.74 -42.40 -13.52
N GLU I 108 54.20 -43.56 -13.91
CA GLU I 108 54.00 -43.92 -15.31
C GLU I 108 52.59 -44.46 -15.53
N LEU I 109 51.60 -43.72 -15.02
CA LEU I 109 50.21 -44.14 -15.13
C LEU I 109 49.78 -44.19 -16.59
N THR I 110 49.41 -45.39 -17.05
CA THR I 110 48.98 -45.58 -18.43
C THR I 110 47.62 -46.25 -18.48
N VAL I 111 47.18 -46.62 -19.69
CA VAL I 111 45.90 -47.29 -19.87
C VAL I 111 46.13 -48.65 -20.54
N LEU I 112 45.05 -49.38 -20.79
CA LEU I 112 45.11 -50.70 -21.41
C LEU I 112 44.20 -50.70 -22.63
N SER I 113 44.80 -50.68 -23.82
CA SER I 113 44.05 -50.70 -25.06
C SER I 113 44.55 -51.71 -26.08
N GLN I 114 45.81 -52.13 -26.01
CA GLN I 114 46.34 -53.10 -26.96
C GLN I 114 46.27 -54.51 -26.38
N PRO I 115 45.91 -55.49 -27.20
CA PRO I 115 45.82 -56.87 -26.71
C PRO I 115 47.20 -57.46 -26.43
N LYS I 116 47.20 -58.58 -25.72
CA LYS I 116 48.43 -59.26 -25.38
C LYS I 116 48.98 -60.00 -26.59
N ALA I 117 50.27 -59.79 -26.87
CA ALA I 117 50.92 -60.44 -28.00
C ALA I 117 52.37 -60.74 -27.63
N ALA I 118 52.86 -61.88 -28.11
CA ALA I 118 54.24 -62.28 -27.82
C ALA I 118 55.19 -61.57 -28.78
N PRO I 119 56.26 -60.96 -28.28
CA PRO I 119 57.20 -60.27 -29.18
C PRO I 119 58.05 -61.26 -29.96
N SER I 120 58.29 -60.94 -31.22
CA SER I 120 59.10 -61.79 -32.08
C SER I 120 60.58 -61.62 -31.78
N VAL I 121 61.34 -62.69 -31.98
CA VAL I 121 62.78 -62.71 -31.73
C VAL I 121 63.49 -62.54 -33.07
N THR I 122 64.09 -61.37 -33.28
CA THR I 122 64.77 -61.05 -34.53
C THR I 122 66.18 -60.56 -34.20
N LEU I 123 67.18 -61.41 -34.42
CA LEU I 123 68.58 -61.06 -34.21
C LEU I 123 69.23 -60.70 -35.53
N PHE I 124 70.06 -59.65 -35.51
CA PHE I 124 70.73 -59.16 -36.71
C PHE I 124 72.23 -59.32 -36.56
N PRO I 125 72.89 -60.14 -37.39
CA PRO I 125 74.33 -60.30 -37.28
C PRO I 125 75.06 -59.11 -37.86
N PRO I 126 76.35 -58.94 -37.55
CA PRO I 126 77.11 -57.83 -38.13
C PRO I 126 77.28 -57.96 -39.63
N SER I 127 77.86 -56.94 -40.26
CA SER I 127 78.05 -56.89 -41.70
C SER I 127 79.54 -56.84 -42.03
N SER I 128 79.85 -56.68 -43.31
CA SER I 128 81.23 -56.64 -43.77
C SER I 128 81.76 -55.23 -43.98
N GLU I 129 80.89 -54.28 -44.31
CA GLU I 129 81.35 -52.90 -44.52
C GLU I 129 81.86 -52.28 -43.23
N GLU I 130 81.12 -52.48 -42.13
CA GLU I 130 81.61 -51.99 -40.84
C GLU I 130 82.78 -52.82 -40.34
N LEU I 131 82.88 -54.08 -40.75
CA LEU I 131 83.97 -54.95 -40.33
C LEU I 131 85.20 -54.73 -41.19
N GLN I 132 85.75 -53.51 -41.17
CA GLN I 132 86.96 -53.23 -41.93
C GLN I 132 88.19 -53.75 -41.19
N ALA I 133 88.46 -53.22 -40.00
CA ALA I 133 89.49 -53.75 -39.12
C ALA I 133 88.91 -54.32 -37.83
N ASN I 134 88.19 -53.51 -37.06
CA ASN I 134 87.46 -54.02 -35.90
C ASN I 134 86.33 -53.04 -35.59
N LYS I 135 85.12 -53.35 -36.05
CA LYS I 135 83.95 -52.54 -35.76
C LYS I 135 82.68 -53.29 -36.12
N ALA I 136 81.76 -53.41 -35.16
CA ALA I 136 80.50 -54.11 -35.39
C ALA I 136 79.58 -53.82 -34.21
N THR I 137 78.31 -54.20 -34.36
CA THR I 137 77.31 -54.04 -33.31
C THR I 137 76.44 -55.29 -33.28
N LEU I 138 75.63 -55.40 -32.22
CA LEU I 138 74.70 -56.51 -32.04
C LEU I 138 73.30 -55.95 -31.90
N VAL I 139 72.43 -56.30 -32.85
CA VAL I 139 71.06 -55.79 -32.89
C VAL I 139 70.11 -56.96 -32.67
N CYS I 140 69.38 -56.92 -31.54
CA CYS I 140 68.36 -57.93 -31.27
C CYS I 140 67.02 -57.22 -31.09
N LEU I 141 66.69 -56.32 -32.00
CA LEU I 141 65.45 -55.54 -31.92
C LEU I 141 64.23 -56.46 -31.96
N ILE I 142 63.34 -56.26 -31.00
CA ILE I 142 62.08 -56.99 -30.94
C ILE I 142 60.94 -55.99 -31.12
N SER I 143 59.81 -56.49 -31.62
CA SER I 143 58.65 -55.66 -31.88
C SER I 143 57.39 -56.44 -31.51
N ASP I 144 56.24 -55.79 -31.70
CA ASP I 144 54.93 -56.38 -31.44
C ASP I 144 54.80 -56.80 -29.97
N PHE I 145 54.89 -55.81 -29.09
CA PHE I 145 54.73 -56.04 -27.66
C PHE I 145 54.15 -54.78 -27.01
N TYR I 146 53.11 -54.96 -26.21
CA TYR I 146 52.44 -53.86 -25.54
C TYR I 146 53.19 -53.36 -24.31
N PRO I 147 53.60 -54.23 -23.37
CA PRO I 147 54.27 -53.72 -22.16
C PRO I 147 55.67 -53.20 -22.49
N GLY I 148 56.00 -52.04 -21.93
CA GLY I 148 57.29 -51.43 -22.15
C GLY I 148 58.41 -51.94 -21.26
N ALA I 149 58.12 -52.86 -20.35
CA ALA I 149 59.12 -53.42 -19.46
C ALA I 149 59.87 -54.54 -20.19
N VAL I 150 60.79 -54.11 -21.06
CA VAL I 150 61.55 -55.07 -21.86
C VAL I 150 62.58 -55.76 -20.97
N THR I 151 62.59 -57.09 -21.03
CA THR I 151 63.54 -57.91 -20.28
C THR I 151 64.17 -58.91 -21.24
N VAL I 152 65.41 -58.63 -21.66
CA VAL I 152 66.13 -59.49 -22.59
C VAL I 152 67.41 -59.96 -21.93
N ALA I 153 68.10 -60.87 -22.61
CA ALA I 153 69.36 -61.43 -22.12
C ALA I 153 70.29 -61.65 -23.30
N TRP I 154 71.57 -61.87 -22.98
CA TRP I 154 72.60 -62.10 -23.99
C TRP I 154 73.51 -63.23 -23.52
N LYS I 155 73.92 -64.08 -24.47
CA LYS I 155 74.79 -65.21 -24.17
C LYS I 155 75.46 -65.64 -25.47
N ALA I 156 76.79 -65.68 -25.46
CA ALA I 156 77.53 -66.11 -26.65
C ALA I 156 77.63 -67.63 -26.71
N ASP I 157 76.49 -68.30 -26.53
CA ASP I 157 76.35 -69.76 -26.70
C ASP I 157 77.14 -70.54 -25.64
N SER I 158 77.93 -69.85 -24.83
CA SER I 158 78.69 -70.53 -23.77
C SER I 158 78.74 -69.76 -22.46
N SER I 159 78.23 -68.54 -22.38
CA SER I 159 78.30 -67.74 -21.16
C SER I 159 77.41 -66.52 -21.27
N PRO I 160 76.67 -66.17 -20.22
CA PRO I 160 75.83 -64.96 -20.27
C PRO I 160 76.67 -63.69 -20.23
N VAL I 161 77.23 -63.30 -21.38
CA VAL I 161 78.06 -62.10 -21.44
C VAL I 161 77.20 -60.88 -21.19
N LYS I 162 77.51 -60.13 -20.14
CA LYS I 162 76.76 -58.92 -19.78
C LYS I 162 77.66 -57.72 -19.58
N ALA I 163 78.92 -57.79 -19.99
CA ALA I 163 79.83 -56.65 -19.84
C ALA I 163 79.39 -55.50 -20.75
N GLY I 164 79.18 -54.33 -20.16
CA GLY I 164 78.70 -53.19 -20.91
C GLY I 164 77.28 -53.35 -21.42
N VAL I 165 76.38 -53.86 -20.57
CA VAL I 165 75.00 -54.08 -20.98
C VAL I 165 74.30 -52.74 -21.13
N GLU I 166 73.59 -52.56 -22.25
CA GLU I 166 72.85 -51.34 -22.52
C GLU I 166 71.71 -51.64 -23.48
N THR I 167 70.54 -51.10 -23.18
CA THR I 167 69.35 -51.33 -23.97
C THR I 167 68.95 -50.06 -24.70
N THR I 168 68.13 -50.22 -25.74
CA THR I 168 67.67 -49.10 -26.54
C THR I 168 66.29 -48.65 -26.05
N THR I 169 66.14 -47.33 -25.91
CA THR I 169 64.88 -46.78 -25.43
C THR I 169 63.80 -46.90 -26.51
N PRO I 170 62.66 -47.51 -26.22
CA PRO I 170 61.61 -47.63 -27.24
C PRO I 170 60.88 -46.32 -27.47
N SER I 171 60.30 -46.20 -28.66
CA SER I 171 59.53 -45.03 -29.05
C SER I 171 58.10 -45.42 -29.37
N LYS I 172 57.20 -44.46 -29.24
CA LYS I 172 55.79 -44.68 -29.52
C LYS I 172 55.58 -44.90 -31.02
N GLN I 173 55.10 -46.08 -31.38
CA GLN I 173 54.82 -46.39 -32.78
C GLN I 173 53.45 -45.83 -33.15
N SER I 174 52.92 -46.22 -34.31
CA SER I 174 51.66 -45.67 -34.79
C SER I 174 50.50 -46.13 -33.92
N ASN I 175 50.26 -47.44 -33.87
CA ASN I 175 49.14 -47.97 -33.10
C ASN I 175 49.56 -48.38 -31.69
N ASN I 176 50.21 -47.45 -30.98
CA ASN I 176 50.59 -47.62 -29.58
C ASN I 176 51.41 -48.89 -29.36
N LYS I 177 52.59 -48.91 -29.98
CA LYS I 177 53.53 -50.02 -29.84
C LYS I 177 54.88 -49.48 -29.40
N TYR I 178 55.85 -50.39 -29.28
CA TYR I 178 57.20 -50.04 -28.86
C TYR I 178 58.21 -50.83 -29.68
N ALA I 179 59.44 -50.32 -29.72
CA ALA I 179 60.54 -50.90 -30.47
C ALA I 179 61.80 -50.98 -29.62
N ALA I 180 61.66 -51.49 -28.39
CA ALA I 180 62.78 -51.59 -27.48
C ALA I 180 63.79 -52.61 -27.99
N SER I 181 65.03 -52.17 -28.20
CA SER I 181 66.12 -53.02 -28.66
C SER I 181 67.21 -53.06 -27.60
N SER I 182 68.30 -53.76 -27.93
CA SER I 182 69.44 -53.90 -27.02
C SER I 182 70.73 -53.65 -27.79
N TYR I 183 71.74 -53.14 -27.08
CA TYR I 183 73.05 -52.86 -27.65
C TYR I 183 74.11 -53.25 -26.62
N LEU I 184 74.62 -54.47 -26.75
CA LEU I 184 75.66 -54.98 -25.86
C LEU I 184 77.03 -54.66 -26.42
N SER I 185 77.98 -54.42 -25.52
CA SER I 185 79.35 -54.14 -25.92
C SER I 185 79.97 -55.37 -26.58
N LEU I 186 80.85 -55.12 -27.55
CA LEU I 186 81.49 -56.16 -28.33
C LEU I 186 82.99 -56.21 -28.02
N THR I 187 83.67 -57.16 -28.68
CA THR I 187 85.11 -57.30 -28.55
C THR I 187 85.76 -57.00 -29.89
N PRO I 188 86.44 -55.86 -30.04
CA PRO I 188 87.01 -55.54 -31.36
C PRO I 188 88.10 -56.50 -31.82
N GLU I 189 89.08 -56.79 -30.95
CA GLU I 189 90.19 -57.66 -31.31
C GLU I 189 90.04 -59.07 -30.77
N GLN I 190 88.87 -59.43 -30.25
CA GLN I 190 88.61 -60.77 -29.70
C GLN I 190 87.37 -61.36 -30.33
N TRP I 191 87.27 -61.27 -31.65
CA TRP I 191 86.13 -61.85 -32.35
C TRP I 191 86.24 -63.37 -32.49
N LYS I 192 87.45 -63.93 -32.38
CA LYS I 192 87.64 -65.36 -32.48
C LYS I 192 87.45 -66.09 -31.15
N SER I 193 87.19 -65.35 -30.07
CA SER I 193 86.97 -66.00 -28.78
C SER I 193 85.61 -66.69 -28.73
N HIS I 194 84.61 -66.12 -29.40
CA HIS I 194 83.26 -66.69 -29.43
C HIS I 194 82.77 -66.69 -30.87
N ARG I 195 82.44 -67.87 -31.39
CA ARG I 195 81.99 -68.04 -32.76
C ARG I 195 80.47 -68.12 -32.87
N SER I 196 79.75 -67.73 -31.81
CA SER I 196 78.30 -67.76 -31.83
C SER I 196 77.79 -66.76 -30.79
N TYR I 197 76.61 -66.20 -31.06
CA TYR I 197 76.00 -65.22 -30.18
C TYR I 197 74.49 -65.45 -30.16
N SER I 198 73.95 -65.74 -28.99
CA SER I 198 72.52 -65.99 -28.81
C SER I 198 71.89 -64.83 -28.04
N CYS I 199 70.65 -64.51 -28.37
CA CYS I 199 69.89 -63.43 -27.73
C CYS I 199 68.64 -64.03 -27.09
N GLN I 200 68.65 -64.17 -25.78
CA GLN I 200 67.51 -64.69 -25.04
C GLN I 200 66.61 -63.54 -24.58
N VAL I 201 65.32 -63.82 -24.50
CA VAL I 201 64.33 -62.82 -24.08
C VAL I 201 63.24 -63.53 -23.29
N THR I 202 62.91 -62.99 -22.12
CA THR I 202 61.85 -63.50 -21.27
C THR I 202 60.82 -62.41 -20.98
N HIS I 203 60.45 -61.66 -22.02
CA HIS I 203 59.53 -60.53 -21.87
C HIS I 203 58.09 -61.03 -21.96
N GLU I 204 57.70 -61.82 -20.95
CA GLU I 204 56.35 -62.35 -20.81
C GLU I 204 55.93 -63.14 -22.05
N GLY I 205 56.66 -64.22 -22.30
CA GLY I 205 56.37 -65.06 -23.45
C GLY I 205 57.31 -66.25 -23.57
N SER I 206 57.75 -66.53 -24.80
CA SER I 206 58.64 -67.66 -25.05
C SER I 206 60.06 -67.32 -24.63
N THR I 207 60.98 -68.26 -24.84
CA THR I 207 62.39 -68.08 -24.51
C THR I 207 63.30 -68.62 -25.61
N VAL I 208 62.84 -68.58 -26.85
CA VAL I 208 63.64 -69.11 -27.96
C VAL I 208 64.80 -68.17 -28.25
N GLU I 209 65.98 -68.74 -28.46
CA GLU I 209 67.19 -67.98 -28.74
C GLU I 209 67.66 -68.29 -30.16
N LYS I 210 68.29 -67.31 -30.79
CA LYS I 210 68.80 -67.43 -32.15
C LYS I 210 70.30 -67.15 -32.17
N THR I 211 71.04 -67.98 -32.88
CA THR I 211 72.48 -67.87 -32.99
C THR I 211 72.88 -67.38 -34.38
N VAL I 212 74.04 -66.73 -34.45
CA VAL I 212 74.59 -66.18 -35.68
C VAL I 212 76.07 -66.55 -35.76
N ALA I 213 76.73 -66.09 -36.83
CA ALA I 213 78.14 -66.31 -37.04
C ALA I 213 78.92 -65.00 -36.86
N PRO I 214 80.12 -65.04 -36.30
CA PRO I 214 80.85 -63.80 -36.00
C PRO I 214 81.22 -62.98 -37.23
N THR I 215 81.96 -63.59 -38.16
CA THR I 215 82.46 -62.85 -39.32
C THR I 215 82.22 -63.58 -40.63
N GLU I 216 82.12 -64.91 -40.56
CA GLU I 216 82.02 -65.76 -41.75
C GLU I 216 83.18 -65.52 -42.71
C1 NAG J . 38.08 -4.12 32.40
C2 NAG J . 37.50 -5.28 31.60
C3 NAG J . 35.98 -5.22 31.62
C4 NAG J . 35.46 -5.16 33.06
C5 NAG J . 36.14 -3.99 33.80
C6 NAG J . 35.76 -3.95 35.27
C7 NAG J . 38.41 -6.38 29.60
C8 NAG J . 38.88 -6.19 28.19
N2 NAG J . 37.98 -5.27 30.23
O3 NAG J . 35.45 -6.37 30.97
O4 NAG J . 34.05 -4.97 33.07
O5 NAG J . 37.57 -4.13 33.73
O6 NAG J . 34.70 -3.04 35.50
O7 NAG J . 38.42 -7.48 30.15
C1 NAG K . -28.61 14.41 41.58
C2 NAG K . -29.90 15.20 41.77
C3 NAG K . -29.58 16.68 41.96
C4 NAG K . -28.58 16.87 43.09
C5 NAG K . -27.35 16.01 42.85
C6 NAG K . -26.36 16.06 43.99
C7 NAG K . -31.89 14.24 40.68
C8 NAG K . -32.69 14.16 39.42
N2 NAG K . -30.80 15.01 40.64
O3 NAG K . -30.79 17.39 42.26
O4 NAG K . -28.20 18.24 43.17
O5 NAG K . -27.74 14.64 42.69
O6 NAG K . -25.21 16.81 43.65
O7 NAG K . -32.20 13.63 41.70
C1 NAG L . -28.54 -5.39 58.00
C2 NAG L . -27.70 -4.61 56.98
C3 NAG L . -26.48 -4.00 57.65
C4 NAG L . -26.89 -3.17 58.86
C5 NAG L . -27.74 -4.01 59.81
C6 NAG L . -28.29 -3.20 60.97
C7 NAG L . -27.10 -5.03 54.64
C8 NAG L . -26.70 -6.05 53.63
N2 NAG L . -27.31 -5.47 55.88
O3 NAG L . -25.78 -3.19 56.71
O4 NAG L . -25.73 -2.71 59.55
O5 NAG L . -28.88 -4.53 59.10
O6 NAG L . -27.25 -2.62 61.72
O7 NAG L . -27.22 -3.84 54.35
C1 NAG M . -13.61 38.74 23.68
C2 NAG M . -14.91 39.09 22.95
C3 NAG M . -15.74 40.05 23.79
C4 NAG M . -15.96 39.50 25.20
C5 NAG M . -14.61 39.14 25.84
C6 NAG M . -14.76 38.47 27.18
C7 NAG M . -13.97 40.77 21.40
C8 NAG M . -13.82 41.16 19.96
N2 NAG M . -14.66 39.64 21.63
O3 NAG M . -17.00 40.26 23.16
O4 NAG M . -16.62 40.46 26.02
O5 NAG M . -13.90 38.22 24.98
O6 NAG M . -14.77 37.06 27.06
O7 NAG M . -13.50 41.45 22.30
C1 NAG N . -30.41 78.35 -12.15
C2 NAG N . -30.37 79.87 -11.92
C3 NAG N . -31.31 80.57 -12.90
C4 NAG N . -30.99 80.17 -14.34
C5 NAG N . -31.01 78.65 -14.47
C6 NAG N . -30.58 78.17 -15.84
C7 NAG N . -29.82 80.45 -9.60
C8 NAG N . -30.37 80.77 -8.24
N2 NAG N . -30.73 80.19 -10.55
O3 NAG N . -31.18 81.98 -12.75
O4 NAG N . -31.94 80.72 -15.23
O5 NAG N . -30.09 78.06 -13.53
O6 NAG N . -29.55 78.99 -16.37
O7 NAG N . -28.62 80.44 -9.83
C1 NAG O . 2.60 77.24 -19.44
C2 NAG O . 2.80 78.69 -19.86
C3 NAG O . 4.25 78.92 -20.28
C4 NAG O . 5.22 78.46 -19.19
C5 NAG O . 4.92 77.02 -18.80
C6 NAG O . 5.75 76.54 -17.63
C7 NAG O . 1.11 80.15 -20.88
C8 NAG O . 0.23 80.38 -22.07
N2 NAG O . 1.90 79.06 -20.92
O3 NAG O . 4.46 80.31 -20.56
O4 NAG O . 6.56 78.56 -19.65
O5 NAG O . 3.54 76.90 -18.40
O6 NAG O . 5.98 77.58 -16.70
O7 NAG O . 1.13 80.92 -19.91
C1 NAG P . -15.83 81.72 -10.23
C2 NAG P . -14.88 81.77 -9.02
C3 NAG P . -15.00 83.11 -8.31
C4 NAG P . -14.78 84.25 -9.30
C5 NAG P . -15.73 84.10 -10.48
C6 NAG P . -15.49 85.14 -11.56
C7 NAG P . -14.35 79.62 -7.95
C8 NAG P . -14.78 78.59 -6.95
N2 NAG P . -15.15 80.67 -8.09
O3 NAG P . -14.02 83.19 -7.27
O4 NAG P . -15.02 85.50 -8.66
O5 NAG P . -15.55 82.82 -11.10
O6 NAG P . -16.42 85.00 -12.63
O7 NAG P . -13.32 79.49 -8.61
C1 NAG Q . -33.51 90.53 -23.44
C2 NAG Q . -33.93 90.60 -21.97
C3 NAG Q . -35.43 90.35 -21.83
C4 NAG Q . -36.21 91.29 -22.74
C5 NAG Q . -35.70 91.20 -24.18
C6 NAG Q . -36.34 92.19 -25.11
C7 NAG Q . -32.32 90.01 -20.21
C8 NAG Q . -31.64 88.90 -19.48
N2 NAG Q . -33.18 89.65 -21.17
O3 NAG Q . -35.82 90.54 -20.48
O4 NAG Q . -37.59 90.97 -22.72
O5 NAG Q . -34.28 91.45 -24.21
O6 NAG Q . -35.59 93.40 -25.18
O7 NAG Q . -32.10 91.19 -19.96
C1 NAG R . 38.31 33.24 -0.46
C2 NAG R . 39.50 33.80 0.31
C3 NAG R . 40.04 35.06 -0.37
C4 NAG R . 40.35 34.78 -1.84
C5 NAG R . 39.12 34.18 -2.53
C6 NAG R . 39.39 33.77 -3.95
C7 NAG R . 38.22 34.95 2.09
C8 NAG R . 38.03 35.08 3.58
N2 NAG R . 39.16 34.08 1.70
O3 NAG R . 41.22 35.49 0.29
O4 NAG R . 40.71 35.98 -2.50
O5 NAG R . 38.69 33.00 -1.83
O6 NAG R . 40.00 32.48 -4.02
O7 NAG R . 37.57 35.61 1.30
C1 NAG S . 19.93 33.47 33.53
C2 NAG S . 20.19 32.86 34.91
C3 NAG S . 18.87 32.54 35.61
C4 NAG S . 17.98 33.77 35.64
C5 NAG S . 17.81 34.33 34.23
C6 NAG S . 17.01 35.61 34.20
C7 NAG S . 20.70 30.56 34.15
C8 NAG S . 21.72 29.45 34.19
N2 NAG S . 21.03 31.67 34.82
O3 NAG S . 19.13 32.09 36.94
O4 NAG S . 16.70 33.43 36.17
O5 NAG S . 19.09 34.61 33.66
O6 NAG S . 17.05 36.22 32.92
O7 NAG S . 19.64 30.44 33.54
C1 NAG T . 20.10 64.82 -27.60
C2 NAG T . 21.28 65.55 -28.22
C3 NAG T . 22.59 64.86 -27.85
C4 NAG T . 22.70 64.72 -26.34
C5 NAG T . 21.46 64.01 -25.79
C6 NAG T . 21.44 63.94 -24.28
C7 NAG T . 20.89 66.78 -30.32
C8 NAG T . 20.78 66.68 -31.81
N2 NAG T . 21.15 65.63 -29.67
O3 NAG T . 23.68 65.63 -28.34
O4 NAG T . 23.85 63.95 -26.01
O5 NAG T . 20.28 64.73 -26.18
O6 NAG T . 21.33 65.23 -23.69
O7 NAG T . 20.76 67.84 -29.73
C1 NAG U . -12.94 91.39 -20.49
C2 NAG U . -12.40 92.51 -19.60
C3 NAG U . -12.46 93.85 -20.35
C4 NAG U . -11.75 93.73 -21.70
C5 NAG U . -12.32 92.57 -22.49
C6 NAG U . -11.58 92.32 -23.79
C7 NAG U . -12.61 92.26 -17.18
C8 NAG U . -13.51 92.40 -15.98
N2 NAG U . -13.13 92.59 -18.36
O3 NAG U . -11.85 94.85 -19.56
O4 NAG U . -11.92 94.93 -22.44
O5 NAG U . -12.22 91.36 -21.72
O6 NAG U . -12.24 92.93 -24.88
O7 NAG U . -11.45 91.86 -17.06
C1 NAG V . 40.59 13.39 51.23
C2 NAG V . 41.37 12.63 52.30
C3 NAG V . 40.91 11.18 52.36
C4 NAG V . 39.39 11.12 52.55
C5 NAG V . 38.69 11.95 51.48
C6 NAG V . 37.20 12.03 51.67
C7 NAG V . 43.60 13.61 52.61
C8 NAG V . 45.06 13.53 52.24
N2 NAG V . 42.81 12.69 52.06
O3 NAG V . 41.56 10.52 53.44
O4 NAG V . 38.95 9.77 52.47
O5 NAG V . 39.19 13.29 51.50
O6 NAG V . 36.86 12.23 53.05
O7 NAG V . 43.18 14.46 53.38
C1 NAG W . 53.31 12.90 30.42
C2 NAG W . 54.65 12.52 31.04
C3 NAG W . 55.26 11.34 30.29
C4 NAG W . 54.27 10.18 30.27
C5 NAG W . 52.93 10.63 29.71
C6 NAG W . 51.87 9.56 29.80
C7 NAG W . 56.27 14.04 32.10
C8 NAG W . 57.17 15.23 31.90
N2 NAG W . 55.58 13.66 31.01
O3 NAG W . 56.47 10.95 30.93
O4 NAG W . 54.78 9.13 29.47
O5 NAG W . 52.44 11.76 30.46
O6 NAG W . 51.56 9.24 31.15
O7 NAG W . 56.18 13.45 33.16
C1 NAG X . 67.28 23.83 39.32
C2 NAG X . 67.59 22.48 38.69
C3 NAG X . 67.15 21.34 39.60
C4 NAG X . 67.75 21.52 40.99
C5 NAG X . 67.45 22.91 41.53
C6 NAG X . 68.13 23.20 42.85
C7 NAG X . 67.64 22.39 36.22
C8 NAG X . 69.12 22.56 36.33
N2 NAG X . 66.96 22.35 37.38
O3 NAG X . 67.55 20.09 39.05
O4 NAG X . 67.22 20.54 41.87
O5 NAG X . 67.90 23.91 40.61
O6 NAG X . 69.52 22.88 42.79
O7 NAG X . 67.07 22.27 35.14
C1 NAG Y . -31.40 68.25 -64.40
C2 NAG Y . -32.26 67.21 -65.13
C3 NAG Y . -31.49 66.59 -66.28
C4 NAG Y . -30.94 67.68 -67.21
C5 NAG Y . -30.13 68.69 -66.40
C6 NAG Y . -29.67 69.87 -67.24
C7 NAG Y . -34.01 65.88 -64.03
C8 NAG Y . -34.30 64.79 -63.04
N2 NAG Y . -32.72 66.18 -64.20
O3 NAG Y . -32.35 65.71 -67.01
O4 NAG Y . -30.12 67.09 -68.21
O5 NAG Y . -30.94 69.22 -65.34
O6 NAG Y . -30.76 70.69 -67.63
O7 NAG Y . -34.90 66.46 -64.64
C1 NAG Z . -43.86 69.81 -47.52
C2 NAG Z . -45.38 69.96 -47.56
C3 NAG Z . -45.77 71.32 -48.11
C4 NAG Z . -45.07 72.43 -47.34
C5 NAG Z . -43.57 72.18 -47.31
C6 NAG Z . -42.83 73.19 -46.45
C7 NAG Z . -46.58 67.83 -47.78
C8 NAG Z . -47.14 66.82 -48.73
N2 NAG Z . -45.98 68.89 -48.33
O3 NAG Z . -47.18 71.48 -48.03
O4 NAG Z . -45.34 73.69 -47.95
O5 NAG Z . -43.29 70.89 -46.77
O6 NAG Z . -43.06 72.97 -45.07
O7 NAG Z . -46.65 67.67 -46.56
C1 NAG AA . -37.24 63.40 -5.89
C2 NAG AA . -38.10 64.60 -5.50
C3 NAG AA . -38.47 64.53 -4.02
C4 NAG AA . -39.12 63.18 -3.70
C5 NAG AA . -38.21 62.04 -4.17
C6 NAG AA . -38.83 60.68 -4.00
C7 NAG AA . -37.69 66.59 -6.87
C8 NAG AA . -36.90 67.85 -7.03
N2 NAG AA . -37.42 65.85 -5.79
O3 NAG AA . -39.37 65.58 -3.70
O4 NAG AA . -39.33 63.06 -2.30
O5 NAG AA . -37.92 62.19 -5.57
O6 NAG AA . -39.63 60.62 -2.82
O7 NAG AA . -38.53 66.25 -7.71
C1 NAG BA . -42.26 62.03 -27.33
C2 NAG BA . -43.41 62.99 -27.58
C3 NAG BA . -43.90 63.59 -26.26
C4 NAG BA . -44.23 62.48 -25.27
C5 NAG BA . -43.05 61.53 -25.12
C6 NAG BA . -43.35 60.34 -24.24
C7 NAG BA . -43.71 64.36 -29.61
C8 NAG BA . -44.93 63.54 -29.86
N2 NAG BA . -43.03 64.06 -28.50
O3 NAG BA . -45.05 64.39 -26.49
O4 NAG BA . -44.56 63.04 -24.00
O5 NAG BA . -42.67 61.02 -26.40
O6 NAG BA . -44.23 59.43 -24.90
O7 NAG BA . -43.36 65.25 -30.37
C1 NAG CA . -33.80 53.00 -57.87
C2 NAG CA . -32.98 53.77 -58.90
C3 NAG CA . -33.82 54.07 -60.14
C4 NAG CA . -34.42 52.79 -60.69
C5 NAG CA . -35.19 52.06 -59.60
C6 NAG CA . -35.72 50.71 -60.03
C7 NAG CA . -31.21 55.10 -57.83
C8 NAG CA . -30.84 56.44 -57.28
N2 NAG CA . -32.44 55.00 -58.32
O3 NAG CA . -33.00 54.68 -61.12
O4 NAG CA . -35.31 53.09 -61.76
O5 NAG CA . -34.33 51.80 -58.47
O6 NAG CA . -37.10 50.58 -59.75
O7 NAG CA . -30.43 54.15 -57.84
C1 NAG DA . -35.68 5.31 -31.70
C2 NAG DA . -36.32 4.42 -32.76
C3 NAG DA . -35.90 4.85 -34.16
C4 NAG DA . -36.18 6.34 -34.36
C5 NAG DA . -35.55 7.16 -33.24
C6 NAG DA . -35.91 8.63 -33.30
C7 NAG DA . -36.83 2.14 -32.00
C8 NAG DA . -36.30 0.74 -31.84
N2 NAG DA . -35.98 3.02 -32.54
O3 NAG DA . -36.59 4.09 -35.14
O4 NAG DA . -35.66 6.78 -35.61
O5 NAG DA . -36.02 6.68 -31.97
O6 NAG DA . -35.36 9.35 -32.21
O7 NAG DA . -37.96 2.45 -31.65
C1 NAG EA . -21.83 -51.82 -27.29
C2 NAG EA . -22.01 -50.38 -26.81
C3 NAG EA . -23.35 -50.22 -26.09
C4 NAG EA . -24.49 -50.71 -26.99
C5 NAG EA . -24.21 -52.13 -27.46
C6 NAG EA . -25.24 -52.64 -28.44
C7 NAG EA . -20.03 -49.03 -26.26
C8 NAG EA . -18.97 -48.75 -25.23
N2 NAG EA . -20.92 -49.98 -25.94
O3 NAG EA . -23.55 -48.85 -25.76
O4 NAG EA . -25.71 -50.69 -26.27
O5 NAG EA . -22.94 -52.19 -28.12
O6 NAG EA . -25.95 -51.57 -29.04
O7 NAG EA . -20.08 -48.43 -27.33
C1 NAG FA . -24.22 -27.85 -35.35
C2 NAG FA . -23.81 -27.36 -36.73
C3 NAG FA . -24.93 -26.54 -37.35
C4 NAG FA . -26.24 -27.34 -37.35
C5 NAG FA . -26.55 -27.84 -35.95
C6 NAG FA . -27.76 -28.73 -35.90
C7 NAG FA . -21.47 -26.92 -37.30
C8 NAG FA . -20.30 -26.00 -37.12
N2 NAG FA . -22.58 -26.58 -36.66
O3 NAG FA . -24.58 -26.19 -38.69
O4 NAG FA . -27.30 -26.52 -37.81
O5 NAG FA . -25.45 -28.59 -35.44
O6 NAG FA . -27.85 -29.42 -34.66
O7 NAG FA . -21.40 -27.93 -38.01
C1 NAG GA . -41.54 27.27 20.19
C2 NAG GA . -42.83 27.66 19.49
C3 NAG GA . -43.24 29.07 19.88
C4 NAG GA . -43.31 29.22 21.40
C5 NAG GA . -41.99 28.76 22.03
C6 NAG GA . -42.02 28.76 23.53
C7 NAG GA . -43.70 27.12 17.26
C8 NAG GA . -43.38 27.06 15.79
N2 NAG GA . -42.71 27.54 18.06
O3 NAG GA . -44.51 29.38 19.31
O4 NAG GA . -43.54 30.58 21.75
O5 NAG GA . -41.70 27.41 21.61
O6 NAG GA . -42.69 27.60 24.04
O7 NAG GA . -44.80 26.80 17.71
C1 NAG HA . -37.60 -20.27 32.15
C2 NAG HA . -36.11 -20.61 32.22
C3 NAG HA . -35.92 -22.04 32.67
C4 NAG HA . -36.64 -23.01 31.73
C5 NAG HA . -38.11 -22.62 31.49
C6 NAG HA . -39.03 -23.02 32.62
C7 NAG HA . -34.50 -19.47 30.77
C8 NAG HA . -34.10 -18.68 31.98
N2 NAG HA . -35.47 -20.38 30.94
O3 NAG HA . -36.38 -22.21 34.00
O4 NAG HA . -35.96 -23.08 30.48
O5 NAG HA . -38.28 -21.21 31.26
O6 NAG HA . -40.33 -22.46 32.44
O7 NAG HA . -33.97 -19.29 29.67
C1 NAG IA . -55.28 -3.22 0.07
C2 NAG IA . -56.17 -2.33 -0.79
C3 NAG IA . -57.46 -3.06 -1.15
C4 NAG IA . -57.15 -4.40 -1.80
C5 NAG IA . -56.21 -5.21 -0.91
C6 NAG IA . -55.77 -6.50 -1.55
C7 NAG IA . -55.80 0.06 -0.35
C8 NAG IA . -56.24 1.25 0.45
N2 NAG IA . -56.46 -1.08 -0.11
O3 NAG IA . -58.22 -2.25 -2.04
O4 NAG IA . -58.36 -5.13 -2.00
O5 NAG IA . -55.03 -4.45 -0.63
O6 NAG IA . -54.37 -6.70 -1.40
O7 NAG IA . -54.90 0.12 -1.18
C1 NAG JA . -61.52 -23.24 21.84
C2 NAG JA . -61.74 -24.59 22.53
C3 NAG JA . -60.43 -25.38 22.55
C4 NAG JA . -59.88 -25.52 21.14
C5 NAG JA . -59.74 -24.15 20.49
C6 NAG JA . -59.31 -24.22 19.04
C7 NAG JA . -63.54 -24.45 24.19
C8 NAG JA . -63.88 -24.23 25.63
N2 NAG JA . -62.24 -24.40 23.89
O3 NAG JA . -60.68 -26.67 23.11
O4 NAG JA . -58.60 -26.15 21.18
O5 NAG JA . -61.01 -23.47 20.51
O6 NAG JA . -58.64 -25.44 18.76
O7 NAG JA . -64.40 -24.66 23.34
C1 NAG KA . -74.29 -1.25 44.00
C2 NAG KA . -72.93 -1.06 44.68
C3 NAG KA . -72.45 -2.38 45.28
C4 NAG KA . -73.52 -2.95 46.21
C5 NAG KA . -74.86 -3.06 45.49
C6 NAG KA . -75.98 -3.49 46.39
C7 NAG KA . -71.18 0.51 43.97
C8 NAG KA . -71.37 1.17 45.31
N2 NAG KA . -71.95 -0.55 43.73
O3 NAG KA . -71.24 -2.17 46.00
O4 NAG KA . -73.13 -4.24 46.67
O5 NAG KA . -75.23 -1.77 44.96
O6 NAG KA . -77.21 -2.87 46.05
O7 NAG KA . -70.35 0.92 43.16
C1 NAG LA . -54.41 -5.98 37.69
C2 NAG LA . -55.12 -6.18 39.03
C3 NAG LA . -54.15 -5.91 40.19
C4 NAG LA . -52.89 -6.74 40.02
C5 NAG LA . -52.28 -6.52 38.64
C6 NAG LA . -51.08 -7.41 38.37
C7 NAG LA . -57.43 -5.76 39.71
C8 NAG LA . -58.55 -4.76 39.74
N2 NAG LA . -56.29 -5.35 39.14
O3 NAG LA . -54.78 -6.21 41.42
O4 NAG LA . -51.93 -6.38 41.02
O5 NAG LA . -53.25 -6.81 37.62
O6 NAG LA . -50.40 -7.74 39.57
O7 NAG LA . -57.55 -6.88 40.17
C1 NAG MA . -43.13 53.05 -43.62
C2 NAG MA . -44.12 52.23 -44.44
C3 NAG MA . -44.59 51.02 -43.64
C4 NAG MA . -43.41 50.23 -43.11
C5 NAG MA . -42.45 51.13 -42.36
C6 NAG MA . -41.19 50.43 -41.92
C7 NAG MA . -45.31 53.63 -46.07
C8 NAG MA . -46.54 54.43 -46.35
N2 NAG MA . -45.25 53.03 -44.87
O3 NAG MA . -45.41 50.20 -44.46
O4 NAG MA . -43.86 49.19 -42.25
O5 NAG MA . -42.05 52.23 -43.19
O6 NAG MA . -40.46 49.92 -43.02
O7 NAG MA . -44.39 53.55 -46.88
C1 NAG NA . -13.57 -5.52 -49.18
C2 NAG NA . -12.84 -5.35 -50.52
C3 NAG NA . -13.81 -4.84 -51.58
C4 NAG NA . -15.03 -5.75 -51.66
C5 NAG NA . -15.66 -5.92 -50.28
C6 NAG NA . -16.80 -6.90 -50.27
C7 NAG NA . -10.47 -4.75 -50.80
C8 NAG NA . -10.30 -6.10 -51.42
N2 NAG NA . -11.71 -4.45 -50.38
O3 NAG NA . -13.15 -4.80 -52.84
O4 NAG NA . -15.99 -5.19 -52.55
O5 NAG NA . -14.68 -6.41 -49.35
O6 NAG NA . -16.65 -7.89 -51.29
O7 NAG NA . -9.54 -3.96 -50.67
C1 NAG OA . 49.95 8.19 0.36
C2 NAG OA . 50.13 7.46 -0.97
C3 NAG OA . 50.96 8.31 -1.93
C4 NAG OA . 50.35 9.70 -2.06
C5 NAG OA . 50.16 10.33 -0.69
C6 NAG OA . 49.44 11.66 -0.73
C7 NAG OA . 50.25 5.04 -1.32
C8 NAG OA . 51.02 3.78 -1.03
N2 NAG OA . 50.75 6.16 -0.79
O3 NAG OA . 51.00 7.68 -3.21
O4 NAG OA . 51.20 10.53 -2.84
O5 NAG OA . 49.36 9.47 0.14
O6 NAG OA . 48.97 11.96 -2.04
O7 NAG OA . 49.24 5.03 -2.01
C1 NAG PA . 59.61 -9.13 13.35
C2 NAG PA . 60.72 -8.38 12.60
C3 NAG PA . 60.11 -7.52 11.50
C4 NAG PA . 59.22 -8.34 10.59
C5 NAG PA . 58.18 -9.10 11.42
C6 NAG PA . 57.33 -10.03 10.59
C7 NAG PA . 61.05 -6.58 14.26
C8 NAG PA . 62.06 -5.88 15.13
N2 NAG PA . 61.52 -7.58 13.51
O3 NAG PA . 61.16 -6.92 10.74
O4 NAG PA . 58.56 -7.51 9.65
O5 NAG PA . 58.83 -9.89 12.41
O6 NAG PA . 55.96 -9.62 10.59
O7 NAG PA . 59.87 -6.23 14.25
C1 NAG QA . 31.65 20.92 -26.96
C2 NAG QA . 31.89 22.16 -26.09
C3 NAG QA . 33.03 22.99 -26.67
C4 NAG QA . 34.27 22.14 -26.88
C5 NAG QA . 33.92 20.91 -27.72
C6 NAG QA . 35.09 19.96 -27.89
C7 NAG QA . 30.02 23.54 -26.94
C8 NAG QA . 28.80 24.31 -26.56
N2 NAG QA . 30.68 22.95 -25.93
O3 NAG QA . 33.32 24.07 -25.78
O4 NAG QA . 35.28 22.90 -27.54
O5 NAG QA . 32.86 20.17 -27.10
O6 NAG QA . 35.84 19.87 -26.69
O7 NAG QA . 30.39 23.44 -28.11
C1 NAG RA . 14.57 71.65 -42.99
C2 NAG RA . 14.57 73.12 -42.54
C3 NAG RA . 15.60 73.91 -43.35
C4 NAG RA . 16.97 73.25 -43.26
C5 NAG RA . 16.87 71.79 -43.67
C6 NAG RA . 18.18 71.04 -43.48
C7 NAG RA . 12.41 73.85 -41.64
C8 NAG RA . 11.09 74.48 -41.96
N2 NAG RA . 13.25 73.70 -42.68
O3 NAG RA . 15.67 75.24 -42.84
O4 NAG RA . 17.89 73.92 -44.12
O5 NAG RA . 15.89 71.11 -42.87
O6 NAG RA . 18.36 70.05 -44.49
O7 NAG RA . 12.71 73.50 -40.51
C1 NAG SA . -6.94 52.30 -58.72
C2 NAG SA . -6.91 52.92 -60.13
C3 NAG SA . -7.92 52.20 -61.03
C4 NAG SA . -7.68 50.70 -61.02
C5 NAG SA . -7.66 50.17 -59.58
C6 NAG SA . -7.30 48.71 -59.49
C7 NAG SA . -6.41 55.25 -60.65
C8 NAG SA . -6.85 56.68 -60.50
N2 NAG SA . -7.19 54.34 -60.07
O3 NAG SA . -7.81 52.71 -62.36
O4 NAG SA . -8.70 50.03 -61.75
O5 NAG SA . -6.68 50.89 -58.80
O6 NAG SA . -6.17 48.41 -60.29
O7 NAG SA . -5.40 54.95 -61.28
C1 NAG TA . 9.70 59.40 -52.96
C2 NAG TA . 9.52 58.33 -54.03
C3 NAG TA . 10.18 57.01 -53.60
C4 NAG TA . 11.64 57.26 -53.22
C5 NAG TA . 11.75 58.37 -52.19
C6 NAG TA . 13.18 58.75 -51.88
C7 NAG TA . 7.56 58.35 -55.52
C8 NAG TA . 6.10 58.08 -55.64
N2 NAG TA . 8.11 58.11 -54.31
O3 NAG TA . 10.08 56.06 -54.65
O4 NAG TA . 12.20 56.07 -52.68
O5 NAG TA . 11.10 59.56 -52.68
O6 NAG TA . 13.56 59.93 -52.58
O7 NAG TA . 8.23 58.78 -56.46
C1 NAG UA . 7.49 86.17 -47.17
C2 NAG UA . 8.97 85.87 -47.34
C3 NAG UA . 9.80 86.60 -46.29
C4 NAG UA . 9.47 88.10 -46.32
C5 NAG UA . 7.97 88.32 -46.19
C6 NAG UA . 7.57 89.77 -46.32
C7 NAG UA . 9.33 83.66 -48.36
C8 NAG UA . 9.59 82.21 -48.10
N2 NAG UA . 9.22 84.43 -47.28
O3 NAG UA . 11.18 86.40 -46.55
O4 NAG UA . 10.14 88.75 -45.24
O5 NAG UA . 7.28 87.60 -47.21
O6 NAG UA . 7.37 90.12 -47.69
O7 NAG UA . 9.23 84.12 -49.50
C1 NAG VA . -23.62 37.21 -58.15
C2 NAG VA . -24.31 37.31 -59.51
C3 NAG VA . -24.84 35.95 -59.94
C4 NAG VA . -23.73 34.90 -59.89
C5 NAG VA . -23.06 34.91 -58.52
C6 NAG VA . -21.87 33.98 -58.44
C7 NAG VA . -25.26 39.54 -59.94
C8 NAG VA . -26.46 40.41 -59.83
N2 NAG VA . -25.39 38.29 -59.48
O3 NAG VA . -25.38 36.03 -61.25
O4 NAG VA . -24.27 33.61 -60.16
O5 NAG VA . -22.58 36.23 -58.21
O6 NAG VA . -20.76 34.50 -59.16
O7 NAG VA . -24.20 39.95 -60.42
C1 NAG WA . 1.90 71.15 -61.66
C2 NAG WA . 1.28 72.11 -62.67
C3 NAG WA . 1.49 71.58 -64.10
C4 NAG WA . 2.97 71.30 -64.34
C5 NAG WA . 3.52 70.38 -63.26
C6 NAG WA . 5.02 70.16 -63.37
C7 NAG WA . -0.63 73.39 -61.81
C8 NAG WA . -2.11 73.43 -61.62
N2 NAG WA . -0.14 72.30 -62.41
O3 NAG WA . 1.01 72.54 -65.03
O4 NAG WA . 3.14 70.69 -65.61
O5 NAG WA . 3.29 70.96 -61.96
O6 NAG WA . 5.48 69.27 -62.37
O7 NAG WA . 0.10 74.31 -61.42
C1 NAG XA . 27.88 -41.46 -41.22
C2 NAG XA . 27.68 -42.88 -40.68
C3 NAG XA . 27.49 -42.85 -39.17
C4 NAG XA . 28.63 -42.10 -38.50
C5 NAG XA . 28.81 -40.72 -39.13
C6 NAG XA . 30.01 -39.98 -38.60
C7 NAG XA . 26.52 -44.83 -41.61
C8 NAG XA . 25.27 -45.32 -42.28
N2 NAG XA . 26.54 -43.52 -41.33
O3 NAG XA . 27.41 -44.18 -38.68
O4 NAG XA . 28.38 -41.96 -37.12
O5 NAG XA . 28.99 -40.84 -40.54
O6 NAG XA . 31.20 -40.35 -39.29
O7 NAG XA . 27.45 -45.57 -41.34
C1 NAG YA . 6.90 -48.26 -64.36
C2 NAG YA . 6.04 -49.22 -63.55
C3 NAG YA . 6.81 -49.76 -62.35
C4 NAG YA . 8.13 -50.38 -62.80
C5 NAG YA . 8.92 -49.38 -63.65
C6 NAG YA . 10.18 -49.97 -64.24
C7 NAG YA . 3.66 -48.66 -63.79
C8 NAG YA . 2.49 -47.93 -63.19
N2 NAG YA . 4.82 -48.57 -63.11
O3 NAG YA . 6.03 -50.73 -61.67
O4 NAG YA . 8.90 -50.76 -61.67
O5 NAG YA . 8.12 -48.92 -64.75
O6 NAG YA . 9.95 -51.28 -64.74
O7 NAG YA . 3.56 -49.30 -64.83
C1 NAG ZA . 24.51 -10.54 -43.96
C2 NAG ZA . 25.18 -9.17 -43.75
C3 NAG ZA . 25.88 -9.12 -42.40
C4 NAG ZA . 26.49 -10.46 -42.02
C5 NAG ZA . 25.47 -11.60 -42.09
C6 NAG ZA . 25.08 -12.14 -40.73
C7 NAG ZA . 25.74 -8.40 -46.01
C8 NAG ZA . 26.84 -8.16 -47.01
N2 NAG ZA . 26.12 -8.88 -44.82
O3 NAG ZA . 24.95 -8.71 -41.40
O4 NAG ZA . 27.58 -10.76 -42.87
O5 NAG ZA . 24.26 -11.14 -42.71
O6 NAG ZA . 26.09 -12.98 -40.20
O7 NAG ZA . 24.56 -8.18 -46.28
C1 NAG AB . 3.19 -41.81 -47.34
C2 NAG AB . 3.40 -43.23 -47.86
C3 NAG AB . 2.21 -44.12 -47.50
C4 NAG AB . 1.93 -44.05 -46.00
C5 NAG AB . 1.79 -42.60 -45.56
C6 NAG AB . 1.63 -42.45 -44.07
C7 NAG AB . 4.82 -43.47 -49.85
C8 NAG AB . 4.88 -43.43 -51.35
N2 NAG AB . 3.62 -43.24 -49.30
O3 NAG AB . 2.48 -45.45 -47.89
O4 NAG AB . 0.73 -44.75 -45.71
O5 NAG AB . 2.95 -41.84 -45.94
O6 NAG AB . 2.68 -43.12 -43.37
O7 NAG AB . 5.83 -43.68 -49.18
C1 NAG BB . 8.23 -43.37 -23.53
C2 NAG BB . 7.53 -42.64 -22.35
C3 NAG BB . 8.55 -41.92 -21.46
C4 NAG BB . 9.67 -42.86 -21.05
C5 NAG BB . 10.29 -43.52 -22.28
C6 NAG BB . 11.35 -44.54 -21.95
C7 NAG BB . 6.47 -40.67 -23.54
C8 NAG BB . 7.81 -40.24 -24.09
N2 NAG BB . 6.43 -41.77 -22.76
O3 NAG BB . 7.90 -41.41 -20.31
O4 NAG BB . 10.68 -42.15 -20.35
O5 NAG BB . 9.27 -44.22 -23.03
O6 NAG BB . 10.78 -45.81 -21.66
O7 NAG BB . 5.45 -40.04 -23.79
#